data_2L3S
#
_entry.id   2L3S
#
_entity_poly.entity_id   1
_entity_poly.type   'polypeptide(L)'
_entity_poly.pdbx_seq_one_letter_code
;VEYVRALFDFNGNDDEDLPFKKGDILKIRDKPEEQWWNAEDMDGKRGMIPVPYVEKCRPSSASVSTLTGGNQDSSHPQPL
GGPEPGPYAQPSINTPLPNLQNGPFYARVIQKRVPNAYDKTALALEVGELVKVTKINMSGQWEGECNGKRGHFPFTHVRL
LDQ
;
_entity_poly.pdbx_strand_id   A
#
# COMPACT_ATOMS: atom_id res chain seq x y z
N VAL A 1 4.03 -5.28 19.63
CA VAL A 1 3.92 -4.05 20.46
C VAL A 1 4.92 -3.01 19.97
N GLU A 2 6.18 -3.18 20.37
CA GLU A 2 7.23 -2.24 19.97
C GLU A 2 7.76 -2.62 18.59
N TYR A 3 8.95 -3.24 18.55
CA TYR A 3 9.55 -3.64 17.29
C TYR A 3 8.52 -4.31 16.39
N VAL A 4 8.74 -4.21 15.09
CA VAL A 4 7.82 -4.77 14.11
C VAL A 4 8.61 -5.48 13.00
N ARG A 5 7.91 -6.29 12.20
CA ARG A 5 8.55 -7.02 11.12
C ARG A 5 8.00 -6.53 9.80
N ALA A 6 8.91 -6.24 8.87
CA ALA A 6 8.53 -5.74 7.57
C ALA A 6 8.60 -6.83 6.50
N LEU A 7 7.49 -7.50 6.29
CA LEU A 7 7.42 -8.61 5.33
C LEU A 7 6.74 -8.18 4.03
N PHE A 8 6.74 -6.87 3.77
CA PHE A 8 6.13 -6.32 2.56
C PHE A 8 7.16 -5.61 1.71
N ASP A 9 8.41 -5.64 2.17
CA ASP A 9 9.51 -4.97 1.49
C ASP A 9 9.19 -3.51 1.30
N PHE A 10 10.18 -2.63 1.50
CA PHE A 10 9.97 -1.19 1.34
C PHE A 10 11.01 -0.58 0.43
N ASN A 11 12.25 -1.01 0.60
CA ASN A 11 13.36 -0.52 -0.22
C ASN A 11 13.16 0.95 -0.54
N GLY A 12 13.08 1.78 0.49
CA GLY A 12 12.87 3.20 0.29
C GLY A 12 14.06 3.82 -0.40
N ASN A 13 14.40 5.02 0.04
CA ASN A 13 15.55 5.74 -0.50
C ASN A 13 15.54 7.21 -0.07
N ASP A 14 16.15 7.50 1.08
CA ASP A 14 16.23 8.88 1.60
C ASP A 14 16.80 8.87 3.02
N ASP A 15 16.89 10.06 3.61
CA ASP A 15 17.38 10.20 4.97
C ASP A 15 16.22 10.14 5.95
N GLU A 16 15.01 10.39 5.43
CA GLU A 16 13.80 10.36 6.25
C GLU A 16 13.00 9.09 5.98
N ASP A 17 13.69 8.04 5.54
CA ASP A 17 13.03 6.76 5.28
C ASP A 17 13.94 5.62 5.72
N LEU A 18 13.36 4.45 6.00
CA LEU A 18 14.14 3.29 6.44
C LEU A 18 13.97 2.13 5.48
N PRO A 19 14.69 2.11 4.41
CA PRO A 19 14.59 1.00 3.44
C PRO A 19 14.95 -0.35 4.07
N PHE A 20 14.15 -1.36 3.75
CA PHE A 20 14.38 -2.70 4.27
C PHE A 20 13.85 -3.75 3.29
N LYS A 21 14.26 -4.99 3.50
CA LYS A 21 13.85 -6.08 2.65
C LYS A 21 14.42 -7.37 3.21
N LYS A 22 13.57 -8.17 3.89
CA LYS A 22 13.95 -9.46 4.47
C LYS A 22 13.56 -9.53 5.95
N GLY A 23 12.27 -9.74 6.22
CA GLY A 23 11.76 -9.85 7.59
C GLY A 23 12.68 -9.13 8.58
N ASP A 24 13.02 -7.91 8.25
CA ASP A 24 13.90 -7.14 9.09
C ASP A 24 13.17 -6.71 10.35
N ILE A 25 13.90 -6.68 11.45
CA ILE A 25 13.34 -6.27 12.74
C ILE A 25 13.80 -4.87 13.05
N LEU A 26 12.86 -3.93 13.00
CA LEU A 26 13.17 -2.54 13.23
C LEU A 26 12.47 -2.03 14.48
N LYS A 27 13.25 -1.53 15.43
CA LYS A 27 12.70 -1.01 16.67
C LYS A 27 12.09 0.37 16.47
N ILE A 28 10.97 0.60 17.16
CA ILE A 28 10.29 1.88 17.08
C ILE A 28 10.92 2.87 18.06
N ARG A 29 11.07 4.12 17.62
CA ARG A 29 11.66 5.16 18.46
C ARG A 29 10.66 6.27 18.71
N ASP A 30 9.97 6.66 17.65
CA ASP A 30 8.97 7.72 17.73
C ASP A 30 7.87 7.51 16.69
N LYS A 31 6.61 7.55 17.13
CA LYS A 31 5.48 7.37 16.22
C LYS A 31 4.57 8.61 16.21
N PRO A 32 4.96 9.66 15.52
CA PRO A 32 4.16 10.90 15.44
C PRO A 32 2.74 10.62 14.93
N GLU A 33 2.65 9.79 13.90
CA GLU A 33 1.36 9.43 13.30
C GLU A 33 1.08 7.95 13.51
N GLU A 34 -0.10 7.52 13.06
CA GLU A 34 -0.50 6.13 13.19
C GLU A 34 -0.21 5.35 11.91
N GLN A 35 -0.30 6.04 10.78
CA GLN A 35 -0.06 5.41 9.49
C GLN A 35 1.43 5.22 9.23
N TRP A 36 2.25 6.08 9.81
CA TRP A 36 3.70 6.02 9.65
C TRP A 36 4.36 5.91 11.01
N TRP A 37 5.54 5.31 11.07
CA TRP A 37 6.26 5.15 12.33
C TRP A 37 7.77 5.32 12.14
N ASN A 38 8.40 6.04 13.04
CA ASN A 38 9.84 6.24 12.96
C ASN A 38 10.55 5.03 13.55
N ALA A 39 11.15 4.23 12.69
CA ALA A 39 11.84 3.01 13.09
C ALA A 39 13.35 3.17 12.97
N GLU A 40 14.09 2.22 13.54
CA GLU A 40 15.54 2.22 13.46
C GLU A 40 16.04 0.90 12.92
N ASP A 41 17.03 0.96 12.04
CA ASP A 41 17.59 -0.24 11.46
C ASP A 41 18.34 -1.05 12.51
N MET A 42 18.80 -2.22 12.10
CA MET A 42 19.57 -3.10 12.98
C MET A 42 21.01 -2.63 13.07
N ASP A 43 21.34 -1.59 12.31
CA ASP A 43 22.69 -1.06 12.27
C ASP A 43 22.86 0.19 13.10
N GLY A 44 21.78 0.93 13.24
CA GLY A 44 21.79 2.17 13.97
C GLY A 44 21.46 3.31 13.03
N LYS A 45 20.39 3.10 12.28
CA LYS A 45 19.90 4.13 11.34
C LYS A 45 18.44 4.38 11.59
N ARG A 46 18.07 5.66 11.68
CA ARG A 46 16.70 6.03 11.94
C ARG A 46 16.02 6.64 10.72
N GLY A 47 14.89 6.07 10.36
CA GLY A 47 14.13 6.54 9.20
C GLY A 47 12.66 6.15 9.30
N MET A 48 11.80 6.94 8.65
CA MET A 48 10.38 6.66 8.68
C MET A 48 10.06 5.38 7.94
N ILE A 49 8.89 4.84 8.23
CA ILE A 49 8.45 3.62 7.58
C ILE A 49 6.92 3.51 7.50
N PRO A 50 6.40 2.96 6.41
CA PRO A 50 4.93 2.76 6.27
C PRO A 50 4.46 1.66 7.23
N VAL A 51 3.63 2.01 8.20
CA VAL A 51 3.15 1.04 9.17
C VAL A 51 2.59 -0.22 8.46
N PRO A 52 1.68 -0.07 7.53
CA PRO A 52 1.07 -1.25 6.82
C PRO A 52 2.10 -2.24 6.29
N TYR A 53 3.31 -1.77 6.05
CA TYR A 53 4.36 -2.64 5.53
C TYR A 53 4.92 -3.58 6.59
N VAL A 54 4.34 -3.54 7.78
CA VAL A 54 4.78 -4.42 8.86
C VAL A 54 3.58 -5.04 9.56
N GLU A 55 3.81 -6.12 10.31
CA GLU A 55 2.70 -6.78 10.98
C GLU A 55 2.36 -6.07 12.29
N LYS A 56 3.34 -5.99 13.19
CA LYS A 56 3.19 -5.34 14.50
C LYS A 56 3.86 -6.20 15.59
N CYS A 57 4.20 -7.44 15.24
CA CYS A 57 4.82 -8.35 16.18
C CYS A 57 3.91 -8.57 17.38
N ARG A 58 2.82 -9.28 17.16
CA ARG A 58 1.86 -9.56 18.23
C ARG A 58 1.03 -10.81 17.89
N PRO A 59 1.35 -11.97 18.44
CA PRO A 59 0.61 -13.22 18.14
C PRO A 59 -0.74 -13.29 18.86
N SER A 60 -1.67 -14.06 18.30
CA SER A 60 -2.99 -14.21 18.89
C SER A 60 -3.79 -15.29 18.16
N SER A 61 -4.08 -15.05 16.88
CA SER A 61 -4.83 -16.00 16.07
C SER A 61 -3.90 -17.02 15.44
N ALA A 62 -4.47 -18.04 14.80
CA ALA A 62 -3.69 -19.08 14.15
C ALA A 62 -3.34 -18.68 12.72
N SER A 63 -2.32 -19.31 12.15
CA SER A 63 -1.90 -19.01 10.79
C SER A 63 -1.45 -17.56 10.67
N VAL A 64 -0.18 -17.32 10.99
CA VAL A 64 0.37 -15.97 10.92
C VAL A 64 0.44 -15.50 9.47
N SER A 65 0.68 -16.44 8.56
CA SER A 65 0.77 -16.11 7.14
C SER A 65 -0.36 -15.16 6.73
N THR A 66 -0.01 -13.90 6.47
CA THR A 66 -0.99 -12.91 6.06
C THR A 66 -1.29 -13.02 4.56
N LEU A 67 -0.38 -13.67 3.84
CA LEU A 67 -0.56 -13.84 2.39
C LEU A 67 0.50 -14.77 1.83
N THR A 68 1.44 -15.19 2.68
CA THR A 68 2.53 -16.07 2.25
C THR A 68 2.12 -16.98 1.10
N GLY A 69 2.54 -16.61 -0.12
CA GLY A 69 2.18 -17.37 -1.31
C GLY A 69 0.89 -16.85 -1.92
N GLY A 70 0.93 -15.61 -2.41
CA GLY A 70 -0.26 -14.99 -3.02
C GLY A 70 -0.15 -14.99 -4.54
N ASN A 71 -0.20 -13.80 -5.14
CA ASN A 71 -0.10 -13.67 -6.59
C ASN A 71 0.53 -12.34 -6.97
N GLN A 72 1.85 -12.24 -6.78
CA GLN A 72 2.57 -11.01 -7.11
C GLN A 72 2.19 -10.53 -8.51
N ASP A 73 1.78 -11.46 -9.36
CA ASP A 73 1.40 -11.12 -10.72
C ASP A 73 0.15 -10.24 -10.72
N SER A 74 0.20 -9.16 -11.51
CA SER A 74 -0.92 -8.24 -11.59
C SER A 74 -2.05 -8.83 -12.44
N SER A 75 -3.26 -8.32 -12.25
CA SER A 75 -4.41 -8.79 -13.01
C SER A 75 -4.44 -8.17 -14.39
N HIS A 76 -5.06 -8.84 -15.34
CA HIS A 76 -5.15 -8.34 -16.71
C HIS A 76 -6.24 -7.27 -16.82
N PRO A 77 -6.09 -6.34 -17.74
CA PRO A 77 -7.10 -5.25 -17.93
C PRO A 77 -8.44 -5.79 -18.43
N GLN A 78 -9.53 -5.19 -17.94
CA GLN A 78 -10.88 -5.61 -18.35
C GLN A 78 -11.34 -4.79 -19.55
N PRO A 79 -11.07 -3.51 -19.56
CA PRO A 79 -11.49 -2.61 -20.68
C PRO A 79 -10.83 -3.03 -22.01
N LEU A 80 -11.57 -2.91 -23.10
CA LEU A 80 -11.06 -3.26 -24.43
C LEU A 80 -11.17 -2.07 -25.36
N GLY A 81 -10.02 -1.55 -25.80
CA GLY A 81 -9.99 -0.41 -26.71
C GLY A 81 -9.02 0.66 -26.20
N GLY A 82 -8.21 0.30 -25.21
CA GLY A 82 -7.24 1.25 -24.65
C GLY A 82 -7.86 2.64 -24.51
N PRO A 83 -8.68 2.84 -23.51
CA PRO A 83 -9.36 4.14 -23.29
C PRO A 83 -8.38 5.31 -23.27
N GLU A 84 -7.31 5.17 -22.50
CA GLU A 84 -6.30 6.22 -22.41
C GLU A 84 -5.17 5.79 -21.46
N PRO A 85 -3.96 6.24 -21.71
CA PRO A 85 -2.79 5.91 -20.85
C PRO A 85 -2.84 6.62 -19.50
N GLY A 86 -3.80 7.53 -19.34
CA GLY A 86 -3.95 8.27 -18.10
C GLY A 86 -5.40 8.67 -17.86
N PRO A 87 -5.64 9.57 -16.94
CA PRO A 87 -7.02 10.03 -16.62
C PRO A 87 -7.55 11.04 -17.63
N TYR A 88 -8.87 11.25 -17.60
CA TYR A 88 -9.50 12.19 -18.51
C TYR A 88 -8.89 13.58 -18.33
N ALA A 89 -9.27 14.52 -19.20
CA ALA A 89 -8.73 15.88 -19.13
C ALA A 89 -8.58 16.31 -17.67
N GLN A 90 -7.38 16.11 -17.13
CA GLN A 90 -7.09 16.46 -15.74
C GLN A 90 -5.95 17.48 -15.67
N PRO A 91 -6.26 18.76 -15.59
CA PRO A 91 -5.23 19.83 -15.51
C PRO A 91 -4.17 19.54 -14.43
N SER A 92 -4.43 18.52 -13.62
CA SER A 92 -3.50 18.11 -12.56
C SER A 92 -2.74 16.87 -12.98
N ILE A 93 -2.05 16.25 -12.02
CA ILE A 93 -1.28 15.03 -12.29
C ILE A 93 -1.88 13.85 -11.54
N ASN A 94 -3.20 13.86 -11.34
CA ASN A 94 -3.86 12.77 -10.61
C ASN A 94 -3.70 11.44 -11.35
N THR A 95 -2.60 11.29 -12.08
CA THR A 95 -2.32 10.09 -12.82
C THR A 95 -2.28 8.88 -11.88
N PRO A 96 -2.46 7.69 -12.42
CA PRO A 96 -2.45 6.44 -11.60
C PRO A 96 -1.45 6.51 -10.44
N LEU A 97 -0.28 5.89 -10.58
CA LEU A 97 0.72 5.90 -9.52
C LEU A 97 1.97 6.70 -9.94
N PRO A 98 2.07 7.95 -9.54
CA PRO A 98 3.25 8.79 -9.90
C PRO A 98 4.58 8.11 -9.60
N ASN A 99 4.79 7.83 -8.31
CA ASN A 99 6.03 7.18 -7.87
C ASN A 99 5.97 6.89 -6.37
N LEU A 100 5.98 5.61 -6.01
CA LEU A 100 5.94 5.19 -4.62
C LEU A 100 4.63 5.61 -3.95
N GLN A 101 4.06 6.72 -4.42
CA GLN A 101 2.84 7.24 -3.86
C GLN A 101 3.11 7.86 -2.50
N ASN A 102 2.45 8.98 -2.22
CA ASN A 102 2.66 9.68 -0.96
C ASN A 102 2.37 8.74 0.21
N GLY A 103 1.33 7.95 0.07
CA GLY A 103 0.96 6.98 1.09
C GLY A 103 1.99 5.99 1.31
N PRO A 104 1.63 4.93 1.97
CA PRO A 104 0.24 4.64 2.55
C PRO A 104 -0.43 5.78 3.32
N PHE A 105 -1.32 6.50 2.64
CA PHE A 105 -2.08 7.60 3.24
C PHE A 105 -3.55 7.22 3.21
N TYR A 106 -4.41 8.13 2.77
CA TYR A 106 -5.83 7.85 2.72
C TYR A 106 -6.40 8.34 1.40
N ALA A 107 -6.88 7.40 0.61
CA ALA A 107 -7.43 7.69 -0.70
C ALA A 107 -8.94 7.55 -0.68
N ARG A 108 -9.65 8.42 -1.34
CA ARG A 108 -11.10 8.35 -1.37
C ARG A 108 -11.58 7.79 -2.68
N VAL A 109 -11.85 6.51 -2.67
CA VAL A 109 -12.31 5.84 -3.86
C VAL A 109 -13.64 6.41 -4.30
N ILE A 110 -13.72 6.83 -5.57
CA ILE A 110 -14.94 7.41 -6.11
C ILE A 110 -15.39 6.65 -7.35
N GLN A 111 -14.96 5.40 -7.49
CA GLN A 111 -15.32 4.61 -8.65
C GLN A 111 -14.67 3.24 -8.59
N LYS A 112 -15.48 2.24 -8.22
CA LYS A 112 -15.00 0.86 -8.12
C LYS A 112 -16.12 -0.11 -8.49
N ARG A 113 -16.12 -1.26 -7.83
CA ARG A 113 -17.14 -2.28 -8.08
C ARG A 113 -17.29 -3.19 -6.88
N VAL A 114 -17.57 -4.46 -7.14
CA VAL A 114 -17.73 -5.45 -6.06
C VAL A 114 -16.96 -6.71 -6.39
N PRO A 115 -15.65 -6.66 -6.27
CA PRO A 115 -14.79 -7.82 -6.53
C PRO A 115 -14.55 -8.61 -5.26
N ASN A 116 -13.95 -9.77 -5.42
CA ASN A 116 -13.64 -10.63 -4.30
C ASN A 116 -12.19 -11.03 -4.30
N ALA A 117 -11.52 -10.81 -3.17
CA ALA A 117 -10.10 -11.13 -3.03
C ALA A 117 -9.71 -12.41 -3.76
N TYR A 118 -10.72 -13.12 -4.25
CA TYR A 118 -10.53 -14.33 -5.01
C TYR A 118 -10.46 -14.00 -6.50
N ASP A 119 -11.47 -13.29 -6.97
CA ASP A 119 -11.55 -12.94 -8.38
C ASP A 119 -10.19 -12.56 -8.94
N LYS A 120 -9.64 -11.49 -8.39
CA LYS A 120 -8.34 -10.99 -8.81
C LYS A 120 -7.66 -10.28 -7.66
N THR A 121 -8.02 -10.66 -6.44
CA THR A 121 -7.46 -10.05 -5.24
C THR A 121 -8.06 -8.66 -5.06
N ALA A 122 -8.61 -8.13 -6.14
CA ALA A 122 -9.19 -6.81 -6.15
C ALA A 122 -10.05 -6.54 -4.92
N LEU A 123 -9.55 -5.68 -4.03
CA LEU A 123 -10.26 -5.30 -2.83
C LEU A 123 -11.70 -4.94 -3.13
N ALA A 124 -12.53 -4.99 -2.11
CA ALA A 124 -13.95 -4.64 -2.27
C ALA A 124 -14.24 -3.30 -1.60
N LEU A 125 -14.68 -2.33 -2.41
CA LEU A 125 -15.00 -0.98 -1.90
C LEU A 125 -16.24 -0.40 -2.58
N GLU A 126 -16.54 0.86 -2.26
CA GLU A 126 -17.69 1.56 -2.84
C GLU A 126 -17.37 3.03 -3.04
N VAL A 127 -18.01 3.63 -4.03
CA VAL A 127 -17.84 5.03 -4.29
C VAL A 127 -18.25 5.82 -3.05
N GLY A 128 -17.28 6.50 -2.45
CA GLY A 128 -17.54 7.29 -1.26
C GLY A 128 -16.86 6.67 -0.07
N GLU A 129 -16.07 5.64 -0.33
CA GLU A 129 -15.33 4.95 0.73
C GLU A 129 -13.90 5.50 0.77
N LEU A 130 -12.94 4.61 0.97
CA LEU A 130 -11.54 5.01 1.01
C LEU A 130 -10.69 3.81 1.37
N VAL A 131 -9.55 3.71 0.71
CA VAL A 131 -8.60 2.64 0.91
C VAL A 131 -7.21 3.21 1.17
N LYS A 132 -6.41 2.45 1.90
CA LYS A 132 -5.05 2.86 2.22
C LYS A 132 -4.07 2.08 1.35
N VAL A 133 -3.77 2.59 0.17
CA VAL A 133 -2.87 1.89 -0.71
C VAL A 133 -1.48 1.83 -0.08
N THR A 134 -0.95 0.62 0.05
CA THR A 134 0.37 0.43 0.63
C THR A 134 1.31 -0.18 -0.39
N LYS A 135 0.90 -1.29 -0.99
CA LYS A 135 1.74 -1.97 -1.96
C LYS A 135 1.79 -1.19 -3.27
N ILE A 136 3.00 -0.92 -3.75
CA ILE A 136 3.17 -0.18 -5.01
C ILE A 136 4.45 -0.61 -5.71
N ASN A 137 4.29 -1.42 -6.76
CA ASN A 137 5.42 -1.90 -7.54
C ASN A 137 5.57 -1.05 -8.78
N MET A 138 4.89 -1.44 -9.84
CA MET A 138 4.93 -0.71 -11.10
C MET A 138 4.29 0.65 -10.93
N SER A 139 4.28 1.43 -12.01
CA SER A 139 3.70 2.76 -12.00
C SER A 139 2.30 2.72 -12.60
N GLY A 140 1.72 1.53 -12.71
CA GLY A 140 0.38 1.40 -13.28
C GLY A 140 -0.53 0.55 -12.40
N GLN A 141 -0.50 -0.76 -12.60
CA GLN A 141 -1.35 -1.67 -11.85
C GLN A 141 -0.63 -2.17 -10.60
N TRP A 142 -1.02 -1.64 -9.45
CA TRP A 142 -0.41 -2.05 -8.18
C TRP A 142 -1.46 -2.62 -7.25
N GLU A 143 -1.09 -2.74 -5.97
CA GLU A 143 -2.00 -3.28 -4.97
C GLU A 143 -2.21 -2.31 -3.81
N GLY A 144 -3.27 -2.53 -3.02
CA GLY A 144 -3.56 -1.64 -1.91
C GLY A 144 -4.10 -2.40 -0.69
N GLU A 145 -4.82 -1.67 0.17
CA GLU A 145 -5.39 -2.28 1.35
C GLU A 145 -6.34 -1.36 2.07
N CYS A 146 -7.52 -1.88 2.39
CA CYS A 146 -8.52 -1.10 3.11
C CYS A 146 -8.67 -1.73 4.50
N ASN A 147 -9.63 -2.64 4.64
CA ASN A 147 -9.84 -3.34 5.90
C ASN A 147 -9.22 -4.73 5.77
N GLY A 148 -7.93 -4.74 5.40
CA GLY A 148 -7.20 -5.97 5.21
C GLY A 148 -7.40 -6.43 3.79
N LYS A 149 -8.59 -6.15 3.28
CA LYS A 149 -8.96 -6.54 1.95
C LYS A 149 -8.04 -5.88 0.94
N ARG A 150 -6.97 -6.57 0.63
CA ARG A 150 -6.02 -6.08 -0.32
C ARG A 150 -6.41 -6.50 -1.70
N GLY A 151 -5.82 -5.86 -2.69
CA GLY A 151 -6.13 -6.14 -4.07
C GLY A 151 -5.45 -5.10 -4.94
N HIS A 152 -5.96 -4.92 -6.16
CA HIS A 152 -5.42 -3.94 -7.11
C HIS A 152 -6.50 -2.98 -7.54
N PHE A 153 -6.12 -1.97 -8.32
CA PHE A 153 -7.07 -1.01 -8.84
C PHE A 153 -6.38 0.31 -9.29
N PRO A 154 -6.70 0.87 -10.45
CA PRO A 154 -6.08 2.17 -10.92
C PRO A 154 -6.43 3.34 -10.02
N PHE A 155 -5.47 4.22 -9.82
CA PHE A 155 -5.70 5.40 -8.98
C PHE A 155 -6.54 6.44 -9.71
N THR A 156 -6.95 6.11 -10.92
CA THR A 156 -7.73 7.02 -11.73
C THR A 156 -9.14 7.24 -11.16
N HIS A 157 -9.45 6.64 -10.00
CA HIS A 157 -10.77 6.81 -9.40
C HIS A 157 -10.68 7.04 -7.89
N VAL A 158 -9.71 7.82 -7.45
CA VAL A 158 -9.56 8.11 -6.01
C VAL A 158 -9.28 9.60 -5.82
N ARG A 159 -9.50 10.10 -4.60
CA ARG A 159 -9.24 11.52 -4.30
C ARG A 159 -8.44 11.66 -3.01
N LEU A 160 -7.13 11.41 -3.08
CA LEU A 160 -6.26 11.50 -1.91
C LEU A 160 -6.72 12.58 -0.94
N LEU A 161 -6.71 12.20 0.32
CA LEU A 161 -7.12 13.08 1.38
C LEU A 161 -5.96 13.98 1.80
N ASP A 162 -6.13 14.65 2.93
CA ASP A 162 -5.10 15.54 3.45
C ASP A 162 -4.19 14.81 4.44
N GLN A 163 -4.28 13.49 4.46
CA GLN A 163 -3.47 12.68 5.37
C GLN A 163 -3.75 13.07 6.81
N VAL A 1 10.82 -3.48 22.29
CA VAL A 1 9.52 -2.96 22.77
C VAL A 1 8.43 -3.34 21.78
N GLU A 2 8.47 -2.72 20.62
CA GLU A 2 7.49 -2.98 19.57
C GLU A 2 7.89 -4.20 18.75
N TYR A 3 8.73 -3.99 17.75
CA TYR A 3 9.19 -5.06 16.88
C TYR A 3 8.06 -5.48 15.93
N VAL A 4 8.27 -5.29 14.62
CA VAL A 4 7.28 -5.64 13.60
C VAL A 4 7.96 -6.23 12.37
N ARG A 5 7.15 -6.74 11.44
CA ARG A 5 7.69 -7.34 10.23
C ARG A 5 6.99 -6.81 9.01
N ALA A 6 7.80 -6.51 8.00
CA ALA A 6 7.28 -6.05 6.76
C ALA A 6 6.36 -7.09 6.17
N LEU A 7 5.67 -6.74 5.10
CA LEU A 7 4.77 -7.66 4.42
C LEU A 7 4.84 -7.56 2.90
N PHE A 8 4.85 -6.33 2.42
CA PHE A 8 4.81 -6.08 0.98
C PHE A 8 6.08 -5.45 0.46
N ASP A 9 7.09 -5.40 1.30
CA ASP A 9 8.36 -4.80 0.92
C ASP A 9 8.17 -3.31 0.73
N PHE A 10 9.10 -2.51 1.25
CA PHE A 10 9.02 -1.06 1.13
C PHE A 10 10.13 -0.54 0.24
N ASN A 11 11.36 -0.90 0.59
CA ASN A 11 12.52 -0.50 -0.19
C ASN A 11 12.52 0.99 -0.46
N GLY A 12 12.43 1.79 0.59
CA GLY A 12 12.43 3.23 0.45
C GLY A 12 13.77 3.72 -0.07
N ASN A 13 14.38 4.64 0.66
CA ASN A 13 15.67 5.18 0.27
C ASN A 13 16.11 6.27 1.23
N ASP A 14 15.73 7.52 0.93
CA ASP A 14 16.10 8.70 1.71
C ASP A 14 16.44 8.36 3.16
N ASP A 15 17.47 9.01 3.66
CA ASP A 15 17.88 8.78 5.03
C ASP A 15 16.72 9.06 5.98
N GLU A 16 15.63 9.60 5.42
CA GLU A 16 14.43 9.89 6.22
C GLU A 16 13.39 8.78 6.09
N ASP A 17 13.77 7.68 5.43
CA ASP A 17 12.87 6.52 5.29
C ASP A 17 13.67 5.26 5.63
N LEU A 18 12.99 4.16 6.01
CA LEU A 18 13.69 2.92 6.35
C LEU A 18 13.43 1.84 5.31
N PRO A 19 14.25 1.66 4.33
CA PRO A 19 14.00 0.60 3.31
C PRO A 19 14.19 -0.83 3.85
N PHE A 20 13.30 -1.73 3.39
CA PHE A 20 13.34 -3.14 3.79
C PHE A 20 12.59 -4.01 2.78
N LYS A 21 12.89 -5.31 2.79
CA LYS A 21 12.29 -6.26 1.83
C LYS A 21 11.68 -7.42 2.58
N LYS A 22 10.37 -7.33 2.82
CA LYS A 22 9.61 -8.35 3.55
C LYS A 22 10.50 -9.09 4.54
N GLY A 23 10.00 -10.17 5.11
CA GLY A 23 10.75 -10.96 6.09
C GLY A 23 11.73 -10.13 6.94
N ASP A 24 11.60 -8.81 6.90
CA ASP A 24 12.46 -7.93 7.64
C ASP A 24 11.96 -7.75 9.06
N ILE A 25 12.86 -7.40 9.96
CA ILE A 25 12.53 -7.18 11.35
C ILE A 25 12.99 -5.80 11.78
N LEU A 26 12.02 -4.90 11.95
CA LEU A 26 12.33 -3.51 12.32
C LEU A 26 11.64 -3.13 13.62
N LYS A 27 12.37 -2.50 14.54
CA LYS A 27 11.81 -2.08 15.81
C LYS A 27 11.40 -0.62 15.80
N ILE A 28 10.25 -0.33 16.42
CA ILE A 28 9.74 1.05 16.49
C ILE A 28 10.40 1.78 17.65
N ARG A 29 10.38 3.11 17.58
CA ARG A 29 10.98 3.95 18.62
C ARG A 29 10.11 5.20 18.87
N ASP A 30 9.67 5.81 17.77
CA ASP A 30 8.81 7.00 17.84
C ASP A 30 7.67 6.88 16.83
N LYS A 31 6.45 6.78 17.35
CA LYS A 31 5.27 6.64 16.49
C LYS A 31 4.39 7.89 16.59
N PRO A 32 4.77 9.00 15.98
CA PRO A 32 3.96 10.25 16.05
C PRO A 32 2.62 10.10 15.32
N GLU A 33 2.60 9.24 14.31
CA GLU A 33 1.40 8.99 13.52
C GLU A 33 0.99 7.53 13.62
N GLU A 34 -0.26 7.24 13.25
CA GLU A 34 -0.78 5.89 13.30
C GLU A 34 -0.49 5.16 11.99
N GLN A 35 -0.53 5.89 10.88
CA GLN A 35 -0.29 5.31 9.56
C GLN A 35 1.20 5.14 9.28
N TRP A 36 2.03 5.92 9.97
CA TRP A 36 3.48 5.88 9.80
C TRP A 36 4.13 5.61 11.14
N TRP A 37 5.33 5.03 11.13
CA TRP A 37 6.04 4.73 12.36
C TRP A 37 7.55 4.88 12.16
N ASN A 38 8.21 5.47 13.14
CA ASN A 38 9.66 5.66 13.08
C ASN A 38 10.36 4.42 13.60
N ALA A 39 10.94 3.65 12.70
CA ALA A 39 11.60 2.40 13.05
C ALA A 39 13.11 2.51 12.91
N GLU A 40 13.79 1.44 13.34
CA GLU A 40 15.25 1.39 13.24
C GLU A 40 15.67 0.13 12.52
N ASP A 41 16.65 0.28 11.65
CA ASP A 41 17.14 -0.85 10.87
C ASP A 41 17.90 -1.82 11.76
N MET A 42 18.26 -2.95 11.17
CA MET A 42 19.04 -3.95 11.86
C MET A 42 20.50 -3.51 11.92
N ASP A 43 20.78 -2.34 11.34
CA ASP A 43 22.14 -1.82 11.31
C ASP A 43 22.37 -0.73 12.32
N GLY A 44 21.31 0.01 12.62
CA GLY A 44 21.39 1.13 13.54
C GLY A 44 21.10 2.40 12.78
N LYS A 45 20.03 2.33 12.01
CA LYS A 45 19.56 3.49 11.23
C LYS A 45 18.10 3.71 11.51
N ARG A 46 17.73 4.96 11.71
CA ARG A 46 16.36 5.31 12.00
C ARG A 46 15.71 6.07 10.87
N GLY A 47 14.61 5.53 10.39
CA GLY A 47 13.89 6.14 9.27
C GLY A 47 12.39 5.81 9.31
N MET A 48 11.57 6.74 8.81
CA MET A 48 10.13 6.56 8.84
C MET A 48 9.71 5.39 7.96
N ILE A 49 8.59 4.75 8.33
CA ILE A 49 8.07 3.61 7.58
C ILE A 49 6.54 3.59 7.50
N PRO A 50 5.99 3.12 6.39
CA PRO A 50 4.51 3.01 6.25
C PRO A 50 4.01 1.83 7.08
N VAL A 51 3.25 2.10 8.14
CA VAL A 51 2.74 1.04 8.99
C VAL A 51 2.10 -0.10 8.18
N PRO A 52 1.19 0.16 7.28
CA PRO A 52 0.53 -0.92 6.48
C PRO A 52 1.51 -1.94 5.91
N TYR A 53 2.72 -1.50 5.63
CA TYR A 53 3.72 -2.40 5.06
C TYR A 53 4.18 -3.45 6.08
N VAL A 54 3.76 -3.31 7.33
CA VAL A 54 4.14 -4.26 8.36
C VAL A 54 2.89 -4.75 9.12
N GLU A 55 3.01 -5.86 9.88
CA GLU A 55 1.84 -6.40 10.61
C GLU A 55 2.08 -6.39 12.13
N LYS A 56 3.21 -6.96 12.54
CA LYS A 56 3.65 -7.09 13.95
C LYS A 56 4.34 -8.44 14.17
N CYS A 57 4.35 -9.28 13.14
CA CYS A 57 4.92 -10.62 13.25
C CYS A 57 4.21 -11.36 14.38
N ARG A 58 3.48 -12.40 14.02
CA ARG A 58 2.74 -13.17 15.02
C ARG A 58 3.70 -13.98 15.91
N PRO A 59 3.30 -14.33 17.12
CA PRO A 59 4.14 -15.14 18.04
C PRO A 59 4.83 -16.30 17.31
N SER A 60 5.68 -17.04 18.04
CA SER A 60 6.39 -18.17 17.47
C SER A 60 5.68 -19.48 17.85
N SER A 61 4.42 -19.60 17.43
CA SER A 61 3.64 -20.81 17.72
C SER A 61 2.35 -20.82 16.91
N ALA A 62 1.79 -22.01 16.71
CA ALA A 62 0.54 -22.15 15.96
C ALA A 62 0.69 -21.55 14.57
N SER A 63 1.81 -21.84 13.92
CA SER A 63 2.07 -21.32 12.57
C SER A 63 1.74 -22.38 11.52
N VAL A 64 0.47 -22.48 11.17
CA VAL A 64 0.06 -23.46 10.16
C VAL A 64 0.43 -23.00 8.76
N SER A 65 0.08 -21.76 8.44
CA SER A 65 0.39 -21.22 7.11
C SER A 65 1.90 -21.17 6.88
N THR A 66 2.64 -20.63 7.86
CA THR A 66 4.11 -20.52 7.75
C THR A 66 4.52 -20.30 6.29
N LEU A 67 3.79 -19.46 5.58
CA LEU A 67 4.09 -19.17 4.19
C LEU A 67 3.37 -17.90 3.74
N THR A 68 4.14 -16.96 3.19
CA THR A 68 3.59 -15.70 2.74
C THR A 68 2.62 -15.94 1.58
N GLY A 69 2.89 -16.97 0.79
CA GLY A 69 2.05 -17.30 -0.34
C GLY A 69 2.22 -16.30 -1.48
N GLY A 70 3.44 -15.77 -1.60
CA GLY A 70 3.72 -14.81 -2.65
C GLY A 70 2.68 -13.69 -2.64
N ASN A 71 2.99 -12.61 -1.94
CA ASN A 71 2.09 -11.46 -1.84
C ASN A 71 1.88 -10.85 -3.21
N GLN A 72 2.94 -10.79 -4.00
CA GLN A 72 2.88 -10.21 -5.34
C GLN A 72 3.65 -11.07 -6.33
N ASP A 73 3.92 -12.32 -5.94
CA ASP A 73 4.65 -13.23 -6.81
C ASP A 73 3.82 -13.56 -8.05
N SER A 74 2.53 -13.80 -7.84
CA SER A 74 1.63 -14.13 -8.94
C SER A 74 1.56 -12.99 -9.95
N SER A 75 1.46 -11.77 -9.43
CA SER A 75 1.38 -10.59 -10.30
C SER A 75 1.85 -9.35 -9.56
N HIS A 76 1.88 -8.23 -10.28
CA HIS A 76 2.31 -6.96 -9.72
C HIS A 76 2.03 -5.82 -10.71
N PRO A 77 2.57 -5.88 -11.92
CA PRO A 77 2.36 -4.79 -12.92
C PRO A 77 0.87 -4.52 -13.15
N GLN A 78 0.08 -5.59 -13.24
CA GLN A 78 -1.36 -5.44 -13.47
C GLN A 78 -1.63 -4.30 -14.45
N PRO A 79 -1.33 -4.51 -15.71
CA PRO A 79 -1.53 -3.48 -16.75
C PRO A 79 -2.97 -3.48 -17.27
N LEU A 80 -3.78 -2.56 -16.76
CA LEU A 80 -5.19 -2.45 -17.17
C LEU A 80 -5.31 -1.48 -18.34
N GLY A 81 -6.07 -1.89 -19.36
CA GLY A 81 -6.26 -1.04 -20.53
C GLY A 81 -6.74 0.35 -20.13
N GLY A 82 -7.97 0.41 -19.63
CA GLY A 82 -8.55 1.69 -19.22
C GLY A 82 -10.05 1.56 -18.98
N PRO A 83 -10.44 0.91 -17.92
CA PRO A 83 -11.88 0.72 -17.56
C PRO A 83 -12.62 2.06 -17.48
N GLU A 84 -11.93 3.08 -16.98
CA GLU A 84 -12.53 4.42 -16.84
C GLU A 84 -11.61 5.48 -17.46
N PRO A 85 -11.65 5.62 -18.76
CA PRO A 85 -10.80 6.62 -19.48
C PRO A 85 -11.03 8.04 -18.96
N GLY A 86 -12.22 8.28 -18.43
CA GLY A 86 -12.56 9.59 -17.89
C GLY A 86 -12.94 10.57 -19.01
N PRO A 87 -12.19 11.62 -19.24
CA PRO A 87 -12.55 12.60 -20.31
C PRO A 87 -12.32 12.02 -21.71
N TYR A 88 -11.08 11.68 -22.02
CA TYR A 88 -10.74 11.13 -23.32
C TYR A 88 -9.32 10.57 -23.32
N ALA A 89 -9.02 9.72 -24.30
CA ALA A 89 -7.69 9.14 -24.38
C ALA A 89 -6.62 10.21 -24.19
N GLN A 90 -6.10 10.31 -22.98
CA GLN A 90 -5.08 11.32 -22.66
C GLN A 90 -4.05 10.75 -21.68
N PRO A 91 -2.91 10.28 -22.15
CA PRO A 91 -1.85 9.72 -21.26
C PRO A 91 -1.41 10.71 -20.16
N SER A 92 -2.17 11.78 -19.98
CA SER A 92 -1.85 12.76 -18.96
C SER A 92 -3.11 13.54 -18.64
N ILE A 93 -2.93 14.77 -18.19
CA ILE A 93 -4.05 15.62 -17.84
C ILE A 93 -4.90 14.98 -16.76
N ASN A 94 -5.66 13.97 -17.14
CA ASN A 94 -6.53 13.25 -16.20
C ASN A 94 -5.91 11.91 -15.84
N THR A 95 -4.62 11.91 -15.53
CA THR A 95 -3.91 10.68 -15.17
C THR A 95 -3.96 10.47 -13.65
N PRO A 96 -3.73 9.26 -13.17
CA PRO A 96 -3.73 8.95 -11.70
C PRO A 96 -2.88 9.95 -10.87
N LEU A 97 -1.95 9.46 -10.03
CA LEU A 97 -1.11 10.36 -9.21
C LEU A 97 0.38 10.20 -9.62
N PRO A 98 1.23 11.17 -9.29
CA PRO A 98 2.69 11.08 -9.62
C PRO A 98 3.35 9.83 -9.01
N ASN A 99 4.57 10.00 -8.52
CA ASN A 99 5.32 8.92 -7.89
C ASN A 99 4.92 8.81 -6.43
N LEU A 100 5.05 7.60 -5.86
CA LEU A 100 4.68 7.36 -4.47
C LEU A 100 3.48 8.18 -4.09
N GLN A 101 2.32 7.84 -4.66
CA GLN A 101 1.09 8.54 -4.39
C GLN A 101 1.04 8.92 -2.89
N ASN A 102 0.48 10.08 -2.59
CA ASN A 102 0.39 10.51 -1.20
C ASN A 102 -0.05 9.34 -0.30
N GLY A 103 0.87 8.86 0.55
CA GLY A 103 0.56 7.76 1.47
C GLY A 103 1.60 6.75 1.54
N PRO A 104 1.25 5.63 2.11
CA PRO A 104 -0.14 5.26 2.65
C PRO A 104 -0.81 6.29 3.55
N PHE A 105 -1.77 7.02 2.97
CA PHE A 105 -2.57 8.00 3.70
C PHE A 105 -4.02 7.55 3.63
N TYR A 106 -4.96 8.44 3.34
CA TYR A 106 -6.35 8.02 3.25
C TYR A 106 -7.03 8.79 2.14
N ALA A 107 -7.70 8.04 1.28
CA ALA A 107 -8.38 8.60 0.14
C ALA A 107 -9.88 8.68 0.41
N ARG A 108 -10.67 8.82 -0.63
CA ARG A 108 -12.11 8.89 -0.49
C ARG A 108 -12.70 8.49 -1.81
N VAL A 109 -13.00 7.23 -1.93
CA VAL A 109 -13.53 6.73 -3.15
C VAL A 109 -14.88 7.34 -3.44
N ILE A 110 -15.02 7.85 -4.64
CA ILE A 110 -16.25 8.50 -5.07
C ILE A 110 -16.74 7.95 -6.40
N GLN A 111 -16.24 6.78 -6.79
CA GLN A 111 -16.65 6.19 -8.07
C GLN A 111 -15.90 4.87 -8.28
N LYS A 112 -16.61 3.77 -8.04
CA LYS A 112 -16.06 2.42 -8.20
C LYS A 112 -17.12 1.46 -8.70
N ARG A 113 -17.07 0.24 -8.20
CA ARG A 113 -18.03 -0.79 -8.59
C ARG A 113 -18.18 -1.82 -7.49
N VAL A 114 -18.31 -3.09 -7.85
CA VAL A 114 -18.43 -4.17 -6.86
C VAL A 114 -17.52 -5.33 -7.21
N PRO A 115 -16.24 -5.13 -7.10
CA PRO A 115 -15.25 -6.18 -7.37
C PRO A 115 -14.92 -6.95 -6.10
N ASN A 116 -14.09 -7.97 -6.23
CA ASN A 116 -13.72 -8.78 -5.09
C ASN A 116 -12.27 -9.21 -5.21
N ALA A 117 -11.54 -9.19 -4.08
CA ALA A 117 -10.12 -9.55 -4.04
C ALA A 117 -9.78 -10.69 -5.01
N TYR A 118 -10.80 -11.33 -5.54
CA TYR A 118 -10.62 -12.41 -6.49
C TYR A 118 -10.58 -11.81 -7.90
N ASP A 119 -11.58 -10.98 -8.18
CA ASP A 119 -11.74 -10.35 -9.49
C ASP A 119 -10.58 -9.43 -9.84
N LYS A 120 -9.38 -10.02 -9.89
CA LYS A 120 -8.15 -9.31 -10.24
C LYS A 120 -7.57 -8.58 -9.03
N THR A 121 -8.06 -8.98 -7.85
CA THR A 121 -7.61 -8.40 -6.59
C THR A 121 -8.29 -7.07 -6.34
N ALA A 122 -8.84 -6.50 -7.39
CA ALA A 122 -9.51 -5.21 -7.27
C ALA A 122 -10.34 -5.09 -5.99
N LEU A 123 -9.85 -4.26 -5.07
CA LEU A 123 -10.52 -4.02 -3.81
C LEU A 123 -11.96 -3.71 -4.05
N ALA A 124 -12.77 -3.94 -3.02
CA ALA A 124 -14.20 -3.65 -3.10
C ALA A 124 -14.56 -2.44 -2.24
N LEU A 125 -15.15 -1.43 -2.89
CA LEU A 125 -15.52 -0.17 -2.20
C LEU A 125 -16.85 0.38 -2.72
N GLU A 126 -17.25 1.54 -2.15
CA GLU A 126 -18.48 2.22 -2.56
C GLU A 126 -18.27 3.72 -2.52
N VAL A 127 -18.98 4.41 -3.39
CA VAL A 127 -18.92 5.84 -3.44
C VAL A 127 -19.26 6.44 -2.09
N GLY A 128 -18.27 7.09 -1.48
CA GLY A 128 -18.45 7.72 -0.19
C GLY A 128 -17.74 6.93 0.89
N GLU A 129 -16.96 5.93 0.46
CA GLU A 129 -16.19 5.12 1.41
C GLU A 129 -14.80 5.72 1.54
N LEU A 130 -13.77 4.90 1.35
CA LEU A 130 -12.38 5.38 1.42
C LEU A 130 -11.43 4.22 1.53
N VAL A 131 -10.34 4.36 0.80
CA VAL A 131 -9.30 3.38 0.75
C VAL A 131 -7.93 4.03 0.87
N LYS A 132 -7.00 3.25 1.33
CA LYS A 132 -5.65 3.68 1.46
C LYS A 132 -4.97 3.47 0.12
N VAL A 133 -3.66 3.39 0.11
CA VAL A 133 -2.90 3.12 -1.11
C VAL A 133 -1.72 2.22 -0.83
N THR A 134 -1.02 2.51 0.23
CA THR A 134 0.15 1.76 0.62
C THR A 134 0.98 1.24 -0.57
N LYS A 135 0.45 0.24 -1.25
CA LYS A 135 1.16 -0.39 -2.37
C LYS A 135 1.15 0.48 -3.61
N ILE A 136 2.34 0.78 -4.11
CA ILE A 136 2.50 1.61 -5.29
C ILE A 136 3.54 1.02 -6.24
N ASN A 137 3.52 1.46 -7.49
CA ASN A 137 4.48 0.99 -8.49
C ASN A 137 4.63 2.01 -9.61
N MET A 138 3.92 1.75 -10.69
CA MET A 138 3.95 2.60 -11.85
C MET A 138 3.60 4.03 -11.49
N SER A 139 4.10 4.98 -12.26
CA SER A 139 3.84 6.39 -12.01
C SER A 139 2.39 6.72 -12.36
N GLY A 140 1.56 5.68 -12.50
CA GLY A 140 0.16 5.88 -12.83
C GLY A 140 -0.73 4.90 -12.07
N GLN A 141 -0.69 3.63 -12.47
CA GLN A 141 -1.49 2.61 -11.82
C GLN A 141 -0.82 2.18 -10.52
N TRP A 142 -1.58 1.47 -9.69
CA TRP A 142 -1.06 0.98 -8.41
C TRP A 142 -2.13 0.25 -7.64
N GLU A 143 -1.74 -0.23 -6.48
CA GLU A 143 -2.62 -1.01 -5.62
C GLU A 143 -3.04 -0.22 -4.40
N GLY A 144 -3.84 -0.85 -3.52
CA GLY A 144 -4.29 -0.16 -2.31
C GLY A 144 -4.70 -1.13 -1.21
N GLU A 145 -5.38 -0.60 -0.20
CA GLU A 145 -5.82 -1.42 0.93
C GLU A 145 -6.90 -0.75 1.75
N CYS A 146 -8.03 -1.44 1.88
CA CYS A 146 -9.17 -0.94 2.63
C CYS A 146 -9.70 -2.06 3.54
N ASN A 147 -9.00 -2.35 4.64
CA ASN A 147 -9.43 -3.41 5.56
C ASN A 147 -8.95 -4.78 5.05
N GLY A 148 -7.75 -4.77 4.47
CA GLY A 148 -7.10 -5.96 3.94
C GLY A 148 -7.39 -6.13 2.47
N LYS A 149 -8.59 -5.78 2.09
CA LYS A 149 -9.02 -5.93 0.72
C LYS A 149 -8.20 -5.05 -0.18
N ARG A 150 -7.07 -5.57 -0.59
CA ARG A 150 -6.22 -4.85 -1.49
C ARG A 150 -6.67 -5.10 -2.89
N GLY A 151 -6.11 -4.36 -3.81
CA GLY A 151 -6.44 -4.50 -5.21
C GLY A 151 -5.84 -3.33 -5.95
N HIS A 152 -6.46 -2.93 -7.04
CA HIS A 152 -6.00 -1.78 -7.83
C HIS A 152 -7.16 -0.86 -8.10
N PHE A 153 -6.88 0.27 -8.75
CA PHE A 153 -7.93 1.23 -9.10
C PHE A 153 -7.31 2.64 -9.33
N PRO A 154 -7.33 3.17 -10.55
CA PRO A 154 -6.75 4.54 -10.83
C PRO A 154 -7.35 5.64 -9.95
N PHE A 155 -6.55 6.66 -9.64
CA PHE A 155 -7.03 7.76 -8.80
C PHE A 155 -8.11 8.56 -9.54
N THR A 156 -8.38 8.17 -10.78
CA THR A 156 -9.38 8.86 -11.58
C THR A 156 -10.69 9.09 -10.81
N HIS A 157 -10.81 8.55 -9.59
CA HIS A 157 -12.04 8.72 -8.81
C HIS A 157 -11.81 8.58 -7.29
N VAL A 158 -11.21 9.61 -6.68
CA VAL A 158 -10.97 9.62 -5.23
C VAL A 158 -10.68 11.07 -4.79
N ARG A 159 -10.84 11.37 -3.49
CA ARG A 159 -10.57 12.74 -2.99
C ARG A 159 -9.58 12.68 -1.81
N LEU A 160 -8.30 12.47 -2.11
CA LEU A 160 -7.28 12.38 -1.07
C LEU A 160 -7.51 13.37 0.03
N LEU A 161 -7.52 12.83 1.23
CA LEU A 161 -7.72 13.61 2.44
C LEU A 161 -6.43 14.33 2.81
N ASP A 162 -6.44 14.95 3.98
CA ASP A 162 -5.28 15.71 4.45
C ASP A 162 -4.63 15.00 5.65
N GLN A 163 -4.40 13.70 5.51
CA GLN A 163 -3.78 12.94 6.56
C GLN A 163 -4.45 13.22 7.90
N VAL A 1 12.21 -1.91 19.01
CA VAL A 1 12.76 -3.17 18.44
C VAL A 1 11.71 -3.80 17.53
N GLU A 2 10.68 -4.37 18.14
CA GLU A 2 9.60 -5.01 17.40
C GLU A 2 10.20 -5.92 16.31
N TYR A 3 9.36 -6.30 15.36
CA TYR A 3 9.79 -7.14 14.25
C TYR A 3 8.63 -7.42 13.29
N VAL A 4 8.77 -7.01 12.03
CA VAL A 4 7.73 -7.25 11.02
C VAL A 4 8.34 -7.83 9.77
N ARG A 5 7.50 -8.37 8.88
CA ARG A 5 7.98 -8.96 7.63
C ARG A 5 7.31 -8.28 6.47
N ALA A 6 8.10 -7.98 5.44
CA ALA A 6 7.62 -7.27 4.27
C ALA A 6 7.41 -8.18 3.09
N LEU A 7 6.22 -8.74 2.94
CA LEU A 7 5.95 -9.67 1.83
C LEU A 7 5.13 -9.00 0.71
N PHE A 8 5.41 -7.73 0.42
CA PHE A 8 4.69 -7.02 -0.65
C PHE A 8 5.63 -6.27 -1.55
N ASP A 9 6.92 -6.36 -1.23
CA ASP A 9 7.96 -5.66 -1.99
C ASP A 9 7.69 -4.17 -1.94
N PHE A 10 8.73 -3.36 -1.75
CA PHE A 10 8.55 -1.91 -1.69
C PHE A 10 9.49 -1.22 -2.66
N ASN A 11 10.74 -1.62 -2.62
CA ASN A 11 11.73 -1.06 -3.51
C ASN A 11 11.65 0.46 -3.56
N GLY A 12 11.79 1.10 -2.41
CA GLY A 12 11.73 2.54 -2.35
C GLY A 12 12.91 3.11 -3.12
N ASN A 13 13.64 4.02 -2.49
CA ASN A 13 14.81 4.63 -3.14
C ASN A 13 15.30 5.90 -2.42
N ASP A 14 14.36 6.72 -1.98
CA ASP A 14 14.70 7.99 -1.33
C ASP A 14 15.22 7.78 0.08
N ASP A 15 16.23 8.56 0.44
CA ASP A 15 16.77 8.47 1.79
C ASP A 15 15.62 8.53 2.80
N GLU A 16 14.50 9.08 2.33
CA GLU A 16 13.32 9.22 3.16
C GLU A 16 12.44 7.99 2.97
N ASP A 17 13.07 6.86 2.67
CA ASP A 17 12.34 5.61 2.54
C ASP A 17 13.26 4.43 2.86
N LEU A 18 12.67 3.24 2.95
CA LEU A 18 13.45 2.01 3.23
C LEU A 18 13.19 0.93 2.18
N PRO A 19 13.91 0.88 1.08
CA PRO A 19 13.66 -0.19 0.05
C PRO A 19 13.94 -1.61 0.55
N PHE A 20 13.11 -2.56 0.10
CA PHE A 20 13.26 -3.97 0.47
C PHE A 20 12.40 -4.87 -0.39
N LYS A 21 12.60 -6.17 -0.21
CA LYS A 21 11.85 -7.18 -0.94
C LYS A 21 11.71 -8.44 -0.10
N LYS A 22 11.32 -9.54 -0.75
CA LYS A 22 11.11 -10.80 -0.06
C LYS A 22 10.42 -10.54 1.25
N GLY A 23 10.73 -11.32 2.26
CA GLY A 23 10.14 -11.17 3.57
C GLY A 23 11.18 -10.62 4.52
N ASP A 24 11.85 -9.56 4.09
CA ASP A 24 12.89 -8.96 4.91
C ASP A 24 12.34 -8.65 6.31
N ILE A 25 13.23 -8.61 7.29
CA ILE A 25 12.85 -8.33 8.66
C ILE A 25 13.16 -6.88 8.98
N LEU A 26 12.13 -6.06 8.91
CA LEU A 26 12.27 -4.63 9.14
C LEU A 26 11.78 -4.27 10.52
N LYS A 27 12.70 -4.31 11.46
CA LYS A 27 12.37 -4.01 12.84
C LYS A 27 12.02 -2.54 13.01
N ILE A 28 11.11 -2.25 13.93
CA ILE A 28 10.73 -0.86 14.22
C ILE A 28 11.76 -0.22 15.12
N ARG A 29 12.21 0.96 14.75
CA ARG A 29 13.18 1.69 15.54
C ARG A 29 12.49 2.51 16.62
N ASP A 30 11.40 3.17 16.23
CA ASP A 30 10.66 4.03 17.15
C ASP A 30 9.19 4.15 16.78
N LYS A 31 8.87 3.95 15.49
CA LYS A 31 7.52 4.07 15.02
C LYS A 31 7.00 5.50 15.29
N PRO A 32 7.01 6.37 14.31
CA PRO A 32 6.51 7.76 14.49
C PRO A 32 4.99 7.85 14.26
N GLU A 33 4.52 7.19 13.20
CA GLU A 33 3.11 7.17 12.86
C GLU A 33 2.59 5.74 12.87
N GLU A 34 1.28 5.59 12.67
CA GLU A 34 0.65 4.29 12.66
C GLU A 34 0.67 3.68 11.26
N GLN A 35 0.46 4.51 10.25
CA GLN A 35 0.44 4.05 8.88
C GLN A 35 1.83 3.87 8.32
N TRP A 36 2.82 4.43 9.00
CA TRP A 36 4.21 4.35 8.58
C TRP A 36 5.07 3.94 9.76
N TRP A 37 6.22 3.32 9.48
CA TRP A 37 7.13 2.88 10.54
C TRP A 37 8.59 3.06 10.13
N ASN A 38 9.38 3.63 11.03
CA ASN A 38 10.80 3.82 10.78
C ASN A 38 11.53 2.53 11.16
N ALA A 39 12.17 1.90 10.17
CA ALA A 39 12.90 0.65 10.39
C ALA A 39 14.32 0.74 9.85
N GLU A 40 15.07 -0.35 10.02
CA GLU A 40 16.42 -0.43 9.50
C GLU A 40 16.53 -1.67 8.62
N ASP A 41 16.68 -1.43 7.34
CA ASP A 41 16.75 -2.53 6.38
C ASP A 41 17.94 -3.41 6.70
N MET A 42 17.73 -4.70 6.56
CA MET A 42 18.77 -5.68 6.84
C MET A 42 20.05 -5.31 6.06
N ASP A 43 19.98 -4.22 5.29
CA ASP A 43 21.14 -3.77 4.52
C ASP A 43 22.04 -2.91 5.39
N GLY A 44 21.44 -2.34 6.43
CA GLY A 44 22.13 -1.49 7.38
C GLY A 44 21.87 -0.02 7.09
N LYS A 45 20.61 0.27 6.75
CA LYS A 45 20.20 1.65 6.48
C LYS A 45 18.84 1.91 7.07
N ARG A 46 18.65 3.11 7.61
CA ARG A 46 17.39 3.49 8.25
C ARG A 46 16.55 4.38 7.35
N GLY A 47 15.29 3.99 7.22
CA GLY A 47 14.34 4.71 6.38
C GLY A 47 12.89 4.36 6.70
N MET A 48 11.97 5.24 6.31
CA MET A 48 10.57 5.04 6.56
C MET A 48 10.02 3.89 5.71
N ILE A 49 9.01 3.21 6.26
CA ILE A 49 8.39 2.08 5.57
C ILE A 49 6.87 2.13 5.61
N PRO A 50 6.19 1.75 4.54
CA PRO A 50 4.71 1.67 4.56
C PRO A 50 4.32 0.44 5.39
N VAL A 51 3.57 0.66 6.47
CA VAL A 51 3.14 -0.44 7.33
C VAL A 51 2.40 -1.54 6.55
N PRO A 52 1.42 -1.20 5.75
CA PRO A 52 0.64 -2.23 4.97
C PRO A 52 1.54 -3.18 4.18
N TYR A 53 2.72 -2.71 3.80
CA TYR A 53 3.65 -3.55 3.04
C TYR A 53 4.24 -4.65 3.91
N VAL A 54 3.78 -4.75 5.14
CA VAL A 54 4.25 -5.79 6.06
C VAL A 54 3.06 -6.51 6.71
N GLU A 55 3.33 -7.69 7.27
CA GLU A 55 2.25 -8.46 7.89
C GLU A 55 1.85 -7.89 9.24
N LYS A 56 2.72 -8.06 10.23
CA LYS A 56 2.48 -7.57 11.59
C LYS A 56 3.52 -8.13 12.54
N CYS A 57 3.21 -8.08 13.83
CA CYS A 57 4.14 -8.55 14.84
C CYS A 57 3.43 -8.79 16.16
N ARG A 58 2.09 -8.72 16.12
CA ARG A 58 1.27 -8.91 17.32
C ARG A 58 0.31 -10.10 17.13
N PRO A 59 0.77 -11.31 17.36
CA PRO A 59 -0.07 -12.54 17.21
C PRO A 59 -1.00 -12.75 18.42
N SER A 60 -0.82 -13.87 19.13
CA SER A 60 -1.63 -14.17 20.30
C SER A 60 -3.12 -14.16 19.95
N SER A 61 -3.90 -15.04 20.59
CA SER A 61 -5.33 -15.11 20.33
C SER A 61 -6.09 -14.21 21.29
N ALA A 62 -5.39 -13.74 22.31
CA ALA A 62 -6.00 -12.87 23.31
C ALA A 62 -6.38 -11.52 22.69
N SER A 63 -7.64 -11.40 22.26
CA SER A 63 -8.12 -10.17 21.66
C SER A 63 -7.21 -9.75 20.50
N VAL A 64 -7.73 -9.86 19.28
CA VAL A 64 -6.97 -9.50 18.08
C VAL A 64 -7.80 -8.58 17.19
N SER A 65 -7.18 -7.52 16.71
CA SER A 65 -7.86 -6.56 15.85
C SER A 65 -8.39 -7.25 14.59
N THR A 66 -7.63 -7.14 13.50
CA THR A 66 -8.02 -7.76 12.23
C THR A 66 -6.79 -8.33 11.53
N LEU A 67 -7.03 -9.08 10.45
CA LEU A 67 -5.94 -9.68 9.70
C LEU A 67 -5.38 -8.68 8.69
N THR A 68 -4.53 -7.78 9.17
CA THR A 68 -3.92 -6.77 8.30
C THR A 68 -2.67 -7.33 7.63
N GLY A 69 -2.86 -7.96 6.48
CA GLY A 69 -1.74 -8.54 5.72
C GLY A 69 -2.06 -9.96 5.27
N GLY A 70 -3.06 -10.08 4.40
CA GLY A 70 -3.45 -11.39 3.89
C GLY A 70 -2.67 -11.75 2.64
N ASN A 71 -2.86 -12.97 2.15
CA ASN A 71 -2.17 -13.44 0.95
C ASN A 71 -3.03 -13.17 -0.29
N GLN A 72 -2.70 -13.85 -1.38
CA GLN A 72 -3.43 -13.68 -2.63
C GLN A 72 -3.45 -12.21 -3.04
N ASP A 73 -2.69 -11.90 -4.09
CA ASP A 73 -2.62 -10.52 -4.59
C ASP A 73 -2.17 -10.50 -6.05
N SER A 74 -1.19 -9.66 -6.36
CA SER A 74 -0.69 -9.57 -7.73
C SER A 74 0.05 -10.85 -8.12
N SER A 75 -0.24 -11.37 -9.31
CA SER A 75 0.40 -12.59 -9.78
C SER A 75 1.91 -12.38 -9.93
N HIS A 76 2.29 -11.28 -10.57
CA HIS A 76 3.70 -10.97 -10.79
C HIS A 76 3.93 -9.46 -10.68
N PRO A 77 4.26 -8.96 -9.50
CA PRO A 77 4.52 -7.51 -9.30
C PRO A 77 5.57 -6.97 -10.25
N GLN A 78 5.54 -5.66 -10.49
CA GLN A 78 6.48 -4.99 -11.39
C GLN A 78 7.38 -4.02 -10.62
N PRO A 79 8.48 -4.50 -10.08
CA PRO A 79 9.44 -3.66 -9.30
C PRO A 79 9.86 -2.40 -10.07
N LEU A 80 10.09 -2.56 -11.37
CA LEU A 80 10.50 -1.44 -12.23
C LEU A 80 9.41 -1.14 -13.25
N GLY A 81 8.33 -0.52 -12.77
CA GLY A 81 7.23 -0.17 -13.66
C GLY A 81 7.64 0.91 -14.65
N GLY A 82 8.43 1.87 -14.17
CA GLY A 82 8.89 2.96 -15.02
C GLY A 82 8.89 4.28 -14.24
N PRO A 83 9.97 4.61 -13.57
CA PRO A 83 10.06 5.87 -12.77
C PRO A 83 9.77 7.10 -13.63
N GLU A 84 9.09 8.08 -13.02
CA GLU A 84 8.74 9.31 -13.73
C GLU A 84 8.02 10.27 -12.78
N PRO A 85 8.75 10.92 -11.91
CA PRO A 85 8.16 11.88 -10.93
C PRO A 85 7.19 12.88 -11.55
N GLY A 86 5.96 12.42 -11.82
CA GLY A 86 4.93 13.26 -12.42
C GLY A 86 4.29 12.56 -13.62
N PRO A 87 3.38 13.22 -14.30
CA PRO A 87 2.70 12.64 -15.49
C PRO A 87 3.66 12.33 -16.64
N TYR A 88 3.32 11.31 -17.42
CA TYR A 88 4.14 10.90 -18.57
C TYR A 88 3.31 10.97 -19.84
N ALA A 89 3.99 10.81 -20.99
CA ALA A 89 3.30 10.87 -22.28
C ALA A 89 1.95 10.18 -22.21
N GLN A 90 0.91 10.98 -21.96
CA GLN A 90 -0.46 10.44 -21.86
C GLN A 90 -1.46 11.43 -22.47
N PRO A 91 -2.35 11.00 -23.36
CA PRO A 91 -3.36 11.91 -23.96
C PRO A 91 -4.11 12.75 -22.91
N SER A 92 -4.21 12.22 -21.69
CA SER A 92 -4.91 12.92 -20.61
C SER A 92 -3.92 13.40 -19.55
N ILE A 93 -2.63 13.33 -19.87
CA ILE A 93 -1.60 13.77 -18.94
C ILE A 93 -1.77 13.08 -17.59
N ASN A 94 -2.44 13.76 -16.66
CA ASN A 94 -2.68 13.20 -15.34
C ASN A 94 -3.43 11.89 -15.45
N THR A 95 -2.78 10.82 -15.04
CA THR A 95 -3.39 9.50 -15.10
C THR A 95 -4.38 9.32 -13.95
N PRO A 96 -5.40 8.51 -14.14
CA PRO A 96 -6.42 8.25 -13.08
C PRO A 96 -5.85 7.44 -11.91
N LEU A 97 -5.11 8.11 -11.01
CA LEU A 97 -4.52 7.43 -9.87
C LEU A 97 -4.85 8.16 -8.55
N PRO A 98 -5.01 7.44 -7.44
CA PRO A 98 -5.33 8.06 -6.11
C PRO A 98 -4.27 9.07 -5.67
N ASN A 99 -3.52 9.62 -6.62
CA ASN A 99 -2.49 10.59 -6.32
C ASN A 99 -1.69 10.11 -5.12
N LEU A 100 -1.25 8.86 -5.19
CA LEU A 100 -0.49 8.28 -4.10
C LEU A 100 0.76 9.10 -3.81
N GLN A 101 1.93 8.46 -3.89
CA GLN A 101 3.18 9.15 -3.62
C GLN A 101 3.21 9.69 -2.19
N ASN A 102 2.02 9.83 -1.58
CA ASN A 102 1.90 10.31 -0.22
C ASN A 102 1.70 9.13 0.73
N GLY A 103 0.88 8.18 0.29
CA GLY A 103 0.57 6.99 1.08
C GLY A 103 1.48 5.90 0.86
N PRO A 104 1.06 4.76 1.31
CA PRO A 104 -0.26 4.46 2.04
C PRO A 104 -0.70 5.43 3.15
N PHE A 105 -1.67 6.28 2.81
CA PHE A 105 -2.28 7.20 3.76
C PHE A 105 -3.74 6.80 3.89
N TYR A 106 -4.69 7.68 3.66
CA TYR A 106 -6.10 7.31 3.81
C TYR A 106 -6.92 8.00 2.75
N ALA A 107 -7.75 7.23 2.07
CA ALA A 107 -8.61 7.79 1.07
C ALA A 107 -10.03 7.84 1.58
N ARG A 108 -10.96 8.10 0.69
CA ARG A 108 -12.37 8.16 1.05
C ARG A 108 -13.15 7.91 -0.20
N VAL A 109 -13.50 6.65 -0.40
CA VAL A 109 -14.21 6.28 -1.57
C VAL A 109 -15.62 6.82 -1.57
N ILE A 110 -15.93 7.58 -2.63
CA ILE A 110 -17.23 8.21 -2.78
C ILE A 110 -18.00 7.58 -3.93
N GLN A 111 -17.49 6.50 -4.48
CA GLN A 111 -18.14 5.84 -5.60
C GLN A 111 -17.51 4.50 -5.84
N LYS A 112 -18.36 3.48 -5.90
CA LYS A 112 -17.88 2.14 -6.15
C LYS A 112 -19.02 1.17 -6.41
N ARG A 113 -18.82 -0.05 -5.94
CA ARG A 113 -19.83 -1.09 -6.12
C ARG A 113 -19.62 -2.23 -5.11
N VAL A 114 -19.73 -3.46 -5.62
CA VAL A 114 -19.53 -4.66 -4.81
C VAL A 114 -18.71 -5.69 -5.58
N PRO A 115 -17.49 -5.37 -5.95
CA PRO A 115 -16.59 -6.25 -6.69
C PRO A 115 -15.54 -6.89 -5.81
N ASN A 116 -16.00 -7.79 -4.98
CA ASN A 116 -15.14 -8.50 -4.06
C ASN A 116 -13.92 -9.03 -4.81
N ALA A 117 -12.85 -9.31 -4.08
CA ALA A 117 -11.60 -9.79 -4.68
C ALA A 117 -11.85 -10.92 -5.68
N TYR A 118 -13.10 -11.34 -5.79
CA TYR A 118 -13.47 -12.35 -6.75
C TYR A 118 -13.61 -11.67 -8.09
N ASP A 119 -14.52 -10.69 -8.12
CA ASP A 119 -14.83 -9.89 -9.31
C ASP A 119 -13.57 -9.38 -10.01
N LYS A 120 -12.77 -10.34 -10.45
CA LYS A 120 -11.50 -10.13 -11.13
C LYS A 120 -10.40 -10.00 -10.10
N THR A 121 -10.61 -9.12 -9.11
CA THR A 121 -9.64 -8.87 -8.03
C THR A 121 -9.99 -7.57 -7.29
N ALA A 122 -10.80 -6.73 -7.92
CA ALA A 122 -11.21 -5.45 -7.34
C ALA A 122 -11.61 -5.60 -5.84
N LEU A 123 -11.83 -4.47 -5.13
CA LEU A 123 -12.15 -4.48 -3.69
C LEU A 123 -13.61 -4.06 -3.48
N ALA A 124 -14.26 -4.56 -2.43
CA ALA A 124 -15.65 -4.22 -2.16
C ALA A 124 -15.75 -3.10 -1.13
N LEU A 125 -16.29 -1.97 -1.57
CA LEU A 125 -16.45 -0.80 -0.69
C LEU A 125 -17.81 -0.14 -0.91
N GLU A 126 -17.98 1.00 -0.27
CA GLU A 126 -19.21 1.77 -0.37
C GLU A 126 -18.92 3.26 -0.31
N VAL A 127 -19.75 4.01 -1.04
CA VAL A 127 -19.67 5.44 -1.07
C VAL A 127 -19.73 6.00 0.34
N GLY A 128 -18.57 6.30 0.90
CA GLY A 128 -18.48 6.83 2.24
C GLY A 128 -17.62 5.92 3.09
N GLU A 129 -16.96 4.98 2.43
CA GLU A 129 -16.05 4.10 3.13
C GLU A 129 -14.65 4.71 3.11
N LEU A 130 -13.65 3.93 2.73
CA LEU A 130 -12.28 4.44 2.66
C LEU A 130 -11.31 3.26 2.53
N VAL A 131 -10.36 3.42 1.63
CA VAL A 131 -9.36 2.41 1.35
C VAL A 131 -7.95 3.00 1.44
N LYS A 132 -7.02 2.22 1.96
CA LYS A 132 -5.64 2.66 2.15
C LYS A 132 -4.74 2.17 1.04
N VAL A 133 -4.70 2.90 -0.07
CA VAL A 133 -3.87 2.47 -1.18
C VAL A 133 -2.46 2.17 -0.70
N THR A 134 -1.80 1.24 -1.38
CA THR A 134 -0.45 0.85 -1.00
C THR A 134 0.34 0.44 -2.23
N LYS A 135 -0.26 -0.38 -3.06
CA LYS A 135 0.42 -0.89 -4.25
C LYS A 135 0.35 0.07 -5.43
N ILE A 136 1.37 0.00 -6.29
CA ILE A 136 1.46 0.86 -7.47
C ILE A 136 1.88 0.04 -8.69
N ASN A 137 1.18 0.24 -9.80
CA ASN A 137 1.46 -0.48 -11.04
C ASN A 137 0.55 0.03 -12.17
N MET A 138 0.56 -0.68 -13.30
CA MET A 138 -0.28 -0.33 -14.45
C MET A 138 0.06 1.07 -14.96
N SER A 139 -0.95 1.81 -15.40
CA SER A 139 -0.77 3.17 -15.90
C SER A 139 -1.86 4.09 -15.38
N GLY A 140 -2.83 3.54 -14.64
CA GLY A 140 -3.92 4.40 -14.16
C GLY A 140 -4.99 3.61 -13.39
N GLN A 141 -4.64 2.39 -13.03
CA GLN A 141 -5.52 1.52 -12.28
C GLN A 141 -5.09 1.53 -10.85
N TRP A 142 -4.01 0.86 -10.59
CA TRP A 142 -3.44 0.81 -9.26
C TRP A 142 -4.23 -0.14 -8.37
N GLU A 143 -3.71 -0.46 -7.18
CA GLU A 143 -4.41 -1.38 -6.27
C GLU A 143 -4.47 -0.82 -4.86
N GLY A 144 -5.60 -1.05 -4.17
CA GLY A 144 -5.77 -0.55 -2.82
C GLY A 144 -6.39 -1.57 -1.87
N GLU A 145 -5.93 -1.49 -0.62
CA GLU A 145 -6.37 -2.39 0.44
C GLU A 145 -7.24 -1.67 1.42
N CYS A 146 -8.38 -2.27 1.72
CA CYS A 146 -9.29 -1.68 2.67
C CYS A 146 -9.28 -2.57 3.91
N ASN A 147 -10.17 -3.56 3.96
CA ASN A 147 -10.21 -4.50 5.07
C ASN A 147 -9.61 -5.83 4.59
N GLY A 148 -8.43 -5.73 4.00
CA GLY A 148 -7.74 -6.87 3.45
C GLY A 148 -8.16 -7.06 2.02
N LYS A 149 -9.40 -6.68 1.77
CA LYS A 149 -10.00 -6.80 0.45
C LYS A 149 -9.27 -5.96 -0.56
N ARG A 150 -8.12 -6.42 -0.96
CA ARG A 150 -7.35 -5.68 -1.93
C ARG A 150 -8.00 -5.76 -3.29
N GLY A 151 -7.63 -4.84 -4.14
CA GLY A 151 -8.17 -4.79 -5.48
C GLY A 151 -7.70 -3.54 -6.20
N HIS A 152 -8.38 -3.16 -7.27
CA HIS A 152 -8.02 -1.97 -8.04
C HIS A 152 -9.22 -1.09 -8.27
N PHE A 153 -8.96 0.12 -8.75
CA PHE A 153 -10.04 1.06 -9.00
C PHE A 153 -9.49 2.44 -9.40
N PRO A 154 -9.76 2.91 -10.61
CA PRO A 154 -9.29 4.26 -11.05
C PRO A 154 -9.68 5.35 -10.05
N PHE A 155 -8.87 6.40 -9.97
CA PHE A 155 -9.12 7.51 -9.06
C PHE A 155 -10.44 8.19 -9.38
N THR A 156 -11.08 7.74 -10.44
CA THR A 156 -12.33 8.35 -10.84
C THR A 156 -13.30 8.52 -9.66
N HIS A 157 -12.96 7.95 -8.49
CA HIS A 157 -13.85 8.06 -7.34
C HIS A 157 -13.10 7.95 -6.01
N VAL A 158 -12.55 9.05 -5.54
CA VAL A 158 -11.83 9.05 -4.26
C VAL A 158 -11.49 10.51 -3.91
N ARG A 159 -11.37 10.82 -2.61
CA ARG A 159 -11.08 12.20 -2.18
C ARG A 159 -9.64 12.37 -1.69
N LEU A 160 -9.21 11.43 -0.88
CA LEU A 160 -7.87 11.46 -0.30
C LEU A 160 -7.77 12.44 0.83
N LEU A 161 -7.55 11.88 2.00
CA LEU A 161 -7.43 12.64 3.21
C LEU A 161 -6.02 13.22 3.33
N ASP A 162 -5.75 13.85 4.47
CA ASP A 162 -4.45 14.46 4.73
C ASP A 162 -3.65 13.64 5.75
N GLN A 163 -3.40 12.38 5.41
CA GLN A 163 -2.64 11.50 6.30
C GLN A 163 -3.21 11.55 7.72
N VAL A 1 5.04 -7.08 18.65
CA VAL A 1 4.30 -5.79 18.67
C VAL A 1 5.10 -4.74 17.91
N GLU A 2 6.16 -4.25 18.54
CA GLU A 2 7.02 -3.25 17.92
C GLU A 2 7.60 -3.81 16.64
N TYR A 3 8.54 -4.75 16.77
CA TYR A 3 9.21 -5.37 15.61
C TYR A 3 8.35 -5.29 14.37
N VAL A 4 7.71 -6.38 14.07
CA VAL A 4 6.82 -6.52 12.92
C VAL A 4 7.61 -6.84 11.66
N ARG A 5 6.90 -7.25 10.61
CA ARG A 5 7.54 -7.56 9.34
C ARG A 5 6.76 -6.97 8.20
N ALA A 6 7.49 -6.54 7.19
CA ALA A 6 6.88 -5.94 6.03
C ALA A 6 6.79 -6.93 4.87
N LEU A 7 5.63 -7.56 4.72
CA LEU A 7 5.44 -8.56 3.66
C LEU A 7 4.75 -7.94 2.43
N PHE A 8 5.10 -6.69 2.12
CA PHE A 8 4.52 -6.01 0.95
C PHE A 8 5.59 -5.24 0.19
N ASP A 9 6.81 -5.35 0.67
CA ASP A 9 7.95 -4.66 0.05
C ASP A 9 7.71 -3.16 0.10
N PHE A 10 8.73 -2.35 0.31
CA PHE A 10 8.56 -0.89 0.37
C PHE A 10 9.62 -0.19 -0.45
N ASN A 11 10.81 -0.75 -0.48
CA ASN A 11 11.92 -0.19 -1.24
C ASN A 11 11.85 1.32 -1.25
N GLY A 12 11.91 1.92 -0.08
CA GLY A 12 11.82 3.36 0.03
C GLY A 12 13.03 4.01 -0.59
N ASN A 13 13.50 5.05 0.09
CA ASN A 13 14.68 5.80 -0.36
C ASN A 13 14.78 7.14 0.37
N ASP A 14 15.53 7.18 1.47
CA ASP A 14 15.74 8.41 2.26
C ASP A 14 16.18 8.06 3.68
N ASP A 15 16.43 9.10 4.47
CA ASP A 15 16.83 8.92 5.86
C ASP A 15 15.58 8.87 6.73
N GLU A 16 14.46 9.35 6.19
CA GLU A 16 13.20 9.37 6.91
C GLU A 16 12.31 8.20 6.48
N ASP A 17 12.93 7.20 5.86
CA ASP A 17 12.19 6.03 5.42
C ASP A 17 13.04 4.78 5.63
N LEU A 18 12.40 3.61 5.75
CA LEU A 18 13.14 2.35 5.96
C LEU A 18 12.85 1.35 4.85
N PRO A 19 13.53 1.42 3.77
CA PRO A 19 13.33 0.45 2.66
C PRO A 19 13.52 -1.00 3.08
N PHE A 20 12.62 -1.87 2.62
CA PHE A 20 12.69 -3.30 2.92
C PHE A 20 12.01 -4.09 1.82
N LYS A 21 12.17 -5.42 1.85
CA LYS A 21 11.61 -6.28 0.82
C LYS A 21 10.93 -7.53 1.39
N LYS A 22 11.74 -8.41 1.94
CA LYS A 22 11.25 -9.68 2.46
C LYS A 22 10.96 -9.62 3.96
N GLY A 23 9.69 -9.30 4.30
CA GLY A 23 9.25 -9.23 5.70
C GLY A 23 10.40 -9.13 6.66
N ASP A 24 11.23 -8.14 6.44
CA ASP A 24 12.38 -7.94 7.28
C ASP A 24 11.91 -7.65 8.69
N ILE A 25 12.65 -8.18 9.64
CA ILE A 25 12.35 -8.00 11.05
C ILE A 25 13.02 -6.72 11.49
N LEU A 26 12.24 -5.66 11.60
CA LEU A 26 12.79 -4.36 11.93
C LEU A 26 12.77 -4.12 13.43
N LYS A 27 12.20 -3.00 13.84
CA LYS A 27 12.09 -2.63 15.23
C LYS A 27 11.54 -1.22 15.37
N ILE A 28 10.45 -1.09 16.14
CA ILE A 28 9.83 0.22 16.38
C ILE A 28 10.43 0.87 17.62
N ARG A 29 10.55 2.20 17.59
CA ARG A 29 11.10 2.94 18.72
C ARG A 29 10.23 4.16 19.01
N ASP A 30 9.77 4.81 17.93
CA ASP A 30 8.92 5.99 18.05
C ASP A 30 7.74 5.92 17.08
N LYS A 31 6.54 5.62 17.60
CA LYS A 31 5.34 5.51 16.76
C LYS A 31 4.35 6.64 17.09
N PRO A 32 4.61 7.86 16.66
CA PRO A 32 3.70 9.02 16.94
C PRO A 32 2.38 8.91 16.18
N GLU A 33 2.42 8.28 15.00
CA GLU A 33 1.24 8.10 14.16
C GLU A 33 0.83 6.64 14.13
N GLU A 34 -0.43 6.40 13.78
CA GLU A 34 -0.96 5.05 13.72
C GLU A 34 -0.70 4.44 12.36
N GLN A 35 -0.79 5.25 11.31
CA GLN A 35 -0.58 4.78 9.96
C GLN A 35 0.91 4.64 9.64
N TRP A 36 1.74 5.48 10.27
CA TRP A 36 3.18 5.46 10.06
C TRP A 36 3.87 5.09 11.35
N TRP A 37 5.05 4.46 11.25
CA TRP A 37 5.79 4.05 12.42
C TRP A 37 7.27 4.15 12.18
N ASN A 38 7.98 4.68 13.16
CA ASN A 38 9.43 4.80 13.06
C ASN A 38 10.04 3.44 13.36
N ALA A 39 10.64 2.82 12.36
CA ALA A 39 11.24 1.50 12.52
C ALA A 39 12.75 1.57 12.42
N GLU A 40 13.42 0.49 12.82
CA GLU A 40 14.87 0.43 12.75
C GLU A 40 15.31 -0.86 12.06
N ASP A 41 16.39 -0.78 11.32
CA ASP A 41 16.92 -1.95 10.62
C ASP A 41 17.62 -2.89 11.57
N MET A 42 18.15 -3.96 11.01
CA MET A 42 18.91 -4.95 11.76
C MET A 42 20.33 -4.47 11.99
N ASP A 43 20.74 -3.40 11.30
CA ASP A 43 22.11 -2.89 11.41
C ASP A 43 22.21 -1.68 12.31
N GLY A 44 21.11 -0.95 12.43
CA GLY A 44 21.06 0.25 13.23
C GLY A 44 20.71 1.45 12.37
N LYS A 45 19.73 1.26 11.51
CA LYS A 45 19.24 2.35 10.65
C LYS A 45 17.78 2.62 10.97
N ARG A 46 17.48 3.88 11.28
CA ARG A 46 16.14 4.31 11.65
C ARG A 46 15.46 5.12 10.57
N GLY A 47 14.34 4.60 10.12
CA GLY A 47 13.57 5.26 9.07
C GLY A 47 12.08 4.95 9.19
N MET A 48 11.27 5.91 8.78
CA MET A 48 9.83 5.74 8.86
C MET A 48 9.36 4.62 7.96
N ILE A 49 8.18 4.11 8.26
CA ILE A 49 7.60 3.03 7.47
C ILE A 49 6.07 3.06 7.46
N PRO A 50 5.45 2.74 6.35
CA PRO A 50 3.96 2.67 6.30
C PRO A 50 3.47 1.42 7.07
N VAL A 51 2.83 1.59 8.22
CA VAL A 51 2.35 0.47 9.00
C VAL A 51 1.65 -0.59 8.12
N PRO A 52 0.70 -0.22 7.29
CA PRO A 52 -0.02 -1.19 6.41
C PRO A 52 0.91 -2.14 5.68
N TYR A 53 2.12 -1.69 5.40
CA TYR A 53 3.07 -2.56 4.70
C TYR A 53 3.53 -3.70 5.58
N VAL A 54 3.13 -3.67 6.85
CA VAL A 54 3.51 -4.72 7.80
C VAL A 54 2.29 -5.26 8.54
N GLU A 55 2.47 -6.38 9.24
CA GLU A 55 1.37 -6.98 9.97
C GLU A 55 1.87 -7.73 11.19
N LYS A 56 2.52 -7.01 12.08
CA LYS A 56 3.04 -7.61 13.30
C LYS A 56 3.90 -8.82 12.94
N CYS A 57 4.35 -9.53 13.97
CA CYS A 57 5.20 -10.70 13.76
C CYS A 57 4.87 -11.78 14.79
N ARG A 58 4.51 -11.35 16.00
CA ARG A 58 4.18 -12.29 17.06
C ARG A 58 5.20 -13.43 17.12
N PRO A 59 6.39 -13.13 17.58
CA PRO A 59 7.49 -14.14 17.70
C PRO A 59 7.10 -15.31 18.60
N SER A 60 6.12 -15.08 19.46
CA SER A 60 5.66 -16.12 20.38
C SER A 60 5.00 -17.26 19.61
N SER A 61 4.44 -16.94 18.44
CA SER A 61 3.77 -17.95 17.63
C SER A 61 4.78 -18.96 17.10
N ALA A 62 5.76 -18.49 16.36
CA ALA A 62 6.79 -19.37 15.80
C ALA A 62 6.14 -20.51 15.01
N SER A 63 5.32 -20.16 14.02
CA SER A 63 4.65 -21.16 13.19
C SER A 63 5.55 -21.60 12.04
N VAL A 64 6.56 -22.41 12.35
CA VAL A 64 7.49 -22.90 11.33
C VAL A 64 7.83 -21.80 10.32
N SER A 65 7.05 -21.70 9.26
CA SER A 65 7.26 -20.70 8.23
C SER A 65 6.70 -19.36 8.69
N THR A 66 7.07 -18.94 9.89
CA THR A 66 6.61 -17.68 10.44
C THR A 66 7.13 -16.51 9.61
N LEU A 67 8.31 -16.69 9.03
CA LEU A 67 8.92 -15.64 8.22
C LEU A 67 8.29 -15.60 6.82
N THR A 68 8.58 -16.63 6.02
CA THR A 68 8.04 -16.70 4.66
C THR A 68 6.65 -17.31 4.67
N GLY A 69 5.62 -16.47 4.62
CA GLY A 69 4.25 -16.94 4.62
C GLY A 69 3.27 -15.78 4.75
N GLY A 70 2.86 -15.21 3.63
CA GLY A 70 1.93 -14.10 3.63
C GLY A 70 1.88 -13.42 2.27
N ASN A 71 0.67 -13.24 1.74
CA ASN A 71 0.48 -12.61 0.44
C ASN A 71 1.54 -13.10 -0.54
N GLN A 72 1.82 -12.29 -1.57
CA GLN A 72 2.82 -12.65 -2.57
C GLN A 72 3.12 -11.46 -3.47
N ASP A 73 3.45 -10.33 -2.86
CA ASP A 73 3.76 -9.12 -3.62
C ASP A 73 2.62 -8.77 -4.57
N SER A 74 1.38 -9.03 -4.13
CA SER A 74 0.22 -8.74 -4.95
C SER A 74 0.32 -9.44 -6.30
N SER A 75 -0.82 -9.59 -6.97
CA SER A 75 -0.83 -10.25 -8.28
C SER A 75 -0.43 -9.27 -9.37
N HIS A 76 -0.45 -7.99 -9.05
CA HIS A 76 -0.09 -6.95 -10.02
C HIS A 76 -0.92 -7.11 -11.28
N PRO A 77 -2.13 -6.60 -11.30
CA PRO A 77 -3.04 -6.68 -12.48
C PRO A 77 -2.38 -6.15 -13.75
N GLN A 78 -2.66 -6.79 -14.88
CA GLN A 78 -2.07 -6.39 -16.13
C GLN A 78 -2.21 -4.86 -16.34
N PRO A 79 -1.28 -4.23 -17.01
CA PRO A 79 -1.34 -2.75 -17.26
C PRO A 79 -2.73 -2.31 -17.71
N LEU A 80 -3.40 -3.16 -18.50
CA LEU A 80 -4.73 -2.84 -19.00
C LEU A 80 -4.67 -1.68 -19.99
N GLY A 81 -3.45 -1.26 -20.32
CA GLY A 81 -3.26 -0.15 -21.26
C GLY A 81 -4.28 0.95 -21.01
N GLY A 82 -4.78 1.54 -22.10
CA GLY A 82 -5.77 2.61 -21.99
C GLY A 82 -6.10 3.19 -23.36
N PRO A 83 -7.09 4.04 -23.42
CA PRO A 83 -7.51 4.68 -24.70
C PRO A 83 -6.50 5.73 -25.16
N GLU A 84 -6.84 6.45 -26.23
CA GLU A 84 -5.96 7.48 -26.79
C GLU A 84 -6.73 8.77 -27.03
N PRO A 85 -7.19 9.41 -25.99
CA PRO A 85 -7.95 10.69 -26.09
C PRO A 85 -7.04 11.88 -26.38
N GLY A 86 -5.73 11.63 -26.39
CA GLY A 86 -4.76 12.68 -26.66
C GLY A 86 -3.39 12.31 -26.14
N PRO A 87 -3.20 12.37 -24.84
CA PRO A 87 -1.90 12.02 -24.19
C PRO A 87 -1.62 10.52 -24.24
N TYR A 88 -0.48 10.12 -23.67
CA TYR A 88 -0.11 8.71 -23.66
C TYR A 88 -1.16 7.88 -22.94
N ALA A 89 -1.06 6.56 -23.04
CA ALA A 89 -2.03 5.67 -22.39
C ALA A 89 -2.36 6.20 -20.99
N GLN A 90 -3.56 6.77 -20.84
CA GLN A 90 -4.01 7.32 -19.57
C GLN A 90 -5.37 6.75 -19.17
N PRO A 91 -5.64 6.56 -17.90
CA PRO A 91 -6.95 6.01 -17.42
C PRO A 91 -8.12 6.94 -17.73
N SER A 92 -7.85 8.25 -17.76
CA SER A 92 -8.87 9.26 -18.05
C SER A 92 -8.35 10.27 -19.06
N ILE A 93 -7.86 11.41 -18.57
CA ILE A 93 -7.33 12.44 -19.43
C ILE A 93 -6.25 13.23 -18.71
N ASN A 94 -5.37 12.52 -18.00
CA ASN A 94 -4.30 13.17 -17.28
C ASN A 94 -3.39 12.15 -16.64
N THR A 95 -2.28 12.61 -16.08
CA THR A 95 -1.34 11.72 -15.44
C THR A 95 -1.90 11.21 -14.11
N PRO A 96 -1.92 9.90 -13.89
CA PRO A 96 -2.47 9.33 -12.63
C PRO A 96 -1.50 9.50 -11.45
N LEU A 97 -1.56 8.58 -10.48
CA LEU A 97 -0.70 8.67 -9.32
C LEU A 97 0.72 8.17 -9.66
N PRO A 98 1.77 8.95 -9.40
CA PRO A 98 3.17 8.52 -9.72
C PRO A 98 3.66 7.36 -8.85
N ASN A 99 3.65 7.57 -7.53
CA ASN A 99 4.10 6.56 -6.59
C ASN A 99 3.36 6.70 -5.27
N LEU A 100 3.85 6.01 -4.25
CA LEU A 100 3.23 6.04 -2.93
C LEU A 100 2.75 7.44 -2.61
N GLN A 101 3.65 8.27 -2.09
CA GLN A 101 3.31 9.65 -1.76
C GLN A 101 2.14 9.69 -0.81
N ASN A 102 2.05 10.75 -0.03
CA ASN A 102 0.97 10.89 0.92
C ASN A 102 0.74 9.57 1.67
N GLY A 103 -0.10 8.72 1.07
CA GLY A 103 -0.42 7.41 1.63
C GLY A 103 0.70 6.80 2.32
N PRO A 104 0.42 5.87 3.17
CA PRO A 104 -0.95 5.43 3.60
C PRO A 104 -1.64 6.42 4.53
N PHE A 105 -2.85 6.82 4.15
CA PHE A 105 -3.64 7.74 4.92
C PHE A 105 -5.11 7.49 4.61
N TYR A 106 -5.85 8.50 4.18
CA TYR A 106 -7.26 8.31 3.90
C TYR A 106 -7.64 9.10 2.65
N ALA A 107 -7.99 8.37 1.60
CA ALA A 107 -8.37 8.98 0.34
C ALA A 107 -9.86 8.85 0.21
N ARG A 108 -10.50 9.85 -0.37
CA ARG A 108 -11.94 9.82 -0.55
C ARG A 108 -12.29 9.44 -1.96
N VAL A 109 -12.87 8.26 -2.09
CA VAL A 109 -13.26 7.77 -3.39
C VAL A 109 -14.56 8.42 -3.81
N ILE A 110 -14.52 9.08 -4.97
CA ILE A 110 -15.69 9.76 -5.49
C ILE A 110 -16.15 9.10 -6.79
N GLN A 111 -15.77 7.83 -7.01
CA GLN A 111 -16.18 7.15 -8.23
C GLN A 111 -15.61 5.74 -8.28
N LYS A 112 -16.48 4.76 -8.03
CA LYS A 112 -16.09 3.36 -8.07
C LYS A 112 -17.19 2.54 -8.71
N ARG A 113 -17.43 1.36 -8.16
CA ARG A 113 -18.46 0.48 -8.66
C ARG A 113 -18.91 -0.49 -7.57
N VAL A 114 -19.13 -1.74 -7.96
CA VAL A 114 -19.53 -2.79 -7.00
C VAL A 114 -18.76 -4.07 -7.24
N PRO A 115 -17.48 -4.08 -6.95
CA PRO A 115 -16.63 -5.25 -7.13
C PRO A 115 -16.50 -6.02 -5.82
N ASN A 116 -15.74 -7.09 -5.88
CA ASN A 116 -15.51 -7.95 -4.73
C ASN A 116 -14.08 -8.45 -4.72
N ALA A 117 -13.46 -8.44 -3.53
CA ALA A 117 -12.07 -8.89 -3.36
C ALA A 117 -11.78 -10.15 -4.20
N TYR A 118 -12.80 -10.70 -4.83
CA TYR A 118 -12.68 -11.84 -5.69
C TYR A 118 -12.49 -11.39 -7.13
N ASP A 119 -13.43 -10.58 -7.60
CA ASP A 119 -13.43 -10.07 -8.97
C ASP A 119 -12.12 -9.35 -9.27
N LYS A 120 -11.06 -10.14 -9.40
CA LYS A 120 -9.71 -9.64 -9.70
C LYS A 120 -9.11 -9.00 -8.47
N THR A 121 -9.91 -8.91 -7.42
CA THR A 121 -9.48 -8.32 -6.16
C THR A 121 -9.69 -6.82 -6.16
N ALA A 122 -10.90 -6.37 -6.48
CA ALA A 122 -11.19 -4.93 -6.49
C ALA A 122 -12.04 -4.56 -5.25
N LEU A 123 -11.48 -3.75 -4.32
CA LEU A 123 -12.20 -3.37 -3.12
C LEU A 123 -13.58 -2.88 -3.45
N ALA A 124 -14.50 -2.98 -2.49
CA ALA A 124 -15.86 -2.50 -2.72
C ALA A 124 -16.15 -1.19 -1.97
N LEU A 125 -16.36 -0.10 -2.72
CA LEU A 125 -16.63 1.21 -2.10
C LEU A 125 -17.78 1.93 -2.82
N GLU A 126 -18.01 3.18 -2.42
CA GLU A 126 -19.07 4.00 -3.01
C GLU A 126 -18.66 5.46 -3.06
N VAL A 127 -19.21 6.17 -4.02
CA VAL A 127 -18.96 7.57 -4.14
C VAL A 127 -19.37 8.23 -2.83
N GLY A 128 -18.40 8.78 -2.13
CA GLY A 128 -18.65 9.43 -0.86
C GLY A 128 -18.01 8.62 0.25
N GLU A 129 -17.18 7.66 -0.15
CA GLU A 129 -16.45 6.85 0.82
C GLU A 129 -14.98 7.23 0.83
N LEU A 130 -14.13 6.28 1.19
CA LEU A 130 -12.71 6.51 1.24
C LEU A 130 -11.95 5.23 1.48
N VAL A 131 -10.72 5.20 1.01
CA VAL A 131 -9.87 4.03 1.14
C VAL A 131 -8.46 4.46 1.55
N LYS A 132 -7.72 3.54 2.17
CA LYS A 132 -6.34 3.81 2.60
C LYS A 132 -5.35 3.21 1.62
N VAL A 133 -4.81 4.04 0.74
CA VAL A 133 -3.85 3.56 -0.22
C VAL A 133 -2.58 3.11 0.49
N THR A 134 -1.83 2.24 -0.16
CA THR A 134 -0.60 1.76 0.42
C THR A 134 0.32 1.24 -0.67
N LYS A 135 -0.13 0.22 -1.35
CA LYS A 135 0.67 -0.40 -2.39
C LYS A 135 0.60 0.38 -3.68
N ILE A 136 1.74 0.47 -4.37
CA ILE A 136 1.81 1.21 -5.62
C ILE A 136 2.69 0.48 -6.64
N ASN A 137 2.33 0.63 -7.92
CA ASN A 137 3.06 -0.01 -9.00
C ASN A 137 2.49 0.39 -10.36
N MET A 138 2.76 -0.41 -11.38
CA MET A 138 2.26 -0.16 -12.71
C MET A 138 2.60 1.26 -13.15
N SER A 139 1.56 2.02 -13.45
CA SER A 139 1.70 3.39 -13.87
C SER A 139 0.69 4.25 -13.13
N GLY A 140 -0.26 3.61 -12.44
CA GLY A 140 -1.27 4.40 -11.75
C GLY A 140 -2.33 3.56 -11.06
N GLN A 141 -2.84 2.57 -11.76
CA GLN A 141 -3.88 1.71 -11.20
C GLN A 141 -3.31 0.92 -10.05
N TRP A 142 -2.89 1.60 -8.98
CA TRP A 142 -2.32 0.93 -7.84
C TRP A 142 -3.38 0.22 -7.03
N GLU A 143 -2.97 -0.28 -5.86
CA GLU A 143 -3.86 -0.99 -4.94
C GLU A 143 -4.15 -0.16 -3.71
N GLY A 144 -5.15 -0.58 -2.93
CA GLY A 144 -5.52 0.15 -1.73
C GLY A 144 -6.08 -0.76 -0.65
N GLU A 145 -6.62 -0.17 0.43
CA GLU A 145 -7.18 -0.95 1.54
C GLU A 145 -8.20 -0.15 2.33
N CYS A 146 -9.37 -0.76 2.50
CA CYS A 146 -10.47 -0.15 3.23
C CYS A 146 -11.15 -1.20 4.11
N ASN A 147 -10.53 -1.60 5.21
CA ASN A 147 -11.12 -2.62 6.10
C ASN A 147 -10.73 -4.02 5.59
N GLY A 148 -9.50 -4.10 5.11
CA GLY A 148 -8.94 -5.35 4.62
C GLY A 148 -9.21 -5.51 3.14
N LYS A 149 -10.35 -5.01 2.72
CA LYS A 149 -10.75 -5.14 1.33
C LYS A 149 -9.88 -4.28 0.45
N ARG A 150 -8.84 -4.89 -0.08
CA ARG A 150 -7.92 -4.20 -0.95
C ARG A 150 -8.33 -4.42 -2.37
N GLY A 151 -7.72 -3.67 -3.27
CA GLY A 151 -8.01 -3.87 -4.65
C GLY A 151 -7.57 -2.68 -5.48
N HIS A 152 -6.98 -2.97 -6.60
CA HIS A 152 -6.46 -1.89 -7.44
C HIS A 152 -7.57 -1.05 -7.94
N PHE A 153 -7.23 0.04 -8.63
CA PHE A 153 -8.24 0.90 -9.21
C PHE A 153 -7.64 2.25 -9.68
N PRO A 154 -8.13 2.84 -10.78
CA PRO A 154 -7.61 4.16 -11.29
C PRO A 154 -7.66 5.28 -10.24
N PHE A 155 -6.61 6.06 -10.19
CA PHE A 155 -6.55 7.18 -9.25
C PHE A 155 -7.46 8.33 -9.73
N THR A 156 -8.03 8.17 -10.92
CA THR A 156 -8.88 9.19 -11.49
C THR A 156 -10.18 9.37 -10.72
N HIS A 157 -10.36 8.63 -9.61
CA HIS A 157 -11.59 8.72 -8.83
C HIS A 157 -11.30 8.77 -7.34
N VAL A 158 -10.35 9.60 -6.96
CA VAL A 158 -9.99 9.74 -5.55
C VAL A 158 -9.51 11.17 -5.29
N ARG A 159 -9.70 11.65 -4.06
CA ARG A 159 -9.32 13.04 -3.70
C ARG A 159 -8.14 13.12 -2.74
N LEU A 160 -8.25 12.42 -1.63
CA LEU A 160 -7.23 12.41 -0.59
C LEU A 160 -7.47 13.47 0.44
N LEU A 161 -7.65 13.01 1.66
CA LEU A 161 -7.91 13.87 2.79
C LEU A 161 -6.64 14.64 3.11
N ASP A 162 -6.67 15.33 4.24
CA ASP A 162 -5.53 16.12 4.66
C ASP A 162 -4.33 15.23 5.00
N GLN A 163 -4.45 13.95 4.67
CA GLN A 163 -3.37 13.00 4.94
C GLN A 163 -3.06 12.97 6.44
N VAL A 1 4.95 -8.21 16.90
CA VAL A 1 4.02 -7.09 17.19
C VAL A 1 4.80 -5.91 17.72
N GLU A 2 5.62 -6.15 18.73
CA GLU A 2 6.43 -5.10 19.32
C GLU A 2 7.24 -4.38 18.29
N TYR A 3 8.40 -4.94 17.96
CA TYR A 3 9.30 -4.32 17.00
C TYR A 3 8.66 -4.09 15.65
N VAL A 4 8.15 -5.18 15.10
CA VAL A 4 7.48 -5.25 13.81
C VAL A 4 8.45 -5.62 12.69
N ARG A 5 7.91 -6.19 11.61
CA ARG A 5 8.72 -6.58 10.46
C ARG A 5 8.24 -5.87 9.21
N ALA A 6 9.19 -5.20 8.56
CA ALA A 6 8.93 -4.46 7.36
C ALA A 6 9.32 -5.25 6.11
N LEU A 7 8.35 -5.92 5.52
CA LEU A 7 8.60 -6.75 4.35
C LEU A 7 8.06 -6.10 3.07
N PHE A 8 8.13 -4.77 2.99
CA PHE A 8 7.66 -4.04 1.81
C PHE A 8 8.66 -3.00 1.38
N ASP A 9 9.76 -2.92 2.11
CA ASP A 9 10.80 -1.93 1.84
C ASP A 9 10.20 -0.55 1.93
N PHE A 10 10.90 0.41 2.54
CA PHE A 10 10.37 1.78 2.65
C PHE A 10 11.32 2.76 2.01
N ASN A 11 12.59 2.65 2.33
CA ASN A 11 13.59 3.54 1.75
C ASN A 11 13.05 4.96 1.69
N GLY A 12 12.73 5.49 2.86
CA GLY A 12 12.18 6.81 2.95
C GLY A 12 13.19 7.87 2.60
N ASN A 13 12.93 9.05 3.13
CA ASN A 13 13.81 10.19 2.93
C ASN A 13 13.14 11.47 3.44
N ASP A 14 13.44 11.85 4.68
CA ASP A 14 12.86 13.05 5.28
C ASP A 14 13.70 13.52 6.46
N ASP A 15 13.00 14.08 7.45
CA ASP A 15 13.63 14.60 8.66
C ASP A 15 14.07 13.48 9.60
N GLU A 16 14.90 12.59 9.09
CA GLU A 16 15.45 11.44 9.83
C GLU A 16 14.67 10.17 9.54
N ASP A 17 13.74 10.22 8.57
CA ASP A 17 12.93 9.04 8.20
C ASP A 17 13.70 7.74 8.47
N LEU A 18 12.98 6.62 8.55
CA LEU A 18 13.64 5.32 8.80
C LEU A 18 13.66 4.47 7.55
N PRO A 19 14.49 4.76 6.60
CA PRO A 19 14.54 3.95 5.37
C PRO A 19 15.06 2.53 5.66
N PHE A 20 14.22 1.53 5.40
CA PHE A 20 14.59 0.12 5.64
C PHE A 20 14.20 -0.75 4.45
N LYS A 21 14.76 -1.95 4.40
CA LYS A 21 14.52 -2.87 3.28
C LYS A 21 13.43 -3.86 3.63
N LYS A 22 13.66 -5.12 3.31
CA LYS A 22 12.68 -6.14 3.62
C LYS A 22 13.04 -6.81 4.92
N GLY A 23 12.17 -7.69 5.36
CA GLY A 23 12.35 -8.44 6.59
C GLY A 23 13.11 -7.65 7.65
N ASP A 24 13.08 -6.33 7.56
CA ASP A 24 13.74 -5.50 8.52
C ASP A 24 12.98 -5.53 9.84
N ILE A 25 13.72 -5.63 10.93
CA ILE A 25 13.15 -5.65 12.28
C ILE A 25 13.38 -4.28 12.91
N LEU A 26 12.34 -3.47 12.95
CA LEU A 26 12.47 -2.11 13.47
C LEU A 26 11.80 -1.94 14.82
N LYS A 27 12.61 -1.80 15.84
CA LYS A 27 12.09 -1.66 17.19
C LYS A 27 11.28 -0.40 17.33
N ILE A 28 10.16 -0.48 18.06
CA ILE A 28 9.34 0.70 18.27
C ILE A 28 9.92 1.55 19.40
N ARG A 29 10.05 2.84 19.12
CA ARG A 29 10.60 3.80 20.10
C ARG A 29 9.45 4.58 20.77
N ASP A 30 8.50 5.02 19.94
CA ASP A 30 7.34 5.77 20.43
C ASP A 30 6.16 5.62 19.47
N LYS A 31 4.98 5.34 20.01
CA LYS A 31 3.77 5.19 19.19
C LYS A 31 2.85 6.41 19.35
N PRO A 32 3.21 7.56 18.83
CA PRO A 32 2.34 8.78 18.96
C PRO A 32 1.03 8.61 18.19
N GLU A 33 1.16 8.30 16.90
CA GLU A 33 0.00 8.11 16.03
C GLU A 33 -0.27 6.62 15.83
N GLU A 34 -1.21 6.31 14.94
CA GLU A 34 -1.57 4.93 14.64
C GLU A 34 -1.04 4.52 13.27
N GLN A 35 -0.99 5.47 12.33
CA GLN A 35 -0.52 5.19 10.98
C GLN A 35 1.01 5.24 10.89
N TRP A 36 1.63 6.08 11.71
CA TRP A 36 3.09 6.23 11.71
C TRP A 36 3.63 5.87 13.07
N TRP A 37 4.84 5.31 13.13
CA TRP A 37 5.44 4.92 14.39
C TRP A 37 6.92 5.22 14.38
N ASN A 38 7.39 5.86 15.44
CA ASN A 38 8.81 6.19 15.55
C ASN A 38 9.57 4.96 16.03
N ALA A 39 10.29 4.34 15.11
CA ALA A 39 11.03 3.11 15.38
C ALA A 39 12.53 3.34 15.24
N GLU A 40 13.31 2.31 15.58
CA GLU A 40 14.76 2.38 15.46
C GLU A 40 15.26 1.25 14.56
N ASP A 41 16.10 1.60 13.60
CA ASP A 41 16.63 0.60 12.69
C ASP A 41 17.32 -0.51 13.46
N MET A 42 17.58 -1.60 12.77
CA MET A 42 18.26 -2.71 13.37
C MET A 42 19.74 -2.37 13.54
N ASP A 43 20.13 -1.20 13.03
CA ASP A 43 21.52 -0.77 13.11
C ASP A 43 21.77 0.16 14.27
N GLY A 44 20.74 0.88 14.66
CA GLY A 44 20.83 1.84 15.73
C GLY A 44 20.57 3.21 15.15
N LYS A 45 19.49 3.29 14.38
CA LYS A 45 19.07 4.57 13.79
C LYS A 45 17.63 4.84 14.10
N ARG A 46 17.34 6.02 14.62
CA ARG A 46 15.98 6.39 14.99
C ARG A 46 15.35 7.31 13.97
N GLY A 47 14.18 6.90 13.49
CA GLY A 47 13.46 7.67 12.48
C GLY A 47 12.00 7.21 12.34
N MET A 48 11.17 8.08 11.77
CA MET A 48 9.76 7.78 11.55
C MET A 48 9.60 6.67 10.52
N ILE A 49 8.44 6.02 10.52
CA ILE A 49 8.19 4.97 9.51
C ILE A 49 6.69 4.68 9.33
N PRO A 50 6.27 4.31 8.13
CA PRO A 50 4.85 3.96 7.87
C PRO A 50 4.53 2.63 8.53
N VAL A 51 3.54 2.64 9.41
CA VAL A 51 3.14 1.43 10.10
C VAL A 51 2.73 0.32 9.10
N PRO A 52 1.83 0.58 8.17
CA PRO A 52 1.34 -0.47 7.20
C PRO A 52 2.45 -1.23 6.48
N TYR A 53 3.58 -0.60 6.32
CA TYR A 53 4.73 -1.24 5.63
C TYR A 53 5.24 -2.44 6.40
N VAL A 54 4.52 -2.82 7.45
CA VAL A 54 4.93 -3.93 8.29
C VAL A 54 3.75 -4.87 8.55
N GLU A 55 4.01 -6.01 9.18
CA GLU A 55 2.96 -6.96 9.46
C GLU A 55 3.14 -7.60 10.82
N LYS A 56 3.54 -6.79 11.79
CA LYS A 56 3.74 -7.28 13.15
C LYS A 56 4.66 -8.50 13.15
N CYS A 57 5.80 -8.36 13.81
CA CYS A 57 6.76 -9.46 13.89
C CYS A 57 6.06 -10.75 14.27
N ARG A 58 6.74 -11.87 14.07
CA ARG A 58 6.18 -13.19 14.37
C ARG A 58 5.02 -13.51 13.43
N PRO A 59 5.25 -14.18 12.32
CA PRO A 59 4.17 -14.52 11.34
C PRO A 59 2.92 -15.09 12.00
N SER A 60 3.02 -16.29 12.56
CA SER A 60 1.89 -16.93 13.21
C SER A 60 0.79 -17.24 12.20
N SER A 61 1.17 -17.60 10.99
CA SER A 61 0.21 -17.93 9.94
C SER A 61 -0.95 -16.94 9.95
N ALA A 62 -0.65 -15.67 10.22
CA ALA A 62 -1.67 -14.63 10.27
C ALA A 62 -1.32 -13.48 9.31
N SER A 63 -0.59 -12.49 9.84
CA SER A 63 -0.19 -11.34 9.04
C SER A 63 -1.41 -10.64 8.43
N VAL A 64 -1.33 -9.32 8.31
CA VAL A 64 -2.43 -8.56 7.74
C VAL A 64 -2.60 -8.87 6.25
N SER A 65 -1.48 -8.97 5.53
CA SER A 65 -1.50 -9.25 4.10
C SER A 65 -0.44 -10.27 3.73
N THR A 66 0.13 -10.93 4.73
CA THR A 66 1.17 -11.93 4.49
C THR A 66 2.18 -11.40 3.48
N LEU A 67 2.62 -12.28 2.57
CA LEU A 67 3.59 -11.90 1.55
C LEU A 67 2.88 -11.29 0.34
N THR A 68 3.62 -10.49 -0.43
CA THR A 68 3.06 -9.85 -1.61
C THR A 68 2.58 -10.90 -2.61
N GLY A 69 3.38 -11.94 -2.81
CA GLY A 69 3.02 -13.00 -3.73
C GLY A 69 1.84 -13.80 -3.20
N GLY A 70 2.11 -14.65 -2.20
CA GLY A 70 1.07 -15.46 -1.61
C GLY A 70 0.31 -16.25 -2.69
N ASN A 71 -0.91 -15.80 -2.98
CA ASN A 71 -1.72 -16.47 -3.99
C ASN A 71 -1.05 -16.39 -5.35
N GLN A 72 -1.70 -15.73 -6.31
CA GLN A 72 -1.16 -15.58 -7.66
C GLN A 72 -1.53 -14.22 -8.24
N ASP A 73 -0.67 -13.71 -9.12
CA ASP A 73 -0.92 -12.42 -9.74
C ASP A 73 -0.13 -12.29 -11.04
N SER A 74 -0.37 -11.21 -11.78
CA SER A 74 0.33 -10.98 -13.03
C SER A 74 0.02 -12.08 -14.03
N SER A 75 -0.49 -11.68 -15.21
CA SER A 75 -0.84 -12.64 -16.26
C SER A 75 -0.51 -12.07 -17.63
N HIS A 76 0.09 -12.91 -18.47
CA HIS A 76 0.44 -12.50 -19.83
C HIS A 76 -0.79 -12.54 -20.73
N PRO A 77 -1.38 -13.70 -20.95
CA PRO A 77 -2.57 -13.83 -21.82
C PRO A 77 -3.70 -12.91 -21.37
N GLN A 78 -4.17 -12.07 -22.29
CA GLN A 78 -5.25 -11.13 -22.00
C GLN A 78 -6.18 -11.00 -23.22
N PRO A 79 -7.05 -11.96 -23.41
CA PRO A 79 -8.00 -11.95 -24.55
C PRO A 79 -8.86 -10.68 -24.57
N LEU A 80 -9.18 -10.21 -25.77
CA LEU A 80 -9.99 -9.00 -25.91
C LEU A 80 -11.47 -9.35 -25.82
N GLY A 81 -11.76 -10.50 -25.22
CA GLY A 81 -13.14 -10.94 -25.05
C GLY A 81 -13.91 -9.99 -24.14
N GLY A 82 -13.21 -9.44 -23.15
CA GLY A 82 -13.83 -8.53 -22.20
C GLY A 82 -13.80 -7.10 -22.73
N PRO A 83 -14.44 -6.19 -22.03
CA PRO A 83 -14.49 -4.75 -22.43
C PRO A 83 -13.13 -4.07 -22.29
N GLU A 84 -12.88 -3.08 -23.14
CA GLU A 84 -11.61 -2.35 -23.11
C GLU A 84 -11.82 -0.91 -23.59
N PRO A 85 -12.56 -0.14 -22.85
CA PRO A 85 -12.86 1.28 -23.19
C PRO A 85 -11.69 2.20 -22.83
N GLY A 86 -11.99 3.48 -22.61
CA GLY A 86 -10.95 4.45 -22.26
C GLY A 86 -10.34 5.09 -23.50
N PRO A 87 -9.24 5.81 -23.35
CA PRO A 87 -8.57 6.49 -24.50
C PRO A 87 -7.87 5.49 -25.43
N TYR A 88 -6.88 4.78 -24.90
CA TYR A 88 -6.13 3.81 -25.68
C TYR A 88 -5.80 2.58 -24.84
N ALA A 89 -5.49 1.47 -25.50
CA ALA A 89 -5.15 0.25 -24.80
C ALA A 89 -4.20 0.54 -23.63
N GLN A 90 -4.76 0.72 -22.45
CA GLN A 90 -3.97 1.02 -21.25
C GLN A 90 -4.53 0.30 -20.03
N PRO A 91 -3.98 -0.82 -19.63
CA PRO A 91 -4.47 -1.55 -18.42
C PRO A 91 -4.56 -0.64 -17.20
N SER A 92 -5.55 0.25 -17.22
CA SER A 92 -5.76 1.20 -16.12
C SER A 92 -6.68 2.33 -16.53
N ILE A 93 -6.51 2.81 -17.74
CA ILE A 93 -7.29 3.92 -18.24
C ILE A 93 -7.06 5.15 -17.39
N ASN A 94 -5.86 5.71 -17.53
CA ASN A 94 -5.47 6.92 -16.80
C ASN A 94 -5.08 6.57 -15.37
N THR A 95 -4.00 5.82 -15.22
CA THR A 95 -3.57 5.37 -13.90
C THR A 95 -3.45 6.52 -12.91
N PRO A 96 -3.14 6.21 -11.66
CA PRO A 96 -3.01 7.22 -10.60
C PRO A 96 -1.62 7.82 -10.59
N LEU A 97 -1.52 9.04 -10.08
CA LEU A 97 -0.25 9.75 -10.04
C LEU A 97 0.44 9.55 -8.69
N PRO A 98 1.71 9.86 -8.57
CA PRO A 98 2.45 9.71 -7.29
C PRO A 98 2.04 10.79 -6.30
N ASN A 99 0.80 10.71 -5.81
CA ASN A 99 0.30 11.70 -4.86
C ASN A 99 0.58 11.28 -3.44
N LEU A 100 1.50 10.35 -3.30
CA LEU A 100 1.88 9.87 -1.99
C LEU A 100 2.72 10.93 -1.28
N GLN A 101 3.91 10.53 -0.83
CA GLN A 101 4.80 11.43 -0.13
C GLN A 101 4.11 12.04 1.10
N ASN A 102 2.83 11.75 1.25
CA ASN A 102 2.03 12.24 2.36
C ASN A 102 1.74 11.09 3.32
N GLY A 103 1.12 10.04 2.80
CA GLY A 103 0.79 8.86 3.59
C GLY A 103 1.85 7.88 3.58
N PRO A 104 1.53 6.70 3.97
CA PRO A 104 0.16 6.20 4.41
C PRO A 104 -0.63 7.09 5.39
N PHE A 105 -1.58 7.85 4.83
CA PHE A 105 -2.47 8.69 5.59
C PHE A 105 -3.89 8.17 5.41
N TYR A 106 -4.85 9.01 5.02
CA TYR A 106 -6.21 8.54 4.85
C TYR A 106 -6.85 9.25 3.67
N ALA A 107 -7.41 8.45 2.77
CA ALA A 107 -8.07 8.95 1.60
C ALA A 107 -9.56 8.82 1.77
N ARG A 108 -10.29 8.89 0.68
CA ARG A 108 -11.71 8.75 0.74
C ARG A 108 -12.17 8.41 -0.64
N VAL A 109 -12.33 7.14 -0.88
CA VAL A 109 -12.73 6.72 -2.18
C VAL A 109 -14.16 7.12 -2.42
N ILE A 110 -14.39 7.79 -3.56
CA ILE A 110 -15.74 8.25 -3.91
C ILE A 110 -16.17 7.71 -5.26
N GLN A 111 -15.44 6.73 -5.78
CA GLN A 111 -15.76 6.17 -7.08
C GLN A 111 -14.91 4.90 -7.28
N LYS A 112 -15.58 3.77 -7.35
CA LYS A 112 -14.89 2.50 -7.56
C LYS A 112 -15.87 1.46 -8.08
N ARG A 113 -15.67 0.22 -7.66
CA ARG A 113 -16.53 -0.86 -8.08
C ARG A 113 -16.48 -1.98 -7.05
N VAL A 114 -16.48 -3.22 -7.53
CA VAL A 114 -16.39 -4.37 -6.63
C VAL A 114 -15.37 -5.37 -7.15
N PRO A 115 -14.11 -5.01 -7.17
CA PRO A 115 -13.05 -5.90 -7.66
C PRO A 115 -12.42 -6.71 -6.53
N ASN A 116 -11.51 -7.58 -6.90
CA ASN A 116 -10.83 -8.41 -5.95
C ASN A 116 -9.43 -8.71 -6.43
N ALA A 117 -8.49 -8.80 -5.50
CA ALA A 117 -7.08 -9.06 -5.81
C ALA A 117 -6.89 -10.09 -6.94
N TYR A 118 -7.99 -10.65 -7.39
CA TYR A 118 -8.01 -11.62 -8.47
C TYR A 118 -8.21 -10.92 -9.80
N ASP A 119 -9.27 -10.14 -9.86
CA ASP A 119 -9.62 -9.42 -11.09
C ASP A 119 -8.42 -8.73 -11.71
N LYS A 120 -7.89 -7.75 -11.00
CA LYS A 120 -6.74 -6.98 -11.48
C LYS A 120 -5.89 -6.52 -10.31
N THR A 121 -5.84 -7.34 -9.27
CA THR A 121 -5.06 -7.02 -8.08
C THR A 121 -5.74 -5.89 -7.31
N ALA A 122 -6.68 -5.24 -7.97
CA ALA A 122 -7.40 -4.12 -7.37
C ALA A 122 -7.98 -4.46 -6.01
N LEU A 123 -8.36 -3.43 -5.23
CA LEU A 123 -8.93 -3.60 -3.89
C LEU A 123 -10.44 -3.40 -3.91
N ALA A 124 -11.17 -4.08 -3.02
CA ALA A 124 -12.63 -3.94 -2.97
C ALA A 124 -13.07 -2.78 -2.09
N LEU A 125 -13.69 -1.75 -2.70
CA LEU A 125 -14.18 -0.60 -1.91
C LEU A 125 -15.54 -0.13 -2.42
N GLU A 126 -16.03 0.95 -1.81
CA GLU A 126 -17.30 1.53 -2.18
C GLU A 126 -17.26 3.04 -2.02
N VAL A 127 -17.99 3.72 -2.89
CA VAL A 127 -18.08 5.15 -2.86
C VAL A 127 -18.51 5.64 -1.49
N GLY A 128 -17.56 6.13 -0.72
CA GLY A 128 -17.83 6.63 0.61
C GLY A 128 -17.04 5.84 1.62
N GLU A 129 -16.16 4.98 1.11
CA GLU A 129 -15.31 4.19 2.00
C GLU A 129 -14.04 4.98 2.28
N LEU A 130 -12.88 4.39 2.03
CA LEU A 130 -11.58 5.04 2.25
C LEU A 130 -10.52 3.95 2.30
N VAL A 131 -9.38 4.28 1.71
CA VAL A 131 -8.25 3.38 1.60
C VAL A 131 -6.99 4.12 2.05
N LYS A 132 -6.14 3.41 2.76
CA LYS A 132 -4.91 3.98 3.27
C LYS A 132 -3.76 3.60 2.37
N VAL A 133 -3.51 4.36 1.33
CA VAL A 133 -2.45 4.00 0.44
C VAL A 133 -1.14 3.81 1.20
N THR A 134 -0.26 2.97 0.68
CA THR A 134 1.02 2.71 1.34
C THR A 134 2.07 2.28 0.32
N LYS A 135 1.75 1.26 -0.46
CA LYS A 135 2.70 0.74 -1.43
C LYS A 135 2.72 1.55 -2.73
N ILE A 136 3.92 1.98 -3.13
CA ILE A 136 4.06 2.74 -4.37
C ILE A 136 5.28 2.29 -5.19
N ASN A 137 5.01 1.98 -6.46
CA ASN A 137 6.03 1.53 -7.40
C ASN A 137 5.60 1.86 -8.82
N MET A 138 6.32 1.29 -9.78
CA MET A 138 6.02 1.46 -11.18
C MET A 138 6.20 2.90 -11.64
N SER A 139 5.15 3.47 -12.19
CA SER A 139 5.14 4.83 -12.65
C SER A 139 3.83 5.49 -12.32
N GLY A 140 2.85 4.72 -11.82
CA GLY A 140 1.57 5.32 -11.55
C GLY A 140 0.60 4.38 -10.88
N GLN A 141 0.44 3.20 -11.47
CA GLN A 141 -0.49 2.20 -10.93
C GLN A 141 -0.05 1.81 -9.53
N TRP A 142 -0.05 2.76 -8.58
CA TRP A 142 0.38 2.44 -7.24
C TRP A 142 -0.59 1.48 -6.57
N GLU A 143 -0.27 1.07 -5.34
CA GLU A 143 -1.11 0.15 -4.60
C GLU A 143 -1.38 0.67 -3.20
N GLY A 144 -2.48 0.23 -2.57
CA GLY A 144 -2.83 0.74 -1.25
C GLY A 144 -3.21 -0.35 -0.25
N GLU A 145 -4.20 -0.03 0.59
CA GLU A 145 -4.69 -0.96 1.61
C GLU A 145 -5.99 -0.49 2.26
N CYS A 146 -6.93 -1.43 2.38
CA CYS A 146 -8.24 -1.16 2.95
C CYS A 146 -8.73 -2.41 3.71
N ASN A 147 -8.15 -2.72 4.87
CA ASN A 147 -8.55 -3.90 5.65
C ASN A 147 -7.85 -5.16 5.11
N GLY A 148 -6.63 -4.95 4.59
CA GLY A 148 -5.82 -6.04 4.06
C GLY A 148 -5.97 -6.14 2.56
N LYS A 149 -7.15 -5.84 2.07
CA LYS A 149 -7.44 -5.93 0.66
C LYS A 149 -6.67 -4.90 -0.11
N ARG A 150 -5.40 -5.14 -0.27
CA ARG A 150 -4.59 -4.24 -1.00
C ARG A 150 -4.92 -4.38 -2.47
N GLY A 151 -4.39 -3.48 -3.24
CA GLY A 151 -4.61 -3.47 -4.67
C GLY A 151 -4.14 -2.14 -5.23
N HIS A 152 -4.69 -1.75 -6.35
CA HIS A 152 -4.36 -0.48 -7.02
C HIS A 152 -5.63 0.21 -7.49
N PHE A 153 -5.49 1.41 -8.04
CA PHE A 153 -6.68 2.13 -8.56
C PHE A 153 -6.33 3.58 -8.97
N PRO A 154 -6.62 4.00 -10.20
CA PRO A 154 -6.37 5.41 -10.62
C PRO A 154 -6.84 6.47 -9.60
N PHE A 155 -6.12 7.59 -9.55
CA PHE A 155 -6.41 8.67 -8.63
C PHE A 155 -7.66 9.43 -9.07
N THR A 156 -8.17 9.07 -10.24
CA THR A 156 -9.37 9.69 -10.80
C THR A 156 -10.58 9.50 -9.87
N HIS A 157 -10.34 8.93 -8.69
CA HIS A 157 -11.42 8.71 -7.73
C HIS A 157 -10.95 8.58 -6.29
N VAL A 158 -10.55 9.68 -5.69
CA VAL A 158 -10.14 9.66 -4.30
C VAL A 158 -10.06 11.10 -3.77
N ARG A 159 -10.35 11.29 -2.48
CA ARG A 159 -10.31 12.65 -1.89
C ARG A 159 -9.42 12.66 -0.64
N LEU A 160 -8.11 12.60 -0.85
CA LEU A 160 -7.16 12.59 0.28
C LEU A 160 -7.59 13.54 1.39
N LEU A 161 -7.66 12.99 2.59
CA LEU A 161 -8.03 13.74 3.76
C LEU A 161 -6.86 14.59 4.24
N ASP A 162 -7.05 15.24 5.38
CA ASP A 162 -6.02 16.10 5.96
C ASP A 162 -5.22 15.35 7.03
N GLN A 163 -5.17 14.02 6.91
CA GLN A 163 -4.43 13.20 7.86
C GLN A 163 -5.02 13.34 9.25
N VAL A 1 9.69 -2.13 23.43
CA VAL A 1 9.76 -3.37 22.64
C VAL A 1 8.67 -3.36 21.57
N GLU A 2 9.04 -3.74 20.34
CA GLU A 2 8.09 -3.77 19.25
C GLU A 2 8.66 -4.57 18.08
N TYR A 3 7.83 -4.82 17.08
CA TYR A 3 8.25 -5.56 15.90
C TYR A 3 7.05 -5.83 14.99
N VAL A 4 7.31 -5.91 13.68
CA VAL A 4 6.24 -6.16 12.71
C VAL A 4 6.83 -6.82 11.47
N ARG A 5 5.95 -7.25 10.55
CA ARG A 5 6.40 -7.90 9.32
C ARG A 5 5.79 -7.21 8.11
N ALA A 6 6.66 -6.85 7.18
CA ALA A 6 6.24 -6.18 5.97
C ALA A 6 6.09 -7.16 4.81
N LEU A 7 4.87 -7.65 4.64
CA LEU A 7 4.57 -8.61 3.57
C LEU A 7 3.94 -7.93 2.36
N PHE A 8 4.38 -6.70 2.06
CA PHE A 8 3.85 -5.97 0.92
C PHE A 8 4.97 -5.30 0.14
N ASP A 9 6.19 -5.54 0.58
CA ASP A 9 7.38 -4.96 -0.04
C ASP A 9 7.26 -3.43 -0.05
N PHE A 10 8.35 -2.71 0.18
CA PHE A 10 8.29 -1.23 0.17
C PHE A 10 9.45 -0.68 -0.62
N ASN A 11 10.63 -1.24 -0.38
CA ASN A 11 11.84 -0.82 -1.08
C ASN A 11 11.79 0.68 -1.36
N GLY A 12 11.74 1.47 -0.31
CA GLY A 12 11.67 2.89 -0.46
C GLY A 12 12.94 3.42 -1.10
N ASN A 13 13.45 4.52 -0.56
CA ASN A 13 14.68 5.12 -1.07
C ASN A 13 14.89 6.51 -0.47
N ASP A 14 15.59 6.58 0.67
CA ASP A 14 15.87 7.86 1.33
C ASP A 14 16.43 7.62 2.73
N ASP A 15 16.54 8.69 3.51
CA ASP A 15 17.02 8.60 4.89
C ASP A 15 15.84 8.47 5.84
N GLU A 16 14.67 8.93 5.37
CA GLU A 16 13.45 8.87 6.18
C GLU A 16 12.53 7.74 5.70
N ASP A 17 13.12 6.75 5.05
CA ASP A 17 12.35 5.60 4.57
C ASP A 17 13.06 4.31 4.97
N LEU A 18 12.30 3.25 5.22
CA LEU A 18 12.90 1.97 5.59
C LEU A 18 12.59 0.92 4.53
N PRO A 19 13.38 0.82 3.50
CA PRO A 19 13.11 -0.16 2.41
C PRO A 19 13.22 -1.62 2.88
N PHE A 20 12.29 -2.45 2.40
CA PHE A 20 12.26 -3.87 2.74
C PHE A 20 11.51 -4.67 1.69
N LYS A 21 11.74 -5.99 1.65
CA LYS A 21 11.09 -6.86 0.66
C LYS A 21 10.54 -8.12 1.30
N LYS A 22 11.46 -8.91 1.82
CA LYS A 22 11.12 -10.20 2.43
C LYS A 22 10.70 -10.04 3.88
N GLY A 23 9.39 -9.90 4.11
CA GLY A 23 8.80 -9.77 5.45
C GLY A 23 9.85 -9.48 6.51
N ASP A 24 10.62 -8.44 6.26
CA ASP A 24 11.68 -8.07 7.17
C ASP A 24 11.08 -7.65 8.49
N ILE A 25 11.77 -8.00 9.55
CA ILE A 25 11.34 -7.67 10.89
C ILE A 25 11.92 -6.32 11.24
N LEU A 26 11.03 -5.32 11.28
CA LEU A 26 11.45 -3.95 11.54
C LEU A 26 10.85 -3.45 12.84
N LYS A 27 11.71 -3.13 13.79
CA LYS A 27 11.24 -2.64 15.08
C LYS A 27 10.77 -1.21 14.95
N ILE A 28 9.76 -0.84 15.74
CA ILE A 28 9.24 0.53 15.69
C ILE A 28 10.19 1.50 16.38
N ARG A 29 10.45 1.25 17.63
CA ARG A 29 11.32 2.11 18.43
C ARG A 29 10.63 3.44 18.71
N ASP A 30 10.13 4.08 17.66
CA ASP A 30 9.43 5.36 17.79
C ASP A 30 8.31 5.48 16.76
N LYS A 31 7.08 5.64 17.24
CA LYS A 31 5.91 5.77 16.35
C LYS A 31 5.21 7.11 16.57
N PRO A 32 5.65 8.17 15.92
CA PRO A 32 5.02 9.51 16.09
C PRO A 32 3.63 9.58 15.46
N GLU A 33 3.42 8.80 14.41
CA GLU A 33 2.15 8.77 13.69
C GLU A 33 1.54 7.37 13.72
N GLU A 34 0.25 7.29 13.47
CA GLU A 34 -0.44 6.03 13.46
C GLU A 34 -0.30 5.34 12.11
N GLN A 35 -0.45 6.11 11.04
CA GLN A 35 -0.35 5.57 9.69
C GLN A 35 1.10 5.29 9.32
N TRP A 36 2.03 6.07 9.88
CA TRP A 36 3.45 5.90 9.60
C TRP A 36 4.17 5.58 10.89
N TRP A 37 5.28 4.84 10.81
CA TRP A 37 6.02 4.47 12.02
C TRP A 37 7.51 4.49 11.73
N ASN A 38 8.27 5.14 12.60
CA ASN A 38 9.70 5.18 12.45
C ASN A 38 10.26 3.90 12.99
N ALA A 39 10.90 3.10 12.14
CA ALA A 39 11.44 1.81 12.57
C ALA A 39 12.91 1.71 12.18
N GLU A 40 13.55 0.59 12.56
CA GLU A 40 14.94 0.35 12.24
C GLU A 40 15.08 -0.96 11.46
N ASP A 41 15.86 -0.92 10.38
CA ASP A 41 16.07 -2.10 9.56
C ASP A 41 16.66 -3.23 10.38
N MET A 42 16.70 -4.40 9.76
CA MET A 42 17.29 -5.57 10.39
C MET A 42 18.81 -5.49 10.30
N ASP A 43 19.31 -4.41 9.71
CA ASP A 43 20.77 -4.23 9.55
C ASP A 43 21.33 -3.22 10.52
N GLY A 44 20.50 -2.27 10.90
CA GLY A 44 20.90 -1.21 11.78
C GLY A 44 20.76 0.11 11.05
N LYS A 45 19.61 0.27 10.43
CA LYS A 45 19.30 1.50 9.68
C LYS A 45 17.96 2.04 10.12
N ARG A 46 17.93 3.34 10.42
CA ARG A 46 16.71 3.98 10.88
C ARG A 46 16.00 4.73 9.75
N GLY A 47 14.78 4.34 9.52
CA GLY A 47 13.97 4.94 8.46
C GLY A 47 12.47 4.73 8.66
N MET A 48 11.69 5.66 8.10
CA MET A 48 10.24 5.60 8.21
C MET A 48 9.66 4.51 7.33
N ILE A 49 8.41 4.16 7.63
CA ILE A 49 7.74 3.14 6.84
C ILE A 49 6.21 3.24 6.93
N PRO A 50 5.51 2.93 5.84
CA PRO A 50 4.02 2.94 5.85
C PRO A 50 3.50 1.77 6.71
N VAL A 51 2.87 2.07 7.84
CA VAL A 51 2.35 1.01 8.72
C VAL A 51 1.56 -0.04 7.93
N PRO A 52 0.60 0.33 7.12
CA PRO A 52 -0.23 -0.65 6.33
C PRO A 52 0.62 -1.70 5.63
N TYR A 53 1.83 -1.34 5.24
CA TYR A 53 2.70 -2.28 4.55
C TYR A 53 3.13 -3.41 5.49
N VAL A 54 2.74 -3.31 6.76
CA VAL A 54 3.09 -4.34 7.74
C VAL A 54 1.86 -4.79 8.50
N GLU A 55 1.95 -5.97 9.13
CA GLU A 55 0.83 -6.52 9.89
C GLU A 55 1.17 -6.65 11.37
N LYS A 56 2.14 -7.50 11.66
CA LYS A 56 2.59 -7.73 13.03
C LYS A 56 3.75 -8.71 13.05
N CYS A 57 4.15 -9.11 14.25
CA CYS A 57 5.24 -10.06 14.42
C CYS A 57 5.36 -10.45 15.89
N ARG A 58 4.34 -11.11 16.41
CA ARG A 58 4.35 -11.52 17.82
C ARG A 58 5.28 -12.73 18.01
N PRO A 59 5.89 -12.86 19.18
CA PRO A 59 6.80 -14.01 19.47
C PRO A 59 6.29 -15.32 18.88
N SER A 60 4.97 -15.46 18.81
CA SER A 60 4.36 -16.69 18.28
C SER A 60 4.70 -16.86 16.80
N SER A 61 3.77 -16.48 15.93
CA SER A 61 3.97 -16.61 14.49
C SER A 61 5.08 -15.67 14.03
N ALA A 62 6.33 -16.09 14.22
CA ALA A 62 7.48 -15.27 13.81
C ALA A 62 8.77 -15.87 14.35
N SER A 63 9.59 -16.43 13.46
CA SER A 63 10.85 -17.02 13.86
C SER A 63 11.74 -17.26 12.64
N VAL A 64 12.32 -18.46 12.56
CA VAL A 64 13.18 -18.80 11.45
C VAL A 64 12.49 -18.53 10.13
N SER A 65 13.28 -18.39 9.06
CA SER A 65 12.72 -18.13 7.74
C SER A 65 11.58 -19.09 7.45
N THR A 66 10.60 -18.64 6.70
CA THR A 66 9.45 -19.46 6.35
C THR A 66 8.81 -18.98 5.06
N LEU A 67 9.25 -19.53 3.91
CA LEU A 67 8.72 -19.16 2.60
C LEU A 67 8.03 -17.79 2.64
N THR A 68 8.82 -16.76 2.92
CA THR A 68 8.29 -15.39 3.00
C THR A 68 9.05 -14.47 2.04
N GLY A 69 8.36 -14.04 1.00
CA GLY A 69 8.96 -13.16 0.02
C GLY A 69 7.95 -12.78 -1.06
N GLY A 70 8.09 -13.39 -2.24
CA GLY A 70 7.18 -13.11 -3.34
C GLY A 70 6.00 -14.07 -3.34
N ASN A 71 5.11 -13.92 -2.36
CA ASN A 71 3.95 -14.79 -2.24
C ASN A 71 2.79 -14.22 -3.06
N GLN A 72 2.64 -14.71 -4.28
CA GLN A 72 1.57 -14.25 -5.16
C GLN A 72 0.21 -14.68 -4.62
N ASP A 73 -0.61 -13.71 -4.25
CA ASP A 73 -1.94 -14.01 -3.70
C ASP A 73 -3.00 -13.95 -4.81
N SER A 74 -3.54 -15.11 -5.16
CA SER A 74 -4.56 -15.18 -6.21
C SER A 74 -4.15 -14.33 -7.41
N SER A 75 -4.55 -13.06 -7.40
CA SER A 75 -4.23 -12.15 -8.50
C SER A 75 -3.66 -10.85 -7.94
N HIS A 76 -2.82 -10.19 -8.75
CA HIS A 76 -2.19 -8.94 -8.36
C HIS A 76 -1.04 -8.61 -9.32
N PRO A 77 -0.19 -9.57 -9.64
CA PRO A 77 0.97 -9.32 -10.53
C PRO A 77 0.57 -9.34 -12.01
N GLN A 78 0.44 -8.16 -12.58
CA GLN A 78 0.07 -8.03 -13.99
C GLN A 78 0.12 -6.57 -14.41
N PRO A 79 1.26 -5.93 -14.27
CA PRO A 79 1.43 -4.49 -14.65
C PRO A 79 1.25 -4.26 -16.14
N LEU A 80 0.80 -3.06 -16.50
CA LEU A 80 0.58 -2.71 -17.90
C LEU A 80 -0.12 -3.86 -18.64
N GLY A 81 -1.40 -4.06 -18.33
CA GLY A 81 -2.20 -5.12 -18.96
C GLY A 81 -3.24 -4.53 -19.90
N GLY A 82 -2.83 -3.57 -20.71
CA GLY A 82 -3.74 -2.95 -21.66
C GLY A 82 -4.67 -1.96 -20.95
N PRO A 83 -4.21 -0.77 -20.69
CA PRO A 83 -5.03 0.28 -20.01
C PRO A 83 -6.31 0.59 -20.78
N GLU A 84 -7.33 0.99 -20.04
CA GLU A 84 -8.64 1.30 -20.64
C GLU A 84 -9.38 2.31 -19.76
N PRO A 85 -9.73 1.94 -18.55
CA PRO A 85 -10.47 2.85 -17.62
C PRO A 85 -9.70 4.13 -17.34
N GLY A 86 -10.41 5.25 -17.27
CA GLY A 86 -9.79 6.55 -17.01
C GLY A 86 -10.24 7.59 -18.05
N PRO A 87 -9.53 8.69 -18.14
CA PRO A 87 -9.86 9.76 -19.11
C PRO A 87 -9.36 9.45 -20.52
N TYR A 88 -8.07 9.69 -20.74
CA TYR A 88 -7.48 9.41 -22.05
C TYR A 88 -5.97 9.58 -21.99
N ALA A 89 -5.26 8.75 -22.74
CA ALA A 89 -3.79 8.83 -22.75
C ALA A 89 -3.36 10.27 -22.95
N GLN A 90 -2.97 10.94 -21.86
CA GLN A 90 -2.54 12.33 -21.93
C GLN A 90 -1.31 12.57 -21.05
N PRO A 91 -0.59 13.64 -21.26
CA PRO A 91 0.62 13.97 -20.44
C PRO A 91 0.35 13.87 -18.94
N SER A 92 -0.93 13.99 -18.56
CA SER A 92 -1.31 13.89 -17.16
C SER A 92 -2.72 14.41 -16.96
N ILE A 93 -2.81 15.72 -16.71
CA ILE A 93 -4.07 16.39 -16.47
C ILE A 93 -4.77 15.82 -15.24
N ASN A 94 -5.04 14.53 -15.28
CA ASN A 94 -5.69 13.86 -14.17
C ASN A 94 -5.67 12.35 -14.38
N THR A 95 -4.47 11.81 -14.60
CA THR A 95 -4.34 10.37 -14.84
C THR A 95 -4.87 9.56 -13.66
N PRO A 96 -5.35 8.36 -13.89
CA PRO A 96 -5.90 7.49 -12.81
C PRO A 96 -4.81 7.02 -11.84
N LEU A 97 -4.09 7.97 -11.23
CA LEU A 97 -3.03 7.63 -10.28
C LEU A 97 -3.07 8.46 -8.99
N PRO A 98 -3.01 7.84 -7.81
CA PRO A 98 -2.98 8.57 -6.53
C PRO A 98 -1.56 9.04 -6.21
N ASN A 99 -0.58 8.21 -6.56
CA ASN A 99 0.82 8.52 -6.29
C ASN A 99 1.08 8.39 -4.79
N LEU A 100 1.86 7.38 -4.39
CA LEU A 100 2.18 7.17 -2.97
C LEU A 100 2.50 8.50 -2.32
N GLN A 101 3.81 8.75 -2.13
CA GLN A 101 4.30 9.98 -1.55
C GLN A 101 3.37 10.42 -0.42
N ASN A 102 2.22 10.95 -0.79
CA ASN A 102 1.23 11.35 0.18
C ASN A 102 0.97 10.17 1.11
N GLY A 103 0.14 9.23 0.65
CA GLY A 103 -0.20 8.05 1.43
C GLY A 103 0.87 7.08 1.57
N PRO A 104 0.54 6.01 2.21
CA PRO A 104 -0.80 5.73 2.89
C PRO A 104 -1.27 6.80 3.88
N PHE A 105 -2.49 7.25 3.69
CA PHE A 105 -3.10 8.22 4.55
C PHE A 105 -4.59 8.03 4.46
N TYR A 106 -5.34 9.02 4.00
CA TYR A 106 -6.77 8.88 3.93
C TYR A 106 -7.28 9.55 2.66
N ALA A 107 -7.98 8.77 1.84
CA ALA A 107 -8.53 9.26 0.57
C ALA A 107 -10.03 9.25 0.67
N ARG A 108 -10.70 10.14 -0.03
CA ARG A 108 -12.15 10.18 0.03
C ARG A 108 -12.72 9.79 -1.31
N VAL A 109 -13.20 8.56 -1.39
CA VAL A 109 -13.76 8.08 -2.63
C VAL A 109 -15.13 8.69 -2.87
N ILE A 110 -15.25 9.38 -4.01
CA ILE A 110 -16.52 10.02 -4.37
C ILE A 110 -17.10 9.37 -5.63
N GLN A 111 -16.72 8.13 -5.90
CA GLN A 111 -17.20 7.44 -7.08
C GLN A 111 -16.56 6.07 -7.20
N LYS A 112 -17.39 5.04 -7.12
CA LYS A 112 -16.92 3.67 -7.22
C LYS A 112 -18.06 2.76 -7.68
N ARG A 113 -17.92 1.47 -7.41
CA ARG A 113 -18.95 0.49 -7.76
C ARG A 113 -18.80 -0.65 -6.80
N VAL A 114 -19.90 -1.29 -6.39
CA VAL A 114 -19.86 -2.41 -5.44
C VAL A 114 -19.22 -3.64 -6.08
N PRO A 115 -17.90 -3.84 -5.96
CA PRO A 115 -17.21 -4.98 -6.55
C PRO A 115 -16.74 -6.01 -5.53
N ASN A 116 -16.27 -7.13 -6.05
CA ASN A 116 -15.74 -8.19 -5.23
C ASN A 116 -14.23 -8.01 -5.09
N ALA A 117 -13.54 -9.02 -4.56
CA ALA A 117 -12.09 -8.96 -4.41
C ALA A 117 -11.42 -9.92 -5.38
N TYR A 118 -12.18 -10.38 -6.38
CA TYR A 118 -11.68 -11.29 -7.38
C TYR A 118 -11.90 -10.72 -8.78
N ASP A 119 -12.87 -9.81 -8.87
CA ASP A 119 -13.19 -9.16 -10.12
C ASP A 119 -12.09 -8.20 -10.51
N LYS A 120 -10.85 -8.67 -10.38
CA LYS A 120 -9.63 -7.90 -10.68
C LYS A 120 -8.93 -7.47 -9.41
N THR A 121 -9.62 -7.64 -8.27
CA THR A 121 -9.09 -7.27 -6.94
C THR A 121 -9.77 -6.01 -6.42
N ALA A 122 -10.62 -5.41 -7.26
CA ALA A 122 -11.33 -4.19 -6.87
C ALA A 122 -11.81 -4.26 -5.40
N LEU A 123 -11.98 -3.08 -4.75
CA LEU A 123 -12.39 -2.99 -3.34
C LEU A 123 -13.83 -2.50 -3.25
N ALA A 124 -14.55 -2.89 -2.19
CA ALA A 124 -15.95 -2.47 -2.05
C ALA A 124 -16.09 -1.23 -1.18
N LEU A 125 -16.55 -0.14 -1.81
CA LEU A 125 -16.75 1.15 -1.12
C LEU A 125 -18.03 1.83 -1.59
N GLU A 126 -18.19 3.08 -1.15
CA GLU A 126 -19.36 3.88 -1.52
C GLU A 126 -18.97 5.35 -1.64
N VAL A 127 -19.67 6.03 -2.52
CA VAL A 127 -19.45 7.42 -2.72
C VAL A 127 -19.68 8.15 -1.41
N GLY A 128 -18.59 8.59 -0.79
CA GLY A 128 -18.67 9.30 0.47
C GLY A 128 -17.95 8.51 1.54
N GLU A 129 -17.24 7.47 1.10
CA GLU A 129 -16.46 6.65 2.02
C GLU A 129 -15.03 7.15 2.04
N LEU A 130 -14.07 6.23 1.96
CA LEU A 130 -12.66 6.59 1.97
C LEU A 130 -11.85 5.30 2.09
N VAL A 131 -10.76 5.27 1.34
CA VAL A 131 -9.85 4.14 1.31
C VAL A 131 -8.44 4.61 1.59
N LYS A 132 -7.68 3.80 2.29
CA LYS A 132 -6.31 4.14 2.62
C LYS A 132 -5.36 3.48 1.64
N VAL A 133 -5.03 4.17 0.58
CA VAL A 133 -4.16 3.60 -0.41
C VAL A 133 -2.81 3.27 0.18
N THR A 134 -2.15 2.28 -0.39
CA THR A 134 -0.85 1.84 0.10
C THR A 134 -0.05 1.25 -1.04
N LYS A 135 -0.59 0.21 -1.66
CA LYS A 135 0.12 -0.46 -2.72
C LYS A 135 0.21 0.40 -3.96
N ILE A 136 1.45 0.75 -4.34
CA ILE A 136 1.68 1.58 -5.52
C ILE A 136 2.69 0.92 -6.47
N ASN A 137 2.70 1.38 -7.72
CA ASN A 137 3.62 0.84 -8.72
C ASN A 137 3.38 1.50 -10.08
N MET A 138 2.70 0.75 -10.94
CA MET A 138 2.38 1.19 -12.29
C MET A 138 2.09 2.68 -12.30
N SER A 139 2.80 3.40 -13.15
CA SER A 139 2.61 4.83 -13.24
C SER A 139 1.19 5.17 -13.70
N GLY A 140 0.32 4.16 -13.80
CA GLY A 140 -1.05 4.39 -14.26
C GLY A 140 -2.05 3.70 -13.36
N GLN A 141 -1.82 2.42 -13.12
CA GLN A 141 -2.70 1.63 -12.27
C GLN A 141 -2.12 1.62 -10.86
N TRP A 142 -2.97 1.29 -9.90
CA TRP A 142 -2.55 1.27 -8.50
C TRP A 142 -3.53 0.48 -7.66
N GLU A 143 -3.11 -0.02 -6.50
CA GLU A 143 -3.99 -0.78 -5.62
C GLU A 143 -4.10 -0.13 -4.26
N GLY A 144 -5.34 0.08 -3.81
CA GLY A 144 -5.56 0.74 -2.53
C GLY A 144 -5.79 -0.25 -1.37
N GLU A 145 -6.44 0.24 -0.30
CA GLU A 145 -6.74 -0.61 0.85
C GLU A 145 -7.70 0.06 1.85
N CYS A 146 -8.77 -0.67 2.17
CA CYS A 146 -9.78 -0.22 3.11
C CYS A 146 -10.20 -1.40 4.00
N ASN A 147 -9.38 -1.74 5.00
CA ASN A 147 -9.70 -2.87 5.90
C ASN A 147 -9.27 -4.20 5.27
N GLY A 148 -8.26 -4.12 4.41
CA GLY A 148 -7.71 -5.31 3.75
C GLY A 148 -8.29 -5.49 2.36
N LYS A 149 -9.49 -4.99 2.14
CA LYS A 149 -10.14 -5.13 0.84
C LYS A 149 -9.49 -4.23 -0.18
N ARG A 150 -8.31 -4.62 -0.61
CA ARG A 150 -7.59 -3.82 -1.58
C ARG A 150 -8.24 -4.00 -2.92
N GLY A 151 -7.84 -3.18 -3.87
CA GLY A 151 -8.41 -3.27 -5.18
C GLY A 151 -8.11 -2.04 -6.05
N HIS A 152 -7.50 -2.25 -7.16
CA HIS A 152 -7.10 -1.09 -7.94
C HIS A 152 -8.32 -0.29 -8.30
N PHE A 153 -8.10 0.84 -8.96
CA PHE A 153 -9.21 1.69 -9.37
C PHE A 153 -8.72 3.09 -9.81
N PRO A 154 -9.39 3.75 -10.74
CA PRO A 154 -9.01 5.11 -11.23
C PRO A 154 -8.91 6.16 -10.10
N PHE A 155 -7.85 6.95 -10.15
CA PHE A 155 -7.65 8.02 -9.16
C PHE A 155 -8.59 9.20 -9.44
N THR A 156 -9.38 9.08 -10.51
CA THR A 156 -10.30 10.16 -10.91
C THR A 156 -11.54 10.22 -10.03
N HIS A 157 -11.61 9.36 -9.01
CA HIS A 157 -12.79 9.35 -8.12
C HIS A 157 -12.35 9.31 -6.66
N VAL A 158 -11.36 10.12 -6.31
CA VAL A 158 -10.88 10.17 -4.92
C VAL A 158 -10.35 11.57 -4.61
N ARG A 159 -10.53 11.99 -3.36
CA ARG A 159 -10.11 13.33 -2.92
C ARG A 159 -9.20 13.24 -1.69
N LEU A 160 -7.95 12.89 -1.92
CA LEU A 160 -6.99 12.74 -0.82
C LEU A 160 -7.17 13.84 0.22
N LEU A 161 -7.32 13.40 1.45
CA LEU A 161 -7.52 14.30 2.55
C LEU A 161 -6.25 15.10 2.80
N ASP A 162 -6.19 15.77 3.94
CA ASP A 162 -5.04 16.59 4.28
C ASP A 162 -3.83 15.71 4.59
N GLN A 163 -3.98 14.41 4.34
CA GLN A 163 -2.89 13.48 4.59
C GLN A 163 -2.48 13.55 6.06
N VAL A 1 5.71 1.80 17.75
CA VAL A 1 5.98 0.56 18.53
C VAL A 1 7.43 0.15 18.34
N GLU A 2 7.72 -1.12 18.59
CA GLU A 2 9.07 -1.66 18.45
C GLU A 2 9.03 -3.05 17.84
N TYR A 3 9.97 -3.32 16.93
CA TYR A 3 10.04 -4.60 16.25
C TYR A 3 9.24 -4.58 14.97
N VAL A 4 8.45 -5.62 14.76
CA VAL A 4 7.59 -5.77 13.58
C VAL A 4 8.41 -6.23 12.38
N ARG A 5 7.72 -6.84 11.42
CA ARG A 5 8.40 -7.36 10.23
C ARG A 5 7.57 -7.12 8.98
N ALA A 6 8.24 -7.16 7.85
CA ALA A 6 7.58 -6.94 6.59
C ALA A 6 6.50 -7.97 6.36
N LEU A 7 5.74 -7.76 5.30
CA LEU A 7 4.66 -8.69 4.95
C LEU A 7 4.51 -8.87 3.45
N PHE A 8 4.28 -7.75 2.75
CA PHE A 8 4.02 -7.80 1.30
C PHE A 8 5.12 -7.14 0.51
N ASP A 9 6.21 -6.83 1.18
CA ASP A 9 7.36 -6.19 0.55
C ASP A 9 7.13 -4.71 0.32
N PHE A 10 8.15 -3.90 0.61
CA PHE A 10 8.05 -2.46 0.40
C PHE A 10 8.95 -2.01 -0.74
N ASN A 11 10.17 -2.50 -0.74
CA ASN A 11 11.12 -2.17 -1.78
C ASN A 11 11.14 -0.68 -2.03
N GLY A 12 11.53 0.09 -1.03
CA GLY A 12 11.60 1.54 -1.16
C GLY A 12 12.62 1.91 -2.23
N ASN A 13 13.60 2.75 -1.87
CA ASN A 13 14.64 3.15 -2.83
C ASN A 13 15.46 4.35 -2.32
N ASP A 14 14.76 5.39 -1.86
CA ASP A 14 15.41 6.61 -1.38
C ASP A 14 16.09 6.37 -0.05
N ASP A 15 16.98 7.26 0.32
CA ASP A 15 17.66 7.15 1.60
C ASP A 15 16.67 7.42 2.73
N GLU A 16 15.60 8.14 2.41
CA GLU A 16 14.58 8.47 3.39
C GLU A 16 13.53 7.38 3.46
N ASP A 17 13.90 6.16 3.07
CA ASP A 17 12.99 5.03 3.15
C ASP A 17 13.74 3.78 3.58
N LEU A 18 13.01 2.72 3.99
CA LEU A 18 13.67 1.47 4.42
C LEU A 18 13.21 0.31 3.54
N PRO A 19 13.86 0.04 2.45
CA PRO A 19 13.45 -1.07 1.56
C PRO A 19 13.69 -2.45 2.17
N PHE A 20 12.73 -3.35 1.95
CA PHE A 20 12.83 -4.70 2.47
C PHE A 20 11.95 -5.66 1.68
N LYS A 21 12.19 -6.96 1.89
CA LYS A 21 11.42 -8.00 1.20
C LYS A 21 11.09 -9.12 2.15
N LYS A 22 9.94 -9.75 1.93
CA LYS A 22 9.50 -10.87 2.73
C LYS A 22 8.96 -10.38 4.07
N GLY A 23 9.37 -11.02 5.16
CA GLY A 23 8.97 -10.66 6.49
C GLY A 23 10.19 -10.32 7.32
N ASP A 24 11.05 -9.47 6.79
CA ASP A 24 12.26 -9.07 7.50
C ASP A 24 11.89 -8.37 8.79
N ILE A 25 12.63 -8.65 9.86
CA ILE A 25 12.37 -8.04 11.17
C ILE A 25 13.04 -6.68 11.29
N LEU A 26 12.24 -5.63 11.09
CA LEU A 26 12.75 -4.27 11.17
C LEU A 26 12.23 -3.58 12.42
N LYS A 27 13.14 -3.06 13.21
CA LYS A 27 12.78 -2.39 14.45
C LYS A 27 12.35 -0.97 14.18
N ILE A 28 11.29 -0.54 14.86
CA ILE A 28 10.81 0.83 14.67
C ILE A 28 11.75 1.85 15.32
N ARG A 29 11.98 1.70 16.59
CA ARG A 29 12.83 2.59 17.36
C ARG A 29 12.08 3.88 17.68
N ASP A 30 11.43 4.44 16.66
CA ASP A 30 10.69 5.69 16.82
C ASP A 30 9.17 5.42 16.72
N LYS A 31 8.44 6.24 15.95
CA LYS A 31 6.99 6.09 15.77
C LYS A 31 6.35 7.46 15.55
N PRO A 32 6.75 8.17 14.52
CA PRO A 32 6.19 9.52 14.21
C PRO A 32 4.67 9.51 14.04
N GLU A 33 4.20 8.72 13.07
CA GLU A 33 2.77 8.61 12.79
C GLU A 33 2.30 7.19 13.04
N GLU A 34 0.99 7.00 12.91
CA GLU A 34 0.39 5.69 13.11
C GLU A 34 0.46 4.85 11.84
N GLN A 35 0.15 5.47 10.71
CA GLN A 35 0.18 4.78 9.44
C GLN A 35 1.61 4.58 8.95
N TRP A 36 2.51 5.47 9.36
CA TRP A 36 3.91 5.40 8.97
C TRP A 36 4.77 5.25 10.21
N TRP A 37 5.95 4.66 10.06
CA TRP A 37 6.83 4.46 11.19
C TRP A 37 8.29 4.49 10.74
N ASN A 38 9.15 5.07 11.58
CA ASN A 38 10.56 5.12 11.28
C ASN A 38 11.22 3.88 11.86
N ALA A 39 11.87 3.08 11.01
CA ALA A 39 12.50 1.85 11.45
C ALA A 39 13.97 1.85 11.06
N GLU A 40 14.69 0.84 11.54
CA GLU A 40 16.11 0.70 11.23
C GLU A 40 16.38 -0.63 10.55
N ASP A 41 17.13 -0.59 9.46
CA ASP A 41 17.43 -1.79 8.71
C ASP A 41 18.21 -2.77 9.56
N MET A 42 18.38 -3.96 9.02
CA MET A 42 19.14 -4.99 9.70
C MET A 42 20.64 -4.71 9.56
N ASP A 43 20.98 -3.65 8.83
CA ASP A 43 22.39 -3.29 8.62
C ASP A 43 22.83 -2.13 9.47
N GLY A 44 21.87 -1.27 9.80
CA GLY A 44 22.15 -0.08 10.58
C GLY A 44 21.81 1.14 9.75
N LYS A 45 20.62 1.11 9.16
CA LYS A 45 20.14 2.23 8.35
C LYS A 45 18.74 2.62 8.78
N ARG A 46 18.51 3.92 8.94
CA ARG A 46 17.22 4.42 9.38
C ARG A 46 16.43 5.01 8.23
N GLY A 47 15.24 4.47 8.04
CA GLY A 47 14.34 4.93 6.97
C GLY A 47 12.88 4.68 7.30
N MET A 48 12.01 5.55 6.78
CA MET A 48 10.59 5.43 7.03
C MET A 48 10.03 4.19 6.37
N ILE A 49 8.91 3.72 6.90
CA ILE A 49 8.26 2.54 6.36
C ILE A 49 6.75 2.59 6.52
N PRO A 50 6.02 2.09 5.55
CA PRO A 50 4.53 2.03 5.65
C PRO A 50 4.13 0.93 6.66
N VAL A 51 3.58 1.32 7.81
CA VAL A 51 3.15 0.37 8.82
C VAL A 51 2.36 -0.78 8.21
N PRO A 52 1.34 -0.53 7.43
CA PRO A 52 0.51 -1.60 6.81
C PRO A 52 1.34 -2.69 6.17
N TYR A 53 2.51 -2.35 5.67
CA TYR A 53 3.36 -3.34 5.02
C TYR A 53 4.07 -4.22 6.03
N VAL A 54 3.95 -3.87 7.31
CA VAL A 54 4.59 -4.66 8.36
C VAL A 54 3.61 -4.95 9.48
N GLU A 55 3.92 -5.96 10.29
CA GLU A 55 3.08 -6.32 11.41
C GLU A 55 3.94 -6.62 12.63
N LYS A 56 3.34 -6.49 13.81
CA LYS A 56 4.04 -6.76 15.06
C LYS A 56 4.50 -8.21 15.12
N CYS A 57 4.45 -8.90 13.98
CA CYS A 57 4.88 -10.29 13.91
C CYS A 57 4.07 -11.14 14.88
N ARG A 58 2.76 -10.91 14.93
CA ARG A 58 1.89 -11.67 15.80
C ARG A 58 0.45 -11.63 15.29
N PRO A 59 0.22 -12.08 14.08
CA PRO A 59 -1.13 -12.09 13.46
C PRO A 59 -1.99 -13.24 14.00
N SER A 60 -1.41 -14.07 14.86
CA SER A 60 -2.13 -15.20 15.43
C SER A 60 -3.55 -14.82 15.84
N SER A 61 -4.47 -14.88 14.88
CA SER A 61 -5.86 -14.54 15.13
C SER A 61 -6.00 -13.06 15.47
N ALA A 62 -4.90 -12.31 15.35
CA ALA A 62 -4.92 -10.88 15.64
C ALA A 62 -5.78 -10.13 14.63
N SER A 63 -6.44 -9.07 15.08
CA SER A 63 -7.29 -8.28 14.21
C SER A 63 -6.45 -7.61 13.12
N VAL A 64 -5.14 -7.56 13.33
CA VAL A 64 -4.25 -6.94 12.36
C VAL A 64 -4.09 -7.85 11.14
N SER A 65 -5.07 -7.79 10.24
CA SER A 65 -5.04 -8.61 9.03
C SER A 65 -4.56 -10.02 9.36
N THR A 66 -5.50 -10.92 9.62
CA THR A 66 -5.17 -12.30 9.94
C THR A 66 -4.60 -13.00 8.71
N LEU A 67 -3.38 -13.53 8.85
CA LEU A 67 -2.72 -14.23 7.74
C LEU A 67 -3.14 -13.65 6.39
N THR A 68 -3.96 -14.40 5.65
CA THR A 68 -4.41 -13.95 4.35
C THR A 68 -4.99 -12.53 4.46
N GLY A 69 -5.29 -11.94 3.31
CA GLY A 69 -5.84 -10.58 3.30
C GLY A 69 -6.02 -10.10 1.86
N GLY A 70 -5.12 -10.52 0.98
CA GLY A 70 -5.17 -10.14 -0.42
C GLY A 70 -4.85 -11.32 -1.33
N ASN A 71 -3.90 -11.12 -2.24
CA ASN A 71 -3.50 -12.17 -3.18
C ASN A 71 -1.98 -12.36 -3.16
N GLN A 72 -1.56 -13.60 -2.96
CA GLN A 72 -0.13 -13.91 -2.91
C GLN A 72 0.59 -12.94 -1.98
N ASP A 73 1.65 -12.29 -2.49
CA ASP A 73 2.41 -11.33 -1.71
C ASP A 73 2.63 -10.05 -2.50
N SER A 74 3.66 -10.03 -3.35
CA SER A 74 3.97 -8.86 -4.16
C SER A 74 3.17 -8.88 -5.45
N SER A 75 2.67 -7.71 -5.87
CA SER A 75 1.90 -7.62 -7.10
C SER A 75 2.81 -7.78 -8.32
N HIS A 76 4.11 -7.76 -8.08
CA HIS A 76 5.09 -7.91 -9.14
C HIS A 76 5.18 -6.63 -9.99
N PRO A 77 6.33 -6.33 -10.56
CA PRO A 77 6.50 -5.10 -11.40
C PRO A 77 5.33 -4.90 -12.37
N GLN A 78 4.94 -5.96 -13.07
CA GLN A 78 3.85 -5.89 -14.03
C GLN A 78 3.91 -4.58 -14.83
N PRO A 79 4.86 -4.47 -15.71
CA PRO A 79 5.05 -3.24 -16.54
C PRO A 79 3.82 -2.93 -17.40
N LEU A 80 3.52 -1.65 -17.55
CA LEU A 80 2.37 -1.24 -18.34
C LEU A 80 2.38 0.27 -18.56
N GLY A 81 3.49 0.77 -19.11
CA GLY A 81 3.60 2.20 -19.36
C GLY A 81 3.88 2.97 -18.07
N GLY A 82 5.12 2.87 -17.59
CA GLY A 82 5.51 3.56 -16.35
C GLY A 82 6.79 4.36 -16.56
N PRO A 83 7.91 3.69 -16.69
CA PRO A 83 9.23 4.36 -16.90
C PRO A 83 9.28 5.15 -18.21
N GLU A 84 8.40 4.78 -19.14
CA GLU A 84 8.35 5.45 -20.44
C GLU A 84 8.27 6.97 -20.26
N PRO A 85 8.80 7.73 -21.19
CA PRO A 85 8.77 9.22 -21.12
C PRO A 85 7.45 9.76 -20.56
N GLY A 86 7.35 9.79 -19.23
CA GLY A 86 6.13 10.28 -18.58
C GLY A 86 4.90 9.64 -19.19
N PRO A 87 3.74 10.10 -18.81
CA PRO A 87 2.43 9.56 -19.33
C PRO A 87 2.31 9.74 -20.84
N TYR A 88 1.61 8.81 -21.48
CA TYR A 88 1.39 8.86 -22.92
C TYR A 88 0.53 10.06 -23.28
N ALA A 89 0.40 10.34 -24.58
CA ALA A 89 -0.40 11.47 -25.03
C ALA A 89 -1.69 11.55 -24.23
N GLN A 90 -1.69 12.36 -23.16
CA GLN A 90 -2.86 12.51 -22.32
C GLN A 90 -3.20 13.99 -22.12
N PRO A 91 -4.40 14.31 -21.68
CA PRO A 91 -4.82 15.72 -21.46
C PRO A 91 -3.81 16.50 -20.63
N SER A 92 -3.32 15.87 -19.56
CA SER A 92 -2.35 16.51 -18.67
C SER A 92 -1.58 15.46 -17.87
N ILE A 93 -0.39 15.83 -17.43
CA ILE A 93 0.45 14.92 -16.66
C ILE A 93 -0.20 14.61 -15.31
N ASN A 94 -1.39 14.02 -15.37
CA ASN A 94 -2.13 13.66 -14.15
C ASN A 94 -2.69 12.25 -14.27
N THR A 95 -1.81 11.25 -14.15
CA THR A 95 -2.23 9.86 -14.27
C THR A 95 -3.05 9.46 -13.04
N PRO A 96 -3.97 8.52 -13.18
CA PRO A 96 -4.81 8.04 -12.06
C PRO A 96 -4.02 7.91 -10.76
N LEU A 97 -3.04 7.01 -10.75
CA LEU A 97 -2.21 6.80 -9.57
C LEU A 97 -0.72 6.73 -9.97
N PRO A 98 0.04 7.77 -9.71
CA PRO A 98 1.49 7.78 -10.08
C PRO A 98 2.35 7.03 -9.06
N ASN A 99 2.40 5.70 -9.18
CA ASN A 99 3.21 4.88 -8.27
C ASN A 99 3.08 5.38 -6.84
N LEU A 100 3.99 4.93 -5.99
CA LEU A 100 3.98 5.34 -4.59
C LEU A 100 4.38 6.79 -4.46
N GLN A 101 3.42 7.63 -4.11
CA GLN A 101 3.68 9.06 -3.97
C GLN A 101 2.73 9.68 -2.96
N ASN A 102 2.03 8.84 -2.23
CA ASN A 102 1.08 9.31 -1.23
C ASN A 102 0.92 8.27 -0.14
N GLY A 103 0.19 7.21 -0.46
CA GLY A 103 -0.08 6.16 0.51
C GLY A 103 1.05 5.28 0.78
N PRO A 104 0.81 4.31 1.60
CA PRO A 104 -0.53 4.03 2.28
C PRO A 104 -1.08 5.17 3.14
N PHE A 105 -2.03 5.92 2.61
CA PHE A 105 -2.65 7.03 3.32
C PHE A 105 -4.12 6.69 3.54
N TYR A 106 -5.05 7.59 3.23
CA TYR A 106 -6.45 7.30 3.37
C TYR A 106 -7.22 8.00 2.26
N ALA A 107 -8.10 7.24 1.62
CA ALA A 107 -8.88 7.76 0.50
C ALA A 107 -10.36 7.69 0.83
N ARG A 108 -11.16 8.54 0.23
CA ARG A 108 -12.60 8.52 0.48
C ARG A 108 -13.31 8.11 -0.78
N VAL A 109 -13.59 6.84 -0.88
CA VAL A 109 -14.24 6.32 -2.05
C VAL A 109 -15.58 7.01 -2.26
N ILE A 110 -15.81 7.48 -3.47
CA ILE A 110 -17.05 8.17 -3.80
C ILE A 110 -17.73 7.51 -5.00
N GLN A 111 -17.38 6.25 -5.28
CA GLN A 111 -17.96 5.54 -6.40
C GLN A 111 -17.40 4.13 -6.50
N LYS A 112 -18.24 3.15 -6.19
CA LYS A 112 -17.83 1.75 -6.24
C LYS A 112 -19.05 0.84 -6.28
N ARG A 113 -18.86 -0.36 -5.75
CA ARG A 113 -19.94 -1.35 -5.74
C ARG A 113 -19.70 -2.38 -4.64
N VAL A 114 -19.93 -3.64 -4.97
CA VAL A 114 -19.71 -4.75 -4.02
C VAL A 114 -19.02 -5.90 -4.71
N PRO A 115 -17.83 -5.70 -5.20
CA PRO A 115 -17.08 -6.73 -5.92
C PRO A 115 -16.17 -7.53 -5.04
N ASN A 116 -16.72 -8.04 -3.95
CA ASN A 116 -15.99 -8.84 -2.98
C ASN A 116 -14.79 -9.52 -3.62
N ALA A 117 -13.73 -9.68 -2.85
CA ALA A 117 -12.50 -10.29 -3.34
C ALA A 117 -12.79 -11.49 -4.24
N TYR A 118 -14.05 -11.88 -4.31
CA TYR A 118 -14.47 -12.97 -5.17
C TYR A 118 -14.69 -12.44 -6.59
N ASP A 119 -15.65 -11.52 -6.70
CA ASP A 119 -15.99 -10.93 -7.99
C ASP A 119 -14.78 -10.81 -8.88
N LYS A 120 -13.73 -10.22 -8.35
CA LYS A 120 -12.50 -10.03 -9.09
C LYS A 120 -11.40 -9.51 -8.17
N THR A 121 -11.31 -10.13 -6.99
CA THR A 121 -10.29 -9.75 -6.01
C THR A 121 -10.49 -8.32 -5.55
N ALA A 122 -11.29 -7.59 -6.31
CA ALA A 122 -11.54 -6.21 -6.00
C ALA A 122 -12.21 -6.03 -4.65
N LEU A 123 -11.63 -5.19 -3.82
CA LEU A 123 -12.19 -4.92 -2.51
C LEU A 123 -13.65 -4.51 -2.61
N ALA A 124 -14.36 -4.65 -1.49
CA ALA A 124 -15.78 -4.28 -1.43
C ALA A 124 -15.93 -3.00 -0.59
N LEU A 125 -16.51 -1.95 -1.20
CA LEU A 125 -16.71 -0.67 -0.50
C LEU A 125 -18.03 -0.02 -0.90
N GLU A 126 -18.26 1.20 -0.38
CA GLU A 126 -19.47 1.95 -0.70
C GLU A 126 -19.15 3.43 -0.80
N VAL A 127 -19.92 4.13 -1.61
CA VAL A 127 -19.75 5.54 -1.77
C VAL A 127 -19.96 6.23 -0.43
N GLY A 128 -18.88 6.78 0.10
CA GLY A 128 -18.94 7.49 1.37
C GLY A 128 -18.12 6.75 2.41
N GLU A 129 -17.43 5.71 1.97
CA GLU A 129 -16.58 4.94 2.88
C GLU A 129 -15.14 5.49 2.81
N LEU A 130 -14.17 4.59 2.59
CA LEU A 130 -12.76 4.97 2.47
C LEU A 130 -11.90 3.74 2.51
N VAL A 131 -10.90 3.75 1.65
CA VAL A 131 -9.97 2.67 1.53
C VAL A 131 -8.55 3.22 1.38
N LYS A 132 -7.59 2.44 1.82
CA LYS A 132 -6.20 2.79 1.71
C LYS A 132 -5.72 2.48 0.28
N VAL A 133 -4.40 2.38 0.13
CA VAL A 133 -3.82 2.04 -1.16
C VAL A 133 -2.64 1.10 -0.98
N THR A 134 -1.71 1.49 -0.15
CA THR A 134 -0.55 0.68 0.14
C THR A 134 0.11 0.10 -1.12
N LYS A 135 -0.57 -0.88 -1.73
CA LYS A 135 -0.03 -1.56 -2.92
C LYS A 135 -0.26 -0.76 -4.19
N ILE A 136 0.84 -0.37 -4.83
CA ILE A 136 0.79 0.39 -6.07
C ILE A 136 1.73 -0.20 -7.09
N ASN A 137 1.50 0.14 -8.35
CA ASN A 137 2.33 -0.36 -9.43
C ASN A 137 2.12 0.47 -10.69
N MET A 138 1.46 -0.12 -11.67
CA MET A 138 1.19 0.55 -12.93
C MET A 138 0.83 2.01 -12.69
N SER A 139 1.09 2.84 -13.69
CA SER A 139 0.78 4.26 -13.58
C SER A 139 -0.71 4.50 -13.74
N GLY A 140 -1.50 3.44 -13.56
CA GLY A 140 -2.94 3.54 -13.69
C GLY A 140 -3.65 2.67 -12.66
N GLN A 141 -3.66 1.36 -12.91
CA GLN A 141 -4.31 0.44 -11.99
C GLN A 141 -3.44 0.18 -10.77
N TRP A 142 -3.97 -0.59 -9.83
CA TRP A 142 -3.24 -0.92 -8.61
C TRP A 142 -4.15 -1.61 -7.61
N GLU A 143 -3.64 -1.76 -6.40
CA GLU A 143 -4.39 -2.41 -5.34
C GLU A 143 -4.43 -1.58 -4.08
N GLY A 144 -5.33 -1.93 -3.16
CA GLY A 144 -5.47 -1.18 -1.92
C GLY A 144 -5.82 -2.08 -0.74
N GLU A 145 -6.50 -1.48 0.23
CA GLU A 145 -6.92 -2.21 1.41
C GLU A 145 -7.83 -1.40 2.29
N CYS A 146 -9.01 -1.93 2.60
CA CYS A 146 -9.95 -1.24 3.47
C CYS A 146 -9.93 -1.91 4.84
N ASN A 147 -10.82 -2.87 5.04
CA ASN A 147 -10.88 -3.62 6.29
C ASN A 147 -10.27 -4.99 6.03
N GLY A 148 -9.07 -4.98 5.45
CA GLY A 148 -8.37 -6.21 5.12
C GLY A 148 -8.72 -6.62 3.69
N LYS A 149 -9.94 -6.28 3.31
CA LYS A 149 -10.44 -6.61 2.00
C LYS A 149 -9.67 -5.89 0.94
N ARG A 150 -8.55 -6.45 0.57
CA ARG A 150 -7.72 -5.87 -0.44
C ARG A 150 -8.28 -6.17 -1.81
N GLY A 151 -7.77 -5.46 -2.78
CA GLY A 151 -8.24 -5.63 -4.14
C GLY A 151 -7.70 -4.50 -5.00
N HIS A 152 -8.38 -4.25 -6.12
CA HIS A 152 -8.00 -3.17 -7.05
C HIS A 152 -9.16 -2.24 -7.30
N PHE A 153 -8.89 -1.16 -8.05
CA PHE A 153 -9.93 -0.18 -8.39
C PHE A 153 -9.30 1.11 -8.93
N PRO A 154 -9.47 1.44 -10.19
CA PRO A 154 -8.90 2.70 -10.77
C PRO A 154 -9.24 3.93 -9.93
N PHE A 155 -8.28 4.86 -9.84
CA PHE A 155 -8.47 6.07 -9.06
C PHE A 155 -9.56 6.95 -9.68
N THR A 156 -10.11 6.48 -10.80
CA THR A 156 -11.16 7.21 -11.50
C THR A 156 -12.33 7.59 -10.58
N HIS A 157 -12.25 7.23 -9.29
CA HIS A 157 -13.33 7.54 -8.37
C HIS A 157 -12.87 7.47 -6.92
N VAL A 158 -12.11 8.47 -6.47
CA VAL A 158 -11.65 8.50 -5.07
C VAL A 158 -11.11 9.90 -4.77
N ARG A 159 -11.13 10.31 -3.50
CA ARG A 159 -10.62 11.62 -3.11
C ARG A 159 -9.22 11.46 -2.50
N LEU A 160 -9.10 11.67 -1.18
CA LEU A 160 -7.84 11.54 -0.45
C LEU A 160 -7.81 12.47 0.75
N LEU A 161 -7.66 11.85 1.91
CA LEU A 161 -7.60 12.58 3.15
C LEU A 161 -6.23 13.23 3.31
N ASP A 162 -6.01 13.85 4.47
CA ASP A 162 -4.73 14.51 4.75
C ASP A 162 -3.96 13.75 5.82
N GLN A 163 -3.97 12.43 5.75
CA GLN A 163 -3.27 11.60 6.71
C GLN A 163 -3.59 12.04 8.14
N VAL A 1 7.61 -1.60 22.76
CA VAL A 1 8.63 -2.31 21.92
C VAL A 1 7.93 -3.15 20.88
N GLU A 2 8.32 -2.98 19.62
CA GLU A 2 7.71 -3.75 18.54
C GLU A 2 8.75 -3.99 17.45
N TYR A 3 8.49 -4.97 16.60
CA TYR A 3 9.38 -5.31 15.50
C TYR A 3 8.67 -5.18 14.18
N VAL A 4 8.13 -6.29 13.74
CA VAL A 4 7.39 -6.40 12.49
C VAL A 4 8.33 -6.57 11.30
N ARG A 5 7.79 -7.05 10.19
CA ARG A 5 8.61 -7.23 8.96
C ARG A 5 7.89 -6.66 7.76
N ALA A 6 8.67 -6.24 6.78
CA ALA A 6 8.13 -5.66 5.56
C ALA A 6 8.13 -6.63 4.39
N LEU A 7 7.02 -7.33 4.21
CA LEU A 7 6.90 -8.29 3.11
C LEU A 7 6.14 -7.66 1.93
N PHE A 8 6.16 -6.32 1.86
CA PHE A 8 5.47 -5.60 0.77
C PHE A 8 6.44 -4.71 0.01
N ASP A 9 7.70 -4.85 0.35
CA ASP A 9 8.77 -4.04 -0.26
C ASP A 9 8.44 -2.57 -0.20
N PHE A 10 9.41 -1.71 0.14
CA PHE A 10 9.15 -0.26 0.21
C PHE A 10 10.12 0.51 -0.66
N ASN A 11 11.38 0.11 -0.62
CA ASN A 11 12.41 0.75 -1.41
C ASN A 11 12.19 2.26 -1.45
N GLY A 12 12.25 2.89 -0.29
CA GLY A 12 12.04 4.32 -0.22
C GLY A 12 13.19 5.05 -0.87
N ASN A 13 13.50 6.21 -0.31
CA ASN A 13 14.59 7.03 -0.81
C ASN A 13 14.61 8.41 -0.14
N ASP A 14 15.34 8.53 0.97
CA ASP A 14 15.44 9.81 1.69
C ASP A 14 16.17 9.61 3.02
N ASP A 15 16.20 10.66 3.83
CA ASP A 15 16.83 10.61 5.14
C ASP A 15 15.79 10.27 6.20
N GLU A 16 14.52 10.54 5.88
CA GLU A 16 13.42 10.27 6.80
C GLU A 16 12.59 9.08 6.34
N ASP A 17 13.22 8.18 5.59
CA ASP A 17 12.53 6.98 5.13
C ASP A 17 13.42 5.77 5.35
N LEU A 18 12.83 4.59 5.53
CA LEU A 18 13.61 3.36 5.75
C LEU A 18 13.37 2.37 4.62
N PRO A 19 14.07 2.49 3.54
CA PRO A 19 13.91 1.53 2.41
C PRO A 19 14.20 0.08 2.81
N PHE A 20 13.38 -0.83 2.30
CA PHE A 20 13.56 -2.25 2.56
C PHE A 20 12.86 -3.08 1.49
N LYS A 21 13.30 -4.32 1.34
CA LYS A 21 12.73 -5.20 0.33
C LYS A 21 13.33 -6.58 0.42
N LYS A 22 12.52 -7.55 0.79
CA LYS A 22 12.93 -8.96 0.91
C LYS A 22 12.19 -9.65 2.04
N GLY A 23 11.74 -8.86 3.02
CA GLY A 23 11.06 -9.38 4.20
C GLY A 23 11.96 -9.21 5.41
N ASP A 24 12.54 -8.03 5.52
CA ASP A 24 13.44 -7.72 6.62
C ASP A 24 12.64 -7.36 7.86
N ILE A 25 13.25 -7.59 9.03
CA ILE A 25 12.61 -7.29 10.30
C ILE A 25 13.13 -5.95 10.80
N LEU A 26 12.21 -5.00 10.97
CA LEU A 26 12.59 -3.65 11.41
C LEU A 26 11.92 -3.32 12.73
N LYS A 27 12.71 -2.77 13.65
CA LYS A 27 12.19 -2.41 14.95
C LYS A 27 11.51 -1.05 14.91
N ILE A 28 10.39 -0.92 15.61
CA ILE A 28 9.67 0.36 15.64
C ILE A 28 10.52 1.43 16.32
N ARG A 29 11.07 1.12 17.47
CA ARG A 29 11.89 2.08 18.21
C ARG A 29 11.07 3.22 18.79
N ASP A 30 10.29 3.89 17.91
CA ASP A 30 9.44 5.00 18.34
C ASP A 30 7.96 4.65 18.11
N LYS A 31 7.22 5.50 17.39
CA LYS A 31 5.80 5.31 17.07
C LYS A 31 5.08 6.66 17.14
N PRO A 32 5.46 7.62 16.33
CA PRO A 32 4.82 8.97 16.36
C PRO A 32 3.37 8.93 15.87
N GLU A 33 3.15 8.25 14.75
CA GLU A 33 1.82 8.12 14.17
C GLU A 33 1.41 6.66 14.12
N GLU A 34 0.13 6.43 13.85
CA GLU A 34 -0.41 5.08 13.78
C GLU A 34 -0.20 4.49 12.39
N GLN A 35 -0.29 5.33 11.36
CA GLN A 35 -0.12 4.87 10.00
C GLN A 35 1.36 4.80 9.60
N TRP A 36 2.20 5.60 10.27
CA TRP A 36 3.64 5.63 9.99
C TRP A 36 4.40 5.30 11.26
N TRP A 37 5.59 4.70 11.12
CA TRP A 37 6.39 4.33 12.27
C TRP A 37 7.88 4.56 11.99
N ASN A 38 8.53 5.26 12.90
CA ASN A 38 9.95 5.52 12.76
C ASN A 38 10.68 4.29 13.23
N ALA A 39 11.26 3.55 12.30
CA ALA A 39 11.97 2.32 12.62
C ALA A 39 13.46 2.46 12.34
N GLU A 40 14.22 1.44 12.71
CA GLU A 40 15.65 1.42 12.47
C GLU A 40 16.04 0.18 11.66
N ASP A 41 16.85 0.39 10.63
CA ASP A 41 17.30 -0.70 9.77
C ASP A 41 18.11 -1.71 10.56
N MET A 42 18.36 -2.84 9.91
CA MET A 42 19.17 -3.90 10.51
C MET A 42 20.64 -3.52 10.45
N ASP A 43 20.93 -2.33 9.90
CA ASP A 43 22.32 -1.88 9.79
C ASP A 43 22.67 -0.82 10.80
N GLY A 44 21.67 -0.06 11.19
CA GLY A 44 21.86 1.04 12.12
C GLY A 44 21.48 2.33 11.43
N LYS A 45 20.31 2.30 10.82
CA LYS A 45 19.77 3.48 10.14
C LYS A 45 18.34 3.74 10.57
N ARG A 46 18.03 5.00 10.85
CA ARG A 46 16.69 5.39 11.29
C ARG A 46 15.94 6.18 10.23
N GLY A 47 14.77 5.68 9.90
CA GLY A 47 13.93 6.33 8.88
C GLY A 47 12.46 5.95 9.02
N MET A 48 11.59 6.84 8.53
CA MET A 48 10.16 6.60 8.58
C MET A 48 9.77 5.42 7.71
N ILE A 49 8.65 4.79 8.07
CA ILE A 49 8.14 3.65 7.30
C ILE A 49 6.62 3.58 7.24
N PRO A 50 6.06 3.15 6.12
CA PRO A 50 4.59 2.96 6.03
C PRO A 50 4.21 1.69 6.83
N VAL A 51 3.46 1.85 7.92
CA VAL A 51 3.06 0.69 8.73
C VAL A 51 2.47 -0.44 7.86
N PRO A 52 1.49 -0.17 7.03
CA PRO A 52 0.84 -1.23 6.18
C PRO A 52 1.84 -2.10 5.42
N TYR A 53 2.99 -1.55 5.09
CA TYR A 53 3.98 -2.32 4.35
C TYR A 53 4.55 -3.44 5.18
N VAL A 54 4.03 -3.62 6.38
CA VAL A 54 4.49 -4.69 7.26
C VAL A 54 3.29 -5.50 7.77
N GLU A 55 3.56 -6.66 8.37
CA GLU A 55 2.47 -7.52 8.83
C GLU A 55 1.72 -6.90 10.00
N LYS A 56 2.48 -6.42 10.99
CA LYS A 56 1.96 -5.82 12.23
C LYS A 56 1.56 -6.89 13.24
N CYS A 57 2.55 -7.43 13.94
CA CYS A 57 2.33 -8.45 14.95
C CYS A 57 2.14 -7.79 16.31
N ARG A 58 0.89 -7.57 16.68
CA ARG A 58 0.56 -6.93 17.96
C ARG A 58 -0.96 -6.78 18.10
N PRO A 59 -1.62 -6.14 17.15
CA PRO A 59 -3.10 -5.94 17.21
C PRO A 59 -3.86 -7.26 17.04
N SER A 60 -3.17 -8.37 17.29
CA SER A 60 -3.79 -9.69 17.16
C SER A 60 -2.92 -10.76 17.77
N SER A 61 -1.63 -10.49 17.89
CA SER A 61 -0.68 -11.44 18.45
C SER A 61 -0.37 -12.54 17.43
N ALA A 62 -1.41 -13.16 16.88
CA ALA A 62 -1.23 -14.21 15.90
C ALA A 62 -0.83 -13.64 14.55
N SER A 63 -0.22 -14.47 13.70
CA SER A 63 0.20 -14.02 12.39
C SER A 63 -1.02 -13.82 11.48
N VAL A 64 -0.86 -12.97 10.47
CA VAL A 64 -1.96 -12.68 9.52
C VAL A 64 -1.47 -12.83 8.09
N SER A 65 -2.28 -13.50 7.27
CA SER A 65 -1.94 -13.71 5.88
C SER A 65 -0.51 -14.22 5.75
N THR A 66 0.37 -13.38 5.22
CA THR A 66 1.78 -13.76 5.05
C THR A 66 1.91 -14.84 3.99
N LEU A 67 2.28 -14.43 2.77
CA LEU A 67 2.45 -15.37 1.66
C LEU A 67 1.35 -16.43 1.69
N THR A 68 0.13 -16.04 1.34
CA THR A 68 -1.00 -16.96 1.34
C THR A 68 -1.72 -16.93 -0.01
N GLY A 69 -1.02 -16.49 -1.04
CA GLY A 69 -1.60 -16.39 -2.37
C GLY A 69 -0.52 -16.18 -3.43
N GLY A 70 -0.94 -15.71 -4.60
CA GLY A 70 0.00 -15.46 -5.69
C GLY A 70 0.75 -14.16 -5.47
N ASN A 71 0.37 -13.42 -4.43
CA ASN A 71 1.01 -12.15 -4.12
C ASN A 71 1.00 -11.23 -5.33
N GLN A 72 0.26 -11.63 -6.37
CA GLN A 72 0.15 -10.83 -7.59
C GLN A 72 -1.31 -10.70 -8.03
N ASP A 73 -2.03 -11.82 -8.01
CA ASP A 73 -3.43 -11.81 -8.41
C ASP A 73 -3.61 -11.10 -9.74
N SER A 74 -2.61 -11.24 -10.62
CA SER A 74 -2.67 -10.60 -11.92
C SER A 74 -3.96 -10.97 -12.65
N SER A 75 -5.00 -10.17 -12.42
CA SER A 75 -6.30 -10.41 -13.05
C SER A 75 -6.84 -9.13 -13.67
N HIS A 76 -5.97 -8.38 -14.34
CA HIS A 76 -6.37 -7.12 -14.99
C HIS A 76 -5.86 -7.06 -16.43
N PRO A 77 -6.56 -6.37 -17.30
CA PRO A 77 -6.16 -6.24 -18.73
C PRO A 77 -4.87 -5.43 -18.90
N GLN A 78 -3.74 -6.13 -18.89
CA GLN A 78 -2.44 -5.47 -19.05
C GLN A 78 -1.36 -6.49 -19.34
N PRO A 79 -1.60 -7.38 -20.28
CA PRO A 79 -0.62 -8.44 -20.66
C PRO A 79 0.67 -7.84 -21.24
N LEU A 80 0.56 -6.63 -21.79
CA LEU A 80 1.73 -5.97 -22.36
C LEU A 80 2.77 -5.67 -21.29
N GLY A 81 2.49 -4.65 -20.48
CA GLY A 81 3.41 -4.28 -19.41
C GLY A 81 2.91 -3.05 -18.68
N GLY A 82 3.46 -2.79 -17.50
CA GLY A 82 3.05 -1.64 -16.70
C GLY A 82 4.18 -1.21 -15.76
N PRO A 83 5.37 -1.06 -16.29
CA PRO A 83 6.56 -0.64 -15.47
C PRO A 83 6.37 0.76 -14.88
N GLU A 84 6.23 1.75 -15.76
CA GLU A 84 6.03 3.14 -15.34
C GLU A 84 4.57 3.56 -15.56
N PRO A 85 4.02 3.25 -16.71
CA PRO A 85 2.62 3.62 -17.04
C PRO A 85 1.63 2.59 -16.49
N GLY A 86 0.37 3.01 -16.34
CA GLY A 86 -0.68 2.13 -15.84
C GLY A 86 -1.58 1.66 -16.98
N PRO A 87 -2.35 2.55 -17.54
CA PRO A 87 -3.27 2.23 -18.67
C PRO A 87 -2.52 2.08 -20.00
N TYR A 88 -3.28 1.90 -21.07
CA TYR A 88 -2.68 1.74 -22.40
C TYR A 88 -2.03 3.05 -22.84
N ALA A 89 -1.13 2.97 -23.81
CA ALA A 89 -0.45 4.16 -24.31
C ALA A 89 -1.45 5.29 -24.50
N GLN A 90 -1.58 6.15 -23.49
CA GLN A 90 -2.52 7.28 -23.56
C GLN A 90 -1.79 8.56 -24.02
N PRO A 91 -2.47 9.42 -24.73
CA PRO A 91 -1.87 10.71 -25.22
C PRO A 91 -1.59 11.69 -24.08
N SER A 92 -2.56 11.82 -23.17
CA SER A 92 -2.43 12.73 -22.02
C SER A 92 -2.15 11.94 -20.74
N ILE A 93 -1.65 10.72 -20.91
CA ILE A 93 -1.33 9.88 -19.76
C ILE A 93 -2.47 9.92 -18.75
N ASN A 94 -3.68 9.58 -19.20
CA ASN A 94 -4.85 9.58 -18.33
C ASN A 94 -4.63 8.63 -17.16
N THR A 95 -3.81 9.06 -16.20
CA THR A 95 -3.50 8.22 -15.03
C THR A 95 -4.11 8.84 -13.76
N PRO A 96 -4.51 8.03 -12.81
CA PRO A 96 -5.10 8.52 -11.53
C PRO A 96 -4.09 9.26 -10.68
N LEU A 97 -3.41 8.54 -9.79
CA LEU A 97 -2.40 9.19 -8.92
C LEU A 97 -1.00 8.61 -9.18
N PRO A 98 0.04 9.44 -9.19
CA PRO A 98 1.45 8.96 -9.38
C PRO A 98 1.78 7.77 -8.47
N ASN A 99 2.91 7.85 -7.78
CA ASN A 99 3.32 6.78 -6.87
C ASN A 99 3.63 7.36 -5.49
N LEU A 100 3.67 6.49 -4.50
CA LEU A 100 3.95 6.89 -3.13
C LEU A 100 2.83 7.79 -2.59
N GLN A 101 2.68 8.95 -3.20
CA GLN A 101 1.65 9.89 -2.78
C GLN A 101 1.79 10.21 -1.30
N ASN A 102 0.76 10.81 -0.72
CA ASN A 102 0.79 11.16 0.69
C ASN A 102 0.82 9.90 1.56
N GLY A 103 -0.11 9.00 1.28
CA GLY A 103 -0.23 7.77 2.04
C GLY A 103 0.93 6.93 2.00
N PRO A 104 0.80 5.82 2.63
CA PRO A 104 -0.43 5.36 3.43
C PRO A 104 -0.88 6.29 4.55
N PHE A 105 -2.14 6.68 4.47
CA PHE A 105 -2.76 7.54 5.47
C PHE A 105 -4.24 7.21 5.54
N TYR A 106 -5.11 8.18 5.30
CA TYR A 106 -6.52 7.94 5.38
C TYR A 106 -7.27 8.70 4.31
N ALA A 107 -8.01 7.96 3.51
CA ALA A 107 -8.82 8.55 2.47
C ALA A 107 -10.28 8.50 2.86
N ARG A 108 -11.13 8.59 1.88
CA ARG A 108 -12.55 8.51 2.12
C ARG A 108 -13.24 8.21 0.81
N VAL A 109 -13.34 6.94 0.48
CA VAL A 109 -13.96 6.57 -0.76
C VAL A 109 -15.37 7.10 -0.85
N ILE A 110 -15.63 7.86 -1.91
CA ILE A 110 -16.96 8.44 -2.12
C ILE A 110 -17.59 7.89 -3.40
N GLN A 111 -17.05 6.79 -3.92
CA GLN A 111 -17.58 6.21 -5.16
C GLN A 111 -16.86 4.90 -5.49
N LYS A 112 -17.60 3.80 -5.40
CA LYS A 112 -17.05 2.48 -5.69
C LYS A 112 -18.16 1.51 -6.04
N ARG A 113 -17.97 0.27 -5.64
CA ARG A 113 -18.95 -0.77 -5.91
C ARG A 113 -18.80 -1.90 -4.89
N VAL A 114 -18.97 -3.14 -5.36
CA VAL A 114 -18.83 -4.32 -4.49
C VAL A 114 -17.97 -5.38 -5.16
N PRO A 115 -16.71 -5.09 -5.35
CA PRO A 115 -15.77 -6.05 -5.97
C PRO A 115 -15.11 -6.91 -4.92
N ASN A 116 -14.36 -7.90 -5.39
CA ASN A 116 -13.67 -8.81 -4.52
C ASN A 116 -12.36 -9.23 -5.16
N ALA A 117 -11.32 -9.39 -4.32
CA ALA A 117 -9.98 -9.74 -4.79
C ALA A 117 -10.01 -10.80 -5.91
N TYR A 118 -11.20 -11.30 -6.18
CA TYR A 118 -11.45 -12.27 -7.23
C TYR A 118 -11.88 -11.57 -8.52
N ASP A 119 -12.91 -10.75 -8.42
CA ASP A 119 -13.43 -10.03 -9.59
C ASP A 119 -12.30 -9.44 -10.42
N LYS A 120 -11.61 -8.47 -9.84
CA LYS A 120 -10.51 -7.79 -10.53
C LYS A 120 -9.45 -7.34 -9.54
N THR A 121 -9.30 -8.10 -8.48
CA THR A 121 -8.33 -7.78 -7.44
C THR A 121 -8.81 -6.57 -6.65
N ALA A 122 -9.78 -5.87 -7.20
CA ALA A 122 -10.33 -4.69 -6.54
C ALA A 122 -10.73 -4.98 -5.09
N LEU A 123 -10.77 -3.91 -4.26
CA LEU A 123 -11.13 -4.03 -2.85
C LEU A 123 -12.60 -3.69 -2.63
N ALA A 124 -13.22 -4.33 -1.64
CA ALA A 124 -14.63 -4.09 -1.38
C ALA A 124 -14.86 -2.91 -0.43
N LEU A 125 -15.49 -1.85 -0.96
CA LEU A 125 -15.78 -0.66 -0.14
C LEU A 125 -17.18 -0.10 -0.44
N GLU A 126 -17.49 1.03 0.19
CA GLU A 126 -18.78 1.69 -0.02
C GLU A 126 -18.62 3.20 0.08
N VAL A 127 -19.45 3.90 -0.68
CA VAL A 127 -19.43 5.33 -0.66
C VAL A 127 -19.66 5.82 0.75
N GLY A 128 -18.60 6.32 1.38
CA GLY A 128 -18.69 6.83 2.74
C GLY A 128 -17.80 6.03 3.65
N GLU A 129 -17.06 5.10 3.07
CA GLU A 129 -16.16 4.28 3.85
C GLU A 129 -14.82 4.98 3.97
N LEU A 130 -13.77 4.30 3.53
CA LEU A 130 -12.40 4.83 3.57
C LEU A 130 -11.40 3.69 3.43
N VAL A 131 -10.37 3.96 2.65
CA VAL A 131 -9.33 2.98 2.39
C VAL A 131 -7.96 3.62 2.60
N LYS A 132 -7.06 2.84 3.17
CA LYS A 132 -5.71 3.28 3.44
C LYS A 132 -4.77 2.74 2.39
N VAL A 133 -4.62 3.46 1.31
CA VAL A 133 -3.76 3.00 0.26
C VAL A 133 -2.35 2.73 0.77
N THR A 134 -1.66 1.81 0.13
CA THR A 134 -0.29 1.48 0.53
C THR A 134 0.45 0.81 -0.61
N LYS A 135 -0.15 -0.21 -1.18
CA LYS A 135 0.49 -0.94 -2.25
C LYS A 135 0.50 -0.18 -3.56
N ILE A 136 1.69 0.15 -4.04
CA ILE A 136 1.83 0.88 -5.30
C ILE A 136 2.78 0.12 -6.23
N ASN A 137 2.20 -0.54 -7.22
CA ASN A 137 2.98 -1.27 -8.20
C ASN A 137 3.40 -0.35 -9.34
N MET A 138 2.61 0.70 -9.56
CA MET A 138 2.88 1.63 -10.64
C MET A 138 2.48 3.06 -10.24
N SER A 139 2.74 4.00 -11.13
CA SER A 139 2.41 5.39 -10.86
C SER A 139 1.02 5.71 -11.38
N GLY A 140 0.24 4.66 -11.67
CA GLY A 140 -1.09 4.87 -12.18
C GLY A 140 -2.10 3.97 -11.47
N GLN A 141 -2.38 2.83 -12.07
CA GLN A 141 -3.36 1.91 -11.49
C GLN A 141 -2.78 1.21 -10.25
N TRP A 142 -2.49 2.03 -9.23
CA TRP A 142 -1.97 1.52 -7.98
C TRP A 142 -3.03 0.74 -7.24
N GLU A 143 -2.63 0.21 -6.10
CA GLU A 143 -3.53 -0.59 -5.30
C GLU A 143 -3.94 0.15 -4.03
N GLY A 144 -4.47 -0.58 -3.05
CA GLY A 144 -4.87 0.06 -1.80
C GLY A 144 -4.96 -0.94 -0.64
N GLU A 145 -5.69 -0.58 0.42
CA GLU A 145 -5.86 -1.47 1.57
C GLU A 145 -6.92 -0.95 2.53
N CYS A 146 -7.83 -1.83 2.89
CA CYS A 146 -8.92 -1.49 3.79
C CYS A 146 -9.29 -2.71 4.63
N ASN A 147 -8.48 -3.04 5.63
CA ASN A 147 -8.76 -4.20 6.50
C ASN A 147 -8.24 -5.48 5.85
N GLY A 148 -7.15 -5.34 5.07
CA GLY A 148 -6.51 -6.46 4.40
C GLY A 148 -7.01 -6.59 2.96
N LYS A 149 -8.25 -6.22 2.74
CA LYS A 149 -8.84 -6.34 1.43
C LYS A 149 -8.22 -5.35 0.48
N ARG A 150 -7.03 -5.66 0.04
CA ARG A 150 -6.33 -4.81 -0.87
C ARG A 150 -6.93 -4.98 -2.25
N GLY A 151 -6.51 -4.14 -3.16
CA GLY A 151 -6.97 -4.20 -4.53
C GLY A 151 -6.51 -2.97 -5.27
N HIS A 152 -7.22 -2.63 -6.34
CA HIS A 152 -6.93 -1.47 -7.17
C HIS A 152 -8.14 -0.58 -7.26
N PHE A 153 -7.95 0.61 -7.80
CA PHE A 153 -9.05 1.54 -7.97
C PHE A 153 -8.55 2.97 -8.25
N PRO A 154 -8.79 3.52 -9.43
CA PRO A 154 -8.36 4.92 -9.75
C PRO A 154 -8.85 5.92 -8.70
N PHE A 155 -7.99 6.88 -8.38
CA PHE A 155 -8.31 7.89 -7.40
C PHE A 155 -9.44 8.80 -7.93
N THR A 156 -9.90 8.52 -9.13
CA THR A 156 -10.93 9.33 -9.73
C THR A 156 -12.17 9.44 -8.84
N HIS A 157 -12.15 8.82 -7.64
CA HIS A 157 -13.29 8.88 -6.74
C HIS A 157 -12.85 8.75 -5.27
N VAL A 158 -12.12 9.75 -4.79
CA VAL A 158 -11.65 9.72 -3.40
C VAL A 158 -11.37 11.16 -2.94
N ARG A 159 -11.48 11.40 -1.63
CA ARG A 159 -11.26 12.76 -1.09
C ARG A 159 -9.89 12.92 -0.46
N LEU A 160 -9.60 12.06 0.50
CA LEU A 160 -8.33 12.09 1.25
C LEU A 160 -8.41 13.02 2.42
N LEU A 161 -8.21 12.43 3.58
CA LEU A 161 -8.25 13.16 4.82
C LEU A 161 -6.99 14.01 4.95
N ASP A 162 -6.90 14.71 6.06
CA ASP A 162 -5.75 15.59 6.31
C ASP A 162 -4.61 14.81 6.96
N GLN A 163 -4.29 13.65 6.38
CA GLN A 163 -3.20 12.83 6.91
C GLN A 163 -3.49 12.44 8.36
N VAL A 1 12.79 -2.75 19.97
CA VAL A 1 12.62 -4.02 19.22
C VAL A 1 11.80 -3.72 17.97
N GLU A 2 11.22 -4.77 17.38
CA GLU A 2 10.41 -4.64 16.18
C GLU A 2 11.26 -4.85 14.94
N TYR A 3 10.63 -5.27 13.86
CA TYR A 3 11.36 -5.51 12.62
C TYR A 3 10.46 -5.53 11.39
N VAL A 4 9.18 -5.77 11.63
CA VAL A 4 8.17 -5.81 10.57
C VAL A 4 8.74 -6.40 9.29
N ARG A 5 7.92 -6.50 8.27
CA ARG A 5 8.37 -7.05 7.01
C ARG A 5 7.68 -6.31 5.90
N ALA A 6 8.48 -5.82 4.93
CA ALA A 6 7.92 -5.06 3.84
C ALA A 6 7.74 -5.90 2.61
N LEU A 7 6.65 -6.60 2.51
CA LEU A 7 6.41 -7.46 1.35
C LEU A 7 5.58 -6.74 0.29
N PHE A 8 5.75 -5.43 0.18
CA PHE A 8 5.01 -4.65 -0.81
C PHE A 8 5.93 -3.69 -1.53
N ASP A 9 7.20 -3.79 -1.20
CA ASP A 9 8.24 -2.93 -1.79
C ASP A 9 7.83 -1.47 -1.66
N PHE A 10 8.79 -0.60 -1.35
CA PHE A 10 8.46 0.82 -1.20
C PHE A 10 9.41 1.69 -2.00
N ASN A 11 10.69 1.43 -1.84
CA ASN A 11 11.71 2.18 -2.56
C ASN A 11 11.34 3.66 -2.65
N GLY A 12 11.22 4.32 -1.50
CA GLY A 12 10.87 5.70 -1.46
C GLY A 12 12.00 6.54 -2.01
N ASN A 13 12.08 7.74 -1.49
CA ASN A 13 13.13 8.69 -1.89
C ASN A 13 12.76 10.09 -1.41
N ASP A 14 13.40 10.54 -0.33
CA ASP A 14 13.18 11.89 0.23
C ASP A 14 13.90 12.12 1.55
N ASP A 15 14.87 11.30 1.79
CA ASP A 15 15.64 11.37 3.03
C ASP A 15 14.71 11.07 4.22
N GLU A 16 13.54 11.69 4.20
CA GLU A 16 12.52 11.51 5.23
C GLU A 16 11.69 10.30 4.91
N ASP A 17 12.29 9.35 4.24
CA ASP A 17 11.61 8.10 3.92
C ASP A 17 12.59 6.92 4.00
N LEU A 18 12.06 5.69 4.05
CA LEU A 18 12.91 4.49 4.13
C LEU A 18 12.70 3.57 2.93
N PRO A 19 13.45 3.73 1.88
CA PRO A 19 13.28 2.87 0.68
C PRO A 19 13.79 1.43 0.90
N PHE A 20 12.90 0.48 0.65
CA PHE A 20 13.21 -0.94 0.82
C PHE A 20 12.52 -1.78 -0.24
N LYS A 21 12.99 -3.01 -0.38
CA LYS A 21 12.47 -3.94 -1.36
C LYS A 21 12.45 -5.35 -0.78
N LYS A 22 11.49 -6.14 -1.26
CA LYS A 22 11.34 -7.51 -0.82
C LYS A 22 10.76 -7.53 0.57
N GLY A 23 11.22 -8.45 1.40
CA GLY A 23 10.76 -8.59 2.76
C GLY A 23 11.83 -8.12 3.72
N ASP A 24 12.39 -6.95 3.44
CA ASP A 24 13.43 -6.40 4.28
C ASP A 24 12.95 -6.29 5.71
N ILE A 25 13.90 -6.34 6.65
CA ILE A 25 13.57 -6.23 8.08
C ILE A 25 13.91 -4.83 8.56
N LEU A 26 12.86 -4.05 8.78
CA LEU A 26 13.05 -2.67 9.19
C LEU A 26 12.57 -2.45 10.61
N LYS A 27 13.51 -2.22 11.51
CA LYS A 27 13.17 -2.01 12.91
C LYS A 27 12.47 -0.69 13.08
N ILE A 28 11.60 -0.63 14.09
CA ILE A 28 10.86 0.60 14.38
C ILE A 28 11.60 1.41 15.44
N ARG A 29 11.75 2.70 15.19
CA ARG A 29 12.42 3.60 16.14
C ARG A 29 11.42 4.51 16.83
N ASP A 30 10.48 5.04 16.04
CA ASP A 30 9.46 5.93 16.58
C ASP A 30 8.20 5.88 15.73
N LYS A 31 7.05 5.65 16.37
CA LYS A 31 5.78 5.58 15.65
C LYS A 31 4.77 6.58 16.20
N PRO A 32 4.93 7.85 15.89
CA PRO A 32 4.01 8.92 16.38
C PRO A 32 2.56 8.67 15.95
N GLU A 33 2.39 8.21 14.70
CA GLU A 33 1.06 7.94 14.16
C GLU A 33 0.82 6.44 14.09
N GLU A 34 -0.21 6.04 13.34
CA GLU A 34 -0.55 4.62 13.19
C GLU A 34 -0.44 4.21 11.73
N GLN A 35 -0.49 5.19 10.83
CA GLN A 35 -0.41 4.92 9.41
C GLN A 35 1.05 4.90 8.93
N TRP A 36 1.89 5.73 9.55
CA TRP A 36 3.31 5.79 9.20
C TRP A 36 4.15 5.40 10.39
N TRP A 37 5.34 4.84 10.14
CA TRP A 37 6.24 4.43 11.21
C TRP A 37 7.70 4.74 10.89
N ASN A 38 8.37 5.38 11.81
CA ASN A 38 9.77 5.71 11.64
C ASN A 38 10.60 4.46 11.93
N ALA A 39 11.26 3.95 10.91
CA ALA A 39 12.07 2.74 11.02
C ALA A 39 13.48 2.99 10.52
N GLU A 40 14.34 2.00 10.71
CA GLU A 40 15.72 2.08 10.28
C GLU A 40 16.05 0.92 9.33
N ASP A 41 16.75 1.24 8.24
CA ASP A 41 17.13 0.22 7.27
C ASP A 41 18.08 -0.78 7.89
N MET A 42 18.40 -1.80 7.11
CA MET A 42 19.32 -2.84 7.55
C MET A 42 20.77 -2.36 7.44
N ASP A 43 20.95 -1.16 6.90
CA ASP A 43 22.30 -0.61 6.70
C ASP A 43 22.67 0.39 7.76
N GLY A 44 21.68 1.05 8.30
CA GLY A 44 21.88 2.06 9.31
C GLY A 44 21.37 3.40 8.79
N LYS A 45 20.15 3.36 8.28
CA LYS A 45 19.50 4.60 7.80
C LYS A 45 18.11 4.73 8.36
N ARG A 46 17.77 5.93 8.83
CA ARG A 46 16.47 6.19 9.43
C ARG A 46 15.57 6.97 8.49
N GLY A 47 14.38 6.44 8.27
CA GLY A 47 13.41 7.07 7.40
C GLY A 47 11.98 6.60 7.66
N MET A 48 11.01 7.44 7.31
CA MET A 48 9.62 7.11 7.51
C MET A 48 9.21 5.96 6.60
N ILE A 49 8.14 5.27 6.99
CA ILE A 49 7.63 4.16 6.21
C ILE A 49 6.10 4.04 6.24
N PRO A 50 5.48 3.67 5.13
CA PRO A 50 4.01 3.45 5.11
C PRO A 50 3.69 2.11 5.82
N VAL A 51 3.01 2.16 6.97
CA VAL A 51 2.68 0.92 7.70
C VAL A 51 2.09 -0.16 6.78
N PRO A 52 1.07 0.13 6.03
CA PRO A 52 0.42 -0.90 5.15
C PRO A 52 1.43 -1.67 4.30
N TYR A 53 2.55 -1.05 3.99
CA TYR A 53 3.54 -1.73 3.17
C TYR A 53 4.23 -2.84 3.94
N VAL A 54 3.86 -3.02 5.19
CA VAL A 54 4.44 -4.08 6.01
C VAL A 54 3.36 -4.80 6.79
N GLU A 55 3.68 -6.00 7.27
CA GLU A 55 2.71 -6.80 8.03
C GLU A 55 3.16 -6.99 9.48
N LYS A 56 4.33 -7.63 9.65
CA LYS A 56 4.88 -7.91 10.97
C LYS A 56 6.15 -8.72 10.84
N CYS A 57 6.59 -9.30 11.96
CA CYS A 57 7.80 -10.09 12.00
C CYS A 57 7.57 -11.40 12.75
N ARG A 58 6.37 -11.94 12.62
CA ARG A 58 6.03 -13.19 13.29
C ARG A 58 4.72 -13.75 12.73
N PRO A 59 4.64 -13.91 11.44
CA PRO A 59 3.41 -14.45 10.78
C PRO A 59 3.22 -15.94 11.07
N SER A 60 1.98 -16.32 11.38
CA SER A 60 1.65 -17.72 11.68
C SER A 60 0.75 -18.29 10.61
N SER A 61 1.10 -18.05 9.35
CA SER A 61 0.31 -18.55 8.23
C SER A 61 1.11 -18.47 6.94
N ALA A 62 0.42 -18.42 5.80
CA ALA A 62 1.06 -18.33 4.49
C ALA A 62 0.74 -17.01 3.82
N SER A 63 -0.48 -16.89 3.30
CA SER A 63 -0.92 -15.66 2.64
C SER A 63 -1.99 -14.96 3.47
N VAL A 64 -1.60 -13.86 4.12
CA VAL A 64 -2.53 -13.11 4.95
C VAL A 64 -3.21 -12.01 4.14
N SER A 65 -2.53 -10.88 3.98
CA SER A 65 -3.08 -9.77 3.23
C SER A 65 -3.01 -10.06 1.73
N THR A 66 -4.09 -9.76 1.03
CA THR A 66 -4.15 -9.99 -0.41
C THR A 66 -4.06 -11.48 -0.73
N LEU A 67 -5.16 -12.03 -1.19
CA LEU A 67 -5.22 -13.45 -1.54
C LEU A 67 -5.39 -14.29 -0.27
N THR A 68 -6.64 -14.50 0.13
CA THR A 68 -6.94 -15.29 1.32
C THR A 68 -7.90 -16.43 0.97
N GLY A 69 -7.46 -17.66 1.25
CA GLY A 69 -8.29 -18.82 0.96
C GLY A 69 -7.69 -20.07 1.62
N GLY A 70 -8.55 -21.01 1.96
CA GLY A 70 -8.11 -22.25 2.60
C GLY A 70 -7.27 -23.08 1.64
N ASN A 71 -7.64 -23.06 0.36
CA ASN A 71 -6.91 -23.82 -0.67
C ASN A 71 -6.39 -22.89 -1.76
N GLN A 72 -6.01 -21.68 -1.36
CA GLN A 72 -5.48 -20.70 -2.30
C GLN A 72 -6.59 -20.19 -3.22
N ASP A 73 -7.39 -21.12 -3.75
CA ASP A 73 -8.48 -20.76 -4.64
C ASP A 73 -7.97 -19.93 -5.80
N SER A 74 -6.77 -20.25 -6.28
CA SER A 74 -6.18 -19.52 -7.39
C SER A 74 -6.98 -19.74 -8.67
N SER A 75 -6.89 -18.79 -9.60
CA SER A 75 -7.62 -18.89 -10.85
C SER A 75 -6.96 -18.04 -11.93
N HIS A 76 -5.96 -18.62 -12.60
CA HIS A 76 -5.25 -17.91 -13.65
C HIS A 76 -4.70 -16.58 -13.13
N PRO A 77 -3.77 -16.63 -12.21
CA PRO A 77 -3.16 -15.40 -11.62
C PRO A 77 -2.17 -14.73 -12.57
N GLN A 78 -2.68 -13.89 -13.45
CA GLN A 78 -1.84 -13.17 -14.40
C GLN A 78 -1.50 -11.77 -13.87
N PRO A 79 -2.46 -11.07 -13.31
CA PRO A 79 -2.26 -9.71 -12.77
C PRO A 79 -1.71 -9.73 -11.36
N LEU A 80 -1.20 -10.89 -10.94
CA LEU A 80 -0.66 -11.02 -9.60
C LEU A 80 0.82 -10.61 -9.58
N GLY A 81 1.11 -9.57 -8.83
CA GLY A 81 2.47 -9.06 -8.72
C GLY A 81 2.48 -7.62 -8.22
N GLY A 82 3.42 -7.31 -7.32
CA GLY A 82 3.53 -5.96 -6.77
C GLY A 82 4.51 -5.13 -7.59
N PRO A 83 5.74 -5.58 -7.70
CA PRO A 83 6.79 -4.86 -8.47
C PRO A 83 6.33 -4.55 -9.90
N GLU A 84 5.87 -3.33 -10.12
CA GLU A 84 5.40 -2.92 -11.44
C GLU A 84 5.09 -1.42 -11.44
N PRO A 85 5.99 -0.61 -10.96
CA PRO A 85 5.80 0.88 -10.92
C PRO A 85 5.77 1.47 -12.31
N GLY A 86 5.00 2.54 -12.47
CA GLY A 86 4.89 3.20 -13.76
C GLY A 86 6.10 4.12 -13.99
N PRO A 87 5.97 5.42 -13.74
CA PRO A 87 7.10 6.37 -13.93
C PRO A 87 8.16 6.23 -12.83
N TYR A 88 9.43 6.36 -13.22
CA TYR A 88 10.54 6.26 -12.28
C TYR A 88 10.38 7.32 -11.19
N ALA A 89 11.25 7.26 -10.18
CA ALA A 89 11.18 8.22 -9.08
C ALA A 89 10.84 9.61 -9.60
N GLN A 90 9.56 9.96 -9.52
CA GLN A 90 9.09 11.26 -10.02
C GLN A 90 8.64 12.16 -8.85
N PRO A 91 9.50 13.06 -8.40
CA PRO A 91 9.16 13.99 -7.29
C PRO A 91 7.82 14.69 -7.53
N SER A 92 7.36 14.66 -8.78
CA SER A 92 6.07 15.28 -9.16
C SER A 92 5.10 14.24 -9.64
N ILE A 93 4.72 13.34 -8.73
CA ILE A 93 3.78 12.28 -9.04
C ILE A 93 2.64 12.85 -9.89
N ASN A 94 2.72 12.58 -11.18
CA ASN A 94 1.70 13.05 -12.11
C ASN A 94 0.47 12.15 -12.07
N THR A 95 0.54 11.12 -11.23
CA THR A 95 -0.57 10.17 -11.11
C THR A 95 -1.86 10.90 -10.72
N PRO A 96 -2.97 10.18 -10.63
CA PRO A 96 -4.29 10.77 -10.26
C PRO A 96 -4.27 11.36 -8.85
N LEU A 97 -3.25 11.01 -8.08
CA LEU A 97 -3.12 11.52 -6.72
C LEU A 97 -1.74 12.15 -6.53
N PRO A 98 -1.61 13.43 -6.75
CA PRO A 98 -0.32 14.17 -6.58
C PRO A 98 0.20 14.10 -5.14
N ASN A 99 1.48 14.42 -4.97
CA ASN A 99 2.10 14.41 -3.65
C ASN A 99 2.02 13.03 -3.03
N LEU A 100 2.86 12.11 -3.50
CA LEU A 100 2.89 10.72 -3.00
C LEU A 100 1.54 10.33 -2.41
N GLN A 101 0.50 10.70 -3.13
CA GLN A 101 -0.86 10.42 -2.69
C GLN A 101 -0.99 10.55 -1.18
N ASN A 102 -0.24 11.50 -0.60
CA ASN A 102 -0.22 11.73 0.84
C ASN A 102 -0.12 10.41 1.58
N GLY A 103 -1.17 9.62 1.48
CA GLY A 103 -1.21 8.30 2.08
C GLY A 103 -0.05 7.52 1.81
N PRO A 104 -0.12 6.32 2.26
CA PRO A 104 -1.30 5.71 3.03
C PRO A 104 -1.76 6.50 4.26
N PHE A 105 -3.00 6.96 4.17
CA PHE A 105 -3.62 7.73 5.24
C PHE A 105 -5.11 7.41 5.26
N TYR A 106 -5.97 8.40 5.04
CA TYR A 106 -7.39 8.15 5.07
C TYR A 106 -8.10 8.99 4.03
N ALA A 107 -8.81 8.28 3.16
CA ALA A 107 -9.58 8.90 2.12
C ALA A 107 -11.06 8.83 2.45
N ARG A 108 -11.88 9.02 1.44
CA ARG A 108 -13.31 8.94 1.62
C ARG A 108 -13.95 8.73 0.27
N VAL A 109 -14.11 7.48 -0.10
CA VAL A 109 -14.71 7.15 -1.38
C VAL A 109 -16.14 7.66 -1.43
N ILE A 110 -16.45 8.39 -2.51
CA ILE A 110 -17.79 8.94 -2.70
C ILE A 110 -18.41 8.43 -4.00
N GLN A 111 -17.83 7.37 -4.56
CA GLN A 111 -18.35 6.82 -5.82
C GLN A 111 -17.60 5.54 -6.17
N LYS A 112 -18.33 4.43 -6.14
CA LYS A 112 -17.75 3.13 -6.47
C LYS A 112 -18.85 2.14 -6.85
N ARG A 113 -18.62 0.88 -6.52
CA ARG A 113 -19.58 -0.17 -6.82
C ARG A 113 -19.39 -1.35 -5.88
N VAL A 114 -19.59 -2.55 -6.42
CA VAL A 114 -19.42 -3.79 -5.65
C VAL A 114 -18.60 -4.80 -6.44
N PRO A 115 -17.33 -4.55 -6.61
CA PRO A 115 -16.41 -5.45 -7.33
C PRO A 115 -15.73 -6.46 -6.41
N ASN A 116 -15.10 -7.44 -7.05
CA ASN A 116 -14.38 -8.51 -6.38
C ASN A 116 -12.89 -8.19 -6.31
N ALA A 117 -12.08 -9.19 -5.99
CA ALA A 117 -10.63 -9.02 -5.92
C ALA A 117 -9.93 -9.70 -7.10
N TYR A 118 -10.71 -10.12 -8.10
CA TYR A 118 -10.15 -10.80 -9.28
C TYR A 118 -10.56 -10.06 -10.54
N ASP A 119 -11.64 -9.30 -10.44
CA ASP A 119 -12.15 -8.54 -11.57
C ASP A 119 -11.17 -7.42 -11.93
N LYS A 120 -9.89 -7.76 -11.95
CA LYS A 120 -8.81 -6.81 -12.26
C LYS A 120 -8.20 -6.24 -11.01
N THR A 121 -8.69 -6.70 -9.88
CA THR A 121 -8.19 -6.26 -8.58
C THR A 121 -8.85 -4.96 -8.14
N ALA A 122 -10.17 -4.98 -7.99
CA ALA A 122 -10.90 -3.79 -7.57
C ALA A 122 -11.56 -3.98 -6.21
N LEU A 123 -10.98 -3.31 -5.19
CA LEU A 123 -11.51 -3.36 -3.84
C LEU A 123 -12.98 -3.09 -3.82
N ALA A 124 -13.65 -3.58 -2.78
CA ALA A 124 -15.10 -3.37 -2.65
C ALA A 124 -15.39 -2.30 -1.60
N LEU A 125 -16.09 -1.25 -2.04
CA LEU A 125 -16.44 -0.14 -1.14
C LEU A 125 -17.84 0.41 -1.46
N GLU A 126 -18.20 1.50 -0.78
CA GLU A 126 -19.49 2.15 -0.98
C GLU A 126 -19.37 3.67 -0.81
N VAL A 127 -20.22 4.39 -1.51
CA VAL A 127 -20.24 5.82 -1.41
C VAL A 127 -20.49 6.23 0.03
N GLY A 128 -19.45 6.75 0.68
CA GLY A 128 -19.56 7.19 2.05
C GLY A 128 -18.67 6.35 2.94
N GLU A 129 -17.90 5.48 2.32
CA GLU A 129 -16.99 4.63 3.08
C GLU A 129 -15.67 5.33 3.25
N LEU A 130 -14.59 4.67 2.82
CA LEU A 130 -13.24 5.22 2.92
C LEU A 130 -12.23 4.09 2.76
N VAL A 131 -11.18 4.37 2.00
CA VAL A 131 -10.13 3.40 1.76
C VAL A 131 -8.77 4.02 1.99
N LYS A 132 -7.88 3.22 2.54
CA LYS A 132 -6.52 3.66 2.83
C LYS A 132 -5.58 3.21 1.72
N VAL A 133 -5.50 4.01 0.67
CA VAL A 133 -4.66 3.67 -0.46
C VAL A 133 -3.21 3.52 -0.02
N THR A 134 -2.46 2.68 -0.71
CA THR A 134 -1.06 2.47 -0.37
C THR A 134 -0.26 2.14 -1.62
N LYS A 135 -0.71 1.13 -2.34
CA LYS A 135 -0.03 0.70 -3.55
C LYS A 135 -0.11 1.77 -4.62
N ILE A 136 0.96 1.90 -5.42
CA ILE A 136 1.00 2.91 -6.47
C ILE A 136 1.89 2.45 -7.63
N ASN A 137 1.67 3.04 -8.79
CA ASN A 137 2.46 2.71 -9.97
C ASN A 137 2.06 3.59 -11.15
N MET A 138 1.36 2.99 -12.11
CA MET A 138 0.90 3.70 -13.29
C MET A 138 0.37 5.07 -12.90
N SER A 139 0.66 6.07 -13.73
CA SER A 139 0.22 7.42 -13.45
C SER A 139 -1.27 7.56 -13.72
N GLY A 140 -1.97 6.42 -13.83
CA GLY A 140 -3.40 6.46 -14.10
C GLY A 140 -4.16 5.43 -13.25
N GLN A 141 -3.82 4.16 -13.44
CA GLN A 141 -4.49 3.08 -12.71
C GLN A 141 -3.58 2.44 -11.67
N TRP A 142 -3.78 2.82 -10.40
CA TRP A 142 -2.99 2.27 -9.30
C TRP A 142 -3.85 1.41 -8.42
N GLU A 143 -3.34 1.09 -7.24
CA GLU A 143 -4.05 0.25 -6.31
C GLU A 143 -4.11 0.90 -4.94
N GLY A 144 -4.95 0.35 -4.06
CA GLY A 144 -5.10 0.89 -2.73
C GLY A 144 -5.32 -0.21 -1.68
N GLU A 145 -6.04 0.13 -0.60
CA GLU A 145 -6.34 -0.82 0.44
C GLU A 145 -7.32 -0.26 1.46
N CYS A 146 -8.41 -0.99 1.74
CA CYS A 146 -9.39 -0.53 2.75
C CYS A 146 -9.26 -1.41 3.99
N ASN A 147 -10.04 -2.49 4.01
CA ASN A 147 -10.00 -3.46 5.10
C ASN A 147 -9.30 -4.70 4.59
N GLY A 148 -8.12 -4.48 4.01
CA GLY A 148 -7.32 -5.55 3.46
C GLY A 148 -7.66 -5.74 2.00
N LYS A 149 -8.91 -5.45 1.70
CA LYS A 149 -9.43 -5.63 0.35
C LYS A 149 -8.77 -4.66 -0.57
N ARG A 150 -7.61 -5.03 -1.04
CA ARG A 150 -6.88 -4.19 -1.94
C ARG A 150 -7.46 -4.29 -3.34
N GLY A 151 -7.07 -3.36 -4.17
CA GLY A 151 -7.54 -3.34 -5.53
C GLY A 151 -7.17 -2.03 -6.21
N HIS A 152 -7.88 -1.68 -7.27
CA HIS A 152 -7.65 -0.43 -8.01
C HIS A 152 -8.90 0.40 -8.05
N PHE A 153 -8.75 1.63 -8.51
CA PHE A 153 -9.89 2.53 -8.64
C PHE A 153 -9.41 3.99 -8.80
N PRO A 154 -9.63 4.63 -9.94
CA PRO A 154 -9.22 6.06 -10.13
C PRO A 154 -9.70 6.97 -9.01
N PHE A 155 -8.84 7.92 -8.63
CA PHE A 155 -9.17 8.87 -7.59
C PHE A 155 -10.36 9.74 -8.02
N THR A 156 -10.87 9.49 -9.21
CA THR A 156 -11.98 10.27 -9.69
C THR A 156 -13.19 10.22 -8.75
N HIS A 157 -13.06 9.54 -7.61
CA HIS A 157 -14.16 9.44 -6.67
C HIS A 157 -13.65 9.31 -5.23
N VAL A 158 -12.98 10.34 -4.73
CA VAL A 158 -12.49 10.30 -3.34
C VAL A 158 -12.21 11.74 -2.89
N ARG A 159 -12.32 11.97 -1.59
CA ARG A 159 -12.10 13.31 -1.04
C ARG A 159 -10.74 13.46 -0.37
N LEU A 160 -10.46 12.57 0.57
CA LEU A 160 -9.20 12.58 1.32
C LEU A 160 -9.33 13.39 2.59
N LEU A 161 -9.07 12.70 3.69
CA LEU A 161 -9.14 13.32 4.99
C LEU A 161 -7.90 14.17 5.24
N ASP A 162 -7.84 14.76 6.43
CA ASP A 162 -6.72 15.61 6.80
C ASP A 162 -5.59 14.79 7.40
N GLN A 163 -5.23 13.70 6.72
CA GLN A 163 -4.15 12.84 7.20
C GLN A 163 -4.50 12.26 8.57
N VAL A 1 4.22 -3.73 20.92
CA VAL A 1 4.30 -2.94 19.67
C VAL A 1 5.75 -2.59 19.38
N GLU A 2 6.62 -3.60 19.42
CA GLU A 2 8.03 -3.40 19.16
C GLU A 2 8.61 -4.59 18.41
N TYR A 3 9.50 -4.30 17.45
CA TYR A 3 10.13 -5.35 16.64
C TYR A 3 9.17 -5.83 15.56
N VAL A 4 9.44 -5.45 14.32
CA VAL A 4 8.59 -5.84 13.19
C VAL A 4 9.42 -6.33 12.02
N ARG A 5 8.76 -7.01 11.06
CA ARG A 5 9.44 -7.52 9.88
C ARG A 5 8.79 -6.99 8.63
N ALA A 6 9.61 -6.38 7.77
CA ALA A 6 9.12 -5.81 6.54
C ALA A 6 9.51 -6.67 5.36
N LEU A 7 8.50 -7.32 4.78
CA LEU A 7 8.70 -8.22 3.65
C LEU A 7 7.93 -7.73 2.42
N PHE A 8 7.71 -6.40 2.32
CA PHE A 8 6.99 -5.82 1.18
C PHE A 8 7.80 -4.74 0.51
N ASP A 9 9.00 -4.51 1.02
CA ASP A 9 9.90 -3.49 0.48
C ASP A 9 9.23 -2.13 0.53
N PHE A 10 10.00 -1.09 0.89
CA PHE A 10 9.44 0.27 1.00
C PHE A 10 10.29 1.29 0.34
N ASN A 11 11.55 1.18 0.62
CA ASN A 11 12.50 2.13 0.18
C ASN A 11 12.37 3.38 1.05
N GLY A 12 11.89 4.41 0.47
CA GLY A 12 11.72 5.69 1.15
C GLY A 12 10.38 6.33 0.90
N ASN A 13 10.27 7.56 1.40
CA ASN A 13 9.07 8.38 1.22
C ASN A 13 9.14 9.68 2.00
N ASP A 14 9.66 9.61 3.23
CA ASP A 14 9.74 10.80 4.07
C ASP A 14 11.08 11.51 3.92
N ASP A 15 11.43 12.31 4.92
CA ASP A 15 12.70 13.05 4.90
C ASP A 15 13.84 12.11 5.23
N GLU A 16 13.66 11.28 6.27
CA GLU A 16 14.69 10.34 6.70
C GLU A 16 14.13 8.95 6.78
N ASP A 17 13.12 8.67 5.97
CA ASP A 17 12.48 7.35 5.95
C ASP A 17 13.50 6.21 6.16
N LEU A 18 13.02 4.96 6.10
CA LEU A 18 13.92 3.81 6.27
C LEU A 18 13.77 2.81 5.12
N PRO A 19 14.64 2.82 4.15
CA PRO A 19 14.55 1.86 3.01
C PRO A 19 15.01 0.46 3.40
N PHE A 20 14.19 -0.50 3.00
CA PHE A 20 14.41 -1.90 3.29
C PHE A 20 13.72 -2.78 2.25
N LYS A 21 13.96 -4.08 2.35
CA LYS A 21 13.36 -5.07 1.46
C LYS A 21 13.93 -6.44 1.78
N LYS A 22 13.03 -7.43 1.90
CA LYS A 22 13.41 -8.82 2.19
C LYS A 22 13.32 -9.12 3.67
N GLY A 23 12.10 -9.36 4.16
CA GLY A 23 11.87 -9.70 5.54
C GLY A 23 12.87 -9.03 6.47
N ASP A 24 13.06 -7.73 6.26
CA ASP A 24 13.99 -6.98 7.06
C ASP A 24 13.43 -6.79 8.46
N ILE A 25 14.29 -6.94 9.44
CA ILE A 25 13.92 -6.79 10.83
C ILE A 25 14.30 -5.42 11.32
N LEU A 26 13.33 -4.50 11.27
CA LEU A 26 13.59 -3.12 11.66
C LEU A 26 12.90 -2.79 12.98
N LYS A 27 13.69 -2.65 14.02
CA LYS A 27 13.16 -2.37 15.33
C LYS A 27 12.58 -0.96 15.39
N ILE A 28 11.46 -0.83 16.09
CA ILE A 28 10.81 0.45 16.22
C ILE A 28 11.70 1.42 16.96
N ARG A 29 11.11 2.31 17.74
CA ARG A 29 11.89 3.28 18.50
C ARG A 29 10.97 4.13 19.38
N ASP A 30 10.01 4.79 18.74
CA ASP A 30 9.07 5.67 19.47
C ASP A 30 7.65 5.47 18.99
N LYS A 31 7.50 5.00 17.75
CA LYS A 31 6.19 4.75 17.15
C LYS A 31 5.18 5.81 17.58
N PRO A 32 5.22 6.99 17.01
CA PRO A 32 4.28 8.08 17.38
C PRO A 32 2.90 7.88 16.76
N GLU A 33 2.87 7.42 15.52
CA GLU A 33 1.63 7.18 14.81
C GLU A 33 1.32 5.69 14.72
N GLU A 34 0.07 5.37 14.43
CA GLU A 34 -0.35 3.99 14.33
C GLU A 34 -0.07 3.44 12.92
N GLN A 35 -0.34 4.26 11.92
CA GLN A 35 -0.12 3.85 10.54
C GLN A 35 1.36 3.90 10.18
N TRP A 36 2.10 4.80 10.81
CA TRP A 36 3.52 4.96 10.55
C TRP A 36 4.29 4.72 11.84
N TRP A 37 5.54 4.29 11.73
CA TRP A 37 6.35 4.02 12.91
C TRP A 37 7.82 4.32 12.64
N ASN A 38 8.49 4.90 13.61
CA ASN A 38 9.91 5.20 13.47
C ASN A 38 10.72 3.96 13.80
N ALA A 39 11.46 3.46 12.82
CA ALA A 39 12.25 2.24 13.01
C ALA A 39 13.73 2.50 12.79
N GLU A 40 14.54 1.50 13.12
CA GLU A 40 15.97 1.59 12.95
C GLU A 40 16.48 0.43 12.11
N ASP A 41 17.31 0.75 11.12
CA ASP A 41 17.87 -0.25 10.26
C ASP A 41 18.70 -1.26 11.04
N MET A 42 19.20 -2.25 10.32
CA MET A 42 20.06 -3.27 10.91
C MET A 42 21.49 -2.74 11.04
N ASP A 43 21.72 -1.54 10.52
CA ASP A 43 23.07 -0.95 10.54
C ASP A 43 23.22 0.11 11.62
N GLY A 44 22.12 0.74 11.96
CA GLY A 44 22.13 1.81 12.94
C GLY A 44 21.67 3.09 12.28
N LYS A 45 20.56 2.98 11.56
CA LYS A 45 19.96 4.15 10.90
C LYS A 45 18.49 4.25 11.26
N ARG A 46 18.07 5.44 11.67
CA ARG A 46 16.69 5.68 12.08
C ARG A 46 15.89 6.41 11.01
N GLY A 47 14.79 5.80 10.63
CA GLY A 47 13.92 6.38 9.61
C GLY A 47 12.49 5.86 9.71
N MET A 48 11.54 6.69 9.26
CA MET A 48 10.14 6.33 9.32
C MET A 48 9.84 5.15 8.40
N ILE A 49 8.73 4.48 8.68
CA ILE A 49 8.33 3.34 7.88
C ILE A 49 6.82 3.12 7.88
N PRO A 50 6.27 2.65 6.79
CA PRO A 50 4.82 2.32 6.72
C PRO A 50 4.55 1.05 7.55
N VAL A 51 3.81 1.17 8.64
CA VAL A 51 3.51 0.02 9.47
C VAL A 51 3.00 -1.17 8.64
N PRO A 52 1.99 -1.00 7.83
CA PRO A 52 1.42 -2.12 7.01
C PRO A 52 2.46 -2.93 6.24
N TYR A 53 3.58 -2.30 5.91
CA TYR A 53 4.63 -2.98 5.16
C TYR A 53 5.30 -4.06 5.99
N VAL A 54 4.73 -4.37 7.13
CA VAL A 54 5.28 -5.39 8.02
C VAL A 54 4.19 -6.36 8.47
N GLU A 55 4.58 -7.47 9.09
CA GLU A 55 3.60 -8.46 9.52
C GLU A 55 4.05 -9.15 10.80
N LYS A 56 4.65 -8.38 11.68
CA LYS A 56 5.11 -8.89 12.95
C LYS A 56 4.83 -7.90 14.06
N CYS A 57 4.68 -8.43 15.28
CA CYS A 57 4.39 -7.59 16.43
C CYS A 57 3.25 -6.63 16.12
N ARG A 58 2.07 -6.98 16.60
CA ARG A 58 0.89 -6.14 16.38
C ARG A 58 0.35 -6.35 14.95
N PRO A 59 -0.37 -7.43 14.74
CA PRO A 59 -0.94 -7.76 13.40
C PRO A 59 -1.80 -6.62 12.83
N SER A 60 -2.07 -5.62 13.67
CA SER A 60 -2.88 -4.48 13.24
C SER A 60 -4.08 -4.96 12.42
N SER A 61 -4.69 -6.06 12.85
CA SER A 61 -5.84 -6.62 12.16
C SER A 61 -6.71 -7.41 13.12
N ALA A 62 -7.86 -7.88 12.63
CA ALA A 62 -8.77 -8.66 13.45
C ALA A 62 -8.38 -10.14 13.46
N SER A 63 -8.94 -10.89 12.51
CA SER A 63 -8.65 -12.32 12.40
C SER A 63 -7.84 -12.62 11.13
N VAL A 64 -7.56 -11.57 10.34
CA VAL A 64 -6.80 -11.74 9.10
C VAL A 64 -5.37 -11.22 9.30
N SER A 65 -4.44 -12.14 9.50
CA SER A 65 -3.04 -11.77 9.70
C SER A 65 -2.49 -11.08 8.46
N THR A 66 -2.84 -11.61 7.29
CA THR A 66 -2.39 -11.04 6.02
C THR A 66 -3.44 -11.22 4.93
N LEU A 67 -3.39 -12.37 4.25
CA LEU A 67 -4.36 -12.66 3.19
C LEU A 67 -5.03 -14.01 3.43
N THR A 68 -4.27 -14.96 3.97
CA THR A 68 -4.81 -16.29 4.25
C THR A 68 -5.37 -16.92 2.97
N GLY A 69 -5.20 -16.22 1.85
CA GLY A 69 -5.70 -16.72 0.58
C GLY A 69 -5.13 -18.11 0.28
N GLY A 70 -3.83 -18.16 0.06
CA GLY A 70 -3.16 -19.44 -0.23
C GLY A 70 -3.53 -19.93 -1.62
N ASN A 71 -3.93 -19.01 -2.50
CA ASN A 71 -4.32 -19.37 -3.87
C ASN A 71 -3.81 -18.33 -4.86
N GLN A 72 -2.66 -18.60 -5.46
CA GLN A 72 -2.07 -17.68 -6.43
C GLN A 72 -1.95 -16.28 -5.83
N ASP A 73 -1.00 -16.11 -4.92
CA ASP A 73 -0.78 -14.81 -4.27
C ASP A 73 0.25 -13.99 -5.04
N SER A 74 0.74 -14.56 -6.14
CA SER A 74 1.74 -13.88 -6.96
C SER A 74 1.13 -12.69 -7.67
N SER A 75 1.94 -11.66 -7.90
CA SER A 75 1.45 -10.46 -8.57
C SER A 75 0.97 -10.80 -9.98
N HIS A 76 1.92 -11.00 -10.89
CA HIS A 76 1.57 -11.33 -12.27
C HIS A 76 0.49 -10.40 -12.79
N PRO A 77 0.83 -9.16 -13.03
CA PRO A 77 -0.14 -8.14 -13.54
C PRO A 77 -0.73 -8.53 -14.89
N GLN A 78 -2.02 -8.25 -15.06
CA GLN A 78 -2.72 -8.56 -16.32
C GLN A 78 -3.02 -7.27 -17.10
N PRO A 79 -3.38 -6.20 -16.41
CA PRO A 79 -3.66 -4.90 -17.07
C PRO A 79 -2.44 -4.34 -17.77
N LEU A 80 -2.67 -3.46 -18.75
CA LEU A 80 -1.59 -2.84 -19.51
C LEU A 80 -0.75 -3.91 -20.21
N GLY A 81 -0.02 -4.71 -19.45
CA GLY A 81 0.81 -5.76 -20.01
C GLY A 81 1.60 -5.24 -21.20
N GLY A 82 1.37 -5.82 -22.37
CA GLY A 82 2.08 -5.40 -23.57
C GLY A 82 1.57 -4.06 -24.07
N PRO A 83 0.39 -4.02 -24.61
CA PRO A 83 -0.24 -2.77 -25.13
C PRO A 83 -0.54 -1.77 -24.02
N GLU A 84 -0.47 -0.48 -24.34
CA GLU A 84 -0.73 0.58 -23.36
C GLU A 84 -1.47 1.74 -24.02
N PRO A 85 -2.72 1.56 -24.32
CA PRO A 85 -3.57 2.61 -24.96
C PRO A 85 -3.52 3.92 -24.19
N GLY A 86 -2.86 3.90 -23.03
CA GLY A 86 -2.73 5.09 -22.19
C GLY A 86 -3.56 4.95 -20.92
N PRO A 87 -3.49 5.93 -20.06
CA PRO A 87 -4.25 5.93 -18.77
C PRO A 87 -5.75 6.15 -18.98
N TYR A 88 -6.48 6.29 -17.87
CA TYR A 88 -7.91 6.52 -17.94
C TYR A 88 -8.21 7.78 -18.74
N ALA A 89 -9.49 8.02 -19.02
CA ALA A 89 -9.87 9.20 -19.80
C ALA A 89 -9.05 10.41 -19.37
N GLN A 90 -7.94 10.64 -20.07
CA GLN A 90 -7.06 11.76 -19.76
C GLN A 90 -6.61 12.47 -21.04
N PRO A 91 -7.12 13.65 -21.34
CA PRO A 91 -6.73 14.39 -22.58
C PRO A 91 -5.21 14.43 -22.78
N SER A 92 -4.52 15.03 -21.83
CA SER A 92 -3.07 15.13 -21.91
C SER A 92 -2.44 13.87 -21.33
N ILE A 93 -1.24 14.01 -20.78
CA ILE A 93 -0.54 12.86 -20.19
C ILE A 93 -0.69 12.87 -18.67
N ASN A 94 -1.90 13.07 -18.19
CA ASN A 94 -2.16 13.11 -16.76
C ASN A 94 -2.35 11.69 -16.26
N THR A 95 -1.38 11.20 -15.50
CA THR A 95 -1.43 9.83 -14.97
C THR A 95 -1.88 9.84 -13.51
N PRO A 96 -2.37 8.72 -13.00
CA PRO A 96 -2.84 8.59 -11.59
C PRO A 96 -1.97 9.38 -10.60
N LEU A 97 -1.32 8.67 -9.65
CA LEU A 97 -0.47 9.34 -8.66
C LEU A 97 0.97 8.82 -8.78
N PRO A 98 1.81 9.49 -9.54
CA PRO A 98 3.24 9.07 -9.70
C PRO A 98 3.96 8.93 -8.36
N ASN A 99 3.57 9.75 -7.40
CA ASN A 99 4.17 9.72 -6.08
C ASN A 99 3.76 8.46 -5.33
N LEU A 100 4.59 8.06 -4.37
CA LEU A 100 4.32 6.87 -3.58
C LEU A 100 3.10 7.10 -2.70
N GLN A 101 2.39 8.21 -2.92
CA GLN A 101 1.23 8.51 -2.14
C GLN A 101 1.61 8.65 -0.68
N ASN A 102 1.24 9.76 -0.06
CA ASN A 102 1.57 10.00 1.34
C ASN A 102 1.42 8.72 2.14
N GLY A 103 0.37 7.99 1.86
CA GLY A 103 0.09 6.73 2.54
C GLY A 103 1.21 5.82 2.53
N PRO A 104 1.00 4.67 3.07
CA PRO A 104 -0.31 4.22 3.73
C PRO A 104 -0.95 5.19 4.72
N PHE A 105 -2.14 5.66 4.35
CA PHE A 105 -2.90 6.57 5.18
C PHE A 105 -4.37 6.34 4.94
N TYR A 106 -5.14 7.37 4.60
CA TYR A 106 -6.56 7.20 4.40
C TYR A 106 -6.99 7.94 3.13
N ALA A 107 -7.42 7.17 2.14
CA ALA A 107 -7.86 7.71 0.86
C ALA A 107 -9.36 7.59 0.77
N ARG A 108 -10.02 8.61 0.25
CA ARG A 108 -11.47 8.56 0.14
C ARG A 108 -11.89 8.20 -1.25
N VAL A 109 -12.22 6.92 -1.41
CA VAL A 109 -12.65 6.41 -2.68
C VAL A 109 -14.02 6.97 -3.03
N ILE A 110 -14.09 7.71 -4.11
CA ILE A 110 -15.35 8.31 -4.55
C ILE A 110 -15.83 7.66 -5.83
N GLN A 111 -15.32 6.47 -6.15
CA GLN A 111 -15.74 5.79 -7.37
C GLN A 111 -15.08 4.41 -7.47
N LYS A 112 -15.92 3.37 -7.45
CA LYS A 112 -15.43 2.02 -7.58
C LYS A 112 -16.54 1.08 -8.00
N ARG A 113 -16.42 -0.17 -7.59
CA ARG A 113 -17.41 -1.19 -7.95
C ARG A 113 -17.38 -2.34 -6.93
N VAL A 114 -17.41 -3.56 -7.44
CA VAL A 114 -17.35 -4.76 -6.60
C VAL A 114 -16.43 -5.81 -7.19
N PRO A 115 -15.17 -5.52 -7.31
CA PRO A 115 -14.20 -6.45 -7.90
C PRO A 115 -13.42 -7.21 -6.86
N ASN A 116 -14.14 -7.75 -5.88
CA ASN A 116 -13.55 -8.54 -4.80
C ASN A 116 -12.20 -9.12 -5.19
N ALA A 117 -11.35 -9.34 -4.20
CA ALA A 117 -10.01 -9.87 -4.45
C ALA A 117 -10.05 -10.99 -5.48
N TYR A 118 -11.24 -11.43 -5.84
CA TYR A 118 -11.39 -12.45 -6.85
C TYR A 118 -11.18 -11.80 -8.20
N ASP A 119 -12.07 -10.86 -8.51
CA ASP A 119 -12.04 -10.12 -9.78
C ASP A 119 -10.65 -9.62 -10.09
N LYS A 120 -9.75 -10.57 -10.25
CA LYS A 120 -8.36 -10.33 -10.55
C LYS A 120 -7.60 -10.07 -9.27
N THR A 121 -8.13 -9.16 -8.46
CA THR A 121 -7.51 -8.80 -7.17
C THR A 121 -8.02 -7.43 -6.71
N ALA A 122 -8.47 -6.62 -7.65
CA ALA A 122 -8.95 -5.27 -7.33
C ALA A 122 -9.85 -5.29 -6.10
N LEU A 123 -9.38 -4.71 -5.00
CA LEU A 123 -10.15 -4.65 -3.77
C LEU A 123 -11.60 -4.27 -4.04
N ALA A 124 -12.46 -4.59 -3.07
CA ALA A 124 -13.89 -4.27 -3.19
C ALA A 124 -14.26 -3.15 -2.22
N LEU A 125 -14.74 -2.05 -2.78
CA LEU A 125 -15.13 -0.88 -1.98
C LEU A 125 -16.40 -0.23 -2.52
N GLU A 126 -16.78 0.90 -1.90
CA GLU A 126 -17.94 1.67 -2.31
C GLU A 126 -17.65 3.15 -2.12
N VAL A 127 -18.17 3.94 -3.03
CA VAL A 127 -18.00 5.37 -2.96
C VAL A 127 -18.32 5.88 -1.58
N GLY A 128 -17.28 6.24 -0.84
CA GLY A 128 -17.44 6.77 0.50
C GLY A 128 -16.89 5.80 1.52
N GLU A 129 -16.17 4.79 1.05
CA GLU A 129 -15.59 3.79 1.96
C GLU A 129 -14.18 4.14 2.37
N LEU A 130 -13.42 4.61 1.42
CA LEU A 130 -12.03 4.97 1.66
C LEU A 130 -11.22 3.71 1.92
N VAL A 131 -10.02 3.70 1.37
CA VAL A 131 -9.09 2.59 1.51
C VAL A 131 -7.74 3.12 1.91
N LYS A 132 -6.94 2.27 2.52
CA LYS A 132 -5.60 2.64 2.95
C LYS A 132 -4.58 2.06 1.98
N VAL A 133 -4.26 2.81 0.93
CA VAL A 133 -3.32 2.32 -0.06
C VAL A 133 -1.93 2.24 0.55
N THR A 134 -1.35 1.04 0.53
CA THR A 134 -0.02 0.83 1.08
C THR A 134 0.98 0.56 -0.02
N LYS A 135 0.67 -0.41 -0.88
CA LYS A 135 1.60 -0.79 -1.94
C LYS A 135 1.49 0.14 -3.14
N ILE A 136 2.63 0.70 -3.54
CA ILE A 136 2.68 1.57 -4.71
C ILE A 136 3.94 1.30 -5.53
N ASN A 137 3.75 1.02 -6.82
CA ASN A 137 4.86 0.75 -7.74
C ASN A 137 4.86 1.75 -8.89
N MET A 138 4.47 1.26 -10.06
CA MET A 138 4.42 2.07 -11.27
C MET A 138 3.95 3.48 -10.95
N SER A 139 4.42 4.44 -11.72
CA SER A 139 4.06 5.83 -11.52
C SER A 139 2.60 6.07 -11.92
N GLY A 140 1.84 4.99 -12.06
CA GLY A 140 0.44 5.10 -12.45
C GLY A 140 -0.41 4.08 -11.70
N GLN A 141 -0.22 2.80 -12.02
CA GLN A 141 -0.97 1.75 -11.37
C GLN A 141 -0.34 1.37 -10.04
N TRP A 142 -1.03 0.52 -9.30
CA TRP A 142 -0.51 0.07 -8.01
C TRP A 142 -1.56 -0.72 -7.26
N GLU A 143 -1.27 -0.99 -5.99
CA GLU A 143 -2.17 -1.74 -5.13
C GLU A 143 -2.48 -1.00 -3.84
N GLY A 144 -3.41 -1.54 -3.05
CA GLY A 144 -3.78 -0.90 -1.80
C GLY A 144 -4.23 -1.89 -0.73
N GLU A 145 -5.04 -1.42 0.21
CA GLU A 145 -5.54 -2.28 1.28
C GLU A 145 -6.58 -1.60 2.13
N CYS A 146 -7.77 -2.19 2.19
CA CYS A 146 -8.85 -1.65 3.01
C CYS A 146 -9.03 -2.56 4.22
N ASN A 147 -10.00 -3.46 4.15
CA ASN A 147 -10.24 -4.42 5.23
C ASN A 147 -9.50 -5.71 4.89
N GLY A 148 -8.24 -5.57 4.54
CA GLY A 148 -7.40 -6.69 4.15
C GLY A 148 -7.51 -6.92 2.67
N LYS A 149 -8.68 -6.58 2.14
CA LYS A 149 -8.96 -6.76 0.74
C LYS A 149 -8.07 -5.87 -0.09
N ARG A 150 -6.93 -6.41 -0.45
CA ARG A 150 -6.00 -5.68 -1.26
C ARG A 150 -6.36 -5.84 -2.71
N GLY A 151 -5.73 -5.03 -3.52
CA GLY A 151 -5.97 -5.06 -4.95
C GLY A 151 -5.37 -3.83 -5.59
N HIS A 152 -5.90 -3.45 -6.75
CA HIS A 152 -5.45 -2.26 -7.49
C HIS A 152 -6.61 -1.36 -7.84
N PHE A 153 -6.29 -0.17 -8.34
CA PHE A 153 -7.31 0.78 -8.75
C PHE A 153 -6.70 2.18 -9.03
N PRO A 154 -6.73 2.67 -10.25
CA PRO A 154 -6.17 4.02 -10.56
C PRO A 154 -6.68 5.10 -9.59
N PHE A 155 -5.78 6.02 -9.23
CA PHE A 155 -6.13 7.09 -8.30
C PHE A 155 -7.22 7.99 -8.92
N THR A 156 -7.63 7.67 -10.13
CA THR A 156 -8.65 8.47 -10.81
C THR A 156 -9.93 8.58 -10.00
N HIS A 157 -9.96 7.98 -8.80
CA HIS A 157 -11.15 8.04 -7.96
C HIS A 157 -10.83 7.91 -6.47
N VAL A 158 -10.14 8.90 -5.92
CA VAL A 158 -9.81 8.90 -4.49
C VAL A 158 -9.43 10.32 -4.06
N ARG A 159 -9.78 10.67 -2.83
CA ARG A 159 -9.47 12.01 -2.30
C ARG A 159 -8.73 11.90 -0.97
N LEU A 160 -7.42 11.69 -1.05
CA LEU A 160 -6.59 11.55 0.13
C LEU A 160 -7.03 12.49 1.24
N LEU A 161 -7.20 11.92 2.41
CA LEU A 161 -7.62 12.67 3.57
C LEU A 161 -6.49 13.57 4.03
N ASP A 162 -6.68 14.16 5.21
CA ASP A 162 -5.69 15.06 5.77
C ASP A 162 -4.55 14.27 6.42
N GLN A 163 -4.39 13.01 6.01
CA GLN A 163 -3.33 12.16 6.56
C GLN A 163 -3.47 12.04 8.07
N VAL A 1 6.66 -3.54 20.40
CA VAL A 1 7.85 -3.17 19.56
C VAL A 1 8.29 -4.38 18.75
N GLU A 2 7.83 -4.44 17.50
CA GLU A 2 8.19 -5.56 16.62
C GLU A 2 9.12 -5.10 15.52
N TYR A 3 8.95 -5.64 14.33
CA TYR A 3 9.77 -5.27 13.19
C TYR A 3 8.91 -4.91 12.02
N VAL A 4 8.62 -5.92 11.21
CA VAL A 4 7.76 -5.79 10.01
C VAL A 4 8.59 -5.47 8.76
N ARG A 5 8.01 -5.71 7.59
CA ARG A 5 8.72 -5.43 6.34
C ARG A 5 7.78 -4.86 5.30
N ALA A 6 8.39 -4.17 4.36
CA ALA A 6 7.66 -3.56 3.29
C ALA A 6 6.84 -4.59 2.56
N LEU A 7 5.87 -4.09 1.81
CA LEU A 7 4.99 -4.95 1.01
C LEU A 7 4.76 -4.38 -0.39
N PHE A 8 4.65 -3.06 -0.49
CA PHE A 8 4.38 -2.41 -1.78
C PHE A 8 5.43 -1.37 -2.12
N ASP A 9 6.46 -1.27 -1.33
CA ASP A 9 7.52 -0.25 -1.53
C ASP A 9 7.06 1.09 -0.99
N PHE A 10 7.97 1.85 -0.40
CA PHE A 10 7.62 3.17 0.13
C PHE A 10 8.48 4.26 -0.50
N ASN A 11 9.77 4.06 -0.47
CA ASN A 11 10.71 5.03 -1.03
C ASN A 11 10.30 6.44 -0.64
N GLY A 12 10.31 6.72 0.65
CA GLY A 12 9.93 8.02 1.13
C GLY A 12 11.02 9.03 0.94
N ASN A 13 10.98 10.04 1.79
CA ASN A 13 11.98 11.12 1.77
C ASN A 13 11.52 12.35 2.55
N ASP A 14 10.26 12.36 2.99
CA ASP A 14 9.70 13.48 3.74
C ASP A 14 10.55 13.82 4.96
N ASP A 15 9.91 13.76 6.11
CA ASP A 15 10.57 14.06 7.37
C ASP A 15 11.64 13.03 7.69
N GLU A 16 12.46 12.73 6.70
CA GLU A 16 13.54 11.76 6.86
C GLU A 16 12.99 10.36 7.02
N ASP A 17 11.74 10.16 6.62
CA ASP A 17 11.07 8.87 6.75
C ASP A 17 12.01 7.72 6.45
N LEU A 18 11.48 6.51 6.34
CA LEU A 18 12.34 5.37 6.05
C LEU A 18 12.05 4.79 4.67
N PRO A 19 12.73 5.22 3.65
CA PRO A 19 12.47 4.68 2.30
C PRO A 19 12.99 3.25 2.15
N PHE A 20 12.12 2.37 1.67
CA PHE A 20 12.47 0.97 1.49
C PHE A 20 11.78 0.39 0.26
N LYS A 21 12.12 -0.84 -0.10
CA LYS A 21 11.52 -1.49 -1.26
C LYS A 21 10.64 -2.67 -0.86
N LYS A 22 11.12 -3.89 -1.10
CA LYS A 22 10.35 -5.07 -0.78
C LYS A 22 11.22 -6.11 -0.11
N GLY A 23 10.80 -6.50 1.08
CA GLY A 23 11.49 -7.49 1.88
C GLY A 23 12.51 -6.86 2.81
N ASP A 24 12.40 -5.56 3.03
CA ASP A 24 13.30 -4.86 3.93
C ASP A 24 12.77 -5.00 5.34
N ILE A 25 13.65 -5.33 6.26
CA ILE A 25 13.27 -5.50 7.66
C ILE A 25 13.67 -4.29 8.46
N LEU A 26 12.65 -3.61 9.00
CA LEU A 26 12.88 -2.40 9.78
C LEU A 26 12.30 -2.56 11.18
N LYS A 27 13.14 -2.40 12.19
CA LYS A 27 12.73 -2.56 13.56
C LYS A 27 11.92 -1.38 14.04
N ILE A 28 10.77 -1.67 14.60
CA ILE A 28 9.92 -0.62 15.11
C ILE A 28 10.59 0.05 16.29
N ARG A 29 10.71 1.37 16.21
CA ARG A 29 11.35 2.15 17.26
C ARG A 29 10.48 2.33 18.48
N ASP A 30 9.26 2.80 18.25
CA ASP A 30 8.33 3.02 19.35
C ASP A 30 6.88 3.01 18.87
N LYS A 31 6.71 3.04 17.54
CA LYS A 31 5.37 3.07 16.93
C LYS A 31 4.40 3.91 17.76
N PRO A 32 4.45 5.21 17.64
CA PRO A 32 3.54 6.12 18.40
C PRO A 32 2.15 6.21 17.77
N GLU A 33 2.12 6.37 16.45
CA GLU A 33 0.85 6.46 15.72
C GLU A 33 0.39 5.09 15.25
N GLU A 34 -0.90 4.98 14.98
CA GLU A 34 -1.47 3.74 14.51
C GLU A 34 -1.27 3.58 13.01
N GLN A 35 -1.45 4.67 12.28
CA GLN A 35 -1.30 4.63 10.83
C GLN A 35 0.16 4.78 10.41
N TRP A 36 0.97 5.40 11.28
CA TRP A 36 2.39 5.60 11.02
C TRP A 36 3.20 4.99 12.14
N TRP A 37 4.42 4.54 11.83
CA TRP A 37 5.28 3.93 12.83
C TRP A 37 6.72 4.34 12.64
N ASN A 38 7.36 4.74 13.73
CA ASN A 38 8.75 5.14 13.66
C ASN A 38 9.63 3.90 13.60
N ALA A 39 10.07 3.56 12.39
CA ALA A 39 10.92 2.40 12.17
C ALA A 39 12.38 2.79 12.11
N GLU A 40 13.25 1.79 12.09
CA GLU A 40 14.69 2.02 12.00
C GLU A 40 15.29 1.13 10.91
N ASP A 41 16.25 1.69 10.18
CA ASP A 41 16.91 0.96 9.11
C ASP A 41 17.80 -0.12 9.69
N MET A 42 18.34 -0.94 8.80
CA MET A 42 19.23 -2.01 9.18
C MET A 42 20.62 -1.47 9.50
N ASP A 43 20.83 -0.19 9.22
CA ASP A 43 22.14 0.44 9.45
C ASP A 43 22.17 1.29 10.70
N GLY A 44 21.03 1.78 11.09
CA GLY A 44 20.90 2.62 12.25
C GLY A 44 20.36 3.99 11.87
N LYS A 45 19.32 3.95 11.07
CA LYS A 45 18.62 5.20 10.67
C LYS A 45 17.15 5.13 11.06
N ARG A 46 16.67 6.20 11.70
CA ARG A 46 15.28 6.27 12.17
C ARG A 46 14.45 7.25 11.38
N GLY A 47 13.49 6.68 10.68
CA GLY A 47 12.57 7.45 9.84
C GLY A 47 11.16 6.90 9.89
N MET A 48 10.17 7.77 9.84
CA MET A 48 8.79 7.33 9.91
C MET A 48 8.46 6.45 8.73
N ILE A 49 7.38 5.70 8.87
CA ILE A 49 6.95 4.80 7.81
C ILE A 49 5.43 4.57 7.81
N PRO A 50 4.83 4.41 6.64
CA PRO A 50 3.37 4.11 6.55
C PRO A 50 3.12 2.65 6.99
N VAL A 51 2.34 2.46 8.05
CA VAL A 51 2.02 1.11 8.54
C VAL A 51 1.43 0.24 7.42
N PRO A 52 0.41 0.69 6.71
CA PRO A 52 -0.23 -0.13 5.64
C PRO A 52 0.77 -0.72 4.67
N TYR A 53 1.87 -0.05 4.47
CA TYR A 53 2.86 -0.54 3.54
C TYR A 53 3.59 -1.74 4.09
N VAL A 54 3.38 -2.03 5.37
CA VAL A 54 4.04 -3.16 6.01
C VAL A 54 3.03 -3.98 6.81
N GLU A 55 3.40 -5.21 7.20
CA GLU A 55 2.50 -6.04 8.00
C GLU A 55 3.24 -6.87 9.02
N LYS A 56 4.27 -7.57 8.59
CA LYS A 56 5.03 -8.40 9.46
C LYS A 56 6.27 -8.90 8.72
N CYS A 57 6.64 -10.16 8.96
CA CYS A 57 7.80 -10.77 8.31
C CYS A 57 7.78 -12.28 8.55
N ARG A 58 7.39 -13.03 7.52
CA ARG A 58 7.33 -14.47 7.65
C ARG A 58 8.73 -15.08 7.63
N PRO A 59 8.93 -16.21 8.30
CA PRO A 59 10.26 -16.88 8.34
C PRO A 59 10.67 -17.39 6.96
N SER A 60 11.71 -18.24 6.94
CA SER A 60 12.22 -18.81 5.69
C SER A 60 12.16 -17.78 4.56
N SER A 61 11.64 -18.18 3.41
CA SER A 61 11.54 -17.29 2.26
C SER A 61 10.16 -17.41 1.61
N ALA A 62 10.13 -17.70 0.32
CA ALA A 62 8.86 -17.84 -0.40
C ALA A 62 8.05 -18.99 0.19
N SER A 63 8.71 -20.11 0.44
CA SER A 63 8.03 -21.28 1.00
C SER A 63 6.79 -21.61 0.19
N VAL A 64 5.69 -21.94 0.88
CA VAL A 64 4.45 -22.29 0.22
C VAL A 64 3.70 -21.02 -0.19
N SER A 65 4.45 -19.99 -0.55
CA SER A 65 3.85 -18.72 -0.96
C SER A 65 3.25 -17.99 0.24
N THR A 66 2.56 -18.75 1.09
CA THR A 66 1.93 -18.16 2.28
C THR A 66 1.10 -16.95 1.90
N LEU A 67 0.74 -16.15 2.90
CA LEU A 67 -0.06 -14.95 2.65
C LEU A 67 -1.36 -15.31 1.95
N THR A 68 -2.12 -14.29 1.57
CA THR A 68 -3.39 -14.50 0.90
C THR A 68 -4.22 -15.55 1.62
N GLY A 69 -4.14 -16.79 1.15
CA GLY A 69 -4.89 -17.88 1.77
C GLY A 69 -4.41 -19.22 1.24
N GLY A 70 -5.33 -20.19 1.17
CA GLY A 70 -4.99 -21.51 0.69
C GLY A 70 -4.13 -21.44 -0.58
N ASN A 71 -4.10 -20.26 -1.19
CA ASN A 71 -3.31 -20.06 -2.40
C ASN A 71 -3.76 -21.02 -3.50
N GLN A 72 -4.72 -20.60 -4.30
CA GLN A 72 -5.23 -21.43 -5.39
C GLN A 72 -4.32 -21.33 -6.61
N ASP A 73 -4.60 -22.14 -7.62
CA ASP A 73 -3.79 -22.13 -8.83
C ASP A 73 -2.32 -22.36 -8.50
N SER A 74 -1.46 -22.14 -9.49
CA SER A 74 -0.03 -22.32 -9.28
C SER A 74 0.51 -21.27 -8.33
N SER A 75 1.61 -21.60 -7.65
CA SER A 75 2.23 -20.67 -6.71
C SER A 75 3.07 -19.64 -7.46
N HIS A 76 2.48 -18.48 -7.70
CA HIS A 76 3.17 -17.41 -8.41
C HIS A 76 2.53 -16.06 -8.10
N PRO A 77 2.79 -15.54 -6.93
CA PRO A 77 2.23 -14.22 -6.49
C PRO A 77 2.68 -13.08 -7.40
N GLN A 78 1.81 -12.08 -7.54
CA GLN A 78 2.12 -10.94 -8.39
C GLN A 78 2.45 -11.37 -9.81
N PRO A 79 1.54 -12.07 -10.45
CA PRO A 79 1.72 -12.56 -11.84
C PRO A 79 1.70 -11.42 -12.86
N LEU A 80 2.33 -11.65 -14.02
CA LEU A 80 2.37 -10.64 -15.06
C LEU A 80 0.96 -10.20 -15.44
N GLY A 81 0.18 -11.14 -15.97
CA GLY A 81 -1.19 -10.84 -16.36
C GLY A 81 -1.23 -10.17 -17.73
N GLY A 82 -0.21 -10.44 -18.55
CA GLY A 82 -0.13 -9.86 -19.88
C GLY A 82 0.44 -8.44 -19.84
N PRO A 83 0.57 -7.81 -20.98
CA PRO A 83 1.11 -6.42 -21.07
C PRO A 83 0.12 -5.38 -20.57
N GLU A 84 -0.74 -5.78 -19.62
CA GLU A 84 -1.73 -4.86 -19.07
C GLU A 84 -1.03 -3.70 -18.35
N PRO A 85 -0.01 -3.98 -17.59
CA PRO A 85 0.74 -2.93 -16.82
C PRO A 85 1.28 -1.83 -17.73
N GLY A 86 2.45 -1.31 -17.37
CA GLY A 86 3.08 -0.26 -18.15
C GLY A 86 4.43 0.14 -17.55
N PRO A 87 4.42 0.72 -16.39
CA PRO A 87 5.66 1.16 -15.68
C PRO A 87 6.48 -0.03 -15.18
N TYR A 88 7.43 0.25 -14.29
CA TYR A 88 8.28 -0.78 -13.74
C TYR A 88 7.45 -1.85 -13.04
N ALA A 89 8.07 -2.96 -12.68
CA ALA A 89 7.36 -4.04 -12.01
C ALA A 89 6.39 -3.49 -10.99
N GLN A 90 5.13 -3.32 -11.41
CA GLN A 90 4.09 -2.79 -10.52
C GLN A 90 2.83 -3.65 -10.61
N PRO A 91 2.68 -4.64 -9.76
CA PRO A 91 1.48 -5.53 -9.77
C PRO A 91 0.17 -4.74 -9.78
N SER A 92 0.27 -3.45 -9.50
CA SER A 92 -0.92 -2.59 -9.48
C SER A 92 -1.10 -1.94 -10.84
N ILE A 93 -2.13 -1.09 -10.95
CA ILE A 93 -2.41 -0.40 -12.21
C ILE A 93 -2.32 1.09 -12.06
N ASN A 94 -1.10 1.59 -11.91
CA ASN A 94 -0.90 3.03 -11.78
C ASN A 94 -1.54 3.49 -10.49
N THR A 95 -0.71 3.68 -9.47
CA THR A 95 -1.20 4.06 -8.16
C THR A 95 -1.50 5.57 -8.05
N PRO A 96 -1.79 6.09 -6.87
CA PRO A 96 -2.08 7.55 -6.62
C PRO A 96 -0.94 8.52 -6.75
N LEU A 97 -1.16 9.80 -6.40
CA LEU A 97 -0.15 10.80 -6.58
C LEU A 97 1.18 10.32 -6.02
N PRO A 98 2.34 10.51 -6.63
CA PRO A 98 3.61 9.99 -6.01
C PRO A 98 3.97 10.68 -4.70
N ASN A 99 4.38 11.93 -4.81
CA ASN A 99 4.76 12.71 -3.65
C ASN A 99 3.74 12.52 -2.54
N LEU A 100 4.09 11.72 -1.55
CA LEU A 100 3.18 11.43 -0.43
C LEU A 100 2.45 12.70 -0.01
N GLN A 101 1.27 12.88 -0.58
CA GLN A 101 0.47 14.06 -0.27
C GLN A 101 0.06 14.07 1.20
N ASN A 102 -0.49 12.96 1.65
CA ASN A 102 -0.93 12.85 3.02
C ASN A 102 -0.90 11.39 3.48
N GLY A 103 -1.60 10.54 2.73
CA GLY A 103 -1.69 9.13 3.04
C GLY A 103 -0.48 8.57 3.57
N PRO A 104 -0.62 7.45 4.19
CA PRO A 104 -1.91 6.72 4.50
C PRO A 104 -2.67 7.37 5.67
N PHE A 105 -3.85 7.89 5.38
CA PHE A 105 -4.71 8.53 6.37
C PHE A 105 -6.15 8.25 5.99
N TYR A 106 -6.99 9.24 5.84
CA TYR A 106 -8.36 8.96 5.52
C TYR A 106 -8.89 9.98 4.56
N ALA A 107 -9.24 9.53 3.39
CA ALA A 107 -9.76 10.37 2.38
C ALA A 107 -11.24 10.47 2.52
N ARG A 108 -11.91 10.82 1.44
CA ARG A 108 -13.35 10.92 1.44
C ARG A 108 -13.87 10.79 0.04
N VAL A 109 -14.14 9.56 -0.35
CA VAL A 109 -14.66 9.30 -1.66
C VAL A 109 -16.03 9.91 -1.80
N ILE A 110 -16.18 10.76 -2.80
CA ILE A 110 -17.44 11.42 -3.04
C ILE A 110 -18.05 10.97 -4.36
N GLN A 111 -17.58 9.86 -4.92
CA GLN A 111 -18.12 9.38 -6.19
C GLN A 111 -17.46 8.10 -6.63
N LYS A 112 -18.14 6.98 -6.40
CA LYS A 112 -17.63 5.67 -6.80
C LYS A 112 -18.77 4.91 -7.46
N ARG A 113 -18.82 3.62 -7.23
CA ARG A 113 -19.85 2.78 -7.81
C ARG A 113 -20.01 1.50 -7.00
N VAL A 114 -20.10 0.37 -7.72
CA VAL A 114 -20.22 -0.95 -7.09
C VAL A 114 -19.32 -1.98 -7.77
N PRO A 115 -18.04 -1.84 -7.63
CA PRO A 115 -17.06 -2.78 -8.19
C PRO A 115 -16.67 -3.85 -7.18
N ASN A 116 -15.81 -4.77 -7.63
CA ASN A 116 -15.36 -5.85 -6.78
C ASN A 116 -13.93 -6.22 -7.14
N ALA A 117 -13.15 -6.60 -6.14
CA ALA A 117 -11.74 -6.96 -6.34
C ALA A 117 -11.53 -7.73 -7.65
N TYR A 118 -12.62 -8.20 -8.23
CA TYR A 118 -12.57 -8.92 -9.48
C TYR A 118 -12.54 -7.95 -10.65
N ASP A 119 -13.55 -7.07 -10.68
CA ASP A 119 -13.70 -6.07 -11.75
C ASP A 119 -12.43 -5.27 -11.94
N LYS A 120 -11.40 -5.94 -12.42
CA LYS A 120 -10.11 -5.35 -12.69
C LYS A 120 -9.35 -5.07 -11.40
N THR A 121 -10.04 -5.26 -10.28
CA THR A 121 -9.47 -5.04 -8.95
C THR A 121 -9.73 -3.63 -8.45
N ALA A 122 -10.99 -3.20 -8.46
CA ALA A 122 -11.35 -1.87 -7.97
C ALA A 122 -12.11 -1.97 -6.66
N LEU A 123 -11.50 -1.50 -5.56
CA LEU A 123 -12.13 -1.55 -4.24
C LEU A 123 -13.56 -1.19 -4.35
N ALA A 124 -14.34 -1.61 -3.37
CA ALA A 124 -15.78 -1.31 -3.40
C ALA A 124 -16.17 -0.29 -2.33
N LEU A 125 -16.64 0.89 -2.77
CA LEU A 125 -17.03 1.96 -1.83
C LEU A 125 -18.32 2.65 -2.28
N GLU A 126 -18.67 3.70 -1.54
CA GLU A 126 -19.86 4.50 -1.80
C GLU A 126 -19.60 5.95 -1.38
N VAL A 127 -20.23 6.86 -2.09
CA VAL A 127 -20.13 8.27 -1.78
C VAL A 127 -20.29 8.48 -0.29
N GLY A 128 -19.21 8.82 0.36
CA GLY A 128 -19.22 9.10 1.78
C GLY A 128 -18.64 7.95 2.57
N GLU A 129 -17.98 7.04 1.85
CA GLU A 129 -17.38 5.89 2.52
C GLU A 129 -15.97 6.15 2.94
N LEU A 130 -15.27 6.92 2.15
CA LEU A 130 -13.90 7.22 2.44
C LEU A 130 -13.04 5.96 2.37
N VAL A 131 -11.86 6.14 1.80
CA VAL A 131 -10.87 5.09 1.64
C VAL A 131 -9.49 5.61 2.00
N LYS A 132 -8.57 4.68 2.19
CA LYS A 132 -7.18 5.00 2.53
C LYS A 132 -6.31 4.71 1.32
N VAL A 133 -5.90 5.74 0.59
CA VAL A 133 -5.10 5.53 -0.59
C VAL A 133 -3.83 4.78 -0.32
N THR A 134 -3.09 5.27 0.61
CA THR A 134 -1.83 4.68 0.98
C THR A 134 -0.87 4.72 -0.21
N LYS A 135 -1.22 3.98 -1.25
CA LYS A 135 -0.39 3.88 -2.43
C LYS A 135 -0.31 5.21 -3.11
N ILE A 136 0.79 5.44 -3.76
CA ILE A 136 0.96 6.71 -4.45
C ILE A 136 2.12 6.64 -5.49
N ASN A 137 1.84 7.03 -6.74
CA ASN A 137 2.87 7.05 -7.82
C ASN A 137 2.58 8.07 -8.95
N MET A 138 1.30 8.18 -9.37
CA MET A 138 0.90 9.13 -10.44
C MET A 138 -0.19 10.03 -9.89
N SER A 139 -0.63 11.04 -10.60
CA SER A 139 -1.71 11.91 -10.09
C SER A 139 -3.08 11.73 -10.74
N GLY A 140 -3.32 10.60 -11.37
CA GLY A 140 -4.62 10.35 -12.04
C GLY A 140 -5.43 9.16 -11.50
N GLN A 141 -4.98 7.93 -11.83
CA GLN A 141 -5.67 6.70 -11.39
C GLN A 141 -5.82 6.68 -9.86
N TRP A 142 -4.87 6.11 -9.22
CA TRP A 142 -4.81 6.02 -7.78
C TRP A 142 -5.49 4.80 -7.16
N GLU A 143 -4.72 4.08 -6.32
CA GLU A 143 -5.22 2.91 -5.65
C GLU A 143 -5.90 3.33 -4.37
N GLY A 144 -6.60 2.41 -3.76
CA GLY A 144 -7.27 2.74 -2.52
C GLY A 144 -7.50 1.52 -1.69
N GLU A 145 -7.23 1.67 -0.39
CA GLU A 145 -7.40 0.58 0.59
C GLU A 145 -8.34 1.00 1.70
N CYS A 146 -9.36 0.18 1.88
CA CYS A 146 -10.41 0.44 2.85
C CYS A 146 -10.85 -0.88 3.50
N ASN A 147 -10.11 -1.39 4.46
CA ASN A 147 -10.48 -2.66 5.12
C ASN A 147 -9.97 -3.84 4.28
N GLY A 148 -8.76 -3.65 3.81
CA GLY A 148 -8.04 -4.65 3.04
C GLY A 148 -8.36 -4.53 1.60
N LYS A 149 -9.62 -4.19 1.35
CA LYS A 149 -10.09 -4.10 -0.01
C LYS A 149 -9.32 -3.05 -0.75
N ARG A 150 -8.42 -3.48 -1.60
CA ARG A 150 -7.64 -2.57 -2.37
C ARG A 150 -8.06 -2.62 -3.80
N GLY A 151 -7.65 -1.64 -4.55
CA GLY A 151 -7.98 -1.61 -5.94
C GLY A 151 -7.51 -0.30 -6.54
N HIS A 152 -8.24 0.19 -7.53
CA HIS A 152 -7.89 1.45 -8.19
C HIS A 152 -9.10 2.34 -8.33
N PHE A 153 -8.86 3.60 -8.69
CA PHE A 153 -9.94 4.54 -8.88
C PHE A 153 -9.39 5.99 -9.04
N PRO A 154 -9.65 6.67 -10.15
CA PRO A 154 -9.18 8.09 -10.34
C PRO A 154 -9.42 8.98 -9.12
N PHE A 155 -8.39 9.75 -8.76
CA PHE A 155 -8.46 10.67 -7.63
C PHE A 155 -9.46 11.78 -7.93
N THR A 156 -10.01 11.78 -9.15
CA THR A 156 -10.94 12.81 -9.55
C THR A 156 -12.21 12.85 -8.71
N HIS A 157 -12.35 11.96 -7.72
CA HIS A 157 -13.56 11.95 -6.88
C HIS A 157 -13.20 11.70 -5.42
N VAL A 158 -12.31 12.51 -4.88
CA VAL A 158 -11.91 12.37 -3.48
C VAL A 158 -11.57 13.75 -2.92
N ARG A 159 -11.81 13.96 -1.63
CA ARG A 159 -11.55 15.26 -0.99
C ARG A 159 -10.37 15.22 -0.03
N LEU A 160 -10.36 14.21 0.80
CA LEU A 160 -9.31 14.02 1.79
C LEU A 160 -9.56 14.83 3.03
N LEU A 161 -9.43 14.15 4.15
CA LEU A 161 -9.64 14.74 5.44
C LEU A 161 -8.42 15.55 5.85
N ASP A 162 -8.38 15.95 7.10
CA ASP A 162 -7.28 16.74 7.63
C ASP A 162 -6.04 15.86 7.82
N GLN A 163 -6.09 14.64 7.27
CA GLN A 163 -4.95 13.72 7.40
C GLN A 163 -4.67 13.43 8.87
N VAL A 1 7.36 1.50 23.27
CA VAL A 1 8.14 0.27 22.92
C VAL A 1 7.36 -0.55 21.91
N GLU A 2 7.97 -0.79 20.75
CA GLU A 2 7.33 -1.57 19.71
C GLU A 2 8.34 -1.96 18.65
N TYR A 3 8.01 -2.99 17.87
CA TYR A 3 8.91 -3.44 16.82
C TYR A 3 8.18 -3.66 15.54
N VAL A 4 7.50 -4.78 15.45
CA VAL A 4 6.72 -5.16 14.26
C VAL A 4 7.61 -5.82 13.22
N ARG A 5 6.99 -6.55 12.28
CA ARG A 5 7.75 -7.22 11.22
C ARG A 5 7.29 -6.75 9.86
N ALA A 6 8.25 -6.55 8.96
CA ALA A 6 7.95 -6.07 7.63
C ALA A 6 8.06 -7.17 6.60
N LEU A 7 6.90 -7.74 6.24
CA LEU A 7 6.85 -8.85 5.28
C LEU A 7 6.13 -8.41 4.00
N PHE A 8 6.27 -7.15 3.63
CA PHE A 8 5.62 -6.62 2.44
C PHE A 8 6.64 -5.97 1.53
N ASP A 9 7.89 -6.02 1.95
CA ASP A 9 8.98 -5.43 1.19
C ASP A 9 8.76 -3.95 1.05
N PHE A 10 9.81 -3.15 1.22
CA PHE A 10 9.69 -1.69 1.08
C PHE A 10 10.83 -1.12 0.26
N ASN A 11 12.00 -1.70 0.41
CA ASN A 11 13.16 -1.25 -0.32
C ASN A 11 13.22 0.27 -0.41
N GLY A 12 13.30 0.92 0.75
CA GLY A 12 13.35 2.38 0.78
C GLY A 12 14.61 2.89 0.11
N ASN A 13 15.44 3.60 0.88
CA ASN A 13 16.69 4.14 0.37
C ASN A 13 17.34 5.11 1.36
N ASP A 14 17.03 6.40 1.22
CA ASP A 14 17.60 7.43 2.06
C ASP A 14 17.46 7.08 3.53
N ASP A 15 17.97 7.93 4.37
CA ASP A 15 17.87 7.69 5.80
C ASP A 15 16.41 7.82 6.24
N GLU A 16 15.74 8.85 5.71
CA GLU A 16 14.35 9.10 6.07
C GLU A 16 13.48 7.91 5.72
N ASP A 17 14.12 6.85 5.25
CA ASP A 17 13.38 5.64 4.93
C ASP A 17 14.12 4.42 5.51
N LEU A 18 13.38 3.37 5.86
CA LEU A 18 13.98 2.16 6.41
C LEU A 18 13.68 0.96 5.52
N PRO A 19 14.51 0.68 4.58
CA PRO A 19 14.33 -0.48 3.68
C PRO A 19 14.25 -1.83 4.41
N PHE A 20 13.46 -2.74 3.86
CA PHE A 20 13.31 -4.05 4.45
C PHE A 20 12.51 -4.98 3.54
N LYS A 21 12.71 -6.29 3.72
CA LYS A 21 11.98 -7.28 2.90
C LYS A 21 12.16 -8.68 3.44
N LYS A 22 13.40 -9.06 3.58
CA LYS A 22 13.73 -10.40 4.03
C LYS A 22 12.88 -10.79 5.22
N GLY A 23 12.27 -9.80 5.84
CA GLY A 23 11.42 -10.02 7.00
C GLY A 23 12.19 -9.63 8.26
N ASP A 24 12.64 -8.39 8.30
CA ASP A 24 13.42 -7.89 9.41
C ASP A 24 12.53 -7.27 10.47
N ILE A 25 12.98 -7.34 11.72
CA ILE A 25 12.25 -6.78 12.84
C ILE A 25 12.78 -5.38 13.10
N LEU A 26 11.92 -4.39 12.90
CA LEU A 26 12.34 -3.00 13.04
C LEU A 26 11.67 -2.33 14.21
N LYS A 27 12.47 -1.84 15.15
CA LYS A 27 11.95 -1.17 16.32
C LYS A 27 11.32 0.14 15.94
N ILE A 28 10.21 0.49 16.57
CA ILE A 28 9.55 1.75 16.29
C ILE A 28 10.30 2.91 16.92
N ARG A 29 10.35 2.94 18.23
CA ARG A 29 11.06 4.00 18.96
C ARG A 29 10.21 5.26 19.06
N ASP A 30 9.59 5.64 17.95
CA ASP A 30 8.74 6.82 17.93
C ASP A 30 7.56 6.63 16.99
N LYS A 31 6.35 6.77 17.52
CA LYS A 31 5.15 6.63 16.70
C LYS A 31 4.51 8.00 16.48
N PRO A 32 5.08 8.83 15.65
CA PRO A 32 4.52 10.18 15.35
C PRO A 32 3.17 10.10 14.61
N GLU A 33 3.19 9.49 13.43
CA GLU A 33 1.99 9.34 12.62
C GLU A 33 1.42 7.95 12.77
N GLU A 34 0.15 7.82 12.41
CA GLU A 34 -0.54 6.55 12.51
C GLU A 34 -0.28 5.71 11.27
N GLN A 35 -0.16 6.36 10.13
CA GLN A 35 0.08 5.67 8.87
C GLN A 35 1.57 5.38 8.68
N TRP A 36 2.42 6.24 9.24
CA TRP A 36 3.87 6.06 9.13
C TRP A 36 4.49 5.99 10.52
N TRP A 37 5.60 5.26 10.66
CA TRP A 37 6.27 5.10 11.94
C TRP A 37 7.78 5.19 11.78
N ASN A 38 8.40 6.02 12.59
CA ASN A 38 9.84 6.16 12.51
C ASN A 38 10.44 5.00 13.28
N ALA A 39 11.03 4.04 12.55
CA ALA A 39 11.64 2.87 13.16
C ALA A 39 13.14 2.86 12.97
N GLU A 40 13.81 1.91 13.63
CA GLU A 40 15.25 1.77 13.54
C GLU A 40 15.60 0.34 13.12
N ASP A 41 16.53 0.21 12.18
CA ASP A 41 16.96 -1.08 11.71
C ASP A 41 17.63 -1.88 12.84
N MET A 42 17.90 -3.13 12.53
CA MET A 42 18.56 -4.02 13.49
C MET A 42 20.06 -3.77 13.53
N ASP A 43 20.52 -2.82 12.72
CA ASP A 43 21.94 -2.50 12.64
C ASP A 43 22.29 -1.21 13.35
N GLY A 44 21.32 -0.32 13.43
CA GLY A 44 21.51 0.97 14.04
C GLY A 44 21.29 2.07 13.02
N LYS A 45 20.16 1.96 12.33
CA LYS A 45 19.78 2.98 11.34
C LYS A 45 18.34 3.41 11.53
N ARG A 46 18.11 4.72 11.50
CA ARG A 46 16.77 5.28 11.70
C ARG A 46 16.18 5.80 10.40
N GLY A 47 14.99 5.31 10.10
CA GLY A 47 14.27 5.73 8.89
C GLY A 47 12.79 5.47 8.99
N MET A 48 12.02 6.26 8.23
CA MET A 48 10.58 6.14 8.23
C MET A 48 10.16 4.83 7.59
N ILE A 49 8.92 4.46 7.85
CA ILE A 49 8.38 3.24 7.26
C ILE A 49 6.85 3.26 7.13
N PRO A 50 6.31 2.69 6.06
CA PRO A 50 4.83 2.58 5.91
C PRO A 50 4.30 1.55 6.92
N VAL A 51 3.43 1.98 7.85
CA VAL A 51 2.87 1.07 8.84
C VAL A 51 2.28 -0.19 8.18
N PRO A 52 1.40 -0.06 7.22
CA PRO A 52 0.74 -1.24 6.56
C PRO A 52 1.73 -2.28 6.05
N TYR A 53 2.94 -1.85 5.77
CA TYR A 53 3.95 -2.77 5.26
C TYR A 53 4.45 -3.71 6.35
N VAL A 54 3.78 -3.70 7.47
CA VAL A 54 4.14 -4.56 8.59
C VAL A 54 2.91 -5.21 9.20
N GLU A 55 3.12 -6.21 10.05
CA GLU A 55 1.99 -6.90 10.68
C GLU A 55 1.64 -6.27 12.01
N LYS A 56 2.50 -6.46 13.00
CA LYS A 56 2.28 -5.92 14.32
C LYS A 56 3.44 -6.27 15.24
N CYS A 57 3.66 -7.56 15.45
CA CYS A 57 4.74 -8.01 16.31
C CYS A 57 4.52 -9.47 16.69
N ARG A 58 3.67 -9.70 17.71
CA ARG A 58 3.36 -11.05 18.17
C ARG A 58 2.08 -11.57 17.51
N PRO A 59 1.06 -10.76 17.46
CA PRO A 59 -0.25 -11.14 16.86
C PRO A 59 -0.10 -11.69 15.44
N SER A 60 -0.91 -11.18 14.52
CA SER A 60 -0.85 -11.62 13.15
C SER A 60 -1.54 -10.60 12.24
N SER A 61 -2.00 -9.51 12.83
CA SER A 61 -2.68 -8.46 12.06
C SER A 61 -4.05 -8.96 11.59
N ALA A 62 -4.06 -10.10 10.92
CA ALA A 62 -5.30 -10.68 10.42
C ALA A 62 -5.12 -12.15 10.10
N SER A 63 -6.22 -12.85 9.83
CA SER A 63 -6.17 -14.27 9.51
C SER A 63 -7.01 -14.56 8.28
N VAL A 64 -7.83 -15.61 8.35
CA VAL A 64 -8.70 -16.00 7.24
C VAL A 64 -8.08 -15.64 5.90
N SER A 65 -6.77 -15.89 5.78
CA SER A 65 -6.04 -15.57 4.55
C SER A 65 -4.93 -16.58 4.32
N THR A 66 -4.84 -17.08 3.09
CA THR A 66 -3.81 -18.05 2.73
C THR A 66 -2.42 -17.44 2.88
N LEU A 67 -2.31 -16.15 2.57
CA LEU A 67 -1.03 -15.45 2.68
C LEU A 67 -1.26 -13.98 3.04
N THR A 68 -0.84 -13.60 4.24
CA THR A 68 -1.00 -12.22 4.67
C THR A 68 -0.18 -11.27 3.80
N GLY A 69 1.11 -11.58 3.66
CA GLY A 69 2.00 -10.74 2.85
C GLY A 69 3.16 -11.57 2.30
N GLY A 70 3.09 -11.88 1.01
CA GLY A 70 4.13 -12.66 0.36
C GLY A 70 3.79 -12.90 -1.10
N ASN A 71 4.65 -12.42 -1.99
CA ASN A 71 4.44 -12.58 -3.42
C ASN A 71 5.65 -12.08 -4.20
N GLN A 72 5.42 -11.65 -5.44
CA GLN A 72 6.50 -11.14 -6.28
C GLN A 72 6.01 -9.97 -7.12
N ASP A 73 6.64 -8.81 -6.92
CA ASP A 73 6.27 -7.62 -7.67
C ASP A 73 6.77 -7.71 -9.11
N SER A 74 5.90 -7.41 -10.06
CA SER A 74 6.26 -7.45 -11.47
C SER A 74 5.32 -6.57 -12.30
N SER A 75 5.73 -6.29 -13.53
CA SER A 75 4.92 -5.46 -14.41
C SER A 75 3.56 -6.11 -14.68
N HIS A 76 3.59 -7.42 -14.91
CA HIS A 76 2.37 -8.18 -15.17
C HIS A 76 1.63 -7.59 -16.37
N PRO A 77 0.85 -8.40 -17.06
CA PRO A 77 0.07 -7.94 -18.24
C PRO A 77 -1.05 -6.98 -17.84
N GLN A 78 -0.68 -5.74 -17.56
CA GLN A 78 -1.67 -4.73 -17.18
C GLN A 78 -2.38 -4.19 -18.43
N PRO A 79 -1.65 -3.96 -19.50
CA PRO A 79 -2.21 -3.43 -20.76
C PRO A 79 -3.31 -4.33 -21.32
N LEU A 80 -4.34 -3.71 -21.88
CA LEU A 80 -5.44 -4.46 -22.47
C LEU A 80 -6.34 -3.55 -23.30
N GLY A 81 -6.65 -2.37 -22.76
CA GLY A 81 -7.50 -1.41 -23.45
C GLY A 81 -8.78 -1.16 -22.66
N GLY A 82 -9.00 0.09 -22.28
CA GLY A 82 -10.19 0.46 -21.51
C GLY A 82 -10.83 1.72 -22.08
N PRO A 83 -11.81 2.25 -21.39
CA PRO A 83 -12.52 3.48 -21.83
C PRO A 83 -11.56 4.62 -22.12
N GLU A 84 -10.56 4.78 -21.27
CA GLU A 84 -9.58 5.85 -21.44
C GLU A 84 -8.35 5.35 -22.19
N PRO A 85 -7.70 6.20 -22.94
CA PRO A 85 -6.48 5.84 -23.73
C PRO A 85 -5.30 5.48 -22.82
N GLY A 86 -5.31 6.03 -21.61
CA GLY A 86 -4.22 5.77 -20.66
C GLY A 86 -3.02 6.68 -20.94
N PRO A 87 -3.17 7.96 -20.71
CA PRO A 87 -2.07 8.94 -20.95
C PRO A 87 -1.00 8.88 -19.86
N TYR A 88 0.23 9.20 -20.24
CA TYR A 88 1.34 9.18 -19.29
C TYR A 88 1.24 10.35 -18.34
N ALA A 89 2.06 10.32 -17.28
CA ALA A 89 2.04 11.39 -16.29
C ALA A 89 1.93 12.75 -16.96
N GLN A 90 0.83 13.44 -16.71
CA GLN A 90 0.62 14.75 -17.32
C GLN A 90 -0.01 15.71 -16.30
N PRO A 91 -0.09 16.98 -16.65
CA PRO A 91 -0.70 18.02 -15.76
C PRO A 91 -2.18 17.75 -15.44
N SER A 92 -2.48 16.54 -14.99
CA SER A 92 -3.84 16.16 -14.66
C SER A 92 -4.65 15.89 -15.91
N ILE A 93 -4.37 14.77 -16.56
CA ILE A 93 -5.09 14.41 -17.78
C ILE A 93 -5.39 12.93 -17.78
N ASN A 94 -6.17 12.49 -16.81
CA ASN A 94 -6.55 11.07 -16.70
C ASN A 94 -5.32 10.23 -16.43
N THR A 95 -4.73 10.39 -15.25
CA THR A 95 -3.53 9.64 -14.89
C THR A 95 -3.71 8.91 -13.56
N PRO A 96 -3.07 7.77 -13.38
CA PRO A 96 -3.15 6.98 -12.13
C PRO A 96 -2.41 7.65 -10.98
N LEU A 97 -2.69 7.21 -9.77
CA LEU A 97 -2.08 7.79 -8.60
C LEU A 97 -0.55 7.66 -8.66
N PRO A 98 0.18 8.61 -8.14
CA PRO A 98 1.67 8.56 -8.15
C PRO A 98 2.23 7.41 -7.31
N ASN A 99 3.19 6.67 -7.86
CA ASN A 99 3.80 5.56 -7.15
C ASN A 99 4.14 5.98 -5.74
N LEU A 100 3.82 5.12 -4.78
CA LEU A 100 4.08 5.38 -3.35
C LEU A 100 4.03 6.88 -3.05
N GLN A 101 4.99 7.35 -2.27
CA GLN A 101 5.08 8.77 -1.95
C GLN A 101 3.79 9.25 -1.31
N ASN A 102 2.75 9.40 -2.12
CA ASN A 102 1.45 9.83 -1.64
C ASN A 102 0.80 8.70 -0.85
N GLY A 103 1.61 8.05 -0.01
CA GLY A 103 1.12 6.96 0.84
C GLY A 103 2.06 5.88 1.00
N PRO A 104 1.57 4.85 1.64
CA PRO A 104 0.16 4.69 2.22
C PRO A 104 -0.37 5.88 3.01
N PHE A 105 -1.30 6.61 2.38
CA PHE A 105 -1.91 7.79 2.98
C PHE A 105 -3.41 7.57 3.06
N TYR A 106 -4.22 8.47 2.56
CA TYR A 106 -5.64 8.33 2.62
C TYR A 106 -6.27 8.81 1.35
N ALA A 107 -7.03 7.91 0.76
CA ALA A 107 -7.75 8.21 -0.46
C ALA A 107 -9.22 8.41 -0.17
N ARG A 108 -10.03 8.34 -1.20
CA ARG A 108 -11.45 8.48 -1.06
C ARG A 108 -12.14 7.92 -2.27
N VAL A 109 -12.45 6.64 -2.23
CA VAL A 109 -13.11 6.00 -3.35
C VAL A 109 -14.48 6.58 -3.60
N ILE A 110 -14.68 7.11 -4.80
CA ILE A 110 -15.97 7.68 -5.17
C ILE A 110 -16.64 6.85 -6.27
N GLN A 111 -16.10 5.65 -6.52
CA GLN A 111 -16.65 4.79 -7.57
C GLN A 111 -16.05 3.39 -7.47
N LYS A 112 -16.91 2.41 -7.28
CA LYS A 112 -16.47 1.03 -7.19
C LYS A 112 -17.65 0.07 -7.39
N ARG A 113 -17.60 -1.04 -6.69
CA ARG A 113 -18.65 -2.05 -6.78
C ARG A 113 -18.70 -2.89 -5.52
N VAL A 114 -18.96 -4.19 -5.69
CA VAL A 114 -19.01 -5.13 -4.57
C VAL A 114 -18.22 -6.38 -4.88
N PRO A 115 -16.91 -6.27 -4.99
CA PRO A 115 -16.03 -7.41 -5.26
C PRO A 115 -15.53 -8.06 -3.98
N ASN A 116 -14.85 -9.19 -4.12
CA ASN A 116 -14.32 -9.89 -3.00
C ASN A 116 -12.99 -10.51 -3.36
N ALA A 117 -12.05 -10.48 -2.42
CA ALA A 117 -10.71 -11.02 -2.64
C ALA A 117 -10.74 -12.35 -3.43
N TYR A 118 -11.96 -12.81 -3.73
CA TYR A 118 -12.17 -14.01 -4.51
C TYR A 118 -12.42 -13.64 -5.97
N ASP A 119 -13.39 -12.77 -6.21
CA ASP A 119 -13.72 -12.38 -7.58
C ASP A 119 -12.47 -12.11 -8.38
N LYS A 120 -11.76 -11.06 -7.99
CA LYS A 120 -10.53 -10.67 -8.70
C LYS A 120 -9.54 -10.04 -7.74
N THR A 121 -9.54 -10.51 -6.51
CA THR A 121 -8.63 -9.99 -5.50
C THR A 121 -9.06 -8.59 -5.10
N ALA A 122 -9.90 -7.97 -5.92
CA ALA A 122 -10.38 -6.63 -5.66
C ALA A 122 -10.89 -6.50 -4.23
N LEU A 123 -11.00 -5.24 -3.74
CA LEU A 123 -11.46 -4.96 -2.38
C LEU A 123 -12.89 -4.44 -2.41
N ALA A 124 -13.66 -4.70 -1.36
CA ALA A 124 -15.05 -4.24 -1.31
C ALA A 124 -15.16 -2.87 -0.66
N LEU A 125 -15.67 -1.90 -1.42
CA LEU A 125 -15.85 -0.54 -0.91
C LEU A 125 -17.16 0.06 -1.40
N GLU A 126 -17.34 1.36 -1.13
CA GLU A 126 -18.53 2.07 -1.54
C GLU A 126 -18.21 3.53 -1.87
N VAL A 127 -18.93 4.07 -2.84
CA VAL A 127 -18.76 5.46 -3.20
C VAL A 127 -18.95 6.33 -1.97
N GLY A 128 -17.84 6.81 -1.42
CA GLY A 128 -17.87 7.66 -0.25
C GLY A 128 -17.09 7.04 0.89
N GLU A 129 -16.38 5.96 0.58
CA GLU A 129 -15.58 5.29 1.59
C GLU A 129 -14.17 5.86 1.57
N LEU A 130 -13.18 4.99 1.41
CA LEU A 130 -11.78 5.40 1.38
C LEU A 130 -10.90 4.18 1.64
N VAL A 131 -9.84 4.06 0.85
CA VAL A 131 -8.89 2.96 0.98
C VAL A 131 -7.46 3.50 1.12
N LYS A 132 -6.69 2.83 1.95
CA LYS A 132 -5.31 3.24 2.20
C LYS A 132 -4.33 2.39 1.41
N VAL A 133 -4.12 2.76 0.17
CA VAL A 133 -3.21 2.02 -0.68
C VAL A 133 -1.87 1.83 0.00
N THR A 134 -1.19 0.75 -0.33
CA THR A 134 0.09 0.46 0.28
C THR A 134 0.94 -0.36 -0.70
N LYS A 135 0.37 -1.43 -1.21
CA LYS A 135 1.12 -2.28 -2.13
C LYS A 135 1.35 -1.62 -3.46
N ILE A 136 2.58 -1.14 -3.70
CA ILE A 136 2.91 -0.48 -4.95
C ILE A 136 3.52 -1.51 -5.89
N ASN A 137 3.41 -1.25 -7.19
CA ASN A 137 3.95 -2.14 -8.20
C ASN A 137 3.85 -1.49 -9.57
N MET A 138 2.81 -1.87 -10.31
CA MET A 138 2.60 -1.35 -11.64
C MET A 138 2.47 0.17 -11.59
N SER A 139 3.15 0.85 -12.49
CA SER A 139 3.10 2.29 -12.53
C SER A 139 1.70 2.77 -12.93
N GLY A 140 0.69 1.93 -12.66
CA GLY A 140 -0.67 2.31 -13.00
C GLY A 140 -1.70 1.64 -12.09
N GLN A 141 -1.86 0.33 -12.23
CA GLN A 141 -2.83 -0.40 -11.42
C GLN A 141 -2.18 -0.94 -10.16
N TRP A 142 -2.59 -0.41 -9.01
CA TRP A 142 -2.02 -0.85 -7.72
C TRP A 142 -3.10 -1.49 -6.88
N GLU A 143 -2.79 -1.79 -5.60
CA GLU A 143 -3.77 -2.41 -4.74
C GLU A 143 -4.46 -1.38 -3.86
N GLY A 144 -5.08 -1.84 -2.78
CA GLY A 144 -5.76 -0.95 -1.87
C GLY A 144 -6.25 -1.67 -0.62
N GLU A 145 -5.72 -1.26 0.52
CA GLU A 145 -6.07 -1.89 1.80
C GLU A 145 -7.11 -1.05 2.52
N CYS A 146 -8.20 -1.69 2.92
CA CYS A 146 -9.27 -0.99 3.60
C CYS A 146 -9.86 -1.93 4.65
N ASN A 147 -9.21 -2.07 5.80
CA ASN A 147 -9.72 -2.95 6.85
C ASN A 147 -9.31 -4.40 6.57
N GLY A 148 -8.17 -4.55 5.91
CA GLY A 148 -7.63 -5.86 5.58
C GLY A 148 -8.04 -6.29 4.18
N LYS A 149 -9.23 -5.89 3.79
CA LYS A 149 -9.75 -6.28 2.50
C LYS A 149 -8.94 -5.67 1.38
N ARG A 150 -7.74 -6.18 1.20
CA ARG A 150 -6.88 -5.69 0.17
C ARG A 150 -7.39 -6.13 -1.19
N GLY A 151 -6.83 -5.54 -2.23
CA GLY A 151 -7.23 -5.87 -3.58
C GLY A 151 -6.64 -4.87 -4.57
N HIS A 152 -7.25 -4.77 -5.75
CA HIS A 152 -6.79 -3.84 -6.79
C HIS A 152 -7.91 -2.94 -7.21
N PHE A 153 -7.56 -1.91 -7.94
CA PHE A 153 -8.56 -0.97 -8.45
C PHE A 153 -7.90 0.30 -9.00
N PRO A 154 -8.01 0.57 -10.29
CA PRO A 154 -7.43 1.81 -10.90
C PRO A 154 -7.86 3.08 -10.16
N PHE A 155 -6.95 4.04 -10.10
CA PHE A 155 -7.22 5.29 -9.43
C PHE A 155 -8.35 6.05 -10.15
N THR A 156 -8.86 5.47 -11.21
CA THR A 156 -9.93 6.12 -11.97
C THR A 156 -11.14 6.45 -11.10
N HIS A 157 -11.04 6.19 -9.80
CA HIS A 157 -12.14 6.47 -8.89
C HIS A 157 -11.67 6.68 -7.46
N VAL A 158 -10.98 7.78 -7.20
CA VAL A 158 -10.49 8.08 -5.85
C VAL A 158 -10.05 9.54 -5.79
N ARG A 159 -10.08 10.10 -4.58
CA ARG A 159 -9.70 11.50 -4.37
C ARG A 159 -8.70 11.62 -3.23
N LEU A 160 -7.45 11.25 -3.51
CA LEU A 160 -6.39 11.33 -2.51
C LEU A 160 -6.53 12.54 -1.64
N LEU A 161 -6.52 12.29 -0.34
CA LEU A 161 -6.66 13.37 0.63
C LEU A 161 -5.33 14.09 0.80
N ASP A 162 -4.60 13.76 1.84
CA ASP A 162 -3.31 14.38 2.11
C ASP A 162 -2.47 13.51 3.03
N GLN A 163 -2.68 13.65 4.33
CA GLN A 163 -1.93 12.87 5.32
C GLN A 163 -2.65 12.87 6.66
N VAL A 1 6.58 -8.83 17.98
CA VAL A 1 5.67 -7.66 18.20
C VAL A 1 6.51 -6.46 18.61
N GLU A 2 5.86 -5.45 19.16
CA GLU A 2 6.56 -4.24 19.58
C GLU A 2 7.29 -3.61 18.42
N TYR A 3 8.40 -4.21 18.04
CA TYR A 3 9.19 -3.67 16.96
C TYR A 3 8.52 -3.83 15.63
N VAL A 4 8.17 -5.07 15.29
CA VAL A 4 7.52 -5.42 14.03
C VAL A 4 8.53 -5.65 12.91
N ARG A 5 8.06 -6.26 11.82
CA ARG A 5 8.93 -6.56 10.68
C ARG A 5 8.32 -6.04 9.40
N ALA A 6 9.18 -5.45 8.57
CA ALA A 6 8.75 -4.92 7.31
C ALA A 6 8.99 -5.90 6.17
N LEU A 7 7.94 -6.63 5.79
CA LEU A 7 8.03 -7.63 4.73
C LEU A 7 7.40 -7.13 3.43
N PHE A 8 7.57 -5.83 3.15
CA PHE A 8 7.03 -5.24 1.92
C PHE A 8 8.07 -4.35 1.26
N ASP A 9 9.24 -4.28 1.87
CA ASP A 9 10.32 -3.45 1.36
C ASP A 9 9.88 -1.99 1.33
N PHE A 10 10.75 -1.06 1.70
CA PHE A 10 10.39 0.37 1.68
C PHE A 10 11.42 1.17 0.92
N ASN A 11 12.68 0.80 1.08
CA ASN A 11 13.77 1.47 0.39
C ASN A 11 13.55 2.98 0.35
N GLY A 12 13.39 3.57 1.52
CA GLY A 12 13.19 5.00 1.61
C GLY A 12 14.45 5.74 1.24
N ASN A 13 14.83 6.70 2.07
CA ASN A 13 16.03 7.51 1.84
C ASN A 13 16.06 8.69 2.79
N ASP A 14 15.47 9.82 2.35
CA ASP A 14 15.44 11.07 3.12
C ASP A 14 15.72 10.85 4.61
N ASP A 15 16.57 11.68 5.17
CA ASP A 15 16.91 11.56 6.58
C ASP A 15 15.66 11.57 7.43
N GLU A 16 14.49 11.75 6.80
CA GLU A 16 13.22 11.75 7.52
C GLU A 16 12.44 10.47 7.22
N ASP A 17 13.11 9.45 6.68
CA ASP A 17 12.47 8.17 6.38
C ASP A 17 13.39 7.02 6.80
N LEU A 18 12.83 5.85 7.16
CA LEU A 18 13.66 4.71 7.58
C LEU A 18 13.69 3.63 6.50
N PRO A 19 14.61 3.67 5.59
CA PRO A 19 14.66 2.65 4.50
C PRO A 19 14.99 1.24 4.99
N PHE A 20 14.41 0.25 4.30
CA PHE A 20 14.61 -1.15 4.65
C PHE A 20 14.03 -2.05 3.56
N LYS A 21 14.46 -3.31 3.59
CA LYS A 21 14.02 -4.29 2.61
C LYS A 21 12.85 -5.11 3.15
N LYS A 22 12.69 -6.34 2.68
CA LYS A 22 11.60 -7.16 3.14
C LYS A 22 12.07 -8.11 4.24
N GLY A 23 11.33 -8.12 5.33
CA GLY A 23 11.64 -8.96 6.46
C GLY A 23 12.59 -8.28 7.44
N ASP A 24 12.79 -6.98 7.27
CA ASP A 24 13.65 -6.24 8.16
C ASP A 24 12.95 -6.00 9.50
N ILE A 25 13.70 -6.13 10.58
CA ILE A 25 13.16 -5.93 11.93
C ILE A 25 13.48 -4.51 12.40
N LEU A 26 12.44 -3.71 12.59
CA LEU A 26 12.62 -2.32 13.02
C LEU A 26 11.81 -2.03 14.28
N LYS A 27 12.46 -1.37 15.24
CA LYS A 27 11.80 -1.05 16.49
C LYS A 27 10.93 0.20 16.35
N ILE A 28 9.75 0.21 16.96
CA ILE A 28 8.87 1.40 16.87
C ILE A 28 9.50 2.59 17.58
N ARG A 29 9.89 2.40 18.81
CA ARG A 29 10.48 3.47 19.62
C ARG A 29 9.46 4.55 19.91
N ASP A 30 8.75 5.01 18.89
CA ASP A 30 7.73 6.04 19.06
C ASP A 30 6.65 5.90 17.98
N LYS A 31 5.38 5.96 18.39
CA LYS A 31 4.27 5.85 17.44
C LYS A 31 3.22 6.93 17.71
N PRO A 32 3.45 8.15 17.27
CA PRO A 32 2.50 9.27 17.50
C PRO A 32 1.26 9.18 16.59
N GLU A 33 1.46 8.62 15.39
CA GLU A 33 0.38 8.48 14.42
C GLU A 33 -0.14 7.04 14.42
N GLU A 34 -1.05 6.72 13.50
CA GLU A 34 -1.63 5.39 13.40
C GLU A 34 -1.24 4.75 12.06
N GLN A 35 -0.72 5.57 11.14
CA GLN A 35 -0.33 5.10 9.81
C GLN A 35 1.20 5.12 9.64
N TRP A 36 1.88 6.02 10.34
CA TRP A 36 3.33 6.13 10.27
C TRP A 36 3.90 5.94 11.66
N TRP A 37 5.08 5.33 11.76
CA TRP A 37 5.70 5.09 13.06
C TRP A 37 7.18 5.41 12.98
N ASN A 38 7.65 6.27 13.86
CA ASN A 38 9.06 6.63 13.87
C ASN A 38 9.86 5.50 14.48
N ALA A 39 10.49 4.71 13.64
CA ALA A 39 11.28 3.57 14.10
C ALA A 39 12.77 3.86 14.00
N GLU A 40 13.56 2.94 14.53
CA GLU A 40 15.01 3.07 14.49
C GLU A 40 15.63 1.88 13.75
N ASP A 41 16.40 2.17 12.72
CA ASP A 41 17.06 1.11 11.95
C ASP A 41 17.94 0.26 12.86
N MET A 42 18.47 -0.81 12.29
CA MET A 42 19.35 -1.71 13.04
C MET A 42 20.71 -1.05 13.28
N ASP A 43 20.90 0.15 12.73
CA ASP A 43 22.17 0.86 12.89
C ASP A 43 22.10 1.89 14.00
N GLY A 44 20.86 2.26 14.33
CA GLY A 44 20.60 3.24 15.37
C GLY A 44 19.83 4.41 14.80
N LYS A 45 20.04 4.70 13.53
CA LYS A 45 19.39 5.84 12.89
C LYS A 45 17.91 5.83 13.11
N ARG A 46 17.34 7.02 13.22
CA ARG A 46 15.91 7.16 13.44
C ARG A 46 15.25 7.83 12.25
N GLY A 47 14.18 7.21 11.79
CA GLY A 47 13.46 7.74 10.63
C GLY A 47 12.04 7.21 10.56
N MET A 48 11.20 7.98 9.85
CA MET A 48 9.80 7.62 9.69
C MET A 48 9.64 6.37 8.83
N ILE A 49 8.47 5.79 8.90
CA ILE A 49 8.18 4.61 8.09
C ILE A 49 6.70 4.33 7.95
N PRO A 50 6.28 3.78 6.83
CA PRO A 50 4.86 3.42 6.63
C PRO A 50 4.53 2.19 7.49
N VAL A 51 3.64 2.34 8.46
CA VAL A 51 3.26 1.23 9.32
C VAL A 51 2.82 0.01 8.49
N PRO A 52 1.89 0.16 7.58
CA PRO A 52 1.36 -1.00 6.77
C PRO A 52 2.47 -1.86 6.16
N TYR A 53 3.61 -1.25 5.91
CA TYR A 53 4.72 -1.99 5.32
C TYR A 53 5.21 -3.07 6.27
N VAL A 54 4.54 -3.23 7.40
CA VAL A 54 4.92 -4.25 8.37
C VAL A 54 3.71 -5.09 8.78
N GLU A 55 3.96 -6.20 9.49
CA GLU A 55 2.87 -7.09 9.89
C GLU A 55 2.48 -6.86 11.33
N LYS A 56 3.41 -7.17 12.26
CA LYS A 56 3.23 -7.01 13.70
C LYS A 56 3.75 -8.27 14.42
N CYS A 57 4.15 -9.29 13.65
CA CYS A 57 4.65 -10.53 14.24
C CYS A 57 3.59 -11.13 15.16
N ARG A 58 2.72 -11.95 14.59
CA ARG A 58 1.65 -12.59 15.36
C ARG A 58 1.06 -13.77 14.58
N PRO A 59 1.73 -14.89 14.59
CA PRO A 59 1.27 -16.13 13.88
C PRO A 59 -0.05 -16.67 14.44
N SER A 60 -0.96 -15.76 14.77
CA SER A 60 -2.26 -16.14 15.30
C SER A 60 -3.21 -16.57 14.18
N SER A 61 -2.75 -16.40 12.94
CA SER A 61 -3.57 -16.76 11.78
C SER A 61 -2.67 -17.10 10.60
N ALA A 62 -3.28 -17.61 9.52
CA ALA A 62 -2.53 -17.98 8.33
C ALA A 62 -3.50 -18.31 7.19
N SER A 63 -2.96 -18.88 6.12
CA SER A 63 -3.77 -19.24 4.96
C SER A 63 -4.12 -18.01 4.13
N VAL A 64 -4.03 -18.14 2.81
CA VAL A 64 -4.34 -17.04 1.91
C VAL A 64 -5.82 -16.66 2.02
N SER A 65 -6.68 -17.66 2.07
CA SER A 65 -8.12 -17.42 2.17
C SER A 65 -8.43 -16.56 3.39
N THR A 66 -9.40 -15.67 3.24
CA THR A 66 -9.78 -14.79 4.33
C THR A 66 -8.59 -13.94 4.76
N LEU A 67 -8.66 -12.65 4.45
CA LEU A 67 -7.58 -11.72 4.80
C LEU A 67 -6.25 -12.23 4.24
N THR A 68 -5.89 -11.75 3.06
CA THR A 68 -4.64 -12.16 2.43
C THR A 68 -3.46 -11.45 3.06
N GLY A 69 -2.72 -12.18 3.90
CA GLY A 69 -1.55 -11.63 4.58
C GLY A 69 -0.30 -11.85 3.75
N GLY A 70 -0.29 -12.93 2.97
CA GLY A 70 0.86 -13.25 2.12
C GLY A 70 0.85 -12.42 0.84
N ASN A 71 -0.26 -12.47 0.12
CA ASN A 71 -0.38 -11.72 -1.13
C ASN A 71 0.83 -11.96 -2.02
N GLN A 72 0.68 -12.85 -3.00
CA GLN A 72 1.77 -13.17 -3.92
C GLN A 72 1.24 -13.27 -5.35
N ASP A 73 2.12 -13.66 -6.27
CA ASP A 73 1.74 -13.78 -7.68
C ASP A 73 1.15 -12.48 -8.19
N SER A 74 1.69 -11.35 -7.71
CA SER A 74 1.21 -10.03 -8.13
C SER A 74 2.01 -9.53 -9.33
N SER A 75 1.32 -9.38 -10.46
CA SER A 75 1.98 -8.89 -11.68
C SER A 75 0.97 -8.18 -12.57
N HIS A 76 1.44 -7.18 -13.31
CA HIS A 76 0.56 -6.41 -14.19
C HIS A 76 -0.43 -7.35 -14.91
N PRO A 77 -1.73 -7.28 -14.61
CA PRO A 77 -2.72 -8.17 -15.27
C PRO A 77 -3.02 -7.74 -16.71
N GLN A 78 -3.60 -8.64 -17.49
CA GLN A 78 -3.93 -8.35 -18.88
C GLN A 78 -4.47 -6.93 -19.03
N PRO A 79 -4.27 -6.27 -20.15
CA PRO A 79 -4.79 -4.89 -20.37
C PRO A 79 -6.26 -4.76 -19.97
N LEU A 80 -6.59 -3.63 -19.33
CA LEU A 80 -7.96 -3.36 -18.89
C LEU A 80 -8.67 -2.43 -19.86
N GLY A 81 -8.04 -2.20 -21.02
CA GLY A 81 -8.62 -1.33 -22.04
C GLY A 81 -7.69 -1.19 -23.23
N GLY A 82 -8.25 -0.84 -24.39
CA GLY A 82 -7.46 -0.68 -25.60
C GLY A 82 -6.48 0.47 -25.46
N PRO A 83 -5.70 0.74 -26.48
CA PRO A 83 -4.70 1.85 -26.45
C PRO A 83 -5.32 3.18 -26.02
N GLU A 84 -6.50 3.48 -26.56
CA GLU A 84 -7.20 4.72 -26.23
C GLU A 84 -6.21 5.90 -26.12
N PRO A 85 -5.71 6.35 -27.24
CA PRO A 85 -4.73 7.49 -27.29
C PRO A 85 -5.33 8.78 -26.74
N GLY A 86 -4.47 9.63 -26.17
CA GLY A 86 -4.93 10.90 -25.62
C GLY A 86 -3.95 11.41 -24.56
N PRO A 87 -3.98 10.82 -23.39
CA PRO A 87 -3.08 11.22 -22.27
C PRO A 87 -1.61 10.87 -22.55
N TYR A 88 -0.73 11.25 -21.62
CA TYR A 88 0.70 10.97 -21.77
C TYR A 88 0.94 9.48 -21.90
N ALA A 89 2.11 9.10 -22.39
CA ALA A 89 2.43 7.68 -22.56
C ALA A 89 1.92 6.86 -21.39
N GLN A 90 0.72 6.30 -21.53
CA GLN A 90 0.12 5.49 -20.47
C GLN A 90 -0.66 4.30 -21.06
N PRO A 91 -0.69 3.16 -20.39
CA PRO A 91 -1.43 1.97 -20.90
C PRO A 91 -2.86 2.31 -21.34
N SER A 92 -3.64 2.86 -20.43
CA SER A 92 -5.04 3.20 -20.73
C SER A 92 -5.79 3.58 -19.45
N ILE A 93 -5.19 3.28 -18.31
CA ILE A 93 -5.80 3.59 -17.04
C ILE A 93 -5.66 5.08 -16.71
N ASN A 94 -5.28 5.87 -17.72
CA ASN A 94 -5.10 7.30 -17.53
C ASN A 94 -3.92 7.55 -16.60
N THR A 95 -4.10 8.45 -15.63
CA THR A 95 -3.03 8.78 -14.68
C THR A 95 -3.39 8.30 -13.27
N PRO A 96 -2.64 7.38 -12.68
CA PRO A 96 -2.95 6.88 -11.32
C PRO A 96 -2.54 7.88 -10.22
N LEU A 97 -2.33 7.38 -9.01
CA LEU A 97 -1.96 8.24 -7.90
C LEU A 97 -0.62 8.94 -8.18
N PRO A 98 -0.43 10.16 -7.71
CA PRO A 98 0.84 10.90 -7.93
C PRO A 98 1.97 10.36 -7.05
N ASN A 99 3.19 10.35 -7.59
CA ASN A 99 4.35 9.85 -6.84
C ASN A 99 3.98 8.64 -5.99
N LEU A 100 4.76 8.44 -4.93
CA LEU A 100 4.51 7.31 -4.03
C LEU A 100 3.24 7.53 -3.23
N GLN A 101 2.54 8.62 -3.54
CA GLN A 101 1.33 8.97 -2.83
C GLN A 101 1.68 9.32 -1.38
N ASN A 102 1.19 10.47 -0.94
CA ASN A 102 1.45 10.94 0.41
C ASN A 102 1.39 9.79 1.40
N GLY A 103 0.50 8.86 1.10
CA GLY A 103 0.30 7.69 1.93
C GLY A 103 1.48 6.85 2.03
N PRO A 104 1.31 5.77 2.69
CA PRO A 104 0.02 5.31 3.37
C PRO A 104 -0.62 6.31 4.35
N PHE A 105 -1.89 6.63 4.06
CA PHE A 105 -2.66 7.54 4.87
C PHE A 105 -4.13 7.22 4.67
N TYR A 106 -4.94 8.17 4.22
CA TYR A 106 -6.34 7.92 4.04
C TYR A 106 -6.83 8.68 2.84
N ALA A 107 -7.61 8.03 2.00
CA ALA A 107 -8.12 8.66 0.80
C ALA A 107 -9.63 8.71 0.83
N ARG A 108 -10.24 8.65 -0.31
CA ARG A 108 -11.68 8.66 -0.36
C ARG A 108 -12.18 8.14 -1.68
N VAL A 109 -12.50 6.87 -1.70
CA VAL A 109 -13.02 6.24 -2.88
C VAL A 109 -14.33 6.88 -3.29
N ILE A 110 -14.49 7.13 -4.57
CA ILE A 110 -15.71 7.75 -5.08
C ILE A 110 -16.16 7.06 -6.35
N GLN A 111 -15.70 5.83 -6.55
CA GLN A 111 -16.07 5.10 -7.75
C GLN A 111 -15.34 3.75 -7.78
N LYS A 112 -16.08 2.69 -7.45
CA LYS A 112 -15.53 1.34 -7.45
C LYS A 112 -16.60 0.33 -7.88
N ARG A 113 -16.57 -0.84 -7.26
CA ARG A 113 -17.54 -1.88 -7.57
C ARG A 113 -17.69 -2.82 -6.38
N VAL A 114 -17.79 -4.12 -6.66
CA VAL A 114 -17.91 -5.13 -5.60
C VAL A 114 -16.97 -6.30 -5.85
N PRO A 115 -15.69 -6.06 -5.74
CA PRO A 115 -14.68 -7.11 -5.92
C PRO A 115 -14.33 -7.77 -4.60
N ASN A 116 -13.49 -8.79 -4.67
CA ASN A 116 -13.09 -9.52 -3.48
C ASN A 116 -11.63 -9.91 -3.58
N ALA A 117 -10.90 -9.82 -2.46
CA ALA A 117 -9.47 -10.13 -2.42
C ALA A 117 -9.13 -11.34 -3.32
N TYR A 118 -10.16 -12.00 -3.84
CA TYR A 118 -10.00 -13.13 -4.74
C TYR A 118 -10.00 -12.63 -6.20
N ASP A 119 -10.99 -11.80 -6.50
CA ASP A 119 -11.17 -11.26 -7.85
C ASP A 119 -10.02 -10.35 -8.24
N LYS A 120 -8.81 -10.91 -8.18
CA LYS A 120 -7.58 -10.22 -8.55
C LYS A 120 -7.03 -9.41 -7.39
N THR A 121 -7.46 -9.78 -6.20
CA THR A 121 -7.02 -9.12 -4.98
C THR A 121 -7.70 -7.77 -4.85
N ALA A 122 -8.20 -7.28 -5.96
CA ALA A 122 -8.85 -5.98 -5.96
C ALA A 122 -9.71 -5.75 -4.72
N LEU A 123 -9.22 -4.88 -3.83
CA LEU A 123 -9.93 -4.55 -2.62
C LEU A 123 -11.37 -4.26 -2.91
N ALA A 124 -12.19 -4.42 -1.87
CA ALA A 124 -13.61 -4.14 -1.99
C ALA A 124 -13.98 -2.88 -1.21
N LEU A 125 -14.60 -1.92 -1.90
CA LEU A 125 -15.00 -0.64 -1.27
C LEU A 125 -16.34 -0.14 -1.82
N GLU A 126 -16.79 1.02 -1.32
CA GLU A 126 -18.04 1.63 -1.77
C GLU A 126 -17.84 3.10 -2.04
N VAL A 127 -18.54 3.61 -3.03
CA VAL A 127 -18.45 4.99 -3.38
C VAL A 127 -18.52 5.86 -2.18
N GLY A 128 -17.42 6.46 -1.89
CA GLY A 128 -17.29 7.32 -0.79
C GLY A 128 -16.07 6.91 -0.07
N GLU A 129 -16.20 5.74 0.53
CA GLU A 129 -15.19 5.15 1.44
C GLU A 129 -13.77 5.56 1.13
N LEU A 130 -12.83 4.84 1.67
CA LEU A 130 -11.44 5.17 1.42
C LEU A 130 -10.53 4.00 1.57
N VAL A 131 -9.33 4.19 1.08
CA VAL A 131 -8.33 3.17 1.10
C VAL A 131 -6.98 3.72 1.50
N LYS A 132 -6.26 2.91 2.24
CA LYS A 132 -4.94 3.27 2.71
C LYS A 132 -3.89 2.59 1.86
N VAL A 133 -3.54 3.22 0.75
CA VAL A 133 -2.57 2.64 -0.14
C VAL A 133 -1.25 2.43 0.60
N THR A 134 -0.45 1.49 0.12
CA THR A 134 0.82 1.20 0.75
C THR A 134 1.76 0.56 -0.26
N LYS A 135 1.33 -0.54 -0.84
CA LYS A 135 2.18 -1.23 -1.79
C LYS A 135 2.40 -0.39 -3.03
N ILE A 136 3.58 0.22 -3.11
CA ILE A 136 3.94 1.08 -4.24
C ILE A 136 5.10 0.45 -5.02
N ASN A 137 4.80 -0.10 -6.19
CA ASN A 137 5.82 -0.70 -7.06
C ASN A 137 5.99 0.15 -8.30
N MET A 138 5.39 -0.30 -9.39
CA MET A 138 5.47 0.40 -10.65
C MET A 138 5.07 1.85 -10.47
N SER A 139 5.66 2.73 -11.25
CA SER A 139 5.37 4.15 -11.15
C SER A 139 3.99 4.46 -11.68
N GLY A 140 3.15 3.43 -11.82
CA GLY A 140 1.81 3.63 -12.34
C GLY A 140 0.78 2.76 -11.62
N GLN A 141 0.69 1.50 -12.02
CA GLN A 141 -0.28 0.57 -11.44
C GLN A 141 0.28 -0.08 -10.18
N TRP A 142 -0.36 0.19 -9.05
CA TRP A 142 0.07 -0.37 -7.77
C TRP A 142 -1.15 -0.89 -7.01
N GLU A 143 -0.91 -1.30 -5.77
CA GLU A 143 -1.95 -1.86 -4.92
C GLU A 143 -2.21 -0.97 -3.72
N GLY A 144 -3.02 -1.45 -2.78
CA GLY A 144 -3.30 -0.66 -1.59
C GLY A 144 -3.82 -1.50 -0.43
N GLU A 145 -4.61 -0.88 0.44
CA GLU A 145 -5.16 -1.58 1.59
C GLU A 145 -6.24 -0.77 2.29
N CYS A 146 -7.30 -1.47 2.70
CA CYS A 146 -8.44 -0.87 3.37
C CYS A 146 -9.04 -1.87 4.38
N ASN A 147 -8.40 -2.09 5.53
CA ASN A 147 -8.91 -3.05 6.53
C ASN A 147 -8.42 -4.45 6.16
N GLY A 148 -7.19 -4.49 5.67
CA GLY A 148 -6.52 -5.73 5.29
C GLY A 148 -6.80 -6.07 3.84
N LYS A 149 -8.00 -5.77 3.41
CA LYS A 149 -8.41 -6.08 2.06
C LYS A 149 -7.57 -5.30 1.08
N ARG A 150 -6.46 -5.88 0.71
CA ARG A 150 -5.59 -5.25 -0.24
C ARG A 150 -6.02 -5.60 -1.62
N GLY A 151 -5.47 -4.90 -2.58
CA GLY A 151 -5.79 -5.12 -3.97
C GLY A 151 -5.23 -3.98 -4.80
N HIS A 152 -5.85 -3.75 -5.94
CA HIS A 152 -5.45 -2.67 -6.86
C HIS A 152 -6.67 -1.84 -7.24
N PHE A 153 -6.43 -0.73 -7.93
CA PHE A 153 -7.53 0.13 -8.37
C PHE A 153 -6.99 1.52 -8.76
N PRO A 154 -7.07 1.91 -10.03
CA PRO A 154 -6.58 3.25 -10.45
C PRO A 154 -7.10 4.36 -9.55
N PHE A 155 -6.19 5.20 -9.08
CA PHE A 155 -6.56 6.30 -8.22
C PHE A 155 -7.47 7.28 -8.97
N THR A 156 -7.74 6.99 -10.22
CA THR A 156 -8.57 7.86 -11.03
C THR A 156 -9.97 8.03 -10.43
N HIS A 157 -10.23 7.43 -9.25
CA HIS A 157 -11.54 7.55 -8.62
C HIS A 157 -11.42 7.67 -7.09
N VAL A 158 -10.59 8.57 -6.61
CA VAL A 158 -10.40 8.77 -5.17
C VAL A 158 -10.14 10.25 -4.87
N ARG A 159 -10.23 10.63 -3.60
CA ARG A 159 -9.98 12.02 -3.20
C ARG A 159 -9.14 12.07 -1.92
N LEU A 160 -7.83 11.84 -2.06
CA LEU A 160 -6.90 11.84 -0.91
C LEU A 160 -7.33 12.87 0.13
N LEU A 161 -7.32 12.43 1.37
CA LEU A 161 -7.71 13.29 2.48
C LEU A 161 -6.58 14.24 2.85
N ASP A 162 -6.70 14.85 4.02
CA ASP A 162 -5.70 15.79 4.49
C ASP A 162 -4.48 15.05 5.01
N GLN A 163 -4.53 13.72 4.98
CA GLN A 163 -3.42 12.89 5.46
C GLN A 163 -3.45 12.80 6.98
N VAL A 1 10.25 -1.14 23.49
CA VAL A 1 10.39 -2.59 23.17
C VAL A 1 9.50 -2.93 21.99
N GLU A 2 10.09 -2.89 20.79
CA GLU A 2 9.34 -3.18 19.58
C GLU A 2 10.27 -3.74 18.50
N TYR A 3 9.68 -4.28 17.44
CA TYR A 3 10.48 -4.87 16.36
C TYR A 3 9.69 -5.05 15.08
N VAL A 4 8.38 -5.11 15.20
CA VAL A 4 7.48 -5.27 14.07
C VAL A 4 8.05 -6.21 13.00
N ARG A 5 7.26 -6.49 12.00
CA ARG A 5 7.74 -7.35 10.91
C ARG A 5 7.19 -6.87 9.61
N ALA A 6 8.10 -6.53 8.70
CA ALA A 6 7.75 -6.01 7.41
C ALA A 6 7.80 -7.10 6.34
N LEU A 7 6.68 -7.75 6.12
CA LEU A 7 6.59 -8.83 5.13
C LEU A 7 5.97 -8.33 3.83
N PHE A 8 5.98 -7.01 3.62
CA PHE A 8 5.42 -6.43 2.39
C PHE A 8 6.50 -5.78 1.59
N ASP A 9 7.72 -5.86 2.10
CA ASP A 9 8.88 -5.26 1.45
C ASP A 9 8.67 -3.77 1.28
N PHE A 10 9.69 -2.96 1.53
CA PHE A 10 9.57 -1.50 1.38
C PHE A 10 10.71 -0.95 0.55
N ASN A 11 11.92 -1.39 0.88
CA ASN A 11 13.11 -0.96 0.16
C ASN A 11 12.98 0.50 -0.26
N GLY A 12 12.79 1.37 0.73
CA GLY A 12 12.62 2.78 0.47
C GLY A 12 13.86 3.34 -0.20
N ASN A 13 14.77 3.89 0.59
CA ASN A 13 16.01 4.47 0.04
C ASN A 13 16.76 5.23 1.10
N ASP A 14 16.36 4.96 2.31
CA ASP A 14 16.90 5.62 3.46
C ASP A 14 17.28 7.05 3.21
N ASP A 15 18.15 7.58 4.06
CA ASP A 15 18.52 8.96 3.93
C ASP A 15 17.24 9.76 3.80
N GLU A 16 16.22 9.32 4.57
CA GLU A 16 14.89 9.93 4.58
C GLU A 16 13.86 8.86 4.91
N ASP A 17 14.27 7.59 4.92
CA ASP A 17 13.33 6.51 5.18
C ASP A 17 14.02 5.27 5.68
N LEU A 18 13.24 4.20 5.92
CA LEU A 18 13.83 2.96 6.43
C LEU A 18 13.63 1.81 5.46
N PRO A 19 14.51 1.60 4.52
CA PRO A 19 14.33 0.49 3.56
C PRO A 19 14.57 -0.87 4.22
N PHE A 20 13.73 -1.85 3.86
CA PHE A 20 13.84 -3.18 4.42
C PHE A 20 13.13 -4.21 3.55
N LYS A 21 13.46 -5.48 3.81
CA LYS A 21 12.88 -6.58 3.05
C LYS A 21 12.91 -7.87 3.86
N LYS A 22 12.21 -8.87 3.35
CA LYS A 22 12.16 -10.18 3.99
C LYS A 22 11.83 -10.06 5.47
N GLY A 23 10.53 -9.95 5.77
CA GLY A 23 10.03 -9.85 7.15
C GLY A 23 11.08 -9.33 8.13
N ASP A 24 11.76 -8.26 7.75
CA ASP A 24 12.79 -7.70 8.60
C ASP A 24 12.20 -7.23 9.93
N ILE A 25 13.06 -7.10 10.93
CA ILE A 25 12.64 -6.64 12.25
C ILE A 25 13.17 -5.24 12.50
N LEU A 26 12.27 -4.26 12.45
CA LEU A 26 12.65 -2.87 12.61
C LEU A 26 12.17 -2.31 13.94
N LYS A 27 13.09 -2.12 14.85
CA LYS A 27 12.73 -1.62 16.14
C LYS A 27 12.20 -0.22 16.04
N ILE A 28 11.05 -0.02 16.65
CA ILE A 28 10.43 1.28 16.61
C ILE A 28 11.29 2.28 17.40
N ARG A 29 10.68 3.11 18.26
CA ARG A 29 11.42 4.10 19.04
C ARG A 29 10.46 4.96 19.84
N ASP A 30 9.45 5.45 19.14
CA ASP A 30 8.43 6.30 19.78
C ASP A 30 7.07 6.16 19.14
N LYS A 31 7.04 5.65 17.91
CA LYS A 31 5.79 5.49 17.15
C LYS A 31 4.83 6.66 17.41
N PRO A 32 5.11 7.82 16.88
CA PRO A 32 4.23 9.01 17.09
C PRO A 32 2.92 8.89 16.30
N GLU A 33 3.01 8.46 15.04
CA GLU A 33 1.83 8.30 14.20
C GLU A 33 1.38 6.87 14.16
N GLU A 34 0.11 6.67 13.84
CA GLU A 34 -0.44 5.34 13.76
C GLU A 34 -0.18 4.73 12.39
N GLN A 35 -0.23 5.56 11.35
CA GLN A 35 -0.02 5.12 9.99
C GLN A 35 1.47 5.04 9.65
N TRP A 36 2.27 5.83 10.35
CA TRP A 36 3.71 5.85 10.14
C TRP A 36 4.41 5.64 11.48
N TRP A 37 5.60 5.06 11.47
CA TRP A 37 6.34 4.80 12.70
C TRP A 37 7.84 4.96 12.46
N ASN A 38 8.52 5.64 13.39
CA ASN A 38 9.96 5.85 13.28
C ASN A 38 10.70 4.67 13.88
N ALA A 39 11.35 3.90 13.03
CA ALA A 39 12.07 2.69 13.45
C ALA A 39 13.54 2.79 13.11
N GLU A 40 14.25 1.71 13.44
CA GLU A 40 15.67 1.61 13.15
C GLU A 40 15.93 0.36 12.33
N ASP A 41 16.56 0.54 11.20
CA ASP A 41 16.86 -0.55 10.31
C ASP A 41 17.66 -1.63 11.01
N MET A 42 17.84 -2.73 10.31
CA MET A 42 18.60 -3.86 10.81
C MET A 42 20.08 -3.59 10.67
N ASP A 43 20.41 -2.39 10.19
CA ASP A 43 21.81 -2.01 10.00
C ASP A 43 22.30 -1.05 11.05
N GLY A 44 21.39 -0.25 11.57
CA GLY A 44 21.70 0.76 12.54
C GLY A 44 21.46 2.11 11.90
N LYS A 45 20.27 2.24 11.33
CA LYS A 45 19.84 3.50 10.71
C LYS A 45 18.43 3.81 11.11
N ARG A 46 18.15 5.08 11.37
CA ARG A 46 16.82 5.51 11.79
C ARG A 46 16.10 6.24 10.68
N GLY A 47 14.96 5.71 10.32
CA GLY A 47 14.14 6.28 9.24
C GLY A 47 12.65 5.92 9.38
N MET A 48 11.78 6.78 8.85
CA MET A 48 10.34 6.54 8.95
C MET A 48 9.95 5.30 8.17
N ILE A 49 8.87 4.67 8.61
CA ILE A 49 8.38 3.44 7.98
C ILE A 49 6.85 3.40 7.85
N PRO A 50 6.33 2.86 6.77
CA PRO A 50 4.85 2.68 6.62
C PRO A 50 4.39 1.55 7.56
N VAL A 51 3.58 1.88 8.56
CA VAL A 51 3.09 0.87 9.48
C VAL A 51 2.44 -0.33 8.75
N PRO A 52 1.50 -0.09 7.85
CA PRO A 52 0.80 -1.18 7.09
C PRO A 52 1.76 -2.21 6.50
N TYR A 53 2.97 -1.78 6.18
CA TYR A 53 3.94 -2.68 5.61
C TYR A 53 4.38 -3.70 6.62
N VAL A 54 3.85 -3.61 7.84
CA VAL A 54 4.18 -4.57 8.89
C VAL A 54 2.92 -5.14 9.52
N GLU A 55 3.06 -6.23 10.30
CA GLU A 55 1.90 -6.85 10.92
C GLU A 55 2.23 -7.45 12.28
N LYS A 56 2.86 -6.67 13.13
CA LYS A 56 3.21 -7.13 14.45
C LYS A 56 3.51 -5.93 15.35
N CYS A 57 2.56 -5.64 16.24
CA CYS A 57 2.72 -4.52 17.17
C CYS A 57 1.36 -4.10 17.73
N ARG A 58 0.31 -4.32 16.94
CA ARG A 58 -1.06 -3.95 17.35
C ARG A 58 -2.09 -4.71 16.50
N PRO A 59 -2.12 -4.48 15.21
CA PRO A 59 -3.10 -5.15 14.30
C PRO A 59 -3.03 -6.68 14.40
N SER A 60 -1.81 -7.21 14.57
CA SER A 60 -1.63 -8.66 14.67
C SER A 60 -2.75 -9.30 15.49
N SER A 61 -3.61 -10.05 14.80
CA SER A 61 -4.73 -10.71 15.46
C SER A 61 -4.21 -11.75 16.44
N ALA A 62 -5.06 -12.15 17.39
CA ALA A 62 -4.66 -13.14 18.38
C ALA A 62 -4.23 -14.43 17.71
N SER A 63 -5.04 -14.92 16.78
CA SER A 63 -4.74 -16.16 16.07
C SER A 63 -5.48 -16.21 14.74
N VAL A 64 -5.18 -17.23 13.93
CA VAL A 64 -5.83 -17.37 12.63
C VAL A 64 -5.63 -16.12 11.78
N SER A 65 -4.58 -16.13 10.97
CA SER A 65 -4.28 -15.00 10.10
C SER A 65 -3.18 -15.35 9.11
N THR A 66 -3.52 -16.21 8.15
CA THR A 66 -2.56 -16.64 7.12
C THR A 66 -2.84 -15.92 5.81
N LEU A 67 -1.78 -15.46 5.18
CA LEU A 67 -1.90 -14.75 3.91
C LEU A 67 -2.33 -15.70 2.79
N THR A 68 -1.77 -16.93 2.82
CA THR A 68 -2.08 -17.94 1.80
C THR A 68 -2.40 -17.32 0.45
N GLY A 69 -1.36 -16.84 -0.23
CA GLY A 69 -1.52 -16.20 -1.54
C GLY A 69 -1.50 -14.68 -1.39
N GLY A 70 -0.32 -14.09 -1.56
CA GLY A 70 -0.16 -12.65 -1.44
C GLY A 70 1.17 -12.19 -2.03
N ASN A 71 1.73 -11.13 -1.47
CA ASN A 71 3.01 -10.62 -1.94
C ASN A 71 2.94 -10.32 -3.45
N GLN A 72 2.11 -9.34 -3.81
CA GLN A 72 1.96 -8.98 -5.21
C GLN A 72 1.76 -10.22 -6.07
N ASP A 73 0.50 -10.56 -6.33
CA ASP A 73 0.18 -11.73 -7.14
C ASP A 73 0.12 -11.34 -8.62
N SER A 74 1.10 -11.82 -9.38
CA SER A 74 1.17 -11.51 -10.81
C SER A 74 1.12 -10.01 -11.04
N SER A 75 1.52 -9.59 -12.24
CA SER A 75 1.52 -8.18 -12.59
C SER A 75 1.65 -8.01 -14.10
N HIS A 76 2.86 -8.23 -14.61
CA HIS A 76 3.13 -8.11 -16.04
C HIS A 76 2.80 -6.69 -16.55
N PRO A 77 3.20 -6.32 -17.75
CA PRO A 77 2.90 -4.96 -18.29
C PRO A 77 1.40 -4.70 -18.37
N GLN A 78 1.02 -3.45 -18.14
CA GLN A 78 -0.39 -3.06 -18.17
C GLN A 78 -0.97 -3.31 -19.57
N PRO A 79 -2.27 -3.17 -19.73
CA PRO A 79 -2.94 -3.38 -21.06
C PRO A 79 -2.26 -2.56 -22.16
N LEU A 80 -1.80 -1.36 -21.81
CA LEU A 80 -1.15 -0.48 -22.77
C LEU A 80 -2.01 -0.36 -24.02
N GLY A 81 -1.77 -1.23 -25.01
CA GLY A 81 -2.54 -1.20 -26.24
C GLY A 81 -3.97 -1.70 -26.01
N GLY A 82 -4.13 -2.61 -25.05
CA GLY A 82 -5.44 -3.16 -24.76
C GLY A 82 -6.50 -2.06 -24.72
N PRO A 83 -7.74 -2.40 -24.99
CA PRO A 83 -8.87 -1.41 -24.98
C PRO A 83 -9.18 -0.90 -23.57
N GLU A 84 -8.74 -1.66 -22.57
CA GLU A 84 -8.99 -1.31 -21.19
C GLU A 84 -8.57 0.16 -20.91
N PRO A 85 -9.26 0.88 -20.04
CA PRO A 85 -8.90 2.28 -19.71
C PRO A 85 -7.41 2.44 -19.39
N GLY A 86 -6.92 3.67 -19.49
CA GLY A 86 -5.52 3.97 -19.19
C GLY A 86 -4.98 5.06 -20.12
N PRO A 87 -5.52 6.26 -20.04
CA PRO A 87 -5.06 7.39 -20.89
C PRO A 87 -3.80 8.07 -20.32
N TYR A 88 -3.09 8.77 -21.20
CA TYR A 88 -1.87 9.46 -20.78
C TYR A 88 -2.20 10.83 -20.19
N ALA A 89 -1.22 11.45 -19.54
CA ALA A 89 -1.43 12.77 -18.94
C ALA A 89 -2.26 13.66 -19.86
N GLN A 90 -3.41 14.11 -19.35
CA GLN A 90 -4.30 14.96 -20.15
C GLN A 90 -4.97 16.03 -19.27
N PRO A 91 -5.51 17.07 -19.86
CA PRO A 91 -6.19 18.17 -19.09
C PRO A 91 -7.22 17.63 -18.10
N SER A 92 -8.00 16.66 -18.52
CA SER A 92 -9.02 16.07 -17.64
C SER A 92 -9.61 14.81 -18.26
N ILE A 93 -8.77 13.83 -18.51
CA ILE A 93 -9.23 12.56 -19.08
C ILE A 93 -8.67 11.41 -18.26
N ASN A 94 -9.23 11.24 -17.08
CA ASN A 94 -8.80 10.19 -16.17
C ASN A 94 -7.29 10.23 -15.99
N THR A 95 -6.83 11.08 -15.07
CA THR A 95 -5.40 11.21 -14.81
C THR A 95 -5.06 10.58 -13.44
N PRO A 96 -4.13 9.64 -13.36
CA PRO A 96 -3.78 9.01 -12.07
C PRO A 96 -2.93 9.93 -11.20
N LEU A 97 -2.32 9.36 -10.15
CA LEU A 97 -1.46 10.13 -9.25
C LEU A 97 -0.06 9.50 -9.14
N PRO A 98 0.87 9.90 -9.98
CA PRO A 98 2.27 9.37 -9.92
C PRO A 98 2.92 9.60 -8.55
N ASN A 99 4.21 9.28 -8.44
CA ASN A 99 4.95 9.48 -7.19
C ASN A 99 4.66 8.35 -6.19
N LEU A 100 5.52 8.21 -5.20
CA LEU A 100 5.35 7.17 -4.19
C LEU A 100 4.03 7.38 -3.46
N GLN A 101 3.39 8.51 -3.72
CA GLN A 101 2.13 8.83 -3.08
C GLN A 101 2.39 9.21 -1.63
N ASN A 102 1.50 10.01 -1.08
CA ASN A 102 1.65 10.43 0.30
C ASN A 102 1.60 9.23 1.22
N GLY A 103 0.72 8.30 0.90
CA GLY A 103 0.55 7.11 1.71
C GLY A 103 1.70 6.28 1.86
N PRO A 104 1.47 5.22 2.56
CA PRO A 104 0.15 4.85 3.25
C PRO A 104 -0.46 5.93 4.14
N PHE A 105 -1.72 6.20 3.88
CA PHE A 105 -2.50 7.17 4.61
C PHE A 105 -3.95 6.77 4.44
N TYR A 106 -4.82 7.62 3.94
CA TYR A 106 -6.20 7.22 3.77
C TYR A 106 -6.74 7.84 2.48
N ALA A 107 -7.23 6.98 1.60
CA ALA A 107 -7.79 7.42 0.32
C ALA A 107 -9.29 7.26 0.34
N ARG A 108 -10.02 8.17 -0.25
CA ARG A 108 -11.48 8.06 -0.24
C ARG A 108 -11.97 7.63 -1.59
N VAL A 109 -12.20 6.33 -1.69
CA VAL A 109 -12.69 5.76 -2.92
C VAL A 109 -14.12 6.19 -3.19
N ILE A 110 -14.29 6.98 -4.24
CA ILE A 110 -15.61 7.49 -4.62
C ILE A 110 -16.10 6.76 -5.87
N GLN A 111 -15.52 5.61 -6.17
CA GLN A 111 -15.93 4.87 -7.35
C GLN A 111 -15.18 3.56 -7.45
N LYS A 112 -15.93 2.47 -7.43
CA LYS A 112 -15.37 1.14 -7.54
C LYS A 112 -16.45 0.14 -7.95
N ARG A 113 -16.31 -1.06 -7.44
CA ARG A 113 -17.27 -2.13 -7.73
C ARG A 113 -17.26 -3.19 -6.63
N VAL A 114 -17.39 -4.44 -7.03
CA VAL A 114 -17.37 -5.57 -6.07
C VAL A 114 -16.48 -6.69 -6.56
N PRO A 115 -15.19 -6.48 -6.59
CA PRO A 115 -14.22 -7.48 -7.04
C PRO A 115 -13.58 -8.21 -5.87
N ASN A 116 -12.73 -9.16 -6.20
CA ASN A 116 -12.06 -9.96 -5.21
C ASN A 116 -10.78 -10.53 -5.79
N ALA A 117 -9.81 -10.78 -4.91
CA ALA A 117 -8.49 -11.30 -5.31
C ALA A 117 -8.59 -12.41 -6.38
N TYR A 118 -9.82 -12.79 -6.69
CA TYR A 118 -10.10 -13.79 -7.69
C TYR A 118 -10.39 -13.12 -9.04
N ASP A 119 -11.33 -12.19 -9.01
CA ASP A 119 -11.75 -11.49 -10.23
C ASP A 119 -10.56 -11.05 -11.07
N LYS A 120 -9.70 -10.26 -10.47
CA LYS A 120 -8.54 -9.73 -11.17
C LYS A 120 -7.59 -9.06 -10.18
N THR A 121 -7.46 -9.67 -9.02
CA THR A 121 -6.57 -9.14 -8.00
C THR A 121 -6.99 -7.72 -7.67
N ALA A 122 -8.30 -7.51 -7.48
CA ALA A 122 -8.83 -6.19 -7.17
C ALA A 122 -9.60 -6.18 -5.83
N LEU A 123 -9.13 -5.36 -4.89
CA LEU A 123 -9.76 -5.24 -3.57
C LEU A 123 -11.25 -4.97 -3.67
N ALA A 124 -11.95 -5.25 -2.57
CA ALA A 124 -13.40 -5.05 -2.52
C ALA A 124 -13.76 -3.83 -1.67
N LEU A 125 -14.32 -2.81 -2.32
CA LEU A 125 -14.71 -1.57 -1.64
C LEU A 125 -16.05 -1.03 -2.16
N GLU A 126 -16.44 0.10 -1.60
CA GLU A 126 -17.65 0.80 -1.98
C GLU A 126 -17.43 2.29 -1.89
N VAL A 127 -18.03 3.01 -2.81
CA VAL A 127 -17.91 4.44 -2.83
C VAL A 127 -18.15 5.02 -1.44
N GLY A 128 -17.06 5.33 -0.76
CA GLY A 128 -17.12 5.92 0.57
C GLY A 128 -16.46 5.03 1.58
N GLU A 129 -15.80 3.98 1.10
CA GLU A 129 -15.14 3.03 1.99
C GLU A 129 -13.74 3.45 2.34
N LEU A 130 -13.06 3.97 1.36
CA LEU A 130 -11.70 4.39 1.54
C LEU A 130 -10.82 3.18 1.80
N VAL A 131 -9.67 3.23 1.20
CA VAL A 131 -8.67 2.18 1.31
C VAL A 131 -7.30 2.82 1.49
N LYS A 132 -6.41 2.08 2.09
CA LYS A 132 -5.06 2.55 2.35
C LYS A 132 -4.12 1.96 1.30
N VAL A 133 -3.83 2.70 0.23
CA VAL A 133 -3.03 2.15 -0.84
C VAL A 133 -1.76 1.50 -0.38
N THR A 134 -1.12 2.06 0.62
CA THR A 134 0.14 1.53 1.16
C THR A 134 1.07 1.03 0.06
N LYS A 135 0.65 0.00 -0.65
CA LYS A 135 1.46 -0.55 -1.72
C LYS A 135 1.41 0.34 -2.92
N ILE A 136 2.55 0.93 -3.26
CA ILE A 136 2.63 1.83 -4.40
C ILE A 136 3.66 1.28 -5.41
N ASN A 137 3.15 0.77 -6.54
CA ASN A 137 4.01 0.22 -7.60
C ASN A 137 3.88 1.06 -8.87
N MET A 138 2.98 0.62 -9.74
CA MET A 138 2.72 1.28 -11.01
C MET A 138 2.39 2.75 -10.81
N SER A 139 2.99 3.61 -11.63
CA SER A 139 2.74 5.04 -11.56
C SER A 139 1.29 5.38 -11.86
N GLY A 140 0.38 4.38 -11.87
CA GLY A 140 -1.02 4.69 -12.20
C GLY A 140 -2.04 3.86 -11.41
N GLN A 141 -1.98 2.56 -11.60
CA GLN A 141 -2.92 1.67 -10.93
C GLN A 141 -2.80 1.80 -9.43
N TRP A 142 -1.89 1.05 -8.91
CA TRP A 142 -1.57 1.00 -7.49
C TRP A 142 -2.29 -0.13 -6.81
N GLU A 143 -1.63 -0.75 -5.82
CA GLU A 143 -2.24 -1.87 -5.12
C GLU A 143 -2.83 -1.46 -3.80
N GLY A 144 -4.14 -1.43 -3.74
CA GLY A 144 -4.76 -1.00 -2.52
C GLY A 144 -4.55 -1.97 -1.36
N GLU A 145 -5.15 -1.61 -0.23
CA GLU A 145 -5.10 -2.45 0.97
C GLU A 145 -6.08 -1.95 2.00
N CYS A 146 -7.14 -2.69 2.18
CA CYS A 146 -8.20 -2.35 3.11
C CYS A 146 -8.51 -3.55 4.01
N ASN A 147 -7.65 -3.83 4.99
CA ASN A 147 -7.85 -4.96 5.92
C ASN A 147 -7.31 -6.25 5.32
N GLY A 148 -6.27 -6.10 4.49
CA GLY A 148 -5.62 -7.24 3.85
C GLY A 148 -6.11 -7.44 2.43
N LYS A 149 -7.35 -7.06 2.18
CA LYS A 149 -7.91 -7.22 0.86
C LYS A 149 -7.25 -6.29 -0.09
N ARG A 150 -6.07 -6.66 -0.49
CA ARG A 150 -5.33 -5.89 -1.44
C ARG A 150 -5.85 -6.17 -2.80
N GLY A 151 -5.33 -5.48 -3.76
CA GLY A 151 -5.73 -5.65 -5.14
C GLY A 151 -5.13 -4.51 -5.92
N HIS A 152 -5.79 -4.05 -6.97
CA HIS A 152 -5.27 -2.94 -7.77
C HIS A 152 -6.42 -2.06 -8.19
N PHE A 153 -6.12 -0.93 -8.85
CA PHE A 153 -7.16 -0.02 -9.34
C PHE A 153 -6.59 1.39 -9.65
N PRO A 154 -7.21 2.14 -10.57
CA PRO A 154 -6.75 3.52 -10.94
C PRO A 154 -7.04 4.57 -9.85
N PHE A 155 -6.17 5.58 -9.76
CA PHE A 155 -6.36 6.65 -8.78
C PHE A 155 -7.49 7.58 -9.26
N THR A 156 -8.03 7.30 -10.43
CA THR A 156 -9.07 8.12 -11.01
C THR A 156 -10.32 8.16 -10.13
N HIS A 157 -10.37 7.34 -9.06
CA HIS A 157 -11.56 7.31 -8.19
C HIS A 157 -11.20 7.27 -6.71
N VAL A 158 -10.39 8.21 -6.26
CA VAL A 158 -10.01 8.28 -4.86
C VAL A 158 -9.66 9.73 -4.52
N ARG A 159 -9.88 10.13 -3.27
CA ARG A 159 -9.62 11.51 -2.83
C ARG A 159 -8.82 11.55 -1.54
N LEU A 160 -7.52 11.30 -1.65
CA LEU A 160 -6.63 11.28 -0.49
C LEU A 160 -7.06 12.29 0.55
N LEU A 161 -7.30 11.74 1.72
CA LEU A 161 -7.73 12.51 2.85
C LEU A 161 -6.66 13.55 3.21
N ASP A 162 -6.89 14.23 4.31
CA ASP A 162 -5.96 15.25 4.74
C ASP A 162 -4.70 14.64 5.34
N GLN A 163 -4.46 13.36 5.04
CA GLN A 163 -3.28 12.67 5.54
C GLN A 163 -3.28 12.66 7.07
N VAL A 1 9.07 -1.56 24.66
CA VAL A 1 9.55 -2.56 23.68
C VAL A 1 8.55 -2.68 22.54
N GLU A 2 9.04 -2.99 21.35
CA GLU A 2 8.19 -3.12 20.18
C GLU A 2 8.90 -3.95 19.12
N TYR A 3 8.16 -4.38 18.10
CA TYR A 3 8.73 -5.14 17.01
C TYR A 3 7.69 -5.39 15.92
N VAL A 4 8.08 -5.21 14.66
CA VAL A 4 7.17 -5.41 13.52
C VAL A 4 7.92 -5.90 12.30
N ARG A 5 7.19 -6.43 11.31
CA ARG A 5 7.82 -6.93 10.08
C ARG A 5 7.14 -6.32 8.88
N ALA A 6 7.95 -5.82 7.95
CA ALA A 6 7.44 -5.20 6.76
C ALA A 6 7.53 -6.14 5.56
N LEU A 7 6.42 -6.81 5.29
CA LEU A 7 6.36 -7.76 4.18
C LEU A 7 5.68 -7.13 2.95
N PHE A 8 5.62 -5.81 2.89
CA PHE A 8 5.01 -5.11 1.76
C PHE A 8 6.04 -4.29 1.03
N ASP A 9 7.29 -4.44 1.47
CA ASP A 9 8.41 -3.70 0.88
C ASP A 9 8.15 -2.21 0.95
N PHE A 10 9.19 -1.39 1.07
CA PHE A 10 9.01 0.07 1.13
C PHE A 10 10.09 0.78 0.34
N ASN A 11 11.31 0.36 0.56
CA ASN A 11 12.44 0.95 -0.13
C ASN A 11 12.32 2.47 -0.22
N GLY A 12 12.34 3.12 0.93
CA GLY A 12 12.20 4.56 0.98
C GLY A 12 13.40 5.21 0.27
N ASN A 13 14.08 6.12 0.96
CA ASN A 13 15.25 6.78 0.37
C ASN A 13 15.68 8.03 1.16
N ASP A 14 14.69 8.79 1.62
CA ASP A 14 14.95 10.03 2.36
C ASP A 14 15.44 9.73 3.76
N ASP A 15 16.08 10.71 4.37
CA ASP A 15 16.57 10.52 5.73
C ASP A 15 15.40 10.44 6.68
N GLU A 16 14.23 10.90 6.22
CA GLU A 16 13.02 10.87 7.04
C GLU A 16 12.16 9.67 6.70
N ASP A 17 12.82 8.58 6.29
CA ASP A 17 12.10 7.35 5.99
C ASP A 17 12.96 6.14 6.38
N LEU A 18 12.34 4.96 6.46
CA LEU A 18 13.06 3.73 6.82
C LEU A 18 12.91 2.68 5.74
N PRO A 19 13.72 2.72 4.74
CA PRO A 19 13.67 1.75 3.63
C PRO A 19 13.89 0.30 4.07
N PHE A 20 13.12 -0.61 3.48
CA PHE A 20 13.24 -2.03 3.78
C PHE A 20 12.58 -2.85 2.68
N LYS A 21 12.97 -4.12 2.58
CA LYS A 21 12.42 -5.01 1.55
C LYS A 21 12.12 -6.40 2.09
N LYS A 22 13.13 -6.99 2.69
CA LYS A 22 13.02 -8.35 3.22
C LYS A 22 12.52 -8.35 4.64
N GLY A 23 11.19 -8.43 4.80
CA GLY A 23 10.53 -8.47 6.12
C GLY A 23 11.49 -8.07 7.22
N ASP A 24 12.08 -6.91 7.06
CA ASP A 24 13.04 -6.43 8.01
C ASP A 24 12.36 -6.15 9.34
N ILE A 25 13.04 -6.51 10.40
CA ILE A 25 12.54 -6.31 11.74
C ILE A 25 12.91 -4.92 12.20
N LEU A 26 11.95 -4.02 12.10
CA LEU A 26 12.20 -2.62 12.44
C LEU A 26 11.55 -2.26 13.76
N LYS A 27 12.36 -2.11 14.78
CA LYS A 27 11.85 -1.79 16.10
C LYS A 27 11.37 -0.35 16.15
N ILE A 28 10.26 -0.12 16.85
CA ILE A 28 9.71 1.23 16.98
C ILE A 28 10.45 2.02 18.05
N ARG A 29 10.69 3.29 17.76
CA ARG A 29 11.38 4.17 18.72
C ARG A 29 10.44 5.28 19.19
N ASP A 30 9.77 5.90 18.24
CA ASP A 30 8.82 6.98 18.55
C ASP A 30 7.59 6.88 17.64
N LYS A 31 6.44 6.58 18.25
CA LYS A 31 5.19 6.44 17.49
C LYS A 31 4.21 7.58 17.82
N PRO A 32 4.44 8.78 17.32
CA PRO A 32 3.54 9.94 17.60
C PRO A 32 2.20 9.80 16.87
N GLU A 33 2.18 9.04 15.78
CA GLU A 33 0.97 8.83 15.00
C GLU A 33 0.62 7.35 14.97
N GLU A 34 -0.60 7.06 14.51
CA GLU A 34 -1.09 5.70 14.44
C GLU A 34 -0.89 5.12 13.04
N GLN A 35 -0.89 5.99 12.04
CA GLN A 35 -0.72 5.56 10.66
C GLN A 35 0.76 5.44 10.29
N TRP A 36 1.62 6.09 11.07
CA TRP A 36 3.07 6.07 10.82
C TRP A 36 3.80 5.75 12.11
N TRP A 37 5.01 5.18 12.00
CA TRP A 37 5.80 4.84 13.16
C TRP A 37 7.29 5.04 12.91
N ASN A 38 7.96 5.66 13.87
CA ASN A 38 9.40 5.91 13.77
C ASN A 38 10.14 4.68 14.29
N ALA A 39 10.86 4.04 13.40
CA ALA A 39 11.61 2.83 13.74
C ALA A 39 13.07 2.96 13.32
N GLU A 40 13.84 1.89 13.55
CA GLU A 40 15.25 1.86 13.17
C GLU A 40 15.52 0.64 12.31
N ASP A 41 16.30 0.85 11.26
CA ASP A 41 16.61 -0.25 10.36
C ASP A 41 17.80 -1.04 10.87
N MET A 42 17.69 -2.35 10.82
CA MET A 42 18.75 -3.24 11.28
C MET A 42 20.10 -2.77 10.74
N ASP A 43 20.07 -1.78 9.86
CA ASP A 43 21.28 -1.22 9.27
C ASP A 43 21.97 -0.27 10.23
N GLY A 44 21.15 0.38 11.05
CA GLY A 44 21.61 1.32 12.06
C GLY A 44 21.20 2.73 11.68
N LYS A 45 19.95 2.86 11.26
CA LYS A 45 19.42 4.19 10.88
C LYS A 45 17.96 4.31 11.29
N ARG A 46 17.58 5.52 11.71
CA ARG A 46 16.24 5.78 12.16
C ARG A 46 15.46 6.58 11.13
N GLY A 47 14.28 6.10 10.81
CA GLY A 47 13.43 6.76 9.82
C GLY A 47 11.97 6.38 9.97
N MET A 48 11.09 7.27 9.50
CA MET A 48 9.67 7.04 9.58
C MET A 48 9.27 5.85 8.72
N ILE A 49 8.18 5.19 9.10
CA ILE A 49 7.69 4.04 8.35
C ILE A 49 6.17 3.99 8.26
N PRO A 50 5.63 3.58 7.14
CA PRO A 50 4.15 3.40 7.01
C PRO A 50 3.73 2.19 7.87
N VAL A 51 2.86 2.41 8.86
CA VAL A 51 2.40 1.32 9.72
C VAL A 51 1.82 0.16 8.90
N PRO A 52 0.88 0.41 8.01
CA PRO A 52 0.23 -0.68 7.20
C PRO A 52 1.23 -1.59 6.48
N TYR A 53 2.41 -1.07 6.22
CA TYR A 53 3.41 -1.86 5.52
C TYR A 53 3.93 -3.00 6.38
N VAL A 54 3.41 -3.13 7.59
CA VAL A 54 3.83 -4.20 8.49
C VAL A 54 2.62 -4.89 9.09
N GLU A 55 2.84 -6.06 9.70
CA GLU A 55 1.74 -6.81 10.30
C GLU A 55 2.08 -7.22 11.71
N LYS A 56 2.36 -6.24 12.56
CA LYS A 56 2.69 -6.49 13.96
C LYS A 56 3.54 -7.76 14.09
N CYS A 57 4.25 -8.10 13.02
CA CYS A 57 5.09 -9.30 13.00
C CYS A 57 4.38 -10.45 13.71
N ARG A 58 3.44 -11.07 13.02
CA ARG A 58 2.69 -12.17 13.61
C ARG A 58 3.61 -13.36 13.90
N PRO A 59 3.30 -14.14 14.92
CA PRO A 59 4.14 -15.32 15.29
C PRO A 59 4.16 -16.39 14.19
N SER A 60 3.06 -16.50 13.46
CA SER A 60 2.97 -17.50 12.39
C SER A 60 1.90 -17.08 11.39
N SER A 61 2.28 -16.25 10.43
CA SER A 61 1.34 -15.79 9.42
C SER A 61 0.71 -16.97 8.70
N ALA A 62 1.56 -17.92 8.29
CA ALA A 62 1.07 -19.09 7.59
C ALA A 62 0.41 -18.70 6.28
N SER A 63 -0.07 -19.69 5.53
CA SER A 63 -0.73 -19.45 4.24
C SER A 63 -2.15 -20.01 4.26
N VAL A 64 -2.80 -19.92 5.41
CA VAL A 64 -4.17 -20.41 5.55
C VAL A 64 -5.12 -19.61 4.66
N SER A 65 -4.92 -18.30 4.62
CA SER A 65 -5.76 -17.42 3.81
C SER A 65 -4.97 -16.19 3.38
N THR A 66 -5.63 -15.31 2.62
CA THR A 66 -4.99 -14.08 2.15
C THR A 66 -5.27 -12.94 3.11
N LEU A 67 -4.27 -12.61 3.93
CA LEU A 67 -4.43 -11.51 4.88
C LEU A 67 -3.10 -11.23 5.59
N THR A 68 -2.04 -11.05 4.80
CA THR A 68 -0.72 -10.78 5.36
C THR A 68 0.24 -10.35 4.28
N GLY A 69 0.12 -10.97 3.11
CA GLY A 69 1.00 -10.64 1.99
C GLY A 69 0.75 -11.58 0.81
N GLY A 70 1.44 -12.72 0.81
CA GLY A 70 1.29 -13.70 -0.26
C GLY A 70 1.86 -13.17 -1.57
N ASN A 71 2.22 -11.90 -1.57
CA ASN A 71 2.79 -11.28 -2.78
C ASN A 71 1.85 -11.48 -3.96
N GLN A 72 0.58 -11.19 -3.76
CA GLN A 72 -0.42 -11.34 -4.82
C GLN A 72 0.07 -10.65 -6.09
N ASP A 73 0.28 -11.44 -7.14
CA ASP A 73 0.74 -10.88 -8.41
C ASP A 73 -0.40 -10.19 -9.14
N SER A 74 -1.17 -10.96 -9.91
CA SER A 74 -2.29 -10.42 -10.65
C SER A 74 -1.92 -9.10 -11.32
N SER A 75 -2.09 -7.99 -10.59
CA SER A 75 -1.77 -6.65 -11.11
C SER A 75 -0.82 -5.94 -10.16
N HIS A 76 0.35 -5.57 -10.67
CA HIS A 76 1.37 -4.90 -9.88
C HIS A 76 2.71 -4.96 -10.62
N PRO A 77 3.20 -6.13 -10.94
CA PRO A 77 4.51 -6.28 -11.65
C PRO A 77 4.48 -5.69 -13.04
N GLN A 78 5.48 -6.04 -13.84
CA GLN A 78 5.58 -5.54 -15.20
C GLN A 78 4.23 -5.66 -15.91
N PRO A 79 4.13 -5.21 -17.13
CA PRO A 79 2.87 -5.28 -17.93
C PRO A 79 2.40 -6.73 -18.10
N LEU A 80 1.07 -6.92 -18.07
CA LEU A 80 0.49 -8.25 -18.22
C LEU A 80 0.24 -8.55 -19.70
N GLY A 81 -0.93 -8.14 -20.19
CA GLY A 81 -1.29 -8.38 -21.58
C GLY A 81 -0.22 -7.80 -22.53
N GLY A 82 -0.63 -7.52 -23.76
CA GLY A 82 0.28 -6.97 -24.75
C GLY A 82 -0.01 -5.50 -25.03
N PRO A 83 -1.27 -5.16 -25.20
CA PRO A 83 -1.68 -3.75 -25.48
C PRO A 83 -1.23 -2.80 -24.37
N GLU A 84 -0.76 -1.62 -24.78
CA GLU A 84 -0.30 -0.61 -23.83
C GLU A 84 -0.41 0.78 -24.45
N PRO A 85 -1.60 1.33 -24.48
CA PRO A 85 -1.84 2.69 -25.07
C PRO A 85 -0.98 3.76 -24.42
N GLY A 86 -0.55 4.73 -25.23
CA GLY A 86 0.29 5.82 -24.73
C GLY A 86 1.44 5.29 -23.85
N PRO A 87 1.49 5.64 -22.57
CA PRO A 87 2.59 5.17 -21.68
C PRO A 87 2.45 3.70 -21.29
N TYR A 88 1.35 3.38 -20.61
CA TYR A 88 1.10 2.01 -20.17
C TYR A 88 -0.38 1.75 -20.01
N ALA A 89 -0.75 0.49 -19.86
CA ALA A 89 -2.15 0.14 -19.69
C ALA A 89 -2.82 1.08 -18.71
N GLN A 90 -3.50 2.10 -19.24
CA GLN A 90 -4.18 3.08 -18.39
C GLN A 90 -5.58 3.40 -18.94
N PRO A 91 -6.65 3.23 -18.17
CA PRO A 91 -8.04 3.57 -18.62
C PRO A 91 -8.18 5.05 -19.00
N SER A 92 -7.17 5.60 -19.68
CA SER A 92 -7.18 7.00 -20.10
C SER A 92 -5.76 7.47 -20.42
N ILE A 93 -5.59 8.09 -21.57
CA ILE A 93 -4.27 8.58 -21.98
C ILE A 93 -3.77 9.62 -20.98
N ASN A 94 -3.34 9.14 -19.82
CA ASN A 94 -2.83 10.04 -18.79
C ASN A 94 -2.37 9.22 -17.59
N THR A 95 -1.67 9.88 -16.66
CA THR A 95 -1.18 9.21 -15.46
C THR A 95 -1.92 9.72 -14.22
N PRO A 96 -3.01 9.10 -13.84
CA PRO A 96 -3.80 9.52 -12.64
C PRO A 96 -2.91 9.90 -11.44
N LEU A 97 -2.83 9.01 -10.45
CA LEU A 97 -2.06 9.28 -9.26
C LEU A 97 -0.63 9.71 -9.62
N PRO A 98 -0.09 10.72 -8.96
CA PRO A 98 1.29 11.19 -9.25
C PRO A 98 2.35 10.26 -8.68
N ASN A 99 2.80 10.55 -7.46
CA ASN A 99 3.82 9.74 -6.79
C ASN A 99 3.34 9.31 -5.42
N LEU A 100 4.25 8.77 -4.63
CA LEU A 100 3.91 8.30 -3.28
C LEU A 100 2.95 9.27 -2.61
N GLN A 101 1.68 8.93 -2.61
CA GLN A 101 0.68 9.78 -2.01
C GLN A 101 1.07 10.12 -0.58
N ASN A 102 0.49 11.19 -0.04
CA ASN A 102 0.80 11.60 1.32
C ASN A 102 0.57 10.45 2.30
N GLY A 103 0.09 9.31 1.78
CA GLY A 103 -0.17 8.14 2.61
C GLY A 103 0.92 7.20 2.67
N PRO A 104 0.63 6.06 3.18
CA PRO A 104 -0.73 5.60 3.72
C PRO A 104 -1.45 6.57 4.64
N PHE A 105 -2.40 7.32 4.08
CA PHE A 105 -3.20 8.28 4.84
C PHE A 105 -4.66 7.85 4.78
N TYR A 106 -5.57 8.77 4.45
CA TYR A 106 -6.97 8.43 4.39
C TYR A 106 -7.58 9.06 3.14
N ALA A 107 -8.11 8.20 2.28
CA ALA A 107 -8.71 8.64 1.03
C ALA A 107 -10.19 8.39 1.09
N ARG A 108 -10.97 9.28 0.53
CA ARG A 108 -12.42 9.10 0.55
C ARG A 108 -12.87 8.65 -0.79
N VAL A 109 -13.31 7.40 -0.88
CA VAL A 109 -13.73 6.86 -2.16
C VAL A 109 -15.14 7.23 -2.49
N ILE A 110 -15.35 8.48 -2.88
CA ILE A 110 -16.66 8.98 -3.24
C ILE A 110 -17.28 8.24 -4.39
N GLN A 111 -16.85 7.00 -4.61
CA GLN A 111 -17.41 6.22 -5.69
C GLN A 111 -16.67 4.89 -5.87
N LYS A 112 -17.44 3.82 -5.94
CA LYS A 112 -16.87 2.50 -6.18
C LYS A 112 -17.94 1.49 -6.58
N ARG A 113 -17.74 0.27 -6.14
CA ARG A 113 -18.66 -0.81 -6.42
C ARG A 113 -18.54 -1.92 -5.38
N VAL A 114 -18.60 -3.15 -5.85
CA VAL A 114 -18.47 -4.32 -4.98
C VAL A 114 -17.61 -5.40 -5.64
N PRO A 115 -16.34 -5.15 -5.81
CA PRO A 115 -15.41 -6.08 -6.45
C PRO A 115 -14.67 -6.92 -5.43
N ASN A 116 -13.81 -7.80 -5.93
CA ASN A 116 -13.02 -8.65 -5.08
C ASN A 116 -11.69 -8.96 -5.72
N ALA A 117 -10.65 -9.09 -4.90
CA ALA A 117 -9.30 -9.35 -5.39
C ALA A 117 -9.24 -10.43 -6.48
N TYR A 118 -10.42 -10.90 -6.87
CA TYR A 118 -10.60 -11.88 -7.91
C TYR A 118 -10.96 -11.21 -9.23
N ASP A 119 -12.03 -10.44 -9.19
CA ASP A 119 -12.52 -9.75 -10.38
C ASP A 119 -11.37 -9.12 -11.15
N LYS A 120 -10.77 -8.11 -10.54
CA LYS A 120 -9.67 -7.38 -11.17
C LYS A 120 -8.67 -6.86 -10.13
N THR A 121 -8.46 -7.64 -9.09
CA THR A 121 -7.53 -7.24 -8.03
C THR A 121 -7.99 -5.93 -7.40
N ALA A 122 -9.30 -5.79 -7.23
CA ALA A 122 -9.87 -4.58 -6.65
C ALA A 122 -10.41 -4.86 -5.24
N LEU A 123 -10.78 -3.78 -4.52
CA LEU A 123 -11.29 -3.86 -3.15
C LEU A 123 -12.76 -3.49 -3.09
N ALA A 124 -13.49 -4.01 -2.11
CA ALA A 124 -14.91 -3.72 -1.97
C ALA A 124 -15.16 -2.62 -0.93
N LEU A 125 -15.76 -1.53 -1.42
CA LEU A 125 -16.08 -0.38 -0.57
C LEU A 125 -17.39 0.27 -1.03
N GLU A 126 -17.59 1.51 -0.57
CA GLU A 126 -18.76 2.31 -0.91
C GLU A 126 -18.26 3.71 -1.32
N VAL A 127 -19.17 4.59 -1.60
CA VAL A 127 -18.86 5.95 -1.99
C VAL A 127 -18.10 6.70 -0.90
N GLY A 128 -18.38 6.44 0.32
CA GLY A 128 -17.76 7.15 1.42
C GLY A 128 -17.18 6.19 2.45
N GLU A 129 -16.60 5.13 1.94
CA GLU A 129 -15.95 4.15 2.82
C GLU A 129 -14.52 4.53 3.11
N LEU A 130 -13.89 5.11 2.13
CA LEU A 130 -12.50 5.51 2.25
C LEU A 130 -11.62 4.28 2.44
N VAL A 131 -10.47 4.31 1.78
CA VAL A 131 -9.47 3.25 1.84
C VAL A 131 -8.12 3.90 2.16
N LYS A 132 -7.25 3.15 2.82
CA LYS A 132 -5.94 3.66 3.19
C LYS A 132 -4.87 3.14 2.25
N VAL A 133 -4.66 3.83 1.14
CA VAL A 133 -3.67 3.38 0.17
C VAL A 133 -2.34 3.09 0.86
N THR A 134 -1.55 2.19 0.30
CA THR A 134 -0.26 1.85 0.90
C THR A 134 0.70 1.38 -0.18
N LYS A 135 0.28 0.39 -0.94
CA LYS A 135 1.11 -0.18 -1.99
C LYS A 135 1.34 0.82 -3.12
N ILE A 136 2.54 0.74 -3.71
CA ILE A 136 2.93 1.65 -4.79
C ILE A 136 3.41 0.85 -5.99
N ASN A 137 3.45 1.51 -7.15
CA ASN A 137 3.89 0.87 -8.39
C ASN A 137 3.64 1.81 -9.56
N MET A 138 2.56 1.56 -10.30
CA MET A 138 2.23 2.42 -11.44
C MET A 138 1.68 3.75 -10.93
N SER A 139 1.64 4.75 -11.79
CA SER A 139 1.14 6.07 -11.41
C SER A 139 -0.30 6.25 -11.87
N GLY A 140 -1.05 5.15 -11.94
CA GLY A 140 -2.44 5.23 -12.41
C GLY A 140 -3.41 4.34 -11.62
N GLN A 141 -2.96 3.15 -11.26
CA GLN A 141 -3.81 2.20 -10.53
C GLN A 141 -3.54 2.28 -9.04
N TRP A 142 -2.48 1.65 -8.67
CA TRP A 142 -2.02 1.58 -7.29
C TRP A 142 -2.84 0.60 -6.51
N GLU A 143 -2.37 0.22 -5.32
CA GLU A 143 -3.12 -0.71 -4.49
C GLU A 143 -3.20 -0.19 -3.08
N GLY A 144 -4.30 -0.52 -2.40
CA GLY A 144 -4.53 -0.01 -1.06
C GLY A 144 -4.87 -1.07 -0.02
N GLU A 145 -5.80 -0.68 0.89
CA GLU A 145 -6.26 -1.58 1.96
C GLU A 145 -7.41 -0.99 2.74
N CYS A 146 -8.46 -1.79 2.90
CA CYS A 146 -9.67 -1.40 3.61
C CYS A 146 -10.23 -2.61 4.38
N ASN A 147 -9.60 -2.99 5.49
CA ASN A 147 -10.06 -4.15 6.28
C ASN A 147 -9.48 -5.45 5.71
N GLY A 148 -8.32 -5.31 5.08
CA GLY A 148 -7.61 -6.44 4.48
C GLY A 148 -7.93 -6.57 3.00
N LYS A 149 -9.14 -6.19 2.64
CA LYS A 149 -9.58 -6.28 1.26
C LYS A 149 -8.80 -5.34 0.40
N ARG A 150 -7.56 -5.68 0.17
CA ARG A 150 -6.72 -4.86 -0.65
C ARG A 150 -7.18 -4.98 -2.09
N GLY A 151 -6.65 -4.11 -2.91
CA GLY A 151 -6.98 -4.09 -4.32
C GLY A 151 -6.39 -2.84 -4.96
N HIS A 152 -6.93 -2.43 -6.11
CA HIS A 152 -6.49 -1.24 -6.82
C HIS A 152 -7.68 -0.43 -7.29
N PHE A 153 -7.41 0.73 -7.89
CA PHE A 153 -8.49 1.57 -8.44
C PHE A 153 -7.96 2.95 -8.87
N PRO A 154 -8.62 3.63 -9.81
CA PRO A 154 -8.21 4.97 -10.30
C PRO A 154 -8.53 6.07 -9.29
N PHE A 155 -7.80 7.17 -9.38
CA PHE A 155 -8.03 8.30 -8.51
C PHE A 155 -9.29 9.06 -8.94
N THR A 156 -9.92 8.56 -9.98
CA THR A 156 -11.11 9.20 -10.54
C THR A 156 -12.27 9.24 -9.54
N HIS A 157 -12.06 8.71 -8.33
CA HIS A 157 -13.12 8.71 -7.34
C HIS A 157 -12.57 8.61 -5.92
N VAL A 158 -11.79 9.61 -5.52
CA VAL A 158 -11.24 9.63 -4.18
C VAL A 158 -10.86 11.07 -3.80
N ARG A 159 -11.06 11.42 -2.53
CA ARG A 159 -10.74 12.77 -2.03
C ARG A 159 -9.86 12.70 -0.80
N LEU A 160 -8.57 12.51 -1.03
CA LEU A 160 -7.61 12.42 0.06
C LEU A 160 -7.92 13.42 1.15
N LEU A 161 -7.93 12.91 2.37
CA LEU A 161 -8.20 13.70 3.53
C LEU A 161 -6.94 14.43 3.98
N ASP A 162 -7.03 15.06 5.14
CA ASP A 162 -5.90 15.82 5.70
C ASP A 162 -5.20 15.02 6.78
N GLN A 163 -5.17 13.70 6.60
CA GLN A 163 -4.52 12.82 7.58
C GLN A 163 -5.17 12.97 8.95
N VAL A 1 5.58 -0.03 21.24
CA VAL A 1 6.81 -0.74 20.80
C VAL A 1 6.41 -2.03 20.10
N GLU A 2 7.20 -2.40 19.10
CA GLU A 2 6.95 -3.62 18.33
C GLU A 2 7.99 -3.78 17.23
N TYR A 3 7.78 -4.79 16.40
CA TYR A 3 8.68 -5.08 15.27
C TYR A 3 7.88 -5.20 14.01
N VAL A 4 7.44 -6.41 13.70
CA VAL A 4 6.66 -6.67 12.49
C VAL A 4 7.55 -7.04 11.30
N ARG A 5 6.92 -7.53 10.22
CA ARG A 5 7.67 -7.89 9.02
C ARG A 5 6.93 -7.49 7.76
N ALA A 6 7.69 -7.32 6.69
CA ALA A 6 7.12 -6.96 5.43
C ALA A 6 6.07 -7.96 5.00
N LEU A 7 5.32 -7.60 3.97
CA LEU A 7 4.28 -8.47 3.44
C LEU A 7 4.30 -8.51 1.92
N PHE A 8 4.60 -7.38 1.30
CA PHE A 8 4.62 -7.28 -0.15
C PHE A 8 5.90 -6.65 -0.66
N ASP A 9 6.83 -6.39 0.25
CA ASP A 9 8.09 -5.75 -0.10
C ASP A 9 7.89 -4.26 -0.27
N PHE A 10 8.81 -3.45 0.26
CA PHE A 10 8.71 -1.99 0.12
C PHE A 10 9.75 -1.46 -0.85
N ASN A 11 10.98 -1.87 -0.64
CA ASN A 11 12.08 -1.44 -1.47
C ASN A 11 11.95 0.05 -1.80
N GLY A 12 12.10 0.88 -0.78
CA GLY A 12 12.01 2.32 -0.98
C GLY A 12 13.12 2.79 -1.90
N ASN A 13 13.95 3.72 -1.43
CA ASN A 13 15.05 4.23 -2.25
C ASN A 13 15.69 5.48 -1.63
N ASP A 14 14.85 6.31 -1.01
CA ASP A 14 15.31 7.55 -0.41
C ASP A 14 15.93 7.29 0.95
N ASP A 15 16.82 8.17 1.36
CA ASP A 15 17.46 8.02 2.66
C ASP A 15 16.44 8.21 3.76
N GLU A 16 15.30 8.81 3.42
CA GLU A 16 14.24 9.06 4.38
C GLU A 16 13.22 7.93 4.35
N ASP A 17 13.66 6.76 3.93
CA ASP A 17 12.78 5.60 3.90
C ASP A 17 13.56 4.34 4.24
N LEU A 18 12.87 3.26 4.61
CA LEU A 18 13.54 1.99 4.96
C LEU A 18 13.24 0.90 3.94
N PRO A 19 14.02 0.77 2.91
CA PRO A 19 13.79 -0.28 1.88
C PRO A 19 14.03 -1.70 2.40
N PHE A 20 13.04 -2.57 2.21
CA PHE A 20 13.14 -3.95 2.65
C PHE A 20 12.36 -4.87 1.73
N LYS A 21 12.59 -6.17 1.87
CA LYS A 21 11.94 -7.16 1.01
C LYS A 21 10.86 -7.91 1.78
N LYS A 22 10.75 -9.21 1.52
CA LYS A 22 9.77 -10.02 2.20
C LYS A 22 10.38 -10.61 3.46
N GLY A 23 9.54 -11.27 4.24
CA GLY A 23 9.98 -11.90 5.48
C GLY A 23 11.05 -11.08 6.20
N ASP A 24 11.11 -9.79 5.86
CA ASP A 24 12.07 -8.90 6.49
C ASP A 24 11.57 -8.49 7.85
N ILE A 25 12.44 -8.57 8.84
CA ILE A 25 12.08 -8.20 10.21
C ILE A 25 12.67 -6.86 10.58
N LEU A 26 11.79 -5.87 10.75
CA LEU A 26 12.23 -4.52 11.08
C LEU A 26 11.63 -4.08 12.39
N LYS A 27 12.48 -3.60 13.30
CA LYS A 27 12.02 -3.13 14.58
C LYS A 27 11.51 -1.70 14.50
N ILE A 28 10.36 -1.42 15.11
CA ILE A 28 9.81 -0.07 15.07
C ILE A 28 10.69 0.92 15.83
N ARG A 29 11.02 0.57 17.06
CA ARG A 29 11.82 1.43 17.89
C ARG A 29 11.08 2.72 18.23
N ASP A 30 10.53 3.37 17.21
CA ASP A 30 9.79 4.61 17.39
C ASP A 30 8.71 4.74 16.33
N LYS A 31 7.47 4.99 16.76
CA LYS A 31 6.35 5.14 15.84
C LYS A 31 5.69 6.52 15.99
N PRO A 32 6.25 7.52 15.37
CA PRO A 32 5.69 8.91 15.44
C PRO A 32 4.23 8.97 15.01
N GLU A 33 3.92 8.28 13.91
CA GLU A 33 2.56 8.25 13.37
C GLU A 33 2.03 6.82 13.36
N GLU A 34 0.77 6.68 12.94
CA GLU A 34 0.13 5.37 12.90
C GLU A 34 0.28 4.75 11.51
N GLN A 35 0.11 5.56 10.48
CA GLN A 35 0.21 5.08 9.12
C GLN A 35 1.66 4.77 8.74
N TRP A 36 2.59 5.55 9.31
CA TRP A 36 4.01 5.38 9.04
C TRP A 36 4.74 5.08 10.35
N TRP A 37 5.88 4.38 10.28
CA TRP A 37 6.63 4.03 11.47
C TRP A 37 8.13 4.10 11.21
N ASN A 38 8.85 4.69 12.13
CA ASN A 38 10.29 4.79 11.99
C ASN A 38 10.91 3.52 12.54
N ALA A 39 11.41 2.66 11.66
CA ALA A 39 12.00 1.39 12.06
C ALA A 39 13.48 1.36 11.72
N GLU A 40 14.13 0.23 12.02
CA GLU A 40 15.54 0.05 11.73
C GLU A 40 15.75 -1.23 10.92
N ASP A 41 16.59 -1.13 9.90
CA ASP A 41 16.90 -2.28 9.06
C ASP A 41 17.62 -3.36 9.85
N MET A 42 17.76 -4.50 9.21
CA MET A 42 18.45 -5.64 9.80
C MET A 42 19.97 -5.45 9.73
N ASP A 43 20.39 -4.32 9.17
CA ASP A 43 21.83 -4.02 9.02
C ASP A 43 22.32 -2.99 10.01
N GLY A 44 21.43 -2.11 10.43
CA GLY A 44 21.75 -1.05 11.34
C GLY A 44 21.52 0.28 10.67
N LYS A 45 20.34 0.41 10.11
CA LYS A 45 19.93 1.67 9.46
C LYS A 45 18.51 2.05 9.86
N ARG A 46 18.33 3.37 10.11
CA ARG A 46 17.03 3.88 10.54
C ARG A 46 16.36 4.70 9.45
N GLY A 47 15.17 4.27 9.08
CA GLY A 47 14.41 4.93 8.02
C GLY A 47 12.90 4.69 8.14
N MET A 48 12.12 5.64 7.63
CA MET A 48 10.68 5.55 7.69
C MET A 48 10.19 4.42 6.81
N ILE A 49 8.96 4.00 7.07
CA ILE A 49 8.37 2.94 6.29
C ILE A 49 6.84 2.97 6.35
N PRO A 50 6.19 2.48 5.31
CA PRO A 50 4.71 2.39 5.32
C PRO A 50 4.23 1.22 6.20
N VAL A 51 3.56 1.52 7.31
CA VAL A 51 3.05 0.48 8.22
C VAL A 51 2.25 -0.58 7.43
N PRO A 52 1.30 -0.20 6.63
CA PRO A 52 0.46 -1.18 5.88
C PRO A 52 1.28 -2.27 5.22
N TYR A 53 2.48 -1.94 4.77
CA TYR A 53 3.32 -2.93 4.12
C TYR A 53 3.69 -4.04 5.08
N VAL A 54 3.36 -3.85 6.35
CA VAL A 54 3.68 -4.85 7.37
C VAL A 54 2.49 -5.09 8.30
N GLU A 55 2.53 -6.16 9.09
CA GLU A 55 1.43 -6.43 10.01
C GLU A 55 1.91 -7.17 11.25
N LYS A 56 2.65 -8.27 11.05
CA LYS A 56 3.15 -9.09 12.14
C LYS A 56 3.34 -8.28 13.40
N CYS A 57 2.90 -8.86 14.51
CA CYS A 57 3.00 -8.20 15.79
C CYS A 57 2.30 -6.84 15.72
N ARG A 58 1.10 -6.78 16.26
CA ARG A 58 0.31 -5.55 16.26
C ARG A 58 -1.06 -5.78 16.91
N PRO A 59 -1.75 -6.83 16.51
CA PRO A 59 -3.08 -7.17 17.05
C PRO A 59 -2.99 -7.95 18.36
N SER A 60 -2.49 -7.29 19.40
CA SER A 60 -2.36 -7.93 20.70
C SER A 60 -1.35 -9.09 20.61
N SER A 61 -0.20 -8.82 20.01
CA SER A 61 0.83 -9.84 19.87
C SER A 61 0.32 -11.01 19.04
N ALA A 62 1.16 -11.49 18.12
CA ALA A 62 0.78 -12.61 17.27
C ALA A 62 1.99 -13.13 16.50
N SER A 63 3.10 -13.31 17.20
CA SER A 63 4.32 -13.79 16.56
C SER A 63 4.11 -15.19 15.98
N VAL A 64 3.30 -15.99 16.67
CA VAL A 64 3.00 -17.34 16.21
C VAL A 64 1.67 -17.39 15.46
N SER A 65 1.69 -16.89 14.23
CA SER A 65 0.48 -16.86 13.42
C SER A 65 0.80 -16.48 11.98
N THR A 66 2.06 -16.64 11.59
CA THR A 66 2.49 -16.30 10.24
C THR A 66 1.64 -17.04 9.21
N LEU A 67 1.43 -16.40 8.07
CA LEU A 67 0.62 -16.99 7.01
C LEU A 67 1.29 -18.24 6.45
N THR A 68 2.33 -18.03 5.64
CA THR A 68 3.05 -19.15 5.04
C THR A 68 2.09 -20.05 4.27
N GLY A 69 1.36 -19.47 3.33
CA GLY A 69 0.40 -20.23 2.53
C GLY A 69 0.17 -19.55 1.18
N GLY A 70 -0.43 -18.36 1.22
CA GLY A 70 -0.72 -17.60 -0.01
C GLY A 70 -0.35 -16.13 0.16
N ASN A 71 0.65 -15.86 0.98
CA ASN A 71 1.09 -14.50 1.22
C ASN A 71 1.97 -14.01 0.07
N GLN A 72 1.38 -13.88 -1.11
CA GLN A 72 2.12 -13.42 -2.27
C GLN A 72 1.16 -12.98 -3.38
N ASP A 73 0.98 -11.66 -3.51
CA ASP A 73 0.09 -11.10 -4.52
C ASP A 73 0.57 -9.71 -4.94
N SER A 74 1.69 -9.68 -5.65
CA SER A 74 2.25 -8.41 -6.11
C SER A 74 1.27 -7.71 -7.06
N SER A 75 1.50 -7.86 -8.35
CA SER A 75 0.63 -7.24 -9.35
C SER A 75 0.74 -7.97 -10.69
N HIS A 76 -0.33 -7.93 -11.47
CA HIS A 76 -0.34 -8.59 -12.76
C HIS A 76 -1.53 -8.11 -13.59
N PRO A 77 -1.49 -6.89 -14.06
CA PRO A 77 -2.58 -6.30 -14.88
C PRO A 77 -2.82 -7.08 -16.17
N GLN A 78 -4.07 -7.16 -16.59
CA GLN A 78 -4.43 -7.87 -17.81
C GLN A 78 -4.20 -6.96 -19.02
N PRO A 79 -4.54 -5.70 -18.92
CA PRO A 79 -4.37 -4.73 -20.04
C PRO A 79 -2.90 -4.58 -20.45
N LEU A 80 -2.69 -4.30 -21.72
CA LEU A 80 -1.33 -4.15 -22.24
C LEU A 80 -0.69 -2.89 -21.64
N GLY A 81 0.33 -3.10 -20.81
CA GLY A 81 1.01 -1.98 -20.18
C GLY A 81 1.95 -1.29 -21.17
N GLY A 82 2.01 0.04 -21.10
CA GLY A 82 2.86 0.81 -21.99
C GLY A 82 2.34 2.23 -22.14
N PRO A 83 1.09 2.39 -22.49
CA PRO A 83 0.46 3.73 -22.67
C PRO A 83 0.57 4.58 -21.41
N GLU A 84 0.83 5.87 -21.59
CA GLU A 84 0.97 6.77 -20.46
C GLU A 84 -0.43 7.16 -19.93
N PRO A 85 -0.55 7.39 -18.65
CA PRO A 85 -1.86 7.80 -18.04
C PRO A 85 -2.62 8.80 -18.90
N GLY A 86 -3.78 8.39 -19.41
CA GLY A 86 -4.61 9.25 -20.25
C GLY A 86 -5.98 9.49 -19.61
N PRO A 87 -6.01 9.99 -18.40
CA PRO A 87 -7.28 10.27 -17.66
C PRO A 87 -8.13 11.32 -18.37
N TYR A 88 -8.96 12.03 -17.61
CA TYR A 88 -9.81 13.07 -18.18
C TYR A 88 -8.96 14.09 -18.90
N ALA A 89 -9.52 14.70 -19.94
CA ALA A 89 -8.77 15.69 -20.72
C ALA A 89 -7.95 16.59 -19.81
N GLN A 90 -6.72 16.16 -19.53
CA GLN A 90 -5.82 16.94 -18.68
C GLN A 90 -4.36 16.74 -19.08
N PRO A 91 -3.54 17.76 -18.91
CA PRO A 91 -2.10 17.68 -19.23
C PRO A 91 -1.35 16.80 -18.22
N SER A 92 -2.08 15.90 -17.56
CA SER A 92 -1.49 15.01 -16.56
C SER A 92 -1.28 15.75 -15.24
N ILE A 93 -2.14 16.75 -14.99
CA ILE A 93 -2.04 17.53 -13.77
C ILE A 93 -2.77 16.84 -12.63
N ASN A 94 -3.46 15.73 -12.95
CA ASN A 94 -4.20 14.98 -11.94
C ASN A 94 -4.13 13.49 -12.24
N THR A 95 -2.94 13.01 -12.54
CA THR A 95 -2.75 11.61 -12.87
C THR A 95 -3.26 10.72 -11.73
N PRO A 96 -3.70 9.51 -12.05
CA PRO A 96 -4.24 8.57 -11.04
C PRO A 96 -3.49 8.66 -9.71
N LEU A 97 -2.36 7.97 -9.61
CA LEU A 97 -1.56 7.99 -8.39
C LEU A 97 -0.10 8.28 -8.71
N PRO A 98 0.30 9.53 -8.67
CA PRO A 98 1.71 9.94 -8.95
C PRO A 98 2.72 9.17 -8.07
N ASN A 99 2.95 7.89 -8.39
CA ASN A 99 3.89 7.08 -7.62
C ASN A 99 3.61 7.21 -6.14
N LEU A 100 4.41 6.52 -5.35
CA LEU A 100 4.25 6.55 -3.90
C LEU A 100 4.24 7.99 -3.39
N GLN A 101 5.34 8.40 -2.76
CA GLN A 101 5.48 9.75 -2.24
C GLN A 101 4.42 10.05 -1.19
N ASN A 102 3.18 10.12 -1.62
CA ASN A 102 2.08 10.38 -0.71
C ASN A 102 1.89 9.19 0.23
N GLY A 103 0.80 8.48 0.07
CA GLY A 103 0.52 7.34 0.93
C GLY A 103 1.56 6.35 0.95
N PRO A 104 1.23 5.23 1.53
CA PRO A 104 -0.15 4.90 2.16
C PRO A 104 -0.71 5.96 3.08
N PHE A 105 -1.80 6.59 2.64
CA PHE A 105 -2.48 7.64 3.40
C PHE A 105 -3.95 7.28 3.52
N TYR A 106 -4.84 8.24 3.32
CA TYR A 106 -6.25 7.97 3.45
C TYR A 106 -7.00 8.59 2.31
N ALA A 107 -7.57 7.74 1.49
CA ALA A 107 -8.31 8.17 0.32
C ALA A 107 -9.79 7.99 0.54
N ARG A 108 -10.59 8.90 0.09
CA ARG A 108 -12.03 8.78 0.27
C ARG A 108 -12.67 8.37 -1.03
N VAL A 109 -12.96 7.09 -1.13
CA VAL A 109 -13.59 6.57 -2.32
C VAL A 109 -15.03 7.02 -2.40
N ILE A 110 -15.35 7.71 -3.49
CA ILE A 110 -16.69 8.22 -3.71
C ILE A 110 -17.27 7.67 -5.01
N GLN A 111 -16.70 6.55 -5.50
CA GLN A 111 -17.14 5.97 -6.77
C GLN A 111 -16.45 4.62 -6.98
N LYS A 112 -17.23 3.56 -6.84
CA LYS A 112 -16.72 2.20 -7.02
C LYS A 112 -17.86 1.28 -7.43
N ARG A 113 -17.85 0.08 -6.90
CA ARG A 113 -18.88 -0.90 -7.19
C ARG A 113 -18.96 -1.94 -6.09
N VAL A 114 -19.18 -3.18 -6.49
CA VAL A 114 -19.24 -4.31 -5.53
C VAL A 114 -18.44 -5.49 -6.05
N PRO A 115 -17.15 -5.39 -6.07
CA PRO A 115 -16.27 -6.48 -6.52
C PRO A 115 -15.87 -7.37 -5.36
N ASN A 116 -15.26 -8.49 -5.71
CA ASN A 116 -14.83 -9.46 -4.73
C ASN A 116 -13.41 -9.89 -4.98
N ALA A 117 -12.58 -9.84 -3.93
CA ALA A 117 -11.18 -10.20 -4.03
C ALA A 117 -10.95 -11.44 -4.93
N TYR A 118 -12.06 -12.02 -5.37
CA TYR A 118 -12.07 -13.16 -6.26
C TYR A 118 -12.17 -12.69 -7.71
N ASP A 119 -13.19 -11.88 -7.99
CA ASP A 119 -13.42 -11.41 -9.35
C ASP A 119 -12.10 -11.02 -10.01
N LYS A 120 -11.45 -10.02 -9.42
CA LYS A 120 -10.18 -9.51 -9.93
C LYS A 120 -9.33 -8.93 -8.80
N THR A 121 -9.55 -9.43 -7.61
CA THR A 121 -8.84 -8.96 -6.43
C THR A 121 -9.36 -7.61 -6.02
N ALA A 122 -10.00 -6.93 -6.97
CA ALA A 122 -10.54 -5.60 -6.72
C ALA A 122 -11.23 -5.49 -5.37
N LEU A 123 -10.58 -4.80 -4.43
CA LEU A 123 -11.13 -4.57 -3.11
C LEU A 123 -12.57 -4.19 -3.21
N ALA A 124 -13.30 -4.40 -2.12
CA ALA A 124 -14.72 -4.05 -2.09
C ALA A 124 -14.97 -2.83 -1.21
N LEU A 125 -15.53 -1.77 -1.81
CA LEU A 125 -15.80 -0.53 -1.07
C LEU A 125 -17.15 0.07 -1.47
N GLU A 126 -17.42 1.26 -0.94
CA GLU A 126 -18.67 1.97 -1.24
C GLU A 126 -18.44 3.48 -1.31
N VAL A 127 -19.26 4.16 -2.09
CA VAL A 127 -19.18 5.58 -2.21
C VAL A 127 -19.41 6.22 -0.85
N GLY A 128 -18.34 6.71 -0.24
CA GLY A 128 -18.42 7.35 1.06
C GLY A 128 -17.56 6.61 2.05
N GLU A 129 -16.75 5.68 1.55
CA GLU A 129 -15.86 4.93 2.41
C GLU A 129 -14.47 5.54 2.37
N LEU A 130 -13.47 4.69 2.27
CA LEU A 130 -12.08 5.15 2.19
C LEU A 130 -11.18 3.93 2.27
N VAL A 131 -10.17 3.92 1.44
CA VAL A 131 -9.19 2.85 1.40
C VAL A 131 -7.76 3.42 1.51
N LYS A 132 -6.85 2.61 2.03
CA LYS A 132 -5.45 3.01 2.22
C LYS A 132 -4.55 2.35 1.19
N VAL A 133 -4.28 3.06 0.10
CA VAL A 133 -3.43 2.52 -0.94
C VAL A 133 -2.03 2.29 -0.39
N THR A 134 -1.26 1.47 -1.09
CA THR A 134 0.08 1.15 -0.65
C THR A 134 0.93 0.79 -1.86
N LYS A 135 0.55 -0.27 -2.55
CA LYS A 135 1.32 -0.73 -3.70
C LYS A 135 1.17 0.21 -4.88
N ILE A 136 2.31 0.57 -5.47
CA ILE A 136 2.31 1.48 -6.61
C ILE A 136 3.46 1.16 -7.57
N ASN A 137 3.21 1.35 -8.87
CA ASN A 137 4.22 1.09 -9.89
C ASN A 137 3.61 1.27 -11.28
N MET A 138 3.95 0.35 -12.18
CA MET A 138 3.43 0.37 -13.52
C MET A 138 3.70 1.72 -14.19
N SER A 139 2.63 2.36 -14.62
CA SER A 139 2.72 3.65 -15.25
C SER A 139 1.52 4.49 -14.86
N GLY A 140 0.48 3.85 -14.33
CA GLY A 140 -0.73 4.62 -14.01
C GLY A 140 -1.70 3.81 -13.15
N GLN A 141 -1.46 2.50 -13.12
CA GLN A 141 -2.30 1.58 -12.37
C GLN A 141 -1.68 1.30 -11.02
N TRP A 142 -2.49 0.83 -10.09
CA TRP A 142 -2.03 0.55 -8.73
C TRP A 142 -3.07 -0.25 -7.96
N GLU A 143 -2.63 -0.89 -6.89
CA GLU A 143 -3.52 -1.70 -6.07
C GLU A 143 -4.06 -0.86 -4.92
N GLY A 144 -4.69 -1.53 -3.94
CA GLY A 144 -5.25 -0.82 -2.80
C GLY A 144 -5.28 -1.72 -1.56
N GLU A 145 -5.76 -1.17 -0.45
CA GLU A 145 -5.85 -1.94 0.80
C GLU A 145 -6.67 -1.20 1.83
N CYS A 146 -7.83 -1.77 2.16
CA CYS A 146 -8.71 -1.14 3.15
C CYS A 146 -8.69 -1.99 4.43
N ASN A 147 -9.70 -2.83 4.61
CA ASN A 147 -9.78 -3.72 5.75
C ASN A 147 -9.13 -5.04 5.38
N GLY A 148 -7.94 -4.94 4.81
CA GLY A 148 -7.17 -6.10 4.38
C GLY A 148 -7.52 -6.44 2.94
N LYS A 149 -8.74 -6.12 2.57
CA LYS A 149 -9.25 -6.42 1.26
C LYS A 149 -8.50 -5.61 0.23
N ARG A 150 -7.46 -6.20 -0.32
CA ARG A 150 -6.68 -5.53 -1.31
C ARG A 150 -7.26 -5.77 -2.68
N GLY A 151 -6.73 -5.07 -3.66
CA GLY A 151 -7.19 -5.20 -5.02
C GLY A 151 -6.64 -4.06 -5.87
N HIS A 152 -7.38 -3.72 -6.92
CA HIS A 152 -6.99 -2.62 -7.81
C HIS A 152 -8.14 -1.64 -7.93
N PHE A 153 -7.82 -0.49 -8.48
CA PHE A 153 -8.84 0.53 -8.70
C PHE A 153 -8.18 1.90 -9.00
N PRO A 154 -8.28 2.41 -10.22
CA PRO A 154 -7.70 3.74 -10.57
C PRO A 154 -8.20 4.87 -9.65
N PHE A 155 -7.31 5.78 -9.31
CA PHE A 155 -7.68 6.90 -8.45
C PHE A 155 -8.76 7.73 -9.14
N THR A 156 -9.14 7.35 -10.34
CA THR A 156 -10.15 8.09 -11.05
C THR A 156 -11.36 8.41 -10.17
N HIS A 157 -11.42 7.86 -8.96
CA HIS A 157 -12.56 8.11 -8.07
C HIS A 157 -12.14 8.05 -6.61
N VAL A 158 -11.54 9.12 -6.10
CA VAL A 158 -11.13 9.17 -4.70
C VAL A 158 -10.74 10.61 -4.34
N ARG A 159 -10.91 10.95 -3.06
CA ARG A 159 -10.62 12.29 -2.59
C ARG A 159 -9.60 12.25 -1.44
N LEU A 160 -8.34 11.99 -1.79
CA LEU A 160 -7.27 11.93 -0.80
C LEU A 160 -7.47 12.94 0.29
N LEU A 161 -7.35 12.47 1.51
CA LEU A 161 -7.52 13.29 2.67
C LEU A 161 -6.27 14.12 2.91
N ASP A 162 -6.24 14.79 4.05
CA ASP A 162 -5.11 15.64 4.41
C ASP A 162 -4.10 14.86 5.23
N GLN A 163 -4.20 13.53 5.18
CA GLN A 163 -3.29 12.67 5.93
C GLN A 163 -3.40 12.95 7.42
N VAL A 1 9.88 -3.65 22.50
CA VAL A 1 10.53 -3.59 21.16
C VAL A 1 9.50 -3.89 20.08
N GLU A 2 9.88 -3.65 18.82
CA GLU A 2 8.99 -3.91 17.72
C GLU A 2 9.76 -3.91 16.41
N TYR A 3 9.27 -4.65 15.43
CA TYR A 3 9.92 -4.73 14.13
C TYR A 3 8.89 -4.78 13.04
N VAL A 4 8.15 -5.88 12.97
CA VAL A 4 7.10 -6.07 11.99
C VAL A 4 7.64 -6.51 10.64
N ARG A 5 6.77 -7.06 9.81
CA ARG A 5 7.18 -7.50 8.47
C ARG A 5 6.21 -6.99 7.44
N ALA A 6 6.76 -6.61 6.30
CA ALA A 6 5.95 -6.10 5.21
C ALA A 6 5.70 -7.16 4.16
N LEU A 7 4.49 -7.71 4.18
CA LEU A 7 4.11 -8.75 3.22
C LEU A 7 3.24 -8.16 2.10
N PHE A 8 3.32 -6.84 1.90
CA PHE A 8 2.54 -6.17 0.87
C PHE A 8 3.44 -5.46 -0.11
N ASP A 9 4.74 -5.59 0.11
CA ASP A 9 5.74 -4.95 -0.75
C ASP A 9 5.56 -3.45 -0.71
N PHE A 10 6.66 -2.70 -0.66
CA PHE A 10 6.56 -1.24 -0.63
C PHE A 10 7.43 -0.59 -1.68
N ASN A 11 8.69 -0.99 -1.71
CA ASN A 11 9.64 -0.44 -2.67
C ASN A 11 9.38 1.05 -2.88
N GLY A 12 9.44 1.82 -1.80
CA GLY A 12 9.19 3.23 -1.86
C GLY A 12 10.24 3.92 -2.69
N ASN A 13 10.48 5.18 -2.33
CA ASN A 13 11.47 5.97 -3.02
C ASN A 13 11.33 7.47 -2.69
N ASP A 14 10.18 7.83 -2.11
CA ASP A 14 9.91 9.22 -1.76
C ASP A 14 11.08 9.79 -0.98
N ASP A 15 10.87 10.95 -0.37
CA ASP A 15 11.92 11.62 0.42
C ASP A 15 13.06 10.65 0.74
N GLU A 16 12.76 9.69 1.58
CA GLU A 16 13.76 8.69 1.97
C GLU A 16 13.10 7.59 2.77
N ASP A 17 11.90 7.19 2.35
CA ASP A 17 11.18 6.13 3.04
C ASP A 17 12.03 4.88 3.17
N LEU A 18 11.38 3.73 3.36
CA LEU A 18 12.11 2.46 3.49
C LEU A 18 11.66 1.44 2.46
N PRO A 19 12.19 1.48 1.28
CA PRO A 19 11.79 0.51 0.22
C PRO A 19 12.24 -0.92 0.52
N PHE A 20 11.26 -1.83 0.60
CA PHE A 20 11.55 -3.23 0.90
C PHE A 20 10.68 -4.14 0.06
N LYS A 21 10.82 -5.43 0.28
CA LYS A 21 10.05 -6.40 -0.46
C LYS A 21 10.43 -7.79 0.00
N LYS A 22 9.43 -8.54 0.47
CA LYS A 22 9.64 -9.92 0.96
C LYS A 22 9.57 -9.99 2.47
N GLY A 23 8.36 -9.84 3.03
CA GLY A 23 8.15 -9.90 4.50
C GLY A 23 9.44 -9.65 5.27
N ASP A 24 10.10 -8.55 4.94
CA ASP A 24 11.35 -8.20 5.57
C ASP A 24 11.11 -7.69 6.98
N ILE A 25 12.00 -8.05 7.87
CA ILE A 25 11.89 -7.64 9.26
C ILE A 25 12.55 -6.29 9.45
N LEU A 26 11.74 -5.25 9.41
CA LEU A 26 12.25 -3.89 9.51
C LEU A 26 12.02 -3.33 10.91
N LYS A 27 13.08 -3.30 11.68
CA LYS A 27 13.00 -2.85 13.05
C LYS A 27 12.36 -1.49 13.13
N ILE A 28 11.39 -1.31 14.04
CA ILE A 28 10.73 -0.04 14.19
C ILE A 28 11.65 0.99 14.80
N ARG A 29 12.19 0.69 15.95
CA ARG A 29 13.10 1.58 16.66
C ARG A 29 12.34 2.67 17.38
N ASP A 30 11.47 3.37 16.66
CA ASP A 30 10.68 4.45 17.25
C ASP A 30 9.20 4.15 17.12
N LYS A 31 8.48 5.05 16.44
CA LYS A 31 7.03 4.93 16.19
C LYS A 31 6.36 6.31 16.29
N PRO A 32 6.71 7.24 15.44
CA PRO A 32 6.14 8.62 15.46
C PRO A 32 4.61 8.62 15.37
N GLU A 33 4.10 8.19 14.22
CA GLU A 33 2.67 8.15 13.98
C GLU A 33 2.17 6.71 13.97
N GLU A 34 0.85 6.55 13.99
CA GLU A 34 0.25 5.24 13.99
C GLU A 34 0.18 4.68 12.58
N GLN A 35 -0.11 5.54 11.62
CA GLN A 35 -0.21 5.12 10.24
C GLN A 35 1.17 4.98 9.59
N TRP A 36 2.16 5.68 10.15
CA TRP A 36 3.53 5.61 9.63
C TRP A 36 4.50 5.27 10.76
N TRP A 37 5.62 4.63 10.41
CA TRP A 37 6.62 4.23 11.40
C TRP A 37 8.02 4.30 10.82
N ASN A 38 8.96 4.81 11.62
CA ASN A 38 10.33 4.90 11.17
C ASN A 38 11.02 3.61 11.56
N ALA A 39 11.56 2.90 10.58
CA ALA A 39 12.23 1.64 10.82
C ALA A 39 13.61 1.64 10.18
N GLU A 40 14.30 0.52 10.30
CA GLU A 40 15.63 0.37 9.72
C GLU A 40 15.67 -0.85 8.79
N ASP A 41 16.18 -0.65 7.58
CA ASP A 41 16.27 -1.72 6.62
C ASP A 41 17.07 -2.89 7.18
N MET A 42 17.15 -3.94 6.38
CA MET A 42 17.92 -5.12 6.76
C MET A 42 19.40 -4.88 6.50
N ASP A 43 19.73 -3.74 5.91
CA ASP A 43 21.13 -3.43 5.59
C ASP A 43 21.75 -2.41 6.52
N GLY A 44 20.91 -1.57 7.07
CA GLY A 44 21.33 -0.51 7.95
C GLY A 44 20.96 0.84 7.37
N LYS A 45 19.69 0.92 6.96
CA LYS A 45 19.15 2.19 6.41
C LYS A 45 17.85 2.57 7.09
N ARG A 46 17.78 3.81 7.55
CA ARG A 46 16.61 4.32 8.25
C ARG A 46 15.69 5.11 7.31
N GLY A 47 14.48 4.63 7.20
CA GLY A 47 13.48 5.27 6.31
C GLY A 47 12.05 5.04 6.81
N MET A 48 11.17 5.99 6.51
CA MET A 48 9.79 5.88 6.94
C MET A 48 9.12 4.73 6.25
N ILE A 49 8.10 4.18 6.90
CA ILE A 49 7.39 3.04 6.34
C ILE A 49 5.88 3.11 6.60
N PRO A 50 5.08 2.67 5.67
CA PRO A 50 3.61 2.60 5.87
C PRO A 50 3.27 1.42 6.80
N VAL A 51 2.74 1.70 7.99
CA VAL A 51 2.35 0.64 8.93
C VAL A 51 1.44 -0.38 8.25
N PRO A 52 0.39 0.04 7.56
CA PRO A 52 -0.55 -0.90 6.88
C PRO A 52 0.14 -1.94 6.02
N TYR A 53 1.31 -1.61 5.50
CA TYR A 53 2.04 -2.54 4.65
C TYR A 53 2.63 -3.68 5.44
N VAL A 54 2.50 -3.62 6.75
CA VAL A 54 3.02 -4.66 7.64
C VAL A 54 1.95 -5.15 8.59
N GLU A 55 2.25 -6.26 9.26
CA GLU A 55 1.29 -6.83 10.20
C GLU A 55 1.98 -7.22 11.49
N LYS A 56 2.45 -6.21 12.23
CA LYS A 56 3.14 -6.41 13.52
C LYS A 56 3.69 -7.82 13.63
N CYS A 57 4.41 -8.24 12.59
CA CYS A 57 4.98 -9.58 12.54
C CYS A 57 3.98 -10.59 13.06
N ARG A 58 2.90 -10.80 12.30
CA ARG A 58 1.87 -11.74 12.72
C ARG A 58 2.33 -13.19 12.50
N PRO A 59 2.23 -14.05 13.49
CA PRO A 59 2.64 -15.48 13.35
C PRO A 59 2.10 -16.12 12.06
N SER A 60 2.94 -16.90 11.39
CA SER A 60 2.54 -17.56 10.16
C SER A 60 3.46 -18.75 9.87
N SER A 61 4.44 -18.54 8.99
CA SER A 61 5.38 -19.59 8.64
C SER A 61 4.64 -20.82 8.11
N ALA A 62 3.76 -20.60 7.14
CA ALA A 62 2.99 -21.70 6.56
C ALA A 62 2.26 -22.48 7.65
N SER A 63 1.22 -21.87 8.21
CA SER A 63 0.45 -22.51 9.27
C SER A 63 -1.01 -22.04 9.22
N VAL A 64 -1.35 -21.09 10.09
CA VAL A 64 -2.70 -20.58 10.14
C VAL A 64 -3.08 -19.93 8.80
N SER A 65 -2.18 -19.10 8.28
CA SER A 65 -2.42 -18.43 7.00
C SER A 65 -1.88 -19.27 5.85
N THR A 66 -2.63 -19.32 4.75
CA THR A 66 -2.22 -20.08 3.60
C THR A 66 -0.97 -19.46 2.98
N LEU A 67 0.03 -20.30 2.70
CA LEU A 67 1.27 -19.83 2.11
C LEU A 67 1.88 -18.70 2.95
N THR A 68 3.15 -18.41 2.70
CA THR A 68 3.84 -17.36 3.43
C THR A 68 3.41 -15.98 2.92
N GLY A 69 3.84 -14.93 3.62
CA GLY A 69 3.49 -13.58 3.22
C GLY A 69 2.03 -13.48 2.80
N GLY A 70 1.14 -13.36 3.78
CA GLY A 70 -0.28 -13.27 3.48
C GLY A 70 -0.57 -12.07 2.60
N ASN A 71 -1.38 -12.28 1.57
CA ASN A 71 -1.73 -11.21 0.64
C ASN A 71 -3.03 -11.54 -0.09
N GLN A 72 -3.47 -10.63 -0.95
CA GLN A 72 -4.70 -10.82 -1.72
C GLN A 72 -4.38 -11.30 -3.13
N ASP A 73 -5.37 -11.90 -3.78
CA ASP A 73 -5.19 -12.40 -5.14
C ASP A 73 -4.99 -11.24 -6.11
N SER A 74 -3.80 -11.17 -6.72
CA SER A 74 -3.49 -10.12 -7.66
C SER A 74 -2.44 -10.59 -8.65
N SER A 75 -1.33 -9.84 -8.75
CA SER A 75 -0.25 -10.18 -9.66
C SER A 75 1.10 -10.08 -8.96
N HIS A 76 1.21 -9.13 -8.04
CA HIS A 76 2.45 -8.95 -7.30
C HIS A 76 3.64 -8.80 -8.26
N PRO A 77 3.63 -7.75 -9.05
CA PRO A 77 4.72 -7.48 -10.04
C PRO A 77 6.01 -7.01 -9.36
N GLN A 78 7.03 -6.73 -10.16
CA GLN A 78 8.31 -6.26 -9.64
C GLN A 78 8.87 -5.16 -10.53
N PRO A 79 8.30 -3.99 -10.47
CA PRO A 79 8.74 -2.82 -11.28
C PRO A 79 10.18 -2.42 -10.95
N LEU A 80 10.91 -1.99 -11.97
CA LEU A 80 12.29 -1.56 -11.76
C LEU A 80 12.79 -0.78 -12.97
N GLY A 81 13.00 0.52 -12.78
CA GLY A 81 13.47 1.36 -13.88
C GLY A 81 13.90 2.73 -13.36
N GLY A 82 12.94 3.48 -12.82
CA GLY A 82 13.20 4.82 -12.29
C GLY A 82 12.54 5.88 -13.16
N PRO A 83 11.24 6.00 -13.07
CA PRO A 83 10.47 7.01 -13.86
C PRO A 83 10.88 8.44 -13.53
N GLU A 84 10.82 9.30 -14.52
CA GLU A 84 11.18 10.70 -14.35
C GLU A 84 10.47 11.56 -15.40
N PRO A 85 10.75 11.35 -16.66
CA PRO A 85 10.11 12.13 -17.76
C PRO A 85 8.61 11.92 -17.80
N GLY A 86 7.87 12.99 -18.12
CA GLY A 86 6.42 12.90 -18.20
C GLY A 86 5.85 12.05 -17.06
N PRO A 87 4.78 11.33 -17.30
CA PRO A 87 4.14 10.47 -16.26
C PRO A 87 4.87 9.13 -16.10
N TYR A 88 4.35 8.28 -15.23
CA TYR A 88 4.96 6.98 -14.99
C TYR A 88 5.00 6.17 -16.27
N ALA A 89 6.12 5.50 -16.50
CA ALA A 89 6.28 4.69 -17.71
C ALA A 89 5.23 3.60 -17.75
N GLN A 90 4.12 3.87 -18.43
CA GLN A 90 3.05 2.89 -18.54
C GLN A 90 2.40 2.96 -19.93
N PRO A 91 1.79 1.89 -20.36
CA PRO A 91 1.09 1.82 -21.68
C PRO A 91 -0.13 2.75 -21.73
N SER A 92 -0.40 3.44 -20.62
CA SER A 92 -1.52 4.37 -20.54
C SER A 92 -1.05 5.82 -20.52
N ILE A 93 0.26 6.01 -20.43
CA ILE A 93 0.84 7.34 -20.40
C ILE A 93 0.19 8.17 -19.28
N ASN A 94 -0.91 8.83 -19.62
CA ASN A 94 -1.62 9.65 -18.66
C ASN A 94 -2.43 8.76 -17.72
N THR A 95 -1.76 8.22 -16.70
CA THR A 95 -2.44 7.34 -15.76
C THR A 95 -3.41 8.13 -14.88
N PRO A 96 -4.48 7.51 -14.42
CA PRO A 96 -5.48 8.16 -13.54
C PRO A 96 -4.85 9.13 -12.55
N LEU A 97 -4.32 8.61 -11.45
CA LEU A 97 -3.69 9.44 -10.44
C LEU A 97 -2.30 8.92 -10.12
N PRO A 98 -1.28 9.44 -10.76
CA PRO A 98 0.12 8.99 -10.53
C PRO A 98 0.71 9.61 -9.27
N ASN A 99 1.87 9.10 -8.86
CA ASN A 99 2.54 9.59 -7.66
C ASN A 99 1.84 9.11 -6.41
N LEU A 100 2.61 8.85 -5.37
CA LEU A 100 2.03 8.37 -4.12
C LEU A 100 0.94 9.32 -3.64
N GLN A 101 -0.23 8.77 -3.36
CA GLN A 101 -1.35 9.57 -2.90
C GLN A 101 -1.10 10.08 -1.48
N ASN A 102 0.14 10.48 -1.23
CA ASN A 102 0.52 10.98 0.08
C ASN A 102 0.20 9.95 1.15
N GLY A 103 -0.26 8.77 0.72
CA GLY A 103 -0.62 7.71 1.67
C GLY A 103 0.36 6.66 1.76
N PRO A 104 -0.02 5.61 2.41
CA PRO A 104 -1.38 5.37 3.10
C PRO A 104 -1.86 6.52 3.97
N PHE A 105 -2.78 7.32 3.44
CA PHE A 105 -3.35 8.46 4.16
C PHE A 105 -4.85 8.27 4.28
N TYR A 106 -5.65 9.29 4.05
CA TYR A 106 -7.07 9.19 4.16
C TYR A 106 -7.73 9.92 3.03
N ALA A 107 -8.47 9.17 2.25
CA ALA A 107 -9.18 9.70 1.12
C ALA A 107 -10.61 9.95 1.50
N ARG A 108 -11.44 10.10 0.49
CA ARG A 108 -12.85 10.34 0.71
C ARG A 108 -13.63 9.93 -0.52
N VAL A 109 -13.97 8.67 -0.56
CA VAL A 109 -14.72 8.12 -1.67
C VAL A 109 -16.09 8.79 -1.77
N ILE A 110 -16.28 9.57 -2.83
CA ILE A 110 -17.55 10.25 -3.04
C ILE A 110 -18.36 9.54 -4.11
N GLN A 111 -17.98 8.29 -4.43
CA GLN A 111 -18.69 7.54 -5.45
C GLN A 111 -18.15 6.12 -5.57
N LYS A 112 -19.05 5.16 -5.43
CA LYS A 112 -18.66 3.76 -5.56
C LYS A 112 -19.88 2.87 -5.72
N ARG A 113 -19.71 1.59 -5.39
CA ARG A 113 -20.78 0.61 -5.53
C ARG A 113 -20.70 -0.43 -4.42
N VAL A 114 -20.83 -1.69 -4.80
CA VAL A 114 -20.75 -2.80 -3.85
C VAL A 114 -19.98 -3.96 -4.44
N PRO A 115 -18.73 -3.78 -4.79
CA PRO A 115 -17.91 -4.83 -5.40
C PRO A 115 -17.07 -5.58 -4.40
N ASN A 116 -17.68 -5.93 -3.27
CA ASN A 116 -16.99 -6.67 -2.21
C ASN A 116 -15.77 -7.40 -2.73
N ALA A 117 -14.82 -7.63 -1.86
CA ALA A 117 -13.60 -8.32 -2.26
C ALA A 117 -13.89 -9.52 -3.17
N TYR A 118 -15.17 -9.83 -3.35
CA TYR A 118 -15.58 -10.91 -4.20
C TYR A 118 -15.52 -10.43 -5.62
N ASP A 119 -16.37 -9.44 -5.93
CA ASP A 119 -16.46 -8.84 -7.26
C ASP A 119 -15.08 -8.54 -7.80
N LYS A 120 -14.32 -9.59 -7.98
CA LYS A 120 -12.95 -9.54 -8.47
C LYS A 120 -12.00 -9.21 -7.35
N THR A 121 -12.35 -8.18 -6.60
CA THR A 121 -11.54 -7.72 -5.46
C THR A 121 -11.87 -6.28 -5.10
N ALA A 122 -12.36 -5.52 -6.06
CA ALA A 122 -12.69 -4.12 -5.83
C ALA A 122 -13.38 -3.91 -4.47
N LEU A 123 -12.67 -3.32 -3.52
CA LEU A 123 -13.21 -3.07 -2.19
C LEU A 123 -14.64 -2.55 -2.28
N ALA A 124 -15.37 -2.68 -1.18
CA ALA A 124 -16.76 -2.21 -1.14
C ALA A 124 -16.86 -1.02 -0.19
N LEU A 125 -17.35 0.10 -0.72
CA LEU A 125 -17.48 1.33 0.06
C LEU A 125 -18.77 2.06 -0.29
N GLU A 126 -18.91 3.25 0.28
CA GLU A 126 -20.08 4.10 0.05
C GLU A 126 -19.67 5.57 0.08
N VAL A 127 -20.33 6.36 -0.76
CA VAL A 127 -20.06 7.77 -0.83
C VAL A 127 -20.00 8.35 0.57
N GLY A 128 -18.79 8.55 1.06
CA GLY A 128 -18.59 9.15 2.37
C GLY A 128 -17.95 8.18 3.32
N GLU A 129 -17.48 7.08 2.77
CA GLU A 129 -16.82 6.06 3.60
C GLU A 129 -15.34 6.32 3.77
N LEU A 130 -14.73 6.82 2.71
CA LEU A 130 -13.31 7.08 2.74
C LEU A 130 -12.55 5.77 2.96
N VAL A 131 -11.50 5.60 2.17
CA VAL A 131 -10.66 4.41 2.24
C VAL A 131 -9.19 4.80 2.25
N LYS A 132 -8.35 3.88 2.73
CA LYS A 132 -6.92 4.12 2.80
C LYS A 132 -6.25 3.37 1.67
N VAL A 133 -6.01 4.05 0.56
CA VAL A 133 -5.46 3.39 -0.60
C VAL A 133 -4.29 2.52 -0.22
N THR A 134 -3.43 2.99 0.64
CA THR A 134 -2.27 2.23 1.06
C THR A 134 -1.65 1.39 -0.04
N LYS A 135 -2.43 0.46 -0.57
CA LYS A 135 -1.98 -0.42 -1.59
C LYS A 135 -1.84 0.26 -2.93
N ILE A 136 -0.60 0.42 -3.36
CA ILE A 136 -0.34 1.06 -4.64
C ILE A 136 0.74 0.28 -5.39
N ASN A 137 0.30 -0.51 -6.36
CA ASN A 137 1.24 -1.30 -7.16
C ASN A 137 1.63 -0.54 -8.42
N MET A 138 0.71 0.26 -8.92
CA MET A 138 0.93 1.02 -10.13
C MET A 138 0.54 2.47 -9.93
N SER A 139 0.83 3.29 -10.92
CA SER A 139 0.53 4.72 -10.84
C SER A 139 -0.84 5.00 -11.43
N GLY A 140 -1.57 3.94 -11.78
CA GLY A 140 -2.89 4.12 -12.37
C GLY A 140 -3.95 3.37 -11.59
N GLN A 141 -4.20 2.13 -11.99
CA GLN A 141 -5.22 1.32 -11.34
C GLN A 141 -4.66 0.66 -10.09
N TRP A 142 -4.38 1.47 -9.08
CA TRP A 142 -3.84 0.97 -7.82
C TRP A 142 -4.94 0.34 -6.98
N GLU A 143 -4.55 -0.19 -5.82
CA GLU A 143 -5.49 -0.86 -4.95
C GLU A 143 -5.86 0.01 -3.77
N GLY A 144 -6.51 -0.58 -2.76
CA GLY A 144 -6.89 0.17 -1.58
C GLY A 144 -7.11 -0.74 -0.38
N GLU A 145 -7.62 -0.16 0.69
CA GLU A 145 -7.88 -0.92 1.91
C GLU A 145 -8.67 -0.11 2.90
N CYS A 146 -9.93 -0.50 3.11
CA CYS A 146 -10.79 0.19 4.05
C CYS A 146 -10.84 -0.65 5.34
N ASN A 147 -11.91 -1.39 5.53
CA ASN A 147 -12.06 -2.26 6.70
C ASN A 147 -11.49 -3.62 6.35
N GLY A 148 -10.30 -3.61 5.76
CA GLY A 148 -9.63 -4.84 5.36
C GLY A 148 -9.98 -5.16 3.92
N LYS A 149 -11.15 -4.72 3.52
CA LYS A 149 -11.66 -4.96 2.19
C LYS A 149 -10.84 -4.22 1.17
N ARG A 150 -9.83 -4.90 0.68
CA ARG A 150 -8.95 -4.31 -0.32
C ARG A 150 -9.54 -4.49 -1.70
N GLY A 151 -8.90 -3.88 -2.67
CA GLY A 151 -9.36 -3.98 -4.04
C GLY A 151 -8.74 -2.86 -4.87
N HIS A 152 -9.45 -2.43 -5.91
CA HIS A 152 -8.99 -1.37 -6.80
C HIS A 152 -10.08 -0.34 -7.00
N PHE A 153 -9.71 0.77 -7.59
CA PHE A 153 -10.67 1.82 -7.86
C PHE A 153 -9.95 3.11 -8.32
N PRO A 154 -10.16 3.57 -9.55
CA PRO A 154 -9.49 4.81 -10.06
C PRO A 154 -9.89 6.06 -9.28
N PHE A 155 -9.09 7.11 -9.43
CA PHE A 155 -9.36 8.38 -8.77
C PHE A 155 -10.64 9.00 -9.29
N THR A 156 -11.31 8.30 -10.20
CA THR A 156 -12.54 8.80 -10.79
C THR A 156 -13.55 9.24 -9.73
N HIS A 157 -13.22 9.07 -8.45
CA HIS A 157 -14.12 9.46 -7.39
C HIS A 157 -13.47 9.35 -6.03
N VAL A 158 -12.76 10.39 -5.60
CA VAL A 158 -12.11 10.39 -4.29
C VAL A 158 -11.49 11.78 -4.05
N ARG A 159 -11.46 12.18 -2.78
CA ARG A 159 -10.92 13.48 -2.40
C ARG A 159 -9.92 13.35 -1.27
N LEU A 160 -8.68 13.01 -1.61
CA LEU A 160 -7.63 12.87 -0.62
C LEU A 160 -7.67 14.00 0.39
N LEU A 161 -7.56 13.63 1.65
CA LEU A 161 -7.58 14.59 2.73
C LEU A 161 -6.17 15.10 3.00
N ASP A 162 -6.03 15.83 4.10
CA ASP A 162 -4.74 16.39 4.49
C ASP A 162 -4.08 15.54 5.57
N GLN A 163 -4.60 14.33 5.76
CA GLN A 163 -4.07 13.42 6.78
C GLN A 163 -4.50 13.87 8.17
N VAL A 1 11.04 -3.65 23.09
CA VAL A 1 9.85 -2.87 23.51
C VAL A 1 8.81 -2.88 22.40
N GLU A 2 9.29 -2.80 21.15
CA GLU A 2 8.42 -2.80 19.99
C GLU A 2 9.05 -3.63 18.87
N TYR A 3 8.23 -4.03 17.90
CA TYR A 3 8.69 -4.82 16.77
C TYR A 3 7.51 -5.22 15.90
N VAL A 4 7.73 -5.26 14.58
CA VAL A 4 6.68 -5.66 13.65
C VAL A 4 7.27 -6.50 12.52
N ARG A 5 6.41 -7.14 11.73
CA ARG A 5 6.87 -7.98 10.63
C ARG A 5 6.33 -7.46 9.32
N ALA A 6 7.25 -7.22 8.39
CA ALA A 6 6.89 -6.70 7.09
C ALA A 6 6.63 -7.80 6.08
N LEU A 7 5.39 -8.26 6.00
CA LEU A 7 5.03 -9.33 5.07
C LEU A 7 4.36 -8.79 3.81
N PHE A 8 4.75 -7.58 3.39
CA PHE A 8 4.19 -6.97 2.17
C PHE A 8 5.28 -6.41 1.30
N ASP A 9 6.52 -6.63 1.74
CA ASP A 9 7.71 -6.12 1.04
C ASP A 9 7.59 -4.64 0.79
N PHE A 10 8.66 -3.89 0.99
CA PHE A 10 8.63 -2.43 0.79
C PHE A 10 9.69 -2.01 -0.22
N ASN A 11 10.87 -2.58 -0.10
CA ASN A 11 11.96 -2.27 -1.02
C ASN A 11 12.02 -0.78 -1.28
N GLY A 12 12.20 0.00 -0.23
CA GLY A 12 12.25 1.44 -0.38
C GLY A 12 13.46 1.82 -1.19
N ASN A 13 14.03 2.97 -0.85
CA ASN A 13 15.22 3.48 -1.55
C ASN A 13 15.53 4.93 -1.17
N ASP A 14 16.21 5.12 -0.04
CA ASP A 14 16.61 6.46 0.43
C ASP A 14 17.26 6.37 1.81
N ASP A 15 17.68 7.53 2.32
CA ASP A 15 18.29 7.59 3.64
C ASP A 15 17.20 7.77 4.69
N GLU A 16 16.04 8.26 4.25
CA GLU A 16 14.89 8.48 5.13
C GLU A 16 13.84 7.38 4.97
N ASP A 17 14.27 6.20 4.54
CA ASP A 17 13.37 5.07 4.38
C ASP A 17 14.06 3.79 4.81
N LEU A 18 13.29 2.75 5.15
CA LEU A 18 13.88 1.47 5.58
C LEU A 18 13.48 0.36 4.63
N PRO A 19 14.20 0.10 3.59
CA PRO A 19 13.80 -0.98 2.66
C PRO A 19 13.89 -2.38 3.31
N PHE A 20 12.90 -3.21 3.00
CA PHE A 20 12.84 -4.57 3.54
C PHE A 20 11.95 -5.45 2.67
N LYS A 21 12.10 -6.77 2.80
CA LYS A 21 11.30 -7.72 2.04
C LYS A 21 11.75 -9.15 2.34
N LYS A 22 10.79 -9.99 2.75
CA LYS A 22 11.02 -11.41 3.10
C LYS A 22 10.26 -11.75 4.38
N GLY A 23 10.09 -10.76 5.24
CA GLY A 23 9.42 -10.94 6.51
C GLY A 23 10.40 -10.66 7.63
N ASP A 24 11.05 -9.50 7.54
CA ASP A 24 12.03 -9.09 8.52
C ASP A 24 11.34 -8.44 9.71
N ILE A 25 12.04 -8.42 10.83
CA ILE A 25 11.52 -7.82 12.05
C ILE A 25 12.27 -6.53 12.34
N LEU A 26 11.56 -5.42 12.24
CA LEU A 26 12.17 -4.11 12.44
C LEU A 26 11.64 -3.45 13.71
N LYS A 27 12.54 -3.04 14.59
CA LYS A 27 12.15 -2.42 15.84
C LYS A 27 11.84 -0.95 15.63
N ILE A 28 10.84 -0.44 16.36
CA ILE A 28 10.44 0.95 16.28
C ILE A 28 11.14 1.74 17.38
N ARG A 29 11.28 3.05 17.17
CA ARG A 29 11.93 3.92 18.15
C ARG A 29 11.14 5.21 18.31
N ASP A 30 10.53 5.65 17.22
CA ASP A 30 9.74 6.87 17.21
C ASP A 30 8.63 6.80 16.18
N LYS A 31 7.39 7.08 16.60
CA LYS A 31 6.23 7.04 15.69
C LYS A 31 5.52 8.40 15.64
N PRO A 32 6.05 9.34 14.89
CA PRO A 32 5.43 10.70 14.78
C PRO A 32 3.97 10.62 14.35
N GLU A 33 3.69 9.74 13.40
CA GLU A 33 2.33 9.56 12.88
C GLU A 33 1.85 8.15 13.15
N GLU A 34 0.60 7.87 12.75
CA GLU A 34 0.01 6.57 12.96
C GLU A 34 0.12 5.71 11.69
N GLN A 35 0.13 6.37 10.53
CA GLN A 35 0.21 5.67 9.25
C GLN A 35 1.65 5.29 8.92
N TRP A 36 2.61 6.04 9.44
CA TRP A 36 4.03 5.78 9.20
C TRP A 36 4.72 5.60 10.53
N TRP A 37 5.81 4.83 10.56
CA TRP A 37 6.54 4.59 11.79
C TRP A 37 8.04 4.53 11.54
N ASN A 38 8.82 5.17 12.38
CA ASN A 38 10.27 5.15 12.21
C ASN A 38 10.80 3.84 12.75
N ALA A 39 11.23 2.96 11.85
CA ALA A 39 11.76 1.66 12.22
C ALA A 39 13.25 1.60 12.04
N GLU A 40 13.88 0.60 12.67
CA GLU A 40 15.31 0.43 12.59
C GLU A 40 15.65 -0.95 12.04
N ASP A 41 16.48 -0.99 11.01
CA ASP A 41 16.88 -2.26 10.41
C ASP A 41 17.65 -3.09 11.42
N MET A 42 18.00 -4.29 10.98
CA MET A 42 18.76 -5.21 11.80
C MET A 42 20.22 -4.77 11.90
N ASP A 43 20.57 -3.69 11.20
CA ASP A 43 21.95 -3.19 11.21
C ASP A 43 22.09 -2.02 12.17
N GLY A 44 20.96 -1.41 12.49
CA GLY A 44 20.91 -0.28 13.39
C GLY A 44 20.33 0.93 12.67
N LYS A 45 20.52 1.00 11.37
CA LYS A 45 20.06 2.14 10.59
C LYS A 45 18.60 2.42 10.84
N ARG A 46 18.25 3.69 10.82
CA ARG A 46 16.88 4.12 11.06
C ARG A 46 16.28 4.73 9.81
N GLY A 47 15.08 4.30 9.50
CA GLY A 47 14.37 4.78 8.32
C GLY A 47 12.86 4.62 8.48
N MET A 48 12.11 5.50 7.82
CA MET A 48 10.67 5.46 7.90
C MET A 48 10.13 4.21 7.23
N ILE A 49 8.91 3.84 7.60
CA ILE A 49 8.27 2.68 7.01
C ILE A 49 6.74 2.80 6.98
N PRO A 50 6.10 2.31 5.94
CA PRO A 50 4.61 2.32 5.86
C PRO A 50 4.02 1.30 6.86
N VAL A 51 3.29 1.78 7.86
CA VAL A 51 2.72 0.89 8.87
C VAL A 51 1.95 -0.30 8.25
N PRO A 52 1.02 -0.07 7.36
CA PRO A 52 0.22 -1.19 6.73
C PRO A 52 1.09 -2.31 6.16
N TYR A 53 2.31 -1.97 5.78
CA TYR A 53 3.20 -2.98 5.22
C TYR A 53 3.65 -3.99 6.27
N VAL A 54 3.17 -3.83 7.50
CA VAL A 54 3.51 -4.77 8.57
C VAL A 54 2.25 -5.19 9.31
N GLU A 55 2.33 -6.29 10.05
CA GLU A 55 1.16 -6.80 10.78
C GLU A 55 1.15 -6.28 12.22
N LYS A 56 2.19 -6.66 12.97
CA LYS A 56 2.39 -6.28 14.38
C LYS A 56 2.76 -7.53 15.21
N CYS A 57 2.72 -8.70 14.58
CA CYS A 57 3.04 -9.95 15.28
C CYS A 57 2.10 -10.11 16.47
N ARG A 58 1.21 -11.09 16.37
CA ARG A 58 0.23 -11.34 17.42
C ARG A 58 -0.81 -10.21 17.48
N PRO A 59 -1.40 -9.87 16.35
CA PRO A 59 -2.43 -8.80 16.27
C PRO A 59 -3.75 -9.21 16.92
N SER A 60 -3.66 -9.71 18.15
CA SER A 60 -4.83 -10.15 18.89
C SER A 60 -5.43 -11.41 18.27
N SER A 61 -5.59 -11.40 16.95
CA SER A 61 -6.14 -12.55 16.24
C SER A 61 -5.94 -12.39 14.74
N ALA A 62 -6.12 -13.47 13.99
CA ALA A 62 -5.95 -13.43 12.54
C ALA A 62 -4.50 -13.24 12.15
N SER A 63 -3.70 -14.28 12.32
CA SER A 63 -2.28 -14.22 11.98
C SER A 63 -1.71 -15.63 11.83
N VAL A 64 -2.58 -16.62 11.88
CA VAL A 64 -2.15 -18.01 11.75
C VAL A 64 -1.50 -18.24 10.39
N SER A 65 -2.11 -17.69 9.34
CA SER A 65 -1.59 -17.83 7.98
C SER A 65 -1.97 -16.64 7.13
N THR A 66 -1.11 -16.29 6.17
CA THR A 66 -1.38 -15.16 5.30
C THR A 66 -0.51 -15.22 4.05
N LEU A 67 -0.80 -14.37 3.08
CA LEU A 67 -0.03 -14.34 1.85
C LEU A 67 -0.40 -13.12 1.01
N THR A 68 0.42 -12.82 -0.01
CA THR A 68 0.16 -11.68 -0.88
C THR A 68 0.55 -12.02 -2.31
N GLY A 69 -0.06 -11.35 -3.28
CA GLY A 69 0.23 -11.59 -4.70
C GLY A 69 0.50 -10.28 -5.44
N GLY A 70 1.78 -9.86 -5.43
CA GLY A 70 2.15 -8.63 -6.11
C GLY A 70 3.57 -8.21 -5.73
N ASN A 71 4.37 -7.85 -6.73
CA ASN A 71 5.76 -7.43 -6.49
C ASN A 71 5.85 -5.91 -6.44
N GLN A 72 7.05 -5.41 -6.16
CA GLN A 72 7.26 -3.97 -6.07
C GLN A 72 7.36 -3.36 -7.47
N ASP A 73 7.70 -2.08 -7.53
CA ASP A 73 7.82 -1.39 -8.81
C ASP A 73 8.90 -2.05 -9.67
N SER A 74 8.48 -3.00 -10.51
CA SER A 74 9.42 -3.69 -11.38
C SER A 74 8.67 -4.44 -12.48
N SER A 75 7.35 -4.57 -12.30
CA SER A 75 6.52 -5.27 -13.29
C SER A 75 5.70 -4.27 -14.11
N HIS A 76 5.95 -4.26 -15.42
CA HIS A 76 5.23 -3.36 -16.32
C HIS A 76 4.87 -4.08 -17.62
N PRO A 77 3.87 -4.93 -17.56
CA PRO A 77 3.41 -5.71 -18.74
C PRO A 77 3.10 -4.81 -19.94
N GLN A 78 2.68 -3.58 -19.65
CA GLN A 78 2.35 -2.63 -20.69
C GLN A 78 2.06 -1.26 -20.08
N PRO A 79 1.32 -1.20 -19.00
CA PRO A 79 0.98 0.09 -18.32
C PRO A 79 2.22 0.83 -17.84
N LEU A 80 2.16 2.17 -17.90
CA LEU A 80 3.28 3.01 -17.49
C LEU A 80 2.78 4.28 -16.81
N GLY A 81 3.47 4.70 -15.77
CA GLY A 81 3.09 5.91 -15.03
C GLY A 81 2.72 7.04 -15.99
N GLY A 82 3.61 7.33 -16.93
CA GLY A 82 3.36 8.38 -17.90
C GLY A 82 3.49 9.76 -17.25
N PRO A 83 4.62 10.06 -16.69
CA PRO A 83 4.87 11.37 -16.01
C PRO A 83 4.91 12.54 -17.00
N GLU A 84 5.53 12.31 -18.16
CA GLU A 84 5.63 13.36 -19.20
C GLU A 84 4.60 13.11 -20.30
N PRO A 85 4.47 11.90 -20.77
CA PRO A 85 3.49 11.55 -21.85
C PRO A 85 2.06 11.96 -21.49
N GLY A 86 1.52 11.36 -20.43
CA GLY A 86 0.16 11.68 -19.99
C GLY A 86 -0.78 11.83 -21.20
N PRO A 87 -1.11 10.74 -21.84
CA PRO A 87 -1.99 10.77 -23.04
C PRO A 87 -3.46 10.96 -22.66
N TYR A 88 -4.16 9.86 -22.45
CA TYR A 88 -5.58 9.90 -22.07
C TYR A 88 -5.91 8.78 -21.11
N ALA A 89 -6.91 9.00 -20.25
CA ALA A 89 -7.31 7.98 -19.29
C ALA A 89 -7.72 6.71 -20.02
N GLN A 90 -6.79 5.77 -20.16
CA GLN A 90 -7.06 4.49 -20.85
C GLN A 90 -6.78 3.30 -19.92
N PRO A 91 -7.61 2.28 -19.91
CA PRO A 91 -7.41 1.09 -19.04
C PRO A 91 -6.24 0.23 -19.51
N SER A 92 -5.43 0.76 -20.44
CA SER A 92 -4.29 0.02 -20.98
C SER A 92 -2.99 0.84 -20.89
N ILE A 93 -2.88 1.83 -21.76
CA ILE A 93 -1.68 2.65 -21.79
C ILE A 93 -1.41 3.25 -20.43
N ASN A 94 -2.41 3.96 -19.90
CA ASN A 94 -2.30 4.60 -18.59
C ASN A 94 -3.58 4.40 -17.79
N THR A 95 -3.68 3.25 -17.12
CA THR A 95 -4.86 2.92 -16.32
C THR A 95 -4.96 3.84 -15.11
N PRO A 96 -6.15 4.10 -14.63
CA PRO A 96 -6.35 4.98 -13.45
C PRO A 96 -5.72 4.39 -12.18
N LEU A 97 -5.04 5.25 -11.44
CA LEU A 97 -4.37 4.90 -10.19
C LEU A 97 -4.69 5.88 -9.07
N PRO A 98 -4.73 5.43 -7.82
CA PRO A 98 -5.02 6.32 -6.67
C PRO A 98 -3.85 7.27 -6.39
N ASN A 99 -2.88 7.31 -7.29
CA ASN A 99 -1.72 8.17 -7.12
C ASN A 99 -1.11 7.96 -5.75
N LEU A 100 -0.74 6.71 -5.46
CA LEU A 100 -0.17 6.39 -4.16
C LEU A 100 1.09 7.22 -3.92
N GLN A 101 2.24 6.54 -3.82
CA GLN A 101 3.52 7.20 -3.59
C GLN A 101 3.52 7.95 -2.27
N ASN A 102 2.65 8.95 -2.16
CA ASN A 102 2.52 9.74 -0.95
C ASN A 102 2.18 8.84 0.23
N GLY A 103 1.31 7.88 0.00
CA GLY A 103 0.90 6.96 1.04
C GLY A 103 1.75 5.79 1.12
N PRO A 104 1.27 4.80 1.81
CA PRO A 104 -0.09 4.71 2.52
C PRO A 104 -0.53 5.93 3.33
N PHE A 105 -1.40 6.74 2.73
CA PHE A 105 -1.96 7.91 3.38
C PHE A 105 -3.46 7.69 3.55
N TYR A 106 -4.32 8.62 3.17
CA TYR A 106 -5.74 8.46 3.36
C TYR A 106 -6.48 9.03 2.16
N ALA A 107 -7.34 8.22 1.58
CA ALA A 107 -8.11 8.63 0.45
C ALA A 107 -9.52 8.91 0.88
N ARG A 108 -10.41 9.00 -0.07
CA ARG A 108 -11.79 9.24 0.23
C ARG A 108 -12.58 8.73 -0.92
N VAL A 109 -13.02 7.50 -0.77
CA VAL A 109 -13.75 6.88 -1.82
C VAL A 109 -15.14 7.46 -1.90
N ILE A 110 -15.43 8.10 -3.03
CA ILE A 110 -16.75 8.72 -3.23
C ILE A 110 -17.54 7.96 -4.27
N GLN A 111 -17.14 6.73 -4.53
CA GLN A 111 -17.83 5.93 -5.52
C GLN A 111 -17.23 4.52 -5.51
N LYS A 112 -18.08 3.55 -5.25
CA LYS A 112 -17.64 2.17 -5.25
C LYS A 112 -18.84 1.24 -5.18
N ARG A 113 -18.58 0.03 -4.71
CA ARG A 113 -19.61 -0.97 -4.61
C ARG A 113 -19.26 -1.96 -3.50
N VAL A 114 -19.42 -3.23 -3.81
CA VAL A 114 -19.08 -4.30 -2.87
C VAL A 114 -18.36 -5.42 -3.61
N PRO A 115 -17.21 -5.17 -4.18
CA PRO A 115 -16.50 -6.18 -4.94
C PRO A 115 -15.38 -6.88 -4.15
N ASN A 116 -15.58 -7.01 -2.84
CA ASN A 116 -14.61 -7.60 -1.91
C ASN A 116 -13.64 -8.58 -2.60
N ALA A 117 -12.57 -8.98 -1.91
CA ALA A 117 -11.62 -9.89 -2.54
C ALA A 117 -12.30 -11.14 -3.02
N TYR A 118 -13.45 -11.44 -2.43
CA TYR A 118 -14.23 -12.60 -2.80
C TYR A 118 -15.47 -12.08 -3.46
N ASP A 119 -15.30 -11.18 -4.38
CA ASP A 119 -16.40 -10.66 -5.12
C ASP A 119 -15.90 -10.24 -6.48
N LYS A 120 -14.71 -10.68 -6.87
CA LYS A 120 -14.05 -10.35 -8.12
C LYS A 120 -12.55 -10.35 -7.82
N THR A 121 -12.13 -9.40 -6.98
CA THR A 121 -10.71 -9.26 -6.56
C THR A 121 -10.50 -7.91 -5.86
N ALA A 122 -11.45 -6.99 -6.04
CA ALA A 122 -11.37 -5.64 -5.49
C ALA A 122 -11.81 -5.59 -4.01
N LEU A 123 -11.59 -4.46 -3.34
CA LEU A 123 -11.98 -4.26 -1.93
C LEU A 123 -13.42 -3.78 -1.84
N ALA A 124 -14.13 -4.09 -0.74
CA ALA A 124 -15.52 -3.63 -0.56
C ALA A 124 -15.58 -2.37 0.29
N LEU A 125 -16.15 -1.30 -0.28
CA LEU A 125 -16.29 -0.02 0.44
C LEU A 125 -17.62 0.67 0.11
N GLU A 126 -17.73 1.91 0.60
CA GLU A 126 -18.90 2.75 0.39
C GLU A 126 -18.46 4.20 0.24
N VAL A 127 -19.21 4.93 -0.54
CA VAL A 127 -18.93 6.32 -0.76
C VAL A 127 -18.82 7.05 0.56
N GLY A 128 -17.59 7.30 1.00
CA GLY A 128 -17.36 8.03 2.24
C GLY A 128 -16.64 7.15 3.23
N GLU A 129 -16.18 6.01 2.76
CA GLU A 129 -15.47 5.07 3.63
C GLU A 129 -13.99 5.36 3.71
N LEU A 130 -13.43 5.80 2.62
CA LEU A 130 -12.02 6.09 2.57
C LEU A 130 -11.23 4.80 2.85
N VAL A 131 -10.21 4.63 2.04
CA VAL A 131 -9.34 3.47 2.10
C VAL A 131 -7.90 3.92 2.09
N LYS A 132 -7.05 3.13 2.70
CA LYS A 132 -5.64 3.45 2.80
C LYS A 132 -4.82 2.56 1.89
N VAL A 133 -4.58 2.99 0.69
CA VAL A 133 -3.81 2.17 -0.21
C VAL A 133 -2.41 1.96 0.36
N THR A 134 -1.73 0.91 -0.10
CA THR A 134 -0.40 0.59 0.39
C THR A 134 0.32 -0.25 -0.66
N LYS A 135 -0.38 -1.23 -1.19
CA LYS A 135 0.24 -2.13 -2.15
C LYS A 135 0.69 -1.37 -3.40
N ILE A 136 1.84 -1.81 -3.93
CA ILE A 136 2.44 -1.19 -5.11
C ILE A 136 2.86 -2.26 -6.13
N ASN A 137 2.94 -1.84 -7.38
CA ASN A 137 3.33 -2.75 -8.46
C ASN A 137 3.17 -2.05 -9.80
N MET A 138 1.99 -2.22 -10.38
CA MET A 138 1.69 -1.63 -11.67
C MET A 138 1.58 -0.12 -11.54
N SER A 139 2.18 0.58 -12.49
CA SER A 139 2.16 2.03 -12.48
C SER A 139 0.79 2.54 -12.92
N GLY A 140 -0.24 1.70 -12.82
CA GLY A 140 -1.58 2.12 -13.24
C GLY A 140 -2.68 1.46 -12.41
N GLN A 141 -2.61 0.15 -12.29
CA GLN A 141 -3.60 -0.61 -11.53
C GLN A 141 -2.98 -1.01 -10.22
N TRP A 142 -3.24 -0.26 -9.15
CA TRP A 142 -2.65 -0.57 -7.86
C TRP A 142 -3.68 -1.27 -6.98
N GLU A 143 -3.26 -1.74 -5.80
CA GLU A 143 -4.16 -2.44 -4.88
C GLU A 143 -4.32 -1.66 -3.60
N GLY A 144 -5.57 -1.40 -3.23
CA GLY A 144 -5.84 -0.61 -2.06
C GLY A 144 -5.72 -1.41 -0.75
N GLU A 145 -6.25 -0.83 0.32
CA GLU A 145 -6.28 -1.51 1.61
C GLU A 145 -7.09 -0.73 2.62
N CYS A 146 -8.23 -1.31 3.00
CA CYS A 146 -9.09 -0.67 3.98
C CYS A 146 -8.98 -1.46 5.28
N ASN A 147 -9.92 -2.35 5.54
CA ASN A 147 -9.86 -3.17 6.74
C ASN A 147 -9.15 -4.48 6.42
N GLY A 148 -8.09 -4.37 5.61
CA GLY A 148 -7.30 -5.52 5.19
C GLY A 148 -7.82 -6.01 3.85
N LYS A 149 -9.06 -5.64 3.57
CA LYS A 149 -9.71 -6.03 2.35
C LYS A 149 -9.08 -5.34 1.18
N ARG A 150 -7.92 -5.81 0.81
CA ARG A 150 -7.23 -5.23 -0.30
C ARG A 150 -7.88 -5.65 -1.58
N GLY A 151 -7.54 -4.97 -2.66
CA GLY A 151 -8.11 -5.29 -3.96
C GLY A 151 -8.04 -4.13 -4.94
N HIS A 152 -7.55 -4.31 -6.12
CA HIS A 152 -7.42 -3.14 -6.96
C HIS A 152 -8.76 -2.49 -7.17
N PHE A 153 -8.71 -1.36 -7.84
CA PHE A 153 -9.92 -0.58 -8.09
C PHE A 153 -9.60 0.68 -8.89
N PRO A 154 -10.11 0.84 -10.10
CA PRO A 154 -9.87 2.08 -10.88
C PRO A 154 -10.03 3.36 -10.03
N PHE A 155 -9.03 4.24 -10.11
CA PHE A 155 -9.03 5.49 -9.37
C PHE A 155 -10.21 6.38 -9.82
N THR A 156 -10.95 5.93 -10.80
CA THR A 156 -12.09 6.69 -11.31
C THR A 156 -13.05 7.10 -10.19
N HIS A 157 -12.68 6.82 -8.93
CA HIS A 157 -13.52 7.19 -7.80
C HIS A 157 -12.74 7.31 -6.48
N VAL A 158 -11.98 8.40 -6.35
CA VAL A 158 -11.22 8.66 -5.14
C VAL A 158 -10.74 10.13 -5.15
N ARG A 159 -10.57 10.73 -3.97
CA ARG A 159 -10.17 12.14 -3.87
C ARG A 159 -8.73 12.30 -3.38
N LEU A 160 -8.39 11.54 -2.36
CA LEU A 160 -7.06 11.58 -1.75
C LEU A 160 -6.86 12.83 -0.92
N LEU A 161 -6.64 12.57 0.36
CA LEU A 161 -6.42 13.60 1.34
C LEU A 161 -4.94 13.95 1.40
N ASP A 162 -4.60 14.82 2.34
CA ASP A 162 -3.22 15.25 2.50
C ASP A 162 -2.34 14.13 3.05
N GLN A 163 -2.77 13.53 4.16
CA GLN A 163 -2.02 12.46 4.78
C GLN A 163 -2.81 11.86 5.95
N VAL A 1 9.76 -3.00 23.95
CA VAL A 1 8.62 -3.70 23.27
C VAL A 1 7.96 -2.73 22.29
N GLU A 2 8.68 -2.41 21.22
CA GLU A 2 8.17 -1.50 20.20
C GLU A 2 8.77 -1.82 18.86
N TYR A 3 10.00 -2.31 18.88
CA TYR A 3 10.72 -2.64 17.65
C TYR A 3 9.85 -3.34 16.65
N VAL A 4 8.71 -3.80 17.11
CA VAL A 4 7.75 -4.48 16.26
C VAL A 4 8.47 -5.44 15.34
N ARG A 5 7.71 -6.11 14.51
CA ARG A 5 8.29 -7.05 13.57
C ARG A 5 7.70 -6.83 12.20
N ALA A 6 8.58 -6.55 11.25
CA ALA A 6 8.17 -6.28 9.89
C ALA A 6 8.26 -7.54 9.04
N LEU A 7 7.11 -8.19 8.85
CA LEU A 7 7.04 -9.42 8.06
C LEU A 7 6.29 -9.19 6.74
N PHE A 8 6.41 -7.98 6.19
CA PHE A 8 5.73 -7.65 4.92
C PHE A 8 6.72 -7.09 3.93
N ASP A 9 7.97 -7.05 4.33
CA ASP A 9 9.05 -6.51 3.50
C ASP A 9 8.74 -5.07 3.13
N PHE A 10 9.75 -4.19 3.18
CA PHE A 10 9.53 -2.78 2.83
C PHE A 10 10.55 -2.29 1.84
N ASN A 11 11.80 -2.56 2.12
CA ASN A 11 12.88 -2.14 1.25
C ASN A 11 12.62 -0.74 0.69
N GLY A 12 12.62 0.25 1.57
CA GLY A 12 12.36 1.61 1.15
C GLY A 12 13.45 2.09 0.22
N ASN A 13 13.85 3.34 0.42
CA ASN A 13 14.90 3.94 -0.38
C ASN A 13 15.04 5.42 -0.04
N ASP A 14 16.05 5.76 0.77
CA ASP A 14 16.32 7.17 1.17
C ASP A 14 16.98 7.21 2.55
N ASP A 15 17.17 8.42 3.06
CA ASP A 15 17.76 8.62 4.39
C ASP A 15 16.62 8.71 5.41
N GLU A 16 15.41 8.93 4.91
CA GLU A 16 14.22 9.04 5.76
C GLU A 16 13.37 7.78 5.67
N ASP A 17 14.00 6.67 5.30
CA ASP A 17 13.28 5.39 5.22
C ASP A 17 14.14 4.29 5.82
N LEU A 18 13.49 3.23 6.34
CA LEU A 18 14.22 2.11 6.91
C LEU A 18 13.95 0.84 6.12
N PRO A 19 14.69 0.56 5.09
CA PRO A 19 14.47 -0.67 4.28
C PRO A 19 14.81 -1.94 5.04
N PHE A 20 13.83 -2.83 5.16
CA PHE A 20 14.02 -4.09 5.87
C PHE A 20 13.34 -5.23 5.12
N LYS A 21 13.63 -6.45 5.55
CA LYS A 21 13.04 -7.61 4.94
C LYS A 21 13.37 -8.86 5.74
N LYS A 22 12.32 -9.56 6.20
CA LYS A 22 12.47 -10.79 6.98
C LYS A 22 12.30 -10.54 8.46
N GLY A 23 11.06 -10.32 8.87
CA GLY A 23 10.75 -10.08 10.26
C GLY A 23 11.88 -9.38 11.00
N ASP A 24 12.29 -8.25 10.47
CA ASP A 24 13.36 -7.49 11.05
C ASP A 24 12.91 -6.80 12.33
N ILE A 25 13.83 -6.60 13.25
CA ILE A 25 13.55 -5.93 14.52
C ILE A 25 14.06 -4.51 14.45
N LEU A 26 13.12 -3.56 14.38
CA LEU A 26 13.50 -2.15 14.25
C LEU A 26 12.94 -1.32 15.39
N LYS A 27 13.81 -0.94 16.30
CA LYS A 27 13.42 -0.15 17.46
C LYS A 27 12.81 1.19 17.09
N ILE A 28 11.67 1.50 17.73
CA ILE A 28 11.01 2.77 17.48
C ILE A 28 11.72 3.88 18.25
N ARG A 29 11.98 4.98 17.55
CA ARG A 29 12.65 6.12 18.18
C ARG A 29 11.67 7.25 18.41
N ASP A 30 10.90 7.57 17.38
CA ASP A 30 9.91 8.64 17.46
C ASP A 30 8.71 8.32 16.59
N LYS A 31 7.53 8.26 17.21
CA LYS A 31 6.30 7.95 16.49
C LYS A 31 5.36 9.17 16.45
N PRO A 32 5.66 10.16 15.65
CA PRO A 32 4.82 11.38 15.55
C PRO A 32 3.47 11.11 14.90
N GLU A 33 3.46 10.21 13.91
CA GLU A 33 2.24 9.85 13.20
C GLU A 33 1.73 8.50 13.67
N GLU A 34 0.50 8.17 13.27
CA GLU A 34 -0.11 6.91 13.65
C GLU A 34 0.14 5.85 12.58
N GLN A 35 0.07 6.27 11.31
CA GLN A 35 0.28 5.34 10.21
C GLN A 35 1.76 5.12 9.92
N TRP A 36 2.59 6.08 10.32
CA TRP A 36 4.04 6.00 10.10
C TRP A 36 4.76 6.04 11.44
N TRP A 37 5.94 5.43 11.50
CA TRP A 37 6.71 5.39 12.74
C TRP A 37 8.19 5.44 12.44
N ASN A 38 8.91 6.25 13.21
CA ASN A 38 10.34 6.36 13.01
C ASN A 38 11.02 5.17 13.70
N ALA A 39 11.51 4.24 12.89
CA ALA A 39 12.17 3.05 13.40
C ALA A 39 13.66 3.14 13.25
N GLU A 40 14.38 2.26 13.94
CA GLU A 40 15.83 2.24 13.89
C GLU A 40 16.33 0.84 13.56
N ASP A 41 17.32 0.76 12.67
CA ASP A 41 17.90 -0.51 12.29
C ASP A 41 18.75 -1.07 13.41
N MET A 42 19.40 -2.18 13.11
CA MET A 42 20.27 -2.84 14.08
C MET A 42 21.60 -2.09 14.21
N ASP A 43 21.87 -1.21 13.26
CA ASP A 43 23.13 -0.44 13.26
C ASP A 43 22.97 0.85 14.03
N GLY A 44 21.73 1.29 14.15
CA GLY A 44 21.39 2.51 14.84
C GLY A 44 20.72 3.50 13.90
N LYS A 45 20.91 3.30 12.61
CA LYS A 45 20.34 4.20 11.61
C LYS A 45 18.86 4.35 11.86
N ARG A 46 18.34 5.55 11.63
CA ARG A 46 16.94 5.83 11.84
C ARG A 46 16.23 6.18 10.54
N GLY A 47 15.19 5.45 10.26
CA GLY A 47 14.42 5.66 9.04
C GLY A 47 12.95 5.38 9.25
N MET A 48 12.11 6.15 8.57
CA MET A 48 10.67 5.98 8.70
C MET A 48 10.24 4.63 8.20
N ILE A 49 9.07 4.22 8.65
CA ILE A 49 8.53 2.93 8.25
C ILE A 49 7.00 2.90 8.25
N PRO A 50 6.39 2.20 7.33
CA PRO A 50 4.91 2.06 7.33
C PRO A 50 4.45 1.10 8.44
N VAL A 51 3.81 1.65 9.47
CA VAL A 51 3.34 0.82 10.56
C VAL A 51 2.67 -0.47 10.07
N PRO A 52 1.71 -0.41 9.18
CA PRO A 52 1.00 -1.64 8.69
C PRO A 52 1.95 -2.76 8.27
N TYR A 53 3.17 -2.41 7.92
CA TYR A 53 4.13 -3.43 7.50
C TYR A 53 4.67 -4.23 8.69
N VAL A 54 4.12 -3.98 9.86
CA VAL A 54 4.53 -4.70 11.07
C VAL A 54 3.31 -5.17 11.86
N GLU A 55 3.52 -6.12 12.76
CA GLU A 55 2.41 -6.65 13.56
C GLU A 55 2.68 -6.46 15.05
N LYS A 56 3.69 -7.17 15.57
CA LYS A 56 4.03 -7.10 16.97
C LYS A 56 3.86 -5.70 17.52
N CYS A 57 2.69 -5.42 18.08
CA CYS A 57 2.39 -4.10 18.64
C CYS A 57 0.89 -3.91 18.77
N ARG A 58 0.38 -4.00 19.99
CA ARG A 58 -1.05 -3.80 20.23
C ARG A 58 -1.88 -4.49 19.14
N PRO A 59 -1.73 -5.78 18.97
CA PRO A 59 -2.48 -6.54 17.93
C PRO A 59 -3.99 -6.47 18.13
N SER A 60 -4.40 -6.38 19.39
CA SER A 60 -5.83 -6.29 19.71
C SER A 60 -6.58 -7.49 19.13
N SER A 61 -6.87 -7.42 17.83
CA SER A 61 -7.59 -8.50 17.17
C SER A 61 -6.63 -9.61 16.77
N ALA A 62 -6.79 -10.14 15.57
CA ALA A 62 -5.93 -11.21 15.07
C ALA A 62 -5.79 -11.13 13.56
N SER A 63 -4.60 -11.44 13.06
CA SER A 63 -4.33 -11.40 11.61
C SER A 63 -3.82 -12.76 11.13
N VAL A 64 -4.63 -13.43 10.32
CA VAL A 64 -4.26 -14.74 9.79
C VAL A 64 -4.67 -14.85 8.32
N SER A 65 -5.69 -15.66 8.04
CA SER A 65 -6.15 -15.84 6.67
C SER A 65 -5.02 -16.34 5.78
N THR A 66 -5.26 -16.35 4.48
CA THR A 66 -4.25 -16.80 3.53
C THR A 66 -4.30 -15.95 2.25
N LEU A 67 -3.15 -15.43 1.85
CA LEU A 67 -3.05 -14.60 0.64
C LEU A 67 -1.91 -15.07 -0.24
N THR A 68 -2.11 -15.01 -1.55
CA THR A 68 -1.08 -15.43 -2.50
C THR A 68 -0.34 -14.20 -3.05
N GLY A 69 0.97 -14.34 -3.21
CA GLY A 69 1.79 -13.24 -3.72
C GLY A 69 1.47 -12.99 -5.20
N GLY A 70 2.51 -13.04 -6.03
CA GLY A 70 2.33 -12.81 -7.46
C GLY A 70 2.27 -11.32 -7.78
N ASN A 71 3.07 -10.89 -8.75
CA ASN A 71 3.11 -9.49 -9.13
C ASN A 71 2.06 -9.20 -10.22
N GLN A 72 1.12 -8.33 -9.89
CA GLN A 72 0.06 -7.98 -10.85
C GLN A 72 0.67 -7.45 -12.13
N ASP A 73 -0.11 -7.49 -13.21
CA ASP A 73 0.36 -7.02 -14.51
C ASP A 73 -0.82 -6.57 -15.37
N SER A 74 -0.52 -5.90 -16.48
CA SER A 74 -1.55 -5.42 -17.39
C SER A 74 -2.50 -4.47 -16.65
N SER A 75 -2.82 -3.36 -17.31
CA SER A 75 -3.71 -2.37 -16.71
C SER A 75 -4.28 -1.45 -17.78
N HIS A 76 -3.80 -1.59 -19.01
CA HIS A 76 -4.27 -0.76 -20.11
C HIS A 76 -4.24 -1.55 -21.42
N PRO A 77 -4.84 -2.70 -21.43
CA PRO A 77 -4.89 -3.58 -22.65
C PRO A 77 -5.71 -2.94 -23.78
N GLN A 78 -6.87 -2.40 -23.42
CA GLN A 78 -7.75 -1.77 -24.40
C GLN A 78 -8.95 -1.13 -23.70
N PRO A 79 -8.71 -0.36 -22.67
CA PRO A 79 -9.79 0.32 -21.90
C PRO A 79 -10.55 1.33 -22.76
N LEU A 80 -11.85 1.43 -22.53
CA LEU A 80 -12.68 2.36 -23.28
C LEU A 80 -12.34 2.32 -24.76
N GLY A 81 -12.83 3.30 -25.51
CA GLY A 81 -12.57 3.37 -26.94
C GLY A 81 -11.18 3.93 -27.20
N GLY A 82 -11.10 4.88 -28.13
CA GLY A 82 -9.82 5.49 -28.47
C GLY A 82 -9.23 6.25 -27.29
N PRO A 83 -7.96 6.60 -27.36
CA PRO A 83 -7.25 7.35 -26.28
C PRO A 83 -7.75 8.79 -26.18
N GLU A 84 -8.33 9.30 -27.26
CA GLU A 84 -8.84 10.66 -27.27
C GLU A 84 -9.74 10.91 -26.05
N PRO A 85 -10.85 10.21 -25.94
CA PRO A 85 -11.79 10.38 -24.80
C PRO A 85 -11.13 10.02 -23.46
N GLY A 86 -11.49 10.76 -22.42
CA GLY A 86 -10.93 10.53 -21.09
C GLY A 86 -11.52 11.51 -20.07
N PRO A 87 -11.21 11.31 -18.82
CA PRO A 87 -11.72 12.18 -17.72
C PRO A 87 -11.11 13.58 -17.78
N TYR A 88 -9.89 13.71 -17.27
CA TYR A 88 -9.19 15.00 -17.26
C TYR A 88 -8.18 15.07 -18.39
N ALA A 89 -8.05 16.25 -18.98
CA ALA A 89 -7.12 16.44 -20.09
C ALA A 89 -5.70 16.13 -19.63
N GLN A 90 -5.23 14.92 -19.94
CA GLN A 90 -3.87 14.50 -19.56
C GLN A 90 -3.20 13.74 -20.70
N PRO A 91 -1.88 13.78 -20.77
CA PRO A 91 -1.11 13.07 -21.81
C PRO A 91 -1.27 11.56 -21.70
N SER A 92 -1.88 11.11 -20.60
CA SER A 92 -2.08 9.69 -20.36
C SER A 92 -3.40 9.45 -19.61
N ILE A 93 -3.90 8.22 -19.69
CA ILE A 93 -5.16 7.88 -19.05
C ILE A 93 -4.94 7.47 -17.60
N ASN A 94 -5.00 8.44 -16.70
CA ASN A 94 -4.83 8.17 -15.26
C ASN A 94 -3.82 7.06 -15.03
N THR A 95 -2.57 7.35 -15.32
CA THR A 95 -1.53 6.35 -15.19
C THR A 95 -1.48 5.80 -13.78
N PRO A 96 -0.65 4.82 -13.53
CA PRO A 96 -0.51 4.23 -12.17
C PRO A 96 0.16 5.21 -11.22
N LEU A 97 0.03 4.92 -9.94
CA LEU A 97 0.62 5.75 -8.91
C LEU A 97 2.14 5.61 -8.87
N PRO A 98 2.86 6.56 -8.31
CA PRO A 98 4.34 6.46 -8.18
C PRO A 98 4.77 5.68 -6.92
N ASN A 99 4.83 4.35 -7.01
CA ASN A 99 5.23 3.54 -5.85
C ASN A 99 4.50 3.99 -4.59
N LEU A 100 4.84 3.38 -3.46
CA LEU A 100 4.21 3.72 -2.18
C LEU A 100 3.95 5.23 -2.10
N GLN A 101 4.85 5.95 -1.44
CA GLN A 101 4.74 7.38 -1.31
C GLN A 101 3.41 7.79 -0.71
N ASN A 102 2.35 7.72 -1.51
CA ASN A 102 1.02 8.09 -1.06
C ASN A 102 0.43 7.01 -0.16
N GLY A 103 1.28 6.33 0.59
CA GLY A 103 0.82 5.28 1.50
C GLY A 103 1.85 4.85 2.42
N PRO A 104 1.46 4.22 3.48
CA PRO A 104 0.04 4.00 3.91
C PRO A 104 -0.59 5.30 4.42
N PHE A 105 -1.79 5.59 3.95
CA PHE A 105 -2.48 6.78 4.34
C PHE A 105 -3.97 6.60 4.05
N TYR A 106 -4.56 7.48 3.26
CA TYR A 106 -5.97 7.37 2.97
C TYR A 106 -6.28 7.83 1.55
N ALA A 107 -6.86 6.93 0.77
CA ALA A 107 -7.23 7.24 -0.59
C ALA A 107 -8.72 7.50 -0.65
N ARG A 108 -9.28 7.37 -1.83
CA ARG A 108 -10.69 7.57 -2.02
C ARG A 108 -11.13 6.89 -3.27
N VAL A 109 -11.61 5.67 -3.12
CA VAL A 109 -12.06 4.91 -4.25
C VAL A 109 -13.38 5.45 -4.77
N ILE A 110 -13.33 6.06 -5.94
CA ILE A 110 -14.54 6.63 -6.56
C ILE A 110 -14.98 5.80 -7.76
N GLN A 111 -14.56 4.53 -7.79
CA GLN A 111 -14.94 3.66 -8.90
C GLN A 111 -14.29 2.28 -8.72
N LYS A 112 -15.13 1.28 -8.44
CA LYS A 112 -14.65 -0.09 -8.27
C LYS A 112 -15.76 -1.08 -8.61
N ARG A 113 -15.76 -2.19 -7.88
CA ARG A 113 -16.76 -3.22 -8.08
C ARG A 113 -16.94 -4.05 -6.82
N VAL A 114 -17.18 -5.34 -6.99
CA VAL A 114 -17.37 -6.26 -5.86
C VAL A 114 -16.51 -7.52 -6.06
N PRO A 115 -15.21 -7.38 -6.03
CA PRO A 115 -14.28 -8.51 -6.21
C PRO A 115 -14.02 -9.30 -4.94
N ASN A 116 -13.60 -10.53 -5.14
CA ASN A 116 -13.28 -11.42 -4.05
C ASN A 116 -11.81 -11.30 -3.67
N ALA A 117 -11.37 -12.18 -2.79
CA ALA A 117 -9.97 -12.19 -2.35
C ALA A 117 -9.23 -13.35 -3.03
N TYR A 118 -9.96 -14.16 -3.81
CA TYR A 118 -9.37 -15.28 -4.51
C TYR A 118 -8.87 -14.83 -5.87
N ASP A 119 -9.51 -13.81 -6.40
CA ASP A 119 -9.14 -13.26 -7.68
C ASP A 119 -7.81 -12.56 -7.56
N LYS A 120 -6.87 -13.21 -6.84
CA LYS A 120 -5.52 -12.69 -6.58
C LYS A 120 -5.50 -12.09 -5.20
N THR A 121 -6.53 -11.30 -4.92
CA THR A 121 -6.70 -10.63 -3.61
C THR A 121 -7.43 -9.30 -3.79
N ALA A 122 -7.92 -9.00 -4.99
CA ALA A 122 -8.63 -7.74 -5.25
C ALA A 122 -9.46 -7.31 -4.04
N LEU A 123 -9.09 -6.17 -3.47
CA LEU A 123 -9.78 -5.66 -2.30
C LEU A 123 -11.19 -5.18 -2.59
N ALA A 124 -12.14 -5.82 -1.96
CA ALA A 124 -13.52 -5.46 -2.22
C ALA A 124 -13.83 -4.09 -1.59
N LEU A 125 -14.33 -3.18 -2.41
CA LEU A 125 -14.70 -1.83 -1.93
C LEU A 125 -15.96 -1.32 -2.61
N GLU A 126 -16.30 -0.08 -2.30
CA GLU A 126 -17.46 0.59 -2.87
C GLU A 126 -17.15 2.08 -3.05
N VAL A 127 -17.58 2.62 -4.16
CA VAL A 127 -17.36 4.02 -4.46
C VAL A 127 -17.64 4.87 -3.24
N GLY A 128 -16.56 5.36 -2.62
CA GLY A 128 -16.69 6.23 -1.46
C GLY A 128 -16.22 5.55 -0.21
N GLU A 129 -15.65 4.37 -0.37
CA GLU A 129 -15.17 3.61 0.78
C GLU A 129 -13.79 4.04 1.20
N LEU A 130 -12.97 4.36 0.23
CA LEU A 130 -11.60 4.74 0.51
C LEU A 130 -10.90 3.55 1.16
N VAL A 131 -9.69 3.31 0.70
CA VAL A 131 -8.88 2.19 1.18
C VAL A 131 -7.47 2.68 1.50
N LYS A 132 -6.83 1.99 2.44
CA LYS A 132 -5.47 2.34 2.86
C LYS A 132 -4.46 1.38 2.27
N VAL A 133 -3.70 1.87 1.32
CA VAL A 133 -2.71 1.02 0.70
C VAL A 133 -1.56 0.75 1.63
N THR A 134 -0.86 -0.35 1.39
CA THR A 134 0.27 -0.72 2.22
C THR A 134 0.87 -2.06 1.75
N LYS A 135 1.03 -2.24 0.44
CA LYS A 135 1.63 -3.46 -0.04
C LYS A 135 2.21 -3.22 -1.42
N ILE A 136 3.52 -2.99 -1.48
CA ILE A 136 4.19 -2.70 -2.75
C ILE A 136 5.16 -3.81 -3.14
N ASN A 137 5.07 -4.20 -4.40
CA ASN A 137 5.92 -5.25 -4.97
C ASN A 137 6.86 -4.63 -6.02
N MET A 138 6.40 -3.57 -6.67
CA MET A 138 7.17 -2.88 -7.71
C MET A 138 7.11 -1.36 -7.50
N SER A 139 7.48 -0.59 -8.53
CA SER A 139 7.47 0.87 -8.44
C SER A 139 6.37 1.45 -9.31
N GLY A 140 5.38 0.63 -9.66
CA GLY A 140 4.28 1.08 -10.49
C GLY A 140 2.94 0.67 -9.89
N GLN A 141 2.36 -0.40 -10.41
CA GLN A 141 1.06 -0.89 -9.93
C GLN A 141 1.19 -1.62 -8.59
N TRP A 142 0.75 -0.96 -7.54
CA TRP A 142 0.79 -1.53 -6.18
C TRP A 142 -0.54 -2.11 -5.79
N GLU A 143 -0.57 -2.67 -4.58
CA GLU A 143 -1.76 -3.31 -4.05
C GLU A 143 -2.54 -2.33 -3.18
N GLY A 144 -3.29 -2.86 -2.19
CA GLY A 144 -4.05 -2.01 -1.30
C GLY A 144 -4.43 -2.77 -0.04
N GLU A 145 -5.17 -2.13 0.88
CA GLU A 145 -5.61 -2.79 2.09
C GLU A 145 -6.63 -1.94 2.82
N CYS A 146 -7.83 -2.46 2.96
CA CYS A 146 -8.89 -1.72 3.62
C CYS A 146 -9.14 -2.35 4.99
N ASN A 147 -9.46 -3.64 4.99
CA ASN A 147 -9.68 -4.39 6.22
C ASN A 147 -8.98 -5.74 6.10
N GLY A 148 -7.81 -5.74 5.48
CA GLY A 148 -7.03 -6.95 5.27
C GLY A 148 -7.36 -7.53 3.91
N LYS A 149 -8.52 -7.15 3.40
CA LYS A 149 -9.00 -7.69 2.14
C LYS A 149 -8.04 -7.45 1.03
N ARG A 150 -7.00 -6.69 1.31
CA ARG A 150 -5.94 -6.36 0.38
C ARG A 150 -6.32 -6.66 -1.06
N GLY A 151 -5.43 -6.45 -1.96
CA GLY A 151 -5.72 -6.70 -3.36
C GLY A 151 -4.92 -5.78 -4.24
N HIS A 152 -5.55 -5.39 -5.33
CA HIS A 152 -4.95 -4.51 -6.31
C HIS A 152 -5.99 -3.62 -6.89
N PHE A 153 -5.58 -2.72 -7.76
CA PHE A 153 -6.50 -1.83 -8.44
C PHE A 153 -5.74 -0.61 -8.97
N PRO A 154 -5.63 -0.42 -10.28
CA PRO A 154 -4.90 0.74 -10.86
C PRO A 154 -5.37 2.09 -10.28
N PHE A 155 -4.47 3.06 -10.32
CA PHE A 155 -4.76 4.39 -9.82
C PHE A 155 -5.85 5.06 -10.64
N THR A 156 -6.38 4.33 -11.62
CA THR A 156 -7.40 4.85 -12.51
C THR A 156 -8.58 5.47 -11.76
N HIS A 157 -8.99 4.86 -10.66
CA HIS A 157 -10.15 5.33 -9.91
C HIS A 157 -9.86 5.47 -8.42
N VAL A 158 -9.08 6.47 -8.07
CA VAL A 158 -8.78 6.73 -6.67
C VAL A 158 -8.22 8.15 -6.54
N ARG A 159 -8.55 8.80 -5.43
CA ARG A 159 -8.11 10.19 -5.20
C ARG A 159 -7.34 10.31 -3.88
N LEU A 160 -6.11 9.84 -3.88
CA LEU A 160 -5.28 9.89 -2.68
C LEU A 160 -5.42 11.23 -2.00
N LEU A 161 -5.76 11.16 -0.72
CA LEU A 161 -5.94 12.35 0.07
C LEU A 161 -4.58 13.00 0.34
N ASP A 162 -4.59 14.03 1.18
CA ASP A 162 -3.37 14.76 1.51
C ASP A 162 -2.59 14.04 2.61
N GLN A 163 -2.57 12.72 2.55
CA GLN A 163 -1.86 11.92 3.54
C GLN A 163 -2.05 12.50 4.95
N VAL A 1 7.15 -2.19 22.11
CA VAL A 1 8.40 -3.00 22.12
C VAL A 1 8.30 -4.10 21.09
N GLU A 2 8.71 -3.78 19.87
CA GLU A 2 8.67 -4.75 18.79
C GLU A 2 9.65 -4.36 17.71
N TYR A 3 9.61 -5.08 16.60
CA TYR A 3 10.48 -4.80 15.49
C TYR A 3 9.71 -4.79 14.19
N VAL A 4 9.32 -6.00 13.75
CA VAL A 4 8.55 -6.21 12.52
C VAL A 4 9.44 -6.48 11.32
N ARG A 5 8.89 -7.22 10.35
CA ARG A 5 9.63 -7.55 9.12
C ARG A 5 8.90 -7.02 7.91
N ALA A 6 9.66 -6.37 7.03
CA ALA A 6 9.08 -5.80 5.83
C ALA A 6 9.17 -6.72 4.64
N LEU A 7 8.12 -7.47 4.42
CA LEU A 7 8.09 -8.43 3.32
C LEU A 7 7.18 -7.90 2.20
N PHE A 8 6.95 -6.59 2.20
CA PHE A 8 6.10 -5.94 1.19
C PHE A 8 6.90 -4.96 0.35
N ASP A 9 8.13 -4.71 0.76
CA ASP A 9 9.01 -3.80 0.04
C ASP A 9 8.59 -2.36 0.20
N PHE A 10 9.57 -1.48 0.43
CA PHE A 10 9.28 -0.06 0.58
C PHE A 10 10.19 0.74 -0.33
N ASN A 11 11.45 0.36 -0.36
CA ASN A 11 12.42 1.06 -1.19
C ASN A 11 12.20 2.55 -1.13
N GLY A 12 12.36 3.13 0.07
CA GLY A 12 12.16 4.56 0.23
C GLY A 12 13.17 5.31 -0.62
N ASN A 13 13.98 6.16 0.00
CA ASN A 13 14.99 6.90 -0.75
C ASN A 13 15.63 8.02 0.08
N ASP A 14 14.83 9.00 0.46
CA ASP A 14 15.33 10.14 1.21
C ASP A 14 16.05 9.68 2.45
N ASP A 15 17.12 10.38 2.79
CA ASP A 15 17.89 10.03 3.96
C ASP A 15 17.01 10.17 5.20
N GLU A 16 15.76 10.59 4.98
CA GLU A 16 14.79 10.75 6.06
C GLU A 16 13.75 9.63 6.07
N ASP A 17 14.01 8.55 5.32
CA ASP A 17 13.11 7.39 5.28
C ASP A 17 13.92 6.12 5.50
N LEU A 18 13.24 5.04 5.83
CA LEU A 18 13.92 3.76 6.06
C LEU A 18 13.72 2.81 4.87
N PRO A 19 14.58 2.77 3.90
CA PRO A 19 14.40 1.83 2.76
C PRO A 19 14.64 0.36 3.16
N PHE A 20 13.80 -0.53 2.65
CA PHE A 20 13.93 -1.96 2.97
C PHE A 20 13.06 -2.80 2.04
N LYS A 21 13.41 -4.08 1.87
CA LYS A 21 12.62 -4.97 1.02
C LYS A 21 13.12 -6.41 1.10
N LYS A 22 14.42 -6.53 1.21
CA LYS A 22 15.06 -7.84 1.29
C LYS A 22 14.56 -8.60 2.52
N GLY A 23 13.73 -7.93 3.32
CA GLY A 23 13.18 -8.53 4.52
C GLY A 23 14.04 -8.19 5.71
N ASP A 24 14.21 -6.90 5.93
CA ASP A 24 15.03 -6.41 7.01
C ASP A 24 14.23 -6.40 8.31
N ILE A 25 14.96 -6.42 9.42
CA ILE A 25 14.36 -6.41 10.74
C ILE A 25 14.39 -5.00 11.26
N LEU A 26 13.25 -4.32 11.12
CA LEU A 26 13.16 -2.93 11.52
C LEU A 26 12.69 -2.77 12.94
N LYS A 27 13.66 -2.65 13.83
CA LYS A 27 13.37 -2.51 15.24
C LYS A 27 12.72 -1.16 15.55
N ILE A 28 11.63 -1.19 16.32
CA ILE A 28 10.96 0.06 16.70
C ILE A 28 11.85 0.85 17.65
N ARG A 29 11.82 2.17 17.49
CA ARG A 29 12.62 3.07 18.33
C ARG A 29 11.73 4.10 19.01
N ASP A 30 10.87 4.72 18.21
CA ASP A 30 9.96 5.75 18.71
C ASP A 30 8.70 5.84 17.85
N LYS A 31 7.91 4.78 17.82
CA LYS A 31 6.66 4.77 17.05
C LYS A 31 5.82 6.03 17.35
N PRO A 32 5.72 6.99 16.44
CA PRO A 32 4.92 8.22 16.69
C PRO A 32 3.43 8.01 16.42
N GLU A 33 3.13 7.43 15.27
CA GLU A 33 1.75 7.18 14.86
C GLU A 33 1.48 5.68 14.80
N GLU A 34 0.21 5.33 14.59
CA GLU A 34 -0.19 3.94 14.49
C GLU A 34 -0.01 3.41 13.07
N GLN A 35 -0.22 4.27 12.08
CA GLN A 35 -0.09 3.87 10.68
C GLN A 35 1.34 3.97 10.21
N TRP A 36 2.19 4.68 10.97
CA TRP A 36 3.59 4.84 10.61
C TRP A 36 4.47 4.53 11.82
N TRP A 37 5.70 4.05 11.57
CA TRP A 37 6.61 3.72 12.67
C TRP A 37 8.05 4.15 12.37
N ASN A 38 8.69 4.78 13.36
CA ASN A 38 10.07 5.23 13.21
C ASN A 38 11.03 4.15 13.69
N ALA A 39 11.59 3.44 12.72
CA ALA A 39 12.51 2.34 12.97
C ALA A 39 13.94 2.75 12.58
N GLU A 40 14.88 1.81 12.76
CA GLU A 40 16.27 2.02 12.38
C GLU A 40 16.75 0.86 11.54
N ASP A 41 17.02 1.13 10.27
CA ASP A 41 17.47 0.07 9.38
C ASP A 41 18.81 -0.46 9.85
N MET A 42 18.98 -1.76 9.76
CA MET A 42 20.23 -2.39 10.18
C MET A 42 21.43 -1.63 9.59
N ASP A 43 21.16 -0.68 8.70
CA ASP A 43 22.20 0.10 8.06
C ASP A 43 22.78 1.09 9.06
N GLY A 44 22.00 1.37 10.08
CA GLY A 44 22.37 2.28 11.13
C GLY A 44 21.85 3.67 10.83
N LYS A 45 20.61 3.73 10.40
CA LYS A 45 19.95 5.01 10.11
C LYS A 45 18.50 4.94 10.53
N ARG A 46 18.00 6.06 11.04
CA ARG A 46 16.63 6.13 11.49
C ARG A 46 15.76 6.89 10.51
N GLY A 47 14.67 6.26 10.14
CA GLY A 47 13.73 6.85 9.19
C GLY A 47 12.34 6.27 9.35
N MET A 48 11.33 7.06 8.98
CA MET A 48 9.95 6.63 9.11
C MET A 48 9.65 5.48 8.19
N ILE A 49 8.68 4.65 8.59
CA ILE A 49 8.29 3.51 7.77
C ILE A 49 6.78 3.22 7.79
N PRO A 50 6.24 2.74 6.71
CA PRO A 50 4.83 2.32 6.71
C PRO A 50 4.68 1.10 7.65
N VAL A 51 3.59 1.07 8.41
CA VAL A 51 3.29 -0.05 9.30
C VAL A 51 2.69 -1.26 8.53
N PRO A 52 1.84 -1.06 7.54
CA PRO A 52 1.21 -2.18 6.79
C PRO A 52 2.19 -2.95 5.92
N TYR A 53 3.30 -2.31 5.62
CA TYR A 53 4.32 -2.92 4.78
C TYR A 53 5.13 -3.91 5.57
N VAL A 54 4.74 -4.12 6.81
CA VAL A 54 5.46 -5.06 7.67
C VAL A 54 4.51 -5.95 8.46
N GLU A 55 5.06 -7.06 8.95
CA GLU A 55 4.32 -7.99 9.74
C GLU A 55 5.27 -8.60 10.76
N LYS A 56 4.69 -9.01 11.86
CA LYS A 56 5.39 -9.65 12.97
C LYS A 56 5.57 -8.71 14.13
N CYS A 57 4.55 -8.65 14.99
CA CYS A 57 4.61 -7.77 16.14
C CYS A 57 3.45 -7.99 17.11
N ARG A 58 2.45 -8.75 16.68
CA ARG A 58 1.28 -9.01 17.51
C ARG A 58 0.25 -9.81 16.70
N PRO A 59 -0.06 -9.38 15.49
CA PRO A 59 -1.05 -10.09 14.65
C PRO A 59 -0.42 -11.28 13.93
N SER A 60 -1.19 -11.93 13.06
CA SER A 60 -0.71 -13.09 12.32
C SER A 60 -1.37 -13.13 10.94
N SER A 61 -1.52 -14.33 10.40
CA SER A 61 -2.13 -14.51 9.08
C SER A 61 -2.93 -15.81 9.03
N ALA A 62 -2.27 -16.92 9.34
CA ALA A 62 -2.93 -18.23 9.32
C ALA A 62 -4.34 -18.12 9.87
N SER A 63 -4.45 -18.04 11.20
CA SER A 63 -5.75 -17.93 11.84
C SER A 63 -6.44 -16.63 11.44
N VAL A 64 -7.76 -16.65 11.39
CA VAL A 64 -8.52 -15.47 11.00
C VAL A 64 -8.24 -14.31 11.97
N SER A 65 -7.38 -13.39 11.55
CA SER A 65 -7.03 -12.25 12.38
C SER A 65 -6.30 -11.19 11.57
N THR A 66 -6.69 -9.93 11.76
CA THR A 66 -6.05 -8.84 11.05
C THR A 66 -6.12 -9.07 9.54
N LEU A 67 -5.00 -8.88 8.86
CA LEU A 67 -4.95 -9.06 7.40
C LEU A 67 -5.31 -10.49 7.05
N THR A 68 -6.23 -10.64 6.10
CA THR A 68 -6.66 -11.97 5.67
C THR A 68 -7.29 -11.90 4.27
N GLY A 69 -6.50 -12.24 3.26
CA GLY A 69 -6.97 -12.21 1.88
C GLY A 69 -5.96 -11.52 0.97
N GLY A 70 -4.99 -12.29 0.47
CA GLY A 70 -3.96 -11.76 -0.41
C GLY A 70 -3.63 -12.76 -1.52
N ASN A 71 -4.66 -13.34 -2.13
CA ASN A 71 -4.46 -14.30 -3.20
C ASN A 71 -4.15 -13.58 -4.51
N GLN A 72 -3.05 -13.99 -5.16
CA GLN A 72 -2.63 -13.38 -6.42
C GLN A 72 -2.00 -14.44 -7.33
N ASP A 73 -1.99 -14.16 -8.63
CA ASP A 73 -1.43 -15.10 -9.59
C ASP A 73 0.06 -15.31 -9.35
N SER A 74 0.81 -14.21 -9.32
CA SER A 74 2.25 -14.29 -9.09
C SER A 74 2.84 -12.89 -8.88
N SER A 75 2.58 -11.99 -9.84
CA SER A 75 3.09 -10.63 -9.77
C SER A 75 2.05 -9.70 -9.15
N HIS A 76 2.44 -9.04 -8.06
CA HIS A 76 1.53 -8.12 -7.37
C HIS A 76 1.42 -6.79 -8.14
N PRO A 77 2.52 -6.29 -8.64
CA PRO A 77 2.56 -5.01 -9.41
C PRO A 77 1.68 -5.08 -10.67
N GLN A 78 1.05 -3.95 -11.00
CA GLN A 78 0.20 -3.87 -12.19
C GLN A 78 1.05 -3.97 -13.45
N PRO A 79 2.21 -3.34 -13.47
CA PRO A 79 3.11 -3.36 -14.67
C PRO A 79 3.54 -4.79 -15.03
N LEU A 80 3.59 -5.07 -16.32
CA LEU A 80 3.98 -6.40 -16.81
C LEU A 80 5.42 -6.37 -17.31
N GLY A 81 5.66 -5.59 -18.35
CA GLY A 81 7.01 -5.47 -18.94
C GLY A 81 7.68 -4.16 -18.48
N GLY A 82 7.13 -3.04 -18.93
CA GLY A 82 7.68 -1.74 -18.58
C GLY A 82 6.95 -0.62 -19.30
N PRO A 83 5.67 -0.49 -19.09
CA PRO A 83 4.85 0.57 -19.74
C PRO A 83 5.12 1.95 -19.16
N GLU A 84 4.38 2.94 -19.63
CA GLU A 84 4.55 4.31 -19.18
C GLU A 84 3.50 5.23 -19.83
N PRO A 85 3.27 5.07 -21.12
CA PRO A 85 2.28 5.91 -21.86
C PRO A 85 0.85 5.74 -21.32
N GLY A 86 0.73 5.07 -20.19
CA GLY A 86 -0.57 4.84 -19.55
C GLY A 86 -1.02 3.40 -19.73
N PRO A 87 -2.00 2.98 -18.97
CA PRO A 87 -2.53 1.58 -19.05
C PRO A 87 -3.39 1.37 -20.30
N TYR A 88 -3.94 0.17 -20.43
CA TYR A 88 -4.77 -0.15 -21.58
C TYR A 88 -6.12 0.57 -21.48
N ALA A 89 -6.83 0.65 -22.60
CA ALA A 89 -8.13 1.32 -22.63
C ALA A 89 -8.96 0.87 -21.43
N GLN A 90 -9.27 1.82 -20.52
CA GLN A 90 -10.06 1.49 -19.34
C GLN A 90 -10.99 2.65 -18.98
N PRO A 91 -12.00 2.42 -18.14
CA PRO A 91 -12.95 3.50 -17.72
C PRO A 91 -12.24 4.64 -16.98
N SER A 92 -11.25 5.27 -17.62
CA SER A 92 -10.52 6.37 -16.97
C SER A 92 -9.23 6.66 -17.74
N ILE A 93 -8.94 5.84 -18.75
CA ILE A 93 -7.74 5.99 -19.57
C ILE A 93 -6.46 5.86 -18.74
N ASN A 94 -6.55 6.12 -17.45
CA ASN A 94 -5.40 6.02 -16.57
C ASN A 94 -5.84 6.21 -15.13
N THR A 95 -4.93 6.04 -14.19
CA THR A 95 -5.25 6.21 -12.78
C THR A 95 -4.21 7.15 -12.15
N PRO A 96 -4.39 8.46 -12.27
CA PRO A 96 -3.45 9.47 -11.70
C PRO A 96 -3.76 9.80 -10.22
N LEU A 97 -2.76 9.66 -9.36
CA LEU A 97 -2.90 9.94 -7.94
C LEU A 97 -1.71 10.77 -7.42
N PRO A 98 -1.79 11.41 -6.27
CA PRO A 98 -0.64 12.21 -5.72
C PRO A 98 0.67 11.40 -5.66
N ASN A 99 0.74 10.44 -4.72
CA ASN A 99 1.93 9.57 -4.52
C ASN A 99 1.94 9.11 -3.06
N LEU A 100 2.89 8.20 -2.70
CA LEU A 100 3.03 7.67 -1.32
C LEU A 100 2.39 8.62 -0.33
N GLN A 101 3.22 9.50 0.23
CA GLN A 101 2.79 10.55 1.13
C GLN A 101 1.44 10.21 1.77
N ASN A 102 0.40 10.30 0.95
CA ASN A 102 -0.93 9.95 1.37
C ASN A 102 -1.05 8.43 1.36
N GLY A 103 0.01 7.76 1.80
CA GLY A 103 0.03 6.31 1.83
C GLY A 103 1.10 5.80 2.65
N PRO A 104 0.84 4.84 3.48
CA PRO A 104 -0.52 4.22 3.83
C PRO A 104 -1.38 5.17 4.68
N PHE A 105 -2.29 5.89 4.02
CA PHE A 105 -3.17 6.84 4.69
C PHE A 105 -4.60 6.34 4.51
N TYR A 106 -5.54 7.22 4.16
CA TYR A 106 -6.91 6.81 3.93
C TYR A 106 -7.53 7.66 2.81
N ALA A 107 -8.28 6.98 1.94
CA ALA A 107 -8.96 7.62 0.82
C ALA A 107 -10.44 7.33 0.89
N ARG A 108 -11.28 8.30 0.60
CA ARG A 108 -12.74 8.10 0.65
C ARG A 108 -13.29 7.97 -0.74
N VAL A 109 -13.73 6.78 -1.04
CA VAL A 109 -14.30 6.50 -2.34
C VAL A 109 -15.74 6.98 -2.42
N ILE A 110 -16.03 7.77 -3.44
CA ILE A 110 -17.39 8.27 -3.65
C ILE A 110 -17.96 7.76 -4.98
N GLN A 111 -17.34 6.74 -5.56
CA GLN A 111 -17.85 6.22 -6.83
C GLN A 111 -17.09 4.96 -7.27
N LYS A 112 -17.81 3.84 -7.25
CA LYS A 112 -17.25 2.56 -7.65
C LYS A 112 -18.35 1.53 -7.89
N ARG A 113 -18.01 0.26 -7.77
CA ARG A 113 -18.94 -0.83 -7.98
C ARG A 113 -18.69 -1.92 -6.92
N VAL A 114 -18.75 -3.18 -7.33
CA VAL A 114 -18.49 -4.30 -6.39
C VAL A 114 -17.53 -5.31 -6.99
N PRO A 115 -16.33 -4.91 -7.32
CA PRO A 115 -15.33 -5.81 -7.90
C PRO A 115 -14.38 -6.35 -6.83
N ASN A 116 -13.32 -7.01 -7.27
CA ASN A 116 -12.36 -7.58 -6.36
C ASN A 116 -11.03 -7.79 -7.08
N ALA A 117 -9.92 -7.77 -6.32
CA ALA A 117 -8.58 -7.94 -6.90
C ALA A 117 -8.56 -9.02 -7.98
N TYR A 118 -9.64 -9.78 -8.06
CA TYR A 118 -9.75 -10.81 -9.07
C TYR A 118 -10.00 -10.14 -10.40
N ASP A 119 -11.03 -9.29 -10.40
CA ASP A 119 -11.47 -8.55 -11.58
C ASP A 119 -10.33 -7.78 -12.22
N LYS A 120 -9.31 -8.53 -12.56
CA LYS A 120 -8.08 -8.07 -13.18
C LYS A 120 -7.14 -7.51 -12.14
N THR A 121 -7.68 -6.74 -11.19
CA THR A 121 -6.90 -6.13 -10.11
C THR A 121 -7.64 -4.92 -9.54
N ALA A 122 -8.91 -5.09 -9.25
CA ALA A 122 -9.74 -4.01 -8.70
C ALA A 122 -10.08 -4.31 -7.24
N LEU A 123 -10.56 -3.30 -6.51
CA LEU A 123 -10.89 -3.45 -5.10
C LEU A 123 -12.39 -3.28 -4.85
N ALA A 124 -12.92 -3.93 -3.80
CA ALA A 124 -14.35 -3.81 -3.49
C ALA A 124 -14.63 -2.64 -2.57
N LEU A 125 -15.36 -1.66 -3.12
CA LEU A 125 -15.75 -0.47 -2.33
C LEU A 125 -17.16 0.02 -2.69
N GLU A 126 -17.64 1.02 -1.94
CA GLU A 126 -18.96 1.62 -2.17
C GLU A 126 -18.92 3.11 -1.92
N VAL A 127 -19.75 3.82 -2.65
CA VAL A 127 -19.84 5.25 -2.51
C VAL A 127 -20.07 5.61 -1.06
N GLY A 128 -19.00 6.01 -0.39
CA GLY A 128 -19.09 6.39 1.01
C GLY A 128 -18.06 5.62 1.80
N GLU A 129 -17.33 4.72 1.11
CA GLU A 129 -16.34 3.91 1.79
C GLU A 129 -14.97 4.55 1.68
N LEU A 130 -13.94 3.76 1.94
CA LEU A 130 -12.59 4.28 1.87
C LEU A 130 -11.58 3.17 1.69
N VAL A 131 -10.50 3.51 1.01
CA VAL A 131 -9.42 2.58 0.72
C VAL A 131 -8.08 3.19 1.01
N LYS A 132 -7.20 2.38 1.54
CA LYS A 132 -5.86 2.81 1.85
C LYS A 132 -5.12 2.91 0.53
N VAL A 133 -3.87 3.37 0.58
CA VAL A 133 -3.08 3.50 -0.63
C VAL A 133 -1.83 2.66 -0.57
N THR A 134 -1.22 2.54 0.61
CA THR A 134 -0.01 1.73 0.83
C THR A 134 0.78 1.45 -0.44
N LYS A 135 0.12 0.86 -1.42
CA LYS A 135 0.75 0.53 -2.67
C LYS A 135 0.75 1.71 -3.63
N ILE A 136 1.97 2.16 -3.96
CA ILE A 136 2.16 3.26 -4.89
C ILE A 136 3.29 2.95 -5.85
N ASN A 137 3.23 3.57 -7.02
CA ASN A 137 4.26 3.38 -8.02
C ASN A 137 4.00 4.29 -9.20
N MET A 138 5.05 4.55 -9.96
CA MET A 138 4.92 5.38 -11.15
C MET A 138 4.25 6.71 -10.80
N SER A 139 4.39 7.70 -11.67
CA SER A 139 3.77 8.98 -11.44
C SER A 139 2.37 8.97 -12.01
N GLY A 140 1.78 7.78 -12.07
CA GLY A 140 0.43 7.66 -12.62
C GLY A 140 -0.33 6.53 -11.96
N GLN A 141 -0.16 5.33 -12.45
CA GLN A 141 -0.89 4.19 -11.91
C GLN A 141 -0.56 3.93 -10.44
N TRP A 142 -1.38 3.05 -9.82
CA TRP A 142 -1.21 2.69 -8.42
C TRP A 142 -2.26 1.72 -7.94
N GLU A 143 -2.20 1.47 -6.64
CA GLU A 143 -3.07 0.52 -5.99
C GLU A 143 -3.47 0.91 -4.58
N GLY A 144 -4.70 0.52 -4.21
CA GLY A 144 -5.23 0.83 -2.89
C GLY A 144 -5.82 -0.42 -2.21
N GLU A 145 -5.42 -0.62 -0.96
CA GLU A 145 -5.83 -1.78 -0.17
C GLU A 145 -6.90 -1.45 0.85
N CYS A 146 -7.99 -2.19 0.76
CA CYS A 146 -9.12 -2.02 1.66
C CYS A 146 -9.44 -3.37 2.31
N ASN A 147 -8.75 -3.73 3.38
CA ASN A 147 -9.02 -5.03 4.02
C ASN A 147 -8.41 -6.18 3.22
N GLY A 148 -7.40 -5.86 2.39
CA GLY A 148 -6.69 -6.86 1.57
C GLY A 148 -7.11 -6.82 0.10
N LYS A 149 -8.36 -6.48 -0.14
CA LYS A 149 -8.90 -6.43 -1.50
C LYS A 149 -8.18 -5.39 -2.33
N ARG A 150 -6.89 -5.55 -2.49
CA ARG A 150 -6.13 -4.60 -3.23
C ARG A 150 -6.64 -4.53 -4.65
N GLY A 151 -6.29 -3.47 -5.32
CA GLY A 151 -6.70 -3.29 -6.69
C GLY A 151 -6.21 -1.95 -7.18
N HIS A 152 -6.64 -1.49 -8.37
CA HIS A 152 -6.22 -0.16 -8.82
C HIS A 152 -7.33 0.61 -9.50
N PHE A 153 -7.99 1.41 -8.71
CA PHE A 153 -9.12 2.20 -9.20
C PHE A 153 -8.67 3.64 -9.47
N PRO A 154 -8.96 4.19 -10.62
CA PRO A 154 -8.55 5.57 -10.94
C PRO A 154 -8.95 6.58 -9.85
N PHE A 155 -8.21 7.67 -9.76
CA PHE A 155 -8.47 8.72 -8.77
C PHE A 155 -9.74 9.49 -9.14
N THR A 156 -10.29 9.14 -10.29
CA THR A 156 -11.51 9.77 -10.81
C THR A 156 -12.68 9.70 -9.82
N HIS A 157 -12.43 9.31 -8.57
CA HIS A 157 -13.51 9.25 -7.59
C HIS A 157 -13.01 8.86 -6.19
N VAL A 158 -12.27 9.76 -5.55
CA VAL A 158 -11.78 9.51 -4.20
C VAL A 158 -11.52 10.87 -3.52
N ARG A 159 -11.60 10.92 -2.19
CA ARG A 159 -11.41 12.17 -1.45
C ARG A 159 -10.42 11.99 -0.29
N LEU A 160 -9.15 11.73 -0.62
CA LEU A 160 -8.11 11.52 0.39
C LEU A 160 -8.36 12.32 1.64
N LEU A 161 -8.29 11.61 2.75
CA LEU A 161 -8.50 12.18 4.05
C LEU A 161 -7.22 12.87 4.54
N ASP A 162 -6.53 12.26 5.51
CA ASP A 162 -5.32 12.84 6.05
C ASP A 162 -4.66 11.85 7.02
N GLN A 163 -4.60 10.59 6.63
CA GLN A 163 -3.99 9.56 7.47
C GLN A 163 -5.00 9.08 8.53
#